data_7DZX
#
_entry.id   7DZX
#
loop_
_entity.id
_entity.type
_entity.pdbx_description
1 polymer 'Spike glycoprotein'
2 polymer 'Fab Heavy chain of enhancing antibody'
3 polymer 'Fab light chain of enhancing antibody'
#
loop_
_entity_poly.entity_id
_entity_poly.type
_entity_poly.pdbx_seq_one_letter_code
_entity_poly.pdbx_strand_id
1 'polypeptide(L)'
;QCVNLTTRTQLPPAYTNSFTRGVYYPDKVFRSSVLHSTQDLFLPFFSNVTWFHAIHVSGTNGTKRFDNPVLPFNDGVYFA
STEKSNIIRGWIFGTTLDSKTQSLLIVNNATNVVIKVCEFQFCNDPFLGVYYHKNNKSWMESEFRVYSSANNCTFEYVSQ
PFLMDLEGKQGNFKNLREFVFKNIDGYFKIYSKHTPINLVRDLPQGFSALEPLVDLPIGINITRFQTLLALHRSYLTPGD
SSSGWTAGAAAYYVGYLQPRTFLLKYNENGTITDAVDCALDPLSETKCTLKSFTVEKGIYQTSNFRVQPTESIVRFPNIT
NLCPFGEVFNATRFASVYAWNRKRISNCVADYSVLYNSASFSTFKCYGVSPTKLNDLCFTNVYADSFVIRGDEVRQIAPG
QTGKIADYNYKLPDDFTGCVIAWNSNNLDSKVGGNYNYLYRLFRKSNLKPFERDISTEIYQAGSTPCNGVEGFNCYFPLQ
SYGFQPTNGVGYQPYRVVVLSFELLHAPATVCGPKKSTNLVKNKCVNFNFNGLTGTGVLTESNKKFLPFQQFGRDIADTT
DAVRDPQTLEILDITPCSFGGVSVITPGTNTSNQVAVLYQGVNCTEVPVAIHADQLTPTWRVYSTGSNVFQTRAGCLIGA
EHVNNSYECDIPIGAGICASYQTQTNSPGSAGSVASQSIIAYTMSLGAENSVAYSNNSIAIPTNFTISVTTEILPVSMTK
TSVDCTMYICGDSTECSNLLLQYGSFCTQLNRALTGIAVEQDKNTQEVFAQVKQIYKTPPIKDFGGFNFSQILPDPSKPS
KRSFIEDLLFNKVTLADAGFIKQYGDCLGDIAARDLICAQKFNGLTVLPPLLTDEMIAQYTSALLAGTITSGWTFGAGAA
LQIPFAMQMAYRFNGIGVTQNVLYENQKLIANQFNSAIGKIQDSLSSTASALGKLQDVVNQNAQALNTLVKQLSSNFGAI
SSVLNDILSRLDPPEAEVQIDRLITGRLQSLQTYVTQQLIRAAEIRASANLAATKMSECVLGQSKRVDFCGKGYHLMSFP
QSAPHGVVFLHVTYVPAQEKNFTTAPAICHDGKAHFPREGVFVSNGTHWFVTQRNFYEPQIITTDNTFVSGNCDVVIGIV
NNTVYDPLQPELDSFKEELDKYFKNHTSPDVDLGDISGINASVVNIQKEIDRLNEVAKNLNESLIDLQELGKYEQYIKGS
GRENLYFQGGGGSGYIPEAPRDGQAYVRKDGEWVLLSTFLGHHHHHHHH
;
A,B,C
2 'polypeptide(L)'
;EVQLVESGGGLVQPGGSLRLSCAASGFTFSSYWMSWVRQAPGKGLEWVANINQDGSEKYYVDSVKGRFTISRDNAKNSLY
LQVNSLRAEDTAVYYCARDWDYDILTGSWFGAFDIWGQGTTVTVSSASTKGPSVFPLAPSSKSTSGGTAALGCLVKDYFP
EPVTVSWNSGALTSGVHTFPAVLQSSGLYSLSSVVTVPSSSLGTQTYICNVNHKPSNTKVDKRVEPK
;
H
3 'polypeptide(L)'
;DIQMTQSPSSLSASVGDRVTITCRASQGIRNDLGWYQQKPGKAPKRLIYAASSLQSGVPSRFSGSGSGTEFTLTISSLQP
EDFATYYCLQHNSYPLTFGGGTKVEIKRTVAAPSVFIFPPSDEQLKSGTASVVCLLNNFYPREAKVQWKVDNALQSGNSQ
ESVTEQDSKDSTYSLSSTLTLSKADYEKHKVYACEVTHQGLSSPVTKSFNRGE
;
L
#
# COMPACT_ATOMS: atom_id res chain seq x y z
N ALA A 14 5.53 -16.95 -65.33
CA ALA A 14 6.64 -17.57 -64.58
C ALA A 14 6.58 -17.15 -63.16
N TYR A 15 5.67 -17.79 -62.39
CA TYR A 15 5.52 -17.43 -61.00
C TYR A 15 5.77 -18.66 -60.19
N THR A 16 6.44 -18.46 -59.02
CA THR A 16 6.75 -19.57 -58.17
C THR A 16 6.40 -19.17 -56.77
N ASN A 17 6.29 -20.16 -55.87
CA ASN A 17 5.90 -19.89 -54.51
C ASN A 17 7.15 -19.81 -53.67
N SER A 18 7.24 -18.79 -52.80
CA SER A 18 8.38 -18.70 -51.93
C SER A 18 7.92 -19.18 -50.61
N PHE A 19 7.78 -20.52 -50.46
CA PHE A 19 7.00 -21.08 -49.41
C PHE A 19 7.32 -20.49 -48.07
N THR A 20 8.49 -20.81 -47.49
CA THR A 20 8.91 -20.22 -46.24
C THR A 20 10.00 -19.18 -46.32
N ARG A 21 10.73 -19.06 -47.45
CA ARG A 21 11.97 -18.33 -47.40
C ARG A 21 11.86 -16.84 -47.24
N GLY A 22 13.03 -16.20 -46.98
CA GLY A 22 13.10 -14.78 -46.85
C GLY A 22 13.27 -14.34 -45.42
N VAL A 23 13.39 -15.26 -44.43
CA VAL A 23 13.52 -14.72 -43.10
C VAL A 23 14.96 -14.49 -42.82
N TYR A 24 15.25 -13.36 -42.14
CA TYR A 24 16.59 -13.04 -41.78
C TYR A 24 16.59 -12.54 -40.37
N TYR A 25 17.78 -12.52 -39.73
CA TYR A 25 17.86 -12.10 -38.37
C TYR A 25 17.53 -10.63 -38.33
N PRO A 26 16.50 -10.32 -37.62
CA PRO A 26 15.99 -8.98 -37.53
C PRO A 26 17.03 -8.01 -37.06
N ASP A 27 17.92 -8.43 -36.14
CA ASP A 27 18.91 -7.53 -35.63
C ASP A 27 20.14 -8.33 -35.35
N LYS A 28 21.15 -7.65 -34.77
CA LYS A 28 22.42 -8.18 -34.35
C LYS A 28 22.40 -8.85 -33.01
N VAL A 29 21.27 -8.84 -32.26
CA VAL A 29 21.29 -9.38 -30.92
C VAL A 29 21.04 -10.87 -30.91
N PHE A 30 21.87 -11.59 -30.13
CA PHE A 30 21.78 -13.02 -29.97
C PHE A 30 20.66 -13.32 -29.03
N ARG A 31 19.94 -14.45 -29.26
CA ARG A 31 18.87 -14.89 -28.40
C ARG A 31 18.92 -16.38 -28.38
N SER A 32 18.27 -17.02 -27.39
CA SER A 32 18.31 -18.46 -27.36
C SER A 32 17.02 -18.99 -26.81
N SER A 33 16.47 -20.02 -27.50
CA SER A 33 15.32 -20.76 -27.07
C SER A 33 14.20 -19.84 -26.69
N VAL A 34 13.87 -18.85 -27.55
CA VAL A 34 12.78 -17.97 -27.21
C VAL A 34 12.00 -17.69 -28.45
N LEU A 35 10.68 -17.44 -28.30
CA LEU A 35 9.86 -17.11 -29.43
C LEU A 35 9.69 -15.62 -29.38
N HIS A 36 10.45 -14.91 -30.24
CA HIS A 36 10.47 -13.48 -30.23
C HIS A 36 9.63 -12.97 -31.35
N SER A 37 8.72 -12.02 -31.06
CA SER A 37 7.86 -11.49 -32.06
C SER A 37 8.47 -10.20 -32.52
N THR A 38 8.54 -10.00 -33.85
CA THR A 38 9.14 -8.80 -34.35
C THR A 38 8.40 -8.34 -35.57
N GLN A 39 8.61 -7.06 -35.92
CA GLN A 39 8.02 -6.42 -37.08
C GLN A 39 9.15 -5.86 -37.89
N ASP A 40 9.31 -6.30 -39.15
CA ASP A 40 10.36 -5.77 -39.97
C ASP A 40 9.95 -6.02 -41.39
N LEU A 41 10.76 -5.56 -42.38
CA LEU A 41 10.39 -5.77 -43.75
C LEU A 41 10.81 -7.15 -44.15
N PHE A 42 9.82 -8.05 -44.35
CA PHE A 42 10.10 -9.40 -44.70
C PHE A 42 9.35 -9.75 -45.95
N LEU A 43 9.75 -10.91 -46.54
CA LEU A 43 9.12 -11.46 -47.71
C LEU A 43 7.92 -12.18 -47.17
N PRO A 44 6.74 -11.84 -47.61
CA PRO A 44 5.57 -12.51 -47.11
C PRO A 44 5.60 -13.93 -47.54
N PHE A 45 5.06 -14.84 -46.71
CA PHE A 45 5.10 -16.24 -47.02
C PHE A 45 4.16 -16.54 -48.13
N PHE A 46 4.50 -17.58 -48.92
CA PHE A 46 3.70 -18.07 -50.00
C PHE A 46 3.37 -16.92 -50.91
N SER A 47 4.37 -16.05 -51.21
CA SER A 47 4.14 -14.88 -52.00
C SER A 47 4.36 -15.14 -53.46
N ASN A 48 3.99 -14.14 -54.30
CA ASN A 48 4.13 -14.23 -55.73
C ASN A 48 5.44 -13.65 -56.15
N VAL A 49 6.39 -14.53 -56.49
CA VAL A 49 7.67 -14.05 -56.93
C VAL A 49 7.76 -14.30 -58.39
N THR A 50 8.27 -13.32 -59.14
CA THR A 50 8.39 -13.47 -60.57
C THR A 50 9.62 -14.29 -60.82
N TRP A 51 9.54 -15.17 -61.84
CA TRP A 51 10.62 -16.07 -62.13
C TRP A 51 11.32 -15.61 -63.36
N PHE A 52 12.60 -15.21 -63.23
CA PHE A 52 13.36 -14.80 -64.38
C PHE A 52 14.27 -15.94 -64.71
N HIS A 53 14.14 -16.45 -65.95
CA HIS A 53 14.92 -17.57 -66.39
C HIS A 53 15.70 -17.03 -67.54
N ALA A 54 17.02 -17.28 -67.63
CA ALA A 54 17.67 -16.66 -68.74
C ALA A 54 18.43 -17.64 -69.58
N ILE A 55 17.72 -18.53 -70.30
CA ILE A 55 18.40 -19.44 -71.18
C ILE A 55 17.63 -19.42 -72.46
N HIS A 56 18.13 -18.71 -73.48
CA HIS A 56 17.38 -18.70 -74.70
C HIS A 56 18.35 -18.85 -75.83
N VAL A 57 19.54 -19.38 -75.55
CA VAL A 57 20.54 -19.41 -76.58
C VAL A 57 20.17 -20.33 -77.71
N SER A 58 19.41 -21.40 -77.43
CA SER A 58 19.18 -22.44 -78.41
C SER A 58 18.08 -22.09 -79.38
N GLY A 59 17.87 -23.03 -80.34
CA GLY A 59 16.82 -22.96 -81.31
C GLY A 59 17.36 -22.58 -82.66
N THR A 60 16.76 -23.17 -83.72
CA THR A 60 17.14 -22.85 -85.06
C THR A 60 16.81 -21.41 -85.24
N ASN A 61 15.59 -21.03 -84.83
CA ASN A 61 15.22 -19.66 -84.82
C ASN A 61 15.64 -19.23 -83.45
N GLY A 62 16.78 -18.52 -83.37
CA GLY A 62 17.38 -18.21 -82.11
C GLY A 62 16.50 -17.35 -81.25
N THR A 63 16.21 -17.87 -80.05
CA THR A 63 15.47 -17.29 -78.97
C THR A 63 16.33 -16.40 -78.11
N LYS A 64 17.66 -16.39 -78.37
CA LYS A 64 18.70 -15.75 -77.60
C LYS A 64 18.22 -14.48 -76.98
N ARG A 65 18.23 -14.43 -75.64
CA ARG A 65 17.81 -13.25 -74.96
C ARG A 65 18.69 -13.12 -73.76
N PHE A 66 19.12 -11.87 -73.48
CA PHE A 66 19.89 -11.60 -72.31
C PHE A 66 18.99 -10.72 -71.53
N ASP A 67 18.37 -11.27 -70.47
CA ASP A 67 17.36 -10.52 -69.77
C ASP A 67 17.97 -9.77 -68.63
N ASN A 68 18.09 -8.44 -68.77
CA ASN A 68 18.56 -7.60 -67.71
C ASN A 68 17.50 -6.57 -67.46
N PRO A 69 16.36 -7.06 -67.07
CA PRO A 69 15.22 -6.23 -66.82
C PRO A 69 15.46 -5.38 -65.64
N VAL A 70 15.01 -4.11 -65.68
CA VAL A 70 15.11 -3.29 -64.52
C VAL A 70 13.93 -3.69 -63.69
N LEU A 71 14.10 -3.75 -62.36
CA LEU A 71 13.00 -4.18 -61.54
C LEU A 71 12.87 -3.21 -60.41
N PRO A 72 11.66 -3.00 -59.97
CA PRO A 72 11.34 -2.09 -58.90
C PRO A 72 11.98 -2.47 -57.60
N PHE A 73 12.53 -1.45 -56.90
CA PHE A 73 13.19 -1.47 -55.62
C PHE A 73 12.25 -1.35 -54.46
N ASN A 74 11.03 -0.82 -54.68
CA ASN A 74 9.99 -0.58 -53.71
C ASN A 74 10.53 -0.30 -52.33
N ASP A 75 10.13 -1.14 -51.36
CA ASP A 75 10.51 -1.10 -49.97
C ASP A 75 11.81 -1.80 -49.69
N GLY A 76 12.29 -2.63 -50.63
CA GLY A 76 13.48 -3.40 -50.42
C GLY A 76 13.18 -4.68 -51.13
N VAL A 77 14.17 -5.29 -51.80
CA VAL A 77 13.78 -6.46 -52.53
C VAL A 77 14.55 -7.63 -52.07
N TYR A 78 13.80 -8.74 -51.95
CA TYR A 78 14.35 -9.99 -51.61
C TYR A 78 14.79 -10.56 -52.92
N PHE A 79 15.99 -11.15 -52.96
CA PHE A 79 16.39 -11.74 -54.19
C PHE A 79 17.04 -13.06 -53.93
N ALA A 80 16.88 -13.97 -54.91
CA ALA A 80 17.53 -15.25 -54.84
C ALA A 80 17.96 -15.61 -56.23
N SER A 81 18.95 -16.51 -56.35
CA SER A 81 19.41 -16.91 -57.64
C SER A 81 19.94 -18.31 -57.52
N THR A 82 19.70 -19.15 -58.55
CA THR A 82 20.18 -20.51 -58.49
C THR A 82 21.31 -20.59 -59.48
N GLU A 83 22.48 -21.09 -59.05
CA GLU A 83 23.62 -21.03 -59.91
C GLU A 83 24.18 -22.39 -60.22
N LYS A 84 24.38 -22.67 -61.53
CA LYS A 84 25.16 -23.77 -61.99
C LYS A 84 26.61 -23.37 -62.08
N SER A 85 26.87 -22.17 -62.68
CA SER A 85 28.25 -21.79 -62.89
C SER A 85 28.43 -20.31 -62.73
N ASN A 86 28.04 -19.75 -61.57
CA ASN A 86 28.27 -18.38 -61.21
C ASN A 86 28.03 -17.42 -62.34
N ILE A 87 26.91 -17.57 -63.06
CA ILE A 87 26.56 -16.70 -64.14
C ILE A 87 26.21 -15.34 -63.59
N ILE A 88 25.34 -15.30 -62.55
CA ILE A 88 24.87 -14.05 -62.04
C ILE A 88 25.98 -13.42 -61.26
N ARG A 89 26.59 -12.41 -61.91
CA ARG A 89 27.68 -11.65 -61.42
C ARG A 89 27.34 -10.46 -60.55
N GLY A 90 26.25 -9.72 -60.82
CA GLY A 90 26.17 -8.50 -60.06
C GLY A 90 24.83 -7.87 -60.15
N TRP A 91 24.69 -6.68 -59.51
CA TRP A 91 23.44 -5.99 -59.50
C TRP A 91 23.74 -4.51 -59.52
N ILE A 92 22.76 -3.70 -59.96
CA ILE A 92 22.91 -2.28 -60.00
C ILE A 92 21.73 -1.68 -59.31
N PHE A 93 21.93 -0.65 -58.47
CA PHE A 93 20.84 -0.08 -57.73
C PHE A 93 20.83 1.41 -57.96
N GLY A 94 19.63 2.04 -57.96
CA GLY A 94 19.56 3.47 -58.10
C GLY A 94 18.32 3.84 -58.86
N THR A 95 18.07 5.16 -59.02
CA THR A 95 16.95 5.59 -59.81
C THR A 95 17.20 5.47 -61.28
N THR A 96 18.18 6.25 -61.78
CA THR A 96 18.52 6.37 -63.17
C THR A 96 19.33 5.22 -63.65
N LEU A 97 20.34 4.80 -62.85
CA LEU A 97 21.23 3.74 -63.20
C LEU A 97 22.10 4.11 -64.37
N ASP A 98 22.33 5.42 -64.67
CA ASP A 98 23.17 5.70 -65.80
C ASP A 98 23.99 6.95 -65.60
N SER A 99 25.10 6.86 -64.83
CA SER A 99 26.05 7.92 -64.61
C SER A 99 25.40 9.07 -63.88
N LYS A 100 24.10 8.94 -63.65
CA LYS A 100 23.33 9.91 -62.94
C LYS A 100 23.52 9.78 -61.47
N THR A 101 23.91 8.61 -60.98
CA THR A 101 23.94 8.69 -59.57
C THR A 101 25.07 7.91 -59.01
N GLN A 102 25.14 8.05 -57.68
CA GLN A 102 25.99 7.47 -56.68
C GLN A 102 25.64 6.02 -56.63
N SER A 103 24.65 5.64 -57.46
CA SER A 103 24.12 4.32 -57.61
C SER A 103 25.19 3.30 -57.39
N LEU A 104 24.75 2.13 -56.91
CA LEU A 104 25.65 1.10 -56.49
C LEU A 104 25.90 0.15 -57.62
N LEU A 105 27.12 -0.41 -57.62
CA LEU A 105 27.50 -1.42 -58.56
C LEU A 105 28.16 -2.48 -57.74
N ILE A 106 27.62 -3.72 -57.77
CA ILE A 106 28.27 -4.79 -57.06
C ILE A 106 28.56 -5.85 -58.06
N VAL A 107 29.84 -6.24 -58.19
CA VAL A 107 30.17 -7.28 -59.12
C VAL A 107 31.25 -8.12 -58.53
N ASN A 108 31.13 -9.45 -58.72
CA ASN A 108 32.15 -10.32 -58.26
C ASN A 108 32.86 -10.81 -59.48
N ASN A 109 33.99 -10.17 -59.80
CA ASN A 109 34.74 -10.59 -60.94
C ASN A 109 35.14 -11.99 -60.60
N ALA A 110 35.55 -12.77 -61.60
CA ALA A 110 35.90 -14.13 -61.34
C ALA A 110 37.00 -14.13 -60.32
N THR A 111 37.87 -13.10 -60.39
CA THR A 111 38.97 -12.93 -59.49
C THR A 111 38.59 -12.52 -58.08
N ASN A 112 37.72 -11.50 -57.91
CA ASN A 112 37.46 -11.04 -56.56
C ASN A 112 36.19 -10.25 -56.52
N VAL A 113 35.55 -10.17 -55.34
CA VAL A 113 34.31 -9.45 -55.27
C VAL A 113 34.66 -8.01 -55.18
N VAL A 114 33.88 -7.15 -55.87
CA VAL A 114 34.23 -5.76 -55.82
C VAL A 114 32.94 -5.01 -55.70
N ILE A 115 32.94 -3.92 -54.90
CA ILE A 115 31.75 -3.11 -54.78
C ILE A 115 32.15 -1.68 -54.97
N LYS A 116 31.43 -0.94 -55.84
CA LYS A 116 31.70 0.44 -56.08
C LYS A 116 30.40 1.18 -56.24
N VAL A 117 30.34 2.36 -55.60
CA VAL A 117 29.29 3.35 -55.53
C VAL A 117 29.31 4.33 -56.69
N CYS A 118 30.33 4.31 -57.57
CA CYS A 118 30.43 5.33 -58.58
C CYS A 118 29.24 5.42 -59.48
N GLU A 119 29.14 6.58 -60.17
CA GLU A 119 28.09 6.85 -61.11
C GLU A 119 28.51 6.25 -62.40
N PHE A 120 28.25 4.94 -62.57
CA PHE A 120 28.70 4.17 -63.69
C PHE A 120 27.87 4.46 -64.91
N GLN A 121 28.45 4.36 -66.12
CA GLN A 121 27.67 4.60 -67.32
C GLN A 121 27.27 3.28 -67.91
N PHE A 122 26.13 2.72 -67.47
CA PHE A 122 25.77 1.41 -67.90
C PHE A 122 25.21 1.44 -69.29
N CYS A 123 25.31 0.28 -69.98
CA CYS A 123 24.78 0.16 -71.32
C CYS A 123 23.31 0.05 -71.22
N ASN A 124 22.61 0.15 -72.37
CA ASN A 124 21.18 0.03 -72.37
C ASN A 124 20.90 -1.35 -71.87
N ASP A 125 21.68 -2.34 -72.36
CA ASP A 125 21.58 -3.70 -71.94
C ASP A 125 22.89 -4.03 -71.31
N PRO A 126 23.00 -3.84 -70.03
CA PRO A 126 24.27 -4.08 -69.41
C PRO A 126 24.58 -5.53 -69.29
N PHE A 127 25.87 -5.89 -69.42
CA PHE A 127 26.26 -7.26 -69.27
C PHE A 127 27.74 -7.31 -69.13
N LEU A 128 28.28 -8.46 -68.66
CA LEU A 128 29.70 -8.64 -68.61
C LEU A 128 29.97 -9.83 -69.46
N GLY A 129 31.03 -9.76 -70.28
CA GLY A 129 31.23 -10.87 -71.16
C GLY A 129 32.22 -11.80 -70.57
N VAL A 130 32.13 -13.08 -70.98
CA VAL A 130 33.17 -14.01 -70.67
C VAL A 130 33.35 -14.84 -71.88
N TYR A 131 34.63 -15.17 -72.14
CA TYR A 131 35.08 -15.80 -73.34
C TYR A 131 35.96 -16.94 -73.01
N TYR A 132 35.99 -17.97 -73.86
CA TYR A 132 36.99 -18.93 -73.49
C TYR A 132 37.83 -19.12 -74.63
N HIS A 133 39.08 -18.98 -74.31
CA HIS A 133 40.00 -19.26 -75.32
C HIS A 133 40.14 -20.74 -75.24
N LYS A 134 39.79 -21.43 -76.32
CA LYS A 134 39.89 -22.86 -76.31
C LYS A 134 41.28 -23.25 -76.03
N ASN A 135 42.23 -22.49 -76.58
CA ASN A 135 43.58 -22.87 -76.35
C ASN A 135 43.84 -22.80 -74.88
N ASN A 136 43.27 -21.76 -74.24
CA ASN A 136 43.40 -21.56 -72.82
C ASN A 136 42.63 -22.61 -72.10
N LYS A 137 41.60 -23.16 -72.76
CA LYS A 137 40.81 -24.13 -72.09
C LYS A 137 40.12 -23.45 -70.95
N SER A 138 39.88 -22.12 -71.05
CA SER A 138 39.28 -21.54 -69.89
C SER A 138 38.38 -20.42 -70.26
N TRP A 139 37.46 -20.10 -69.34
CA TRP A 139 36.48 -19.08 -69.53
C TRP A 139 37.02 -17.89 -68.80
N MET A 140 36.97 -16.68 -69.41
CA MET A 140 37.59 -15.56 -68.76
C MET A 140 36.78 -14.32 -69.00
N GLU A 141 36.88 -13.37 -68.04
CA GLU A 141 36.20 -12.10 -68.12
C GLU A 141 36.74 -11.40 -69.31
N SER A 142 35.84 -10.82 -70.14
CA SER A 142 36.34 -10.29 -71.38
C SER A 142 35.76 -8.93 -71.65
N GLU A 143 34.45 -8.72 -71.39
CA GLU A 143 33.90 -7.43 -71.69
C GLU A 143 33.37 -6.82 -70.43
N PHE A 144 34.00 -5.69 -70.06
CA PHE A 144 33.82 -4.87 -68.91
C PHE A 144 32.65 -3.95 -69.08
N ARG A 145 31.92 -4.09 -70.20
CA ARG A 145 30.93 -3.23 -70.80
C ARG A 145 29.84 -2.77 -69.87
N VAL A 146 29.79 -3.18 -68.60
CA VAL A 146 28.71 -2.71 -67.77
C VAL A 146 28.62 -1.21 -67.74
N TYR A 147 29.71 -0.43 -67.48
CA TYR A 147 29.54 1.01 -67.46
C TYR A 147 30.71 1.72 -68.07
N SER A 148 30.43 2.90 -68.69
CA SER A 148 31.36 3.79 -69.33
C SER A 148 32.16 4.53 -68.32
N SER A 149 31.52 5.08 -67.28
CA SER A 149 32.35 5.85 -66.39
C SER A 149 31.79 5.82 -65.03
N ALA A 150 32.68 5.91 -64.04
CA ALA A 150 32.36 5.96 -62.64
C ALA A 150 32.69 7.35 -62.24
N ASN A 151 31.68 8.23 -62.17
CA ASN A 151 31.99 9.61 -61.94
C ASN A 151 32.67 9.76 -60.62
N ASN A 152 32.10 9.18 -59.56
CA ASN A 152 32.77 9.26 -58.29
C ASN A 152 32.30 8.11 -57.45
N CYS A 153 33.23 7.51 -56.68
CA CYS A 153 32.94 6.44 -55.77
C CYS A 153 33.22 6.91 -54.38
N THR A 154 32.15 7.08 -53.59
CA THR A 154 32.26 7.42 -52.20
C THR A 154 32.81 6.23 -51.49
N PHE A 155 32.49 5.01 -51.98
CA PHE A 155 32.94 3.83 -51.31
C PHE A 155 33.42 2.84 -52.33
N GLU A 156 34.39 1.98 -51.94
CA GLU A 156 34.86 0.95 -52.82
C GLU A 156 35.37 -0.18 -51.97
N TYR A 157 35.12 -1.43 -52.38
CA TYR A 157 35.56 -2.58 -51.63
C TYR A 157 36.07 -3.61 -52.59
N VAL A 158 37.11 -4.35 -52.18
CA VAL A 158 37.62 -5.42 -53.01
C VAL A 158 37.93 -6.57 -52.10
N SER A 159 37.52 -7.78 -52.51
CA SER A 159 37.74 -8.95 -51.71
C SER A 159 39.00 -9.61 -52.17
N GLN A 160 39.46 -10.62 -51.39
CA GLN A 160 40.65 -11.35 -51.70
C GLN A 160 40.32 -12.25 -52.86
N PRO A 161 41.21 -12.31 -53.82
CA PRO A 161 41.02 -13.05 -55.03
C PRO A 161 40.73 -14.50 -54.78
N PHE A 162 39.75 -15.06 -55.52
CA PHE A 162 39.37 -16.44 -55.45
C PHE A 162 38.76 -16.78 -56.77
N LEU A 163 38.43 -18.07 -57.01
CA LEU A 163 37.87 -18.43 -58.27
C LEU A 163 36.51 -19.04 -58.08
N MET A 164 35.62 -18.80 -59.05
CA MET A 164 34.29 -19.34 -59.09
C MET A 164 34.11 -19.91 -60.46
N ASP A 165 33.07 -20.74 -60.65
CA ASP A 165 32.90 -21.29 -61.97
C ASP A 165 32.32 -20.25 -62.88
N LEU A 166 33.14 -19.83 -63.87
CA LEU A 166 32.86 -18.93 -64.96
C LEU A 166 32.30 -19.61 -66.19
N GLU A 167 32.74 -20.85 -66.45
CA GLU A 167 32.44 -21.63 -67.62
C GLU A 167 30.96 -21.83 -67.79
N GLY A 168 30.52 -22.04 -69.04
CA GLY A 168 29.12 -22.22 -69.34
C GLY A 168 28.69 -23.58 -68.89
N LYS A 169 27.51 -23.66 -68.25
CA LYS A 169 26.95 -24.91 -67.81
C LYS A 169 25.47 -24.72 -67.80
N GLN A 170 24.71 -25.81 -68.02
CA GLN A 170 23.28 -25.69 -68.01
C GLN A 170 22.76 -26.93 -67.38
N GLY A 171 21.77 -26.80 -66.47
CA GLY A 171 21.28 -28.02 -65.88
C GLY A 171 20.89 -27.76 -64.46
N ASN A 172 21.08 -28.79 -63.61
CA ASN A 172 20.71 -28.79 -62.22
C ASN A 172 21.41 -27.65 -61.56
N PHE A 173 20.75 -27.02 -60.57
CA PHE A 173 21.42 -25.93 -59.93
C PHE A 173 22.09 -26.46 -58.70
N LYS A 174 23.43 -26.26 -58.63
CA LYS A 174 24.26 -26.69 -57.55
C LYS A 174 24.16 -25.82 -56.33
N ASN A 175 24.13 -24.47 -56.50
CA ASN A 175 24.25 -23.64 -55.34
C ASN A 175 23.11 -22.67 -55.28
N LEU A 176 22.82 -22.20 -54.05
CA LEU A 176 21.79 -21.25 -53.78
C LEU A 176 22.44 -20.08 -53.09
N ARG A 177 22.29 -18.86 -53.65
CA ARG A 177 22.86 -17.70 -53.02
C ARG A 177 21.74 -16.73 -52.81
N GLU A 178 21.23 -16.65 -51.55
CA GLU A 178 20.09 -15.81 -51.24
C GLU A 178 20.56 -14.47 -50.76
N PHE A 179 19.72 -13.43 -51.00
CA PHE A 179 20.10 -12.09 -50.60
C PHE A 179 18.87 -11.34 -50.19
N VAL A 180 19.08 -10.25 -49.43
CA VAL A 180 18.05 -9.33 -49.08
C VAL A 180 18.66 -7.97 -49.26
N PHE A 181 17.96 -7.05 -49.96
CA PHE A 181 18.54 -5.75 -50.14
C PHE A 181 17.55 -4.75 -49.61
N LYS A 182 17.88 -4.09 -48.49
CA LYS A 182 16.98 -3.09 -47.99
C LYS A 182 17.79 -1.90 -47.58
N ASN A 183 17.32 -0.69 -47.98
CA ASN A 183 18.01 0.52 -47.64
C ASN A 183 17.12 1.32 -46.73
N ILE A 184 17.52 1.46 -45.46
CA ILE A 184 16.72 2.17 -44.49
C ILE A 184 17.49 3.35 -44.06
N ASP A 185 16.86 4.54 -44.05
CA ASP A 185 17.63 5.71 -43.79
C ASP A 185 18.61 5.64 -44.92
N GLY A 186 19.89 5.94 -44.70
CA GLY A 186 20.99 5.83 -45.62
C GLY A 186 21.50 4.41 -45.73
N TYR A 187 21.14 3.52 -44.79
CA TYR A 187 21.81 2.26 -44.64
C TYR A 187 21.35 1.20 -45.58
N PHE A 188 22.32 0.64 -46.35
CA PHE A 188 22.11 -0.42 -47.29
C PHE A 188 22.62 -1.66 -46.62
N LYS A 189 21.71 -2.59 -46.28
CA LYS A 189 22.15 -3.76 -45.57
C LYS A 189 21.85 -4.95 -46.42
N ILE A 190 22.84 -5.83 -46.60
CA ILE A 190 22.59 -7.00 -47.38
C ILE A 190 22.75 -8.18 -46.48
N TYR A 191 21.81 -9.13 -46.57
CA TYR A 191 21.87 -10.31 -45.76
C TYR A 191 21.95 -11.45 -46.71
N SER A 192 22.65 -12.54 -46.33
CA SER A 192 22.78 -13.60 -47.28
C SER A 192 22.95 -14.92 -46.59
N LYS A 193 22.95 -16.00 -47.40
CA LYS A 193 23.20 -17.33 -46.94
C LYS A 193 23.52 -18.15 -48.15
N HIS A 194 24.52 -19.04 -48.04
CA HIS A 194 24.88 -19.87 -49.16
C HIS A 194 24.61 -21.28 -48.75
N THR A 195 23.89 -22.04 -49.61
CA THR A 195 23.61 -23.41 -49.29
C THR A 195 23.75 -24.22 -50.54
N PRO A 196 24.14 -25.47 -50.37
CA PRO A 196 24.23 -26.35 -51.49
C PRO A 196 22.85 -26.80 -51.84
N ILE A 197 22.59 -27.05 -53.13
CA ILE A 197 21.29 -27.46 -53.55
C ILE A 197 21.44 -28.39 -54.72
N ASN A 198 20.46 -29.30 -54.90
CA ASN A 198 20.47 -30.15 -56.05
C ASN A 198 19.08 -30.12 -56.61
N LEU A 199 18.79 -29.13 -57.49
CA LEU A 199 17.47 -29.02 -58.04
C LEU A 199 17.47 -28.02 -59.17
N VAL A 200 16.90 -28.43 -60.31
CA VAL A 200 16.73 -27.65 -61.51
C VAL A 200 15.52 -26.75 -61.49
N ARG A 201 14.42 -27.16 -60.82
CA ARG A 201 13.16 -26.47 -60.96
C ARG A 201 13.08 -25.04 -60.48
N ASP A 202 13.18 -24.83 -59.16
CA ASP A 202 12.96 -23.51 -58.63
C ASP A 202 13.45 -23.49 -57.20
N LEU A 203 13.01 -22.48 -56.40
CA LEU A 203 13.48 -22.46 -55.05
C LEU A 203 12.88 -23.65 -54.35
N PRO A 204 13.72 -24.38 -53.66
CA PRO A 204 13.30 -25.58 -52.98
C PRO A 204 12.49 -25.25 -51.78
N GLN A 205 11.63 -26.19 -51.34
CA GLN A 205 10.85 -25.92 -50.16
C GLN A 205 11.68 -26.30 -48.99
N GLY A 206 11.75 -25.39 -48.00
CA GLY A 206 12.53 -25.64 -46.83
C GLY A 206 12.78 -24.30 -46.24
N PHE A 207 13.51 -24.26 -45.12
CA PHE A 207 13.70 -23.02 -44.44
C PHE A 207 15.15 -22.83 -44.12
N SER A 208 15.67 -21.62 -44.38
CA SER A 208 17.03 -21.28 -44.03
C SER A 208 17.02 -19.81 -43.70
N ALA A 209 17.96 -19.37 -42.82
CA ALA A 209 17.93 -18.01 -42.37
C ALA A 209 19.03 -17.24 -43.04
N LEU A 210 18.84 -15.91 -43.16
CA LEU A 210 19.83 -15.05 -43.75
C LEU A 210 20.45 -14.23 -42.66
N GLU A 211 21.74 -13.85 -42.84
CA GLU A 211 22.45 -13.11 -41.82
C GLU A 211 23.13 -11.91 -42.43
N PRO A 212 23.41 -10.91 -41.63
CA PRO A 212 24.05 -9.68 -42.08
C PRO A 212 25.51 -9.77 -42.39
N LEU A 213 25.95 -9.39 -43.61
CA LEU A 213 27.34 -9.24 -43.96
C LEU A 213 27.89 -7.84 -43.82
N VAL A 214 27.14 -6.82 -44.29
CA VAL A 214 27.75 -5.51 -44.46
C VAL A 214 26.72 -4.42 -44.31
N ASP A 215 27.19 -3.19 -43.99
CA ASP A 215 26.39 -2.00 -43.89
C ASP A 215 27.06 -0.97 -44.75
N LEU A 216 26.38 -0.45 -45.79
CA LEU A 216 27.01 0.52 -46.65
C LEU A 216 26.30 1.84 -46.56
N PRO A 217 26.97 2.88 -46.12
CA PRO A 217 26.34 4.18 -46.10
C PRO A 217 26.35 4.88 -47.43
N ILE A 218 25.40 4.56 -48.34
CA ILE A 218 25.26 5.29 -49.57
C ILE A 218 24.39 6.50 -49.43
N GLY A 219 23.18 6.31 -48.85
CA GLY A 219 22.22 7.37 -48.69
C GLY A 219 21.67 7.82 -50.01
N ILE A 220 21.14 6.91 -50.86
CA ILE A 220 20.62 7.28 -52.14
C ILE A 220 19.15 6.97 -52.16
N ASN A 221 18.35 7.85 -52.82
CA ASN A 221 16.94 7.58 -52.92
C ASN A 221 16.82 6.64 -54.07
N ILE A 222 16.88 5.32 -53.78
CA ILE A 222 16.98 4.30 -54.77
C ILE A 222 15.66 3.65 -55.04
N THR A 223 15.17 3.85 -56.28
CA THR A 223 13.97 3.30 -56.85
C THR A 223 14.11 1.98 -57.57
N ARG A 224 15.22 1.72 -58.30
CA ARG A 224 15.20 0.56 -59.18
C ARG A 224 16.48 -0.21 -59.12
N PHE A 225 16.47 -1.48 -59.59
CA PHE A 225 17.68 -2.24 -59.63
C PHE A 225 17.64 -3.17 -60.80
N GLN A 226 18.82 -3.70 -61.19
CA GLN A 226 18.93 -4.58 -62.32
C GLN A 226 19.93 -5.63 -61.98
N THR A 227 19.82 -6.81 -62.61
CA THR A 227 20.77 -7.84 -62.32
C THR A 227 21.70 -7.96 -63.49
N LEU A 228 23.00 -8.14 -63.17
CA LEU A 228 24.02 -8.28 -64.17
C LEU A 228 24.30 -9.74 -64.27
N LEU A 229 24.35 -10.25 -65.52
CA LEU A 229 24.60 -11.65 -65.72
C LEU A 229 25.95 -11.78 -66.37
N ALA A 230 26.48 -13.01 -66.35
CA ALA A 230 27.77 -13.28 -66.89
C ALA A 230 27.61 -14.16 -68.09
N LEU A 231 28.58 -14.06 -69.01
CA LEU A 231 28.59 -14.83 -70.21
C LEU A 231 29.66 -15.84 -70.05
N HIS A 232 29.67 -16.89 -70.87
CA HIS A 232 30.68 -17.86 -70.68
C HIS A 232 31.21 -18.20 -72.03
N ARG A 233 32.49 -17.91 -72.32
CA ARG A 233 32.79 -18.50 -73.59
C ARG A 233 33.74 -19.53 -73.25
N SER A 234 33.69 -20.67 -73.99
CA SER A 234 34.39 -21.94 -73.93
C SER A 234 35.35 -22.07 -75.07
N TYR A 235 36.02 -23.25 -75.09
CA TYR A 235 37.10 -23.51 -76.00
C TYR A 235 36.49 -23.43 -77.30
N LEU A 236 35.34 -24.09 -77.26
CA LEU A 236 34.56 -24.41 -78.38
C LEU A 236 34.11 -23.16 -79.04
N THR A 237 33.85 -22.11 -78.26
CA THR A 237 33.31 -20.90 -78.81
C THR A 237 34.41 -19.95 -79.19
N PRO A 238 34.18 -19.24 -80.27
CA PRO A 238 35.08 -18.25 -80.78
C PRO A 238 35.19 -17.12 -79.80
N GLY A 239 34.13 -16.87 -79.01
CA GLY A 239 34.15 -15.81 -78.04
C GLY A 239 33.59 -14.54 -78.57
N ASP A 240 32.83 -14.64 -79.67
CA ASP A 240 32.21 -13.56 -80.35
C ASP A 240 31.05 -13.11 -79.51
N SER A 241 30.73 -11.81 -79.54
CA SER A 241 29.63 -11.23 -78.80
C SER A 241 28.32 -11.58 -79.46
N SER A 242 28.38 -12.09 -80.71
CA SER A 242 27.17 -12.44 -81.39
C SER A 242 26.56 -13.73 -80.89
N SER A 243 27.09 -14.86 -81.44
CA SER A 243 26.70 -16.24 -81.23
C SER A 243 27.52 -17.01 -80.24
N GLY A 244 28.77 -16.57 -79.99
CA GLY A 244 29.81 -17.22 -79.23
C GLY A 244 29.54 -17.36 -77.76
N TRP A 245 28.63 -16.56 -77.18
CA TRP A 245 28.45 -16.52 -75.75
C TRP A 245 27.45 -17.51 -75.22
N THR A 246 27.70 -18.00 -73.97
CA THR A 246 26.85 -18.93 -73.30
C THR A 246 26.48 -18.36 -71.95
N ALA A 247 25.17 -18.13 -71.73
CA ALA A 247 24.66 -17.60 -70.49
C ALA A 247 24.75 -18.63 -69.41
N GLY A 248 24.42 -19.90 -69.72
CA GLY A 248 24.45 -20.93 -68.73
C GLY A 248 23.07 -21.04 -68.14
N ALA A 249 22.80 -22.15 -67.42
CA ALA A 249 21.50 -22.29 -66.85
C ALA A 249 21.53 -21.61 -65.52
N ALA A 250 20.82 -20.47 -65.40
CA ALA A 250 20.80 -19.83 -64.13
C ALA A 250 19.62 -18.93 -64.04
N ALA A 251 18.78 -19.12 -63.01
CA ALA A 251 17.64 -18.28 -62.89
C ALA A 251 17.75 -17.58 -61.58
N TYR A 252 17.09 -16.41 -61.48
CA TYR A 252 16.98 -15.74 -60.21
C TYR A 252 15.58 -15.31 -60.03
N TYR A 253 15.24 -14.95 -58.79
CA TYR A 253 13.88 -14.67 -58.45
C TYR A 253 13.85 -13.34 -57.77
N VAL A 254 12.67 -12.67 -57.82
CA VAL A 254 12.51 -11.40 -57.20
C VAL A 254 11.24 -11.38 -56.38
N GLY A 255 11.39 -11.21 -55.04
CA GLY A 255 10.27 -11.08 -54.16
C GLY A 255 10.14 -9.63 -53.78
N TYR A 256 9.23 -9.33 -52.83
CA TYR A 256 9.03 -8.00 -52.31
C TYR A 256 8.98 -8.11 -50.83
N LEU A 257 9.45 -7.05 -50.14
CA LEU A 257 9.56 -7.08 -48.72
C LEU A 257 8.49 -6.16 -48.18
N GLN A 258 7.73 -6.58 -47.14
CA GLN A 258 6.68 -5.71 -46.68
C GLN A 258 6.69 -5.70 -45.18
N PRO A 259 6.32 -4.59 -44.61
CA PRO A 259 6.30 -4.57 -43.17
C PRO A 259 5.26 -5.49 -42.67
N ARG A 260 5.66 -6.66 -42.16
CA ARG A 260 4.71 -7.61 -41.68
C ARG A 260 5.27 -8.14 -40.40
N THR A 261 4.38 -8.56 -39.48
CA THR A 261 4.82 -9.04 -38.21
C THR A 261 5.16 -10.50 -38.35
N PHE A 262 6.25 -10.93 -37.69
CA PHE A 262 6.68 -12.31 -37.74
C PHE A 262 7.00 -12.76 -36.34
N LEU A 263 6.78 -14.06 -36.07
CA LEU A 263 7.10 -14.61 -34.78
C LEU A 263 8.18 -15.61 -35.01
N LEU A 264 9.44 -15.27 -34.65
CA LEU A 264 10.53 -16.16 -34.94
C LEU A 264 10.72 -17.15 -33.83
N LYS A 265 11.29 -18.32 -34.18
CA LYS A 265 11.56 -19.35 -33.22
C LYS A 265 13.04 -19.58 -33.17
N TYR A 266 13.71 -19.07 -32.12
CA TYR A 266 15.12 -19.28 -31.99
C TYR A 266 15.32 -20.59 -31.31
N ASN A 267 16.24 -21.42 -31.82
CA ASN A 267 16.46 -22.70 -31.23
C ASN A 267 17.41 -22.55 -30.09
N GLU A 268 17.94 -23.69 -29.61
CA GLU A 268 18.84 -23.71 -28.50
C GLU A 268 20.11 -22.99 -28.88
N ASN A 269 20.56 -23.08 -30.15
CA ASN A 269 21.81 -22.44 -30.47
C ASN A 269 21.65 -21.24 -31.35
N GLY A 270 20.65 -20.36 -31.06
CA GLY A 270 20.56 -19.08 -31.71
C GLY A 270 20.35 -19.17 -33.19
N THR A 271 19.72 -20.24 -33.71
CA THR A 271 19.52 -20.27 -35.13
C THR A 271 18.03 -20.20 -35.36
N ILE A 272 17.60 -19.45 -36.40
CA ILE A 272 16.19 -19.28 -36.62
C ILE A 272 15.71 -20.47 -37.39
N THR A 273 15.03 -21.39 -36.69
CA THR A 273 14.50 -22.63 -37.19
C THR A 273 13.15 -22.50 -37.86
N ASP A 274 12.23 -21.64 -37.36
CA ASP A 274 10.91 -21.62 -37.93
C ASP A 274 10.32 -20.26 -37.75
N ALA A 275 9.26 -19.93 -38.53
CA ALA A 275 8.66 -18.63 -38.40
C ALA A 275 7.20 -18.74 -38.75
N VAL A 276 6.40 -17.76 -38.28
CA VAL A 276 4.99 -17.75 -38.60
C VAL A 276 4.66 -16.37 -39.10
N ASP A 277 3.96 -16.29 -40.25
CA ASP A 277 3.58 -15.02 -40.81
C ASP A 277 2.29 -14.65 -40.17
N CYS A 278 2.29 -13.57 -39.37
CA CYS A 278 1.14 -13.21 -38.60
C CYS A 278 -0.04 -12.85 -39.47
N ALA A 279 0.22 -12.19 -40.60
CA ALA A 279 -0.70 -11.73 -41.62
C ALA A 279 -1.27 -12.80 -42.51
N LEU A 280 -0.61 -13.97 -42.64
CA LEU A 280 -0.95 -14.91 -43.68
C LEU A 280 -2.40 -15.35 -43.68
N ASP A 281 -2.89 -16.01 -42.62
CA ASP A 281 -4.26 -16.46 -42.63
C ASP A 281 -4.79 -16.38 -41.23
N PRO A 282 -6.06 -16.66 -41.04
CA PRO A 282 -6.63 -16.55 -39.73
C PRO A 282 -5.95 -17.41 -38.73
N LEU A 283 -5.51 -18.62 -39.13
CA LEU A 283 -4.84 -19.46 -38.19
C LEU A 283 -3.53 -18.83 -37.80
N SER A 284 -2.83 -18.22 -38.78
CA SER A 284 -1.54 -17.65 -38.55
C SER A 284 -1.66 -16.55 -37.56
N GLU A 285 -2.80 -15.80 -37.57
CA GLU A 285 -2.94 -14.75 -36.60
C GLU A 285 -3.06 -15.30 -35.22
N THR A 286 -3.80 -16.42 -35.02
CA THR A 286 -3.89 -16.95 -33.70
C THR A 286 -2.53 -17.35 -33.23
N LYS A 287 -1.70 -17.92 -34.12
CA LYS A 287 -0.39 -18.33 -33.71
C LYS A 287 0.38 -17.13 -33.27
N CYS A 288 0.25 -16.00 -33.99
CA CYS A 288 1.01 -14.85 -33.60
C CYS A 288 0.54 -14.28 -32.28
N THR A 289 -0.78 -14.24 -32.03
CA THR A 289 -1.27 -13.67 -30.80
C THR A 289 -0.84 -14.46 -29.61
N LEU A 290 -1.00 -15.80 -29.67
CA LEU A 290 -0.69 -16.75 -28.64
C LEU A 290 0.78 -16.78 -28.37
N LYS A 291 1.61 -16.39 -29.36
CA LYS A 291 3.04 -16.47 -29.24
C LYS A 291 3.46 -17.88 -29.10
N SER A 292 2.76 -18.78 -29.83
CA SER A 292 3.12 -20.16 -29.83
C SER A 292 2.80 -20.70 -31.19
N PHE A 293 3.54 -21.77 -31.57
CA PHE A 293 3.39 -22.50 -32.79
C PHE A 293 2.19 -23.39 -32.76
N THR A 294 1.76 -23.84 -31.55
CA THR A 294 0.64 -24.73 -31.52
C THR A 294 -0.51 -24.05 -30.82
N VAL A 295 -1.75 -24.27 -31.34
CA VAL A 295 -2.92 -23.68 -30.75
C VAL A 295 -3.88 -24.79 -30.42
N GLU A 296 -4.52 -24.71 -29.25
CA GLU A 296 -5.46 -25.71 -28.81
C GLU A 296 -6.81 -25.39 -29.34
N LYS A 297 -7.74 -26.36 -29.26
CA LYS A 297 -9.06 -26.16 -29.78
C LYS A 297 -9.79 -25.16 -28.95
N GLY A 298 -10.54 -24.26 -29.62
CA GLY A 298 -11.30 -23.27 -28.91
C GLY A 298 -11.49 -22.09 -29.80
N ILE A 299 -12.16 -21.05 -29.26
CA ILE A 299 -12.42 -19.84 -29.99
C ILE A 299 -11.49 -18.81 -29.40
N TYR A 300 -10.77 -18.07 -30.27
CA TYR A 300 -9.80 -17.11 -29.82
C TYR A 300 -10.12 -15.77 -30.40
N GLN A 301 -9.84 -14.68 -29.63
CA GLN A 301 -10.09 -13.35 -30.13
C GLN A 301 -8.77 -12.74 -30.54
N THR A 302 -8.56 -12.64 -31.86
CA THR A 302 -7.38 -12.06 -32.45
C THR A 302 -7.44 -10.59 -32.78
N SER A 303 -8.58 -10.07 -33.28
CA SER A 303 -8.56 -8.73 -33.80
C SER A 303 -9.92 -8.14 -33.72
N ASN A 304 -10.12 -6.99 -34.41
CA ASN A 304 -11.39 -6.32 -34.38
C ASN A 304 -11.71 -5.86 -35.77
N PHE A 305 -12.88 -6.32 -36.28
CA PHE A 305 -13.44 -6.04 -37.56
C PHE A 305 -13.81 -4.58 -37.62
N ARG A 306 -13.42 -3.90 -38.72
CA ARG A 306 -13.73 -2.50 -38.83
C ARG A 306 -13.97 -2.18 -40.28
N VAL A 307 -15.03 -1.39 -40.55
CA VAL A 307 -15.25 -1.00 -41.92
C VAL A 307 -14.54 0.30 -42.08
N GLN A 308 -13.83 0.48 -43.21
CA GLN A 308 -13.12 1.70 -43.39
C GLN A 308 -13.96 2.65 -44.19
N PRO A 309 -13.67 3.92 -44.05
CA PRO A 309 -14.40 4.90 -44.80
C PRO A 309 -14.06 4.87 -46.25
N THR A 310 -15.10 4.96 -47.11
CA THR A 310 -14.97 4.98 -48.54
C THR A 310 -14.63 6.34 -49.07
N GLU A 311 -15.27 7.42 -48.55
CA GLU A 311 -15.08 8.72 -49.13
C GLU A 311 -14.65 9.69 -48.08
N SER A 312 -14.28 10.93 -48.52
CA SER A 312 -13.94 11.93 -47.55
C SER A 312 -14.88 13.07 -47.75
N ILE A 313 -15.52 13.51 -46.66
CA ILE A 313 -16.48 14.56 -46.78
C ILE A 313 -16.00 15.72 -45.97
N VAL A 314 -15.99 16.91 -46.58
CA VAL A 314 -15.62 18.10 -45.90
C VAL A 314 -16.77 19.04 -46.10
N ARG A 315 -17.14 19.81 -45.05
CA ARG A 315 -18.22 20.74 -45.20
C ARG A 315 -17.93 21.98 -44.42
N PHE A 316 -18.41 23.14 -44.95
CA PHE A 316 -18.27 24.43 -44.32
C PHE A 316 -19.54 25.21 -44.61
N PRO A 317 -19.73 26.36 -43.95
CA PRO A 317 -20.88 27.23 -44.09
C PRO A 317 -20.97 27.92 -45.42
N ASN A 318 -22.16 28.42 -45.78
CA ASN A 318 -22.43 29.07 -47.03
C ASN A 318 -21.67 30.35 -47.14
N ILE A 319 -21.45 31.02 -45.98
CA ILE A 319 -20.89 32.35 -45.87
C ILE A 319 -19.65 32.45 -46.72
N THR A 320 -19.74 33.26 -47.78
CA THR A 320 -18.73 33.64 -48.72
C THR A 320 -18.01 34.91 -48.36
N ASN A 321 -18.49 35.66 -47.34
CA ASN A 321 -18.07 36.99 -46.95
C ASN A 321 -16.61 37.03 -46.60
N LEU A 322 -16.15 38.16 -46.01
CA LEU A 322 -14.76 38.26 -45.65
C LEU A 322 -14.62 38.81 -44.26
N CYS A 323 -13.86 38.08 -43.42
CA CYS A 323 -13.56 38.53 -42.09
C CYS A 323 -12.58 39.65 -42.31
N PRO A 324 -12.72 40.69 -41.54
CA PRO A 324 -11.89 41.86 -41.61
C PRO A 324 -10.55 41.67 -40.96
N PHE A 325 -9.94 40.47 -41.02
CA PHE A 325 -8.68 40.26 -40.35
C PHE A 325 -7.72 41.31 -40.83
N GLY A 326 -7.77 41.67 -42.13
CA GLY A 326 -6.89 42.70 -42.61
C GLY A 326 -7.19 43.96 -41.87
N GLU A 327 -8.48 44.26 -41.61
CA GLU A 327 -8.78 45.49 -40.94
C GLU A 327 -8.23 45.45 -39.55
N VAL A 328 -8.37 44.31 -38.84
CA VAL A 328 -7.88 44.23 -37.50
C VAL A 328 -6.39 44.38 -37.49
N PHE A 329 -5.68 43.53 -38.27
CA PHE A 329 -4.24 43.57 -38.25
C PHE A 329 -3.78 44.88 -38.78
N ASN A 330 -4.28 45.28 -39.96
CA ASN A 330 -3.85 46.52 -40.53
C ASN A 330 -4.84 47.56 -40.13
N ALA A 331 -5.00 47.77 -38.81
CA ALA A 331 -5.87 48.80 -38.32
C ALA A 331 -5.07 50.06 -38.31
N THR A 332 -5.73 51.23 -38.39
CA THR A 332 -4.98 52.45 -38.45
C THR A 332 -4.17 52.62 -37.20
N ARG A 333 -4.82 52.61 -36.01
CA ARG A 333 -4.04 52.81 -34.81
C ARG A 333 -4.65 52.01 -33.71
N PHE A 334 -3.79 51.32 -32.94
CA PHE A 334 -4.27 50.53 -31.84
C PHE A 334 -4.19 51.33 -30.58
N ALA A 335 -5.00 50.94 -29.57
CA ALA A 335 -5.06 51.60 -28.30
C ALA A 335 -4.03 51.00 -27.39
N SER A 336 -3.87 51.59 -26.19
CA SER A 336 -2.89 51.15 -25.24
C SER A 336 -3.38 49.93 -24.54
N VAL A 337 -2.45 49.23 -23.87
CA VAL A 337 -2.67 47.96 -23.24
C VAL A 337 -3.67 48.02 -22.12
N TYR A 338 -3.60 49.04 -21.25
CA TYR A 338 -4.52 49.03 -20.14
C TYR A 338 -5.92 49.15 -20.64
N ALA A 339 -6.08 49.98 -21.68
CA ALA A 339 -7.22 50.36 -22.49
C ALA A 339 -7.63 49.33 -23.51
N TRP A 340 -6.84 48.25 -23.71
CA TRP A 340 -6.92 47.30 -24.80
C TRP A 340 -8.26 47.19 -25.49
N ASN A 341 -8.20 47.31 -26.83
CA ASN A 341 -9.33 47.28 -27.73
C ASN A 341 -9.70 45.87 -28.04
N ARG A 342 -11.03 45.62 -28.22
CA ARG A 342 -11.51 44.33 -28.57
C ARG A 342 -12.35 44.49 -29.81
N LYS A 343 -12.17 43.57 -30.78
CA LYS A 343 -12.92 43.62 -32.01
C LYS A 343 -13.59 42.29 -32.16
N ARG A 344 -14.83 42.28 -32.69
CA ARG A 344 -15.56 41.05 -32.82
C ARG A 344 -15.55 40.65 -34.27
N ILE A 345 -15.16 39.39 -34.55
CA ILE A 345 -15.11 38.93 -35.91
C ILE A 345 -15.98 37.72 -36.05
N SER A 346 -16.86 37.71 -37.06
CA SER A 346 -17.74 36.58 -37.25
C SER A 346 -18.33 36.62 -38.62
N ASN A 347 -19.15 35.60 -38.93
CA ASN A 347 -19.89 35.43 -40.17
C ASN A 347 -19.02 35.53 -41.39
N CYS A 348 -18.02 34.64 -41.52
CA CYS A 348 -17.17 34.66 -42.69
C CYS A 348 -16.43 33.36 -42.77
N VAL A 349 -15.41 33.32 -43.66
CA VAL A 349 -14.55 32.18 -43.81
C VAL A 349 -13.18 32.71 -43.53
N ALA A 350 -12.30 31.90 -42.89
CA ALA A 350 -10.99 32.40 -42.53
C ALA A 350 -9.89 31.57 -43.14
N ASP A 351 -8.92 32.31 -43.74
CA ASP A 351 -7.70 32.00 -44.43
C ASP A 351 -6.43 32.02 -43.61
N TYR A 352 -6.42 31.71 -42.30
CA TYR A 352 -5.33 31.97 -41.38
C TYR A 352 -3.97 31.64 -41.96
N SER A 353 -3.86 30.66 -42.88
CA SER A 353 -2.57 30.30 -43.41
C SER A 353 -1.82 31.51 -43.93
N VAL A 354 -2.50 32.51 -44.52
CA VAL A 354 -1.74 33.64 -45.00
C VAL A 354 -1.06 34.28 -43.82
N LEU A 355 -1.75 34.34 -42.66
CA LEU A 355 -1.16 34.96 -41.51
C LEU A 355 0.06 34.18 -41.11
N TYR A 356 -0.05 32.82 -41.10
CA TYR A 356 1.08 32.01 -40.72
C TYR A 356 2.17 32.17 -41.73
N ASN A 357 1.84 32.11 -43.03
CA ASN A 357 2.89 32.28 -44.00
C ASN A 357 3.07 33.72 -44.29
N SER A 358 3.73 34.36 -43.32
CA SER A 358 4.15 35.72 -43.38
C SER A 358 5.43 35.66 -42.60
N ALA A 359 6.50 36.19 -43.17
CA ALA A 359 7.79 36.27 -42.54
C ALA A 359 7.76 37.31 -41.48
N SER A 360 6.78 38.22 -41.58
CA SER A 360 6.62 39.44 -40.85
C SER A 360 6.46 39.27 -39.36
N PHE A 361 6.00 38.11 -38.85
CA PHE A 361 5.75 38.06 -37.44
C PHE A 361 6.89 37.38 -36.74
N SER A 362 7.50 38.09 -35.75
CA SER A 362 8.61 37.56 -35.01
C SER A 362 8.15 36.40 -34.19
N THR A 363 7.04 36.59 -33.43
CA THR A 363 6.56 35.52 -32.60
C THR A 363 5.21 35.11 -33.06
N PHE A 364 5.03 33.80 -33.35
CA PHE A 364 3.73 33.32 -33.70
C PHE A 364 3.56 32.06 -32.91
N LYS A 365 3.05 32.18 -31.67
CA LYS A 365 2.91 31.02 -30.83
C LYS A 365 1.46 30.80 -30.57
N CYS A 366 1.00 29.53 -30.69
CA CYS A 366 -0.40 29.26 -30.50
C CYS A 366 -0.53 28.25 -29.40
N TYR A 367 -1.46 28.51 -28.45
CA TYR A 367 -1.63 27.59 -27.38
C TYR A 367 -2.93 26.88 -27.62
N GLY A 368 -2.84 25.68 -28.22
CA GLY A 368 -4.02 24.91 -28.51
C GLY A 368 -4.16 24.61 -29.97
N VAL A 369 -3.73 25.50 -30.87
CA VAL A 369 -3.90 25.15 -32.25
C VAL A 369 -2.54 25.08 -32.84
N SER A 370 -2.30 24.13 -33.76
CA SER A 370 -1.04 24.32 -34.39
C SER A 370 -1.29 25.43 -35.37
N PRO A 371 -0.32 26.22 -35.70
CA PRO A 371 -0.57 27.30 -36.61
C PRO A 371 -1.04 26.72 -37.90
N THR A 372 -0.50 25.56 -38.27
CA THR A 372 -0.99 24.88 -39.44
C THR A 372 -2.21 24.14 -38.99
N LYS A 373 -3.00 23.65 -39.96
CA LYS A 373 -4.20 22.90 -39.67
C LYS A 373 -5.23 23.78 -39.03
N LEU A 374 -4.96 25.08 -38.89
CA LEU A 374 -5.89 26.01 -38.29
C LEU A 374 -7.06 26.20 -39.20
N ASN A 375 -6.84 26.01 -40.51
CA ASN A 375 -7.82 26.25 -41.54
C ASN A 375 -9.00 25.33 -41.37
N ASP A 376 -8.80 24.17 -40.74
CA ASP A 376 -9.78 23.13 -40.51
C ASP A 376 -10.76 23.46 -39.41
N LEU A 377 -10.55 24.52 -38.60
CA LEU A 377 -11.43 24.74 -37.48
C LEU A 377 -12.49 25.76 -37.77
N CYS A 378 -13.67 25.62 -37.10
CA CYS A 378 -14.74 26.54 -37.30
C CYS A 378 -15.26 26.92 -35.94
N PHE A 379 -15.46 28.25 -35.71
CA PHE A 379 -15.79 28.71 -34.39
C PHE A 379 -16.94 29.67 -34.42
N THR A 380 -17.64 29.76 -33.27
CA THR A 380 -18.76 30.64 -33.08
C THR A 380 -18.32 32.07 -33.06
N ASN A 381 -17.31 32.42 -32.25
CA ASN A 381 -16.90 33.79 -32.20
C ASN A 381 -15.41 33.83 -32.05
N VAL A 382 -14.76 34.72 -32.82
CA VAL A 382 -13.34 34.91 -32.72
C VAL A 382 -13.15 36.33 -32.32
N TYR A 383 -12.34 36.57 -31.27
CA TYR A 383 -12.13 37.91 -30.81
C TYR A 383 -10.69 38.24 -31.04
N ALA A 384 -10.43 39.47 -31.53
CA ALA A 384 -9.08 39.89 -31.77
C ALA A 384 -8.79 41.06 -30.88
N ASP A 385 -7.62 41.04 -30.23
CA ASP A 385 -7.23 42.09 -29.33
C ASP A 385 -6.00 42.73 -29.91
N SER A 386 -5.78 44.03 -29.61
CA SER A 386 -4.61 44.68 -30.16
C SER A 386 -3.90 45.39 -29.05
N PHE A 387 -2.56 45.22 -28.98
CA PHE A 387 -1.79 45.81 -27.91
C PHE A 387 -0.58 46.51 -28.49
N VAL A 388 -0.03 47.46 -27.71
CA VAL A 388 1.18 48.24 -27.89
C VAL A 388 2.38 47.72 -27.13
N ILE A 389 2.21 46.63 -26.36
CA ILE A 389 3.17 46.09 -25.42
C ILE A 389 4.61 46.19 -25.83
N ARG A 390 5.48 46.41 -24.82
CA ARG A 390 6.91 46.54 -24.98
C ARG A 390 7.49 45.21 -25.38
N GLY A 391 8.70 45.25 -25.94
CA GLY A 391 9.38 44.12 -26.53
C GLY A 391 9.65 42.99 -25.57
N ASP A 392 10.22 43.27 -24.39
CA ASP A 392 10.61 42.22 -23.46
C ASP A 392 9.38 41.53 -22.95
N GLU A 393 8.27 42.28 -22.89
CA GLU A 393 7.02 41.93 -22.29
C GLU A 393 6.29 40.82 -22.98
N VAL A 394 6.57 40.53 -24.26
CA VAL A 394 5.77 39.60 -25.03
C VAL A 394 5.64 38.28 -24.36
N ARG A 395 6.69 37.82 -23.64
CA ARG A 395 6.67 36.53 -23.02
C ARG A 395 5.48 36.47 -22.11
N GLN A 396 5.08 37.64 -21.56
CA GLN A 396 3.99 37.74 -20.64
C GLN A 396 2.67 37.44 -21.28
N ILE A 397 2.47 37.74 -22.59
CA ILE A 397 1.18 37.48 -23.15
C ILE A 397 1.14 36.03 -23.52
N ALA A 398 0.79 35.18 -22.54
CA ALA A 398 0.72 33.76 -22.69
C ALA A 398 -0.10 33.28 -21.53
N PRO A 399 -0.69 32.12 -21.63
CA PRO A 399 -1.59 31.65 -20.61
C PRO A 399 -1.16 31.79 -19.16
N GLY A 400 -0.03 31.24 -18.74
CA GLY A 400 0.45 31.18 -17.38
C GLY A 400 1.20 32.37 -16.82
N GLN A 401 1.74 33.27 -17.65
CA GLN A 401 2.73 34.21 -17.19
C GLN A 401 2.29 35.14 -16.08
N THR A 402 3.29 35.69 -15.35
CA THR A 402 3.03 36.63 -14.31
C THR A 402 4.02 37.76 -14.45
N GLY A 403 3.55 39.01 -14.24
CA GLY A 403 4.40 40.16 -14.39
C GLY A 403 3.48 41.34 -14.47
N LYS A 404 4.07 42.54 -14.69
CA LYS A 404 3.31 43.76 -14.66
C LYS A 404 2.24 43.72 -15.71
N ILE A 405 2.59 43.35 -16.96
CA ILE A 405 1.62 43.36 -18.03
C ILE A 405 0.55 42.33 -17.78
N ALA A 406 0.97 41.11 -17.40
CA ALA A 406 0.06 40.03 -17.19
C ALA A 406 -0.86 40.27 -16.03
N ASP A 407 -0.35 40.89 -14.94
CA ASP A 407 -1.14 41.11 -13.76
C ASP A 407 -2.07 42.29 -13.83
N TYR A 408 -1.50 43.46 -14.14
CA TYR A 408 -2.07 44.78 -14.14
C TYR A 408 -2.83 45.20 -15.37
N ASN A 409 -2.46 44.69 -16.56
CA ASN A 409 -3.03 45.26 -17.75
C ASN A 409 -3.90 44.30 -18.52
N TYR A 410 -3.42 43.07 -18.80
CA TYR A 410 -4.23 42.13 -19.52
C TYR A 410 -3.87 40.75 -19.05
N LYS A 411 -4.87 39.87 -18.82
CA LYS A 411 -4.53 38.57 -18.33
C LYS A 411 -5.24 37.52 -19.14
N LEU A 412 -4.50 36.48 -19.55
CA LEU A 412 -5.17 35.40 -20.20
C LEU A 412 -5.61 34.39 -19.18
N PRO A 413 -6.66 33.68 -19.48
CA PRO A 413 -7.12 32.62 -18.62
C PRO A 413 -6.19 31.47 -18.80
N ASP A 414 -6.17 30.52 -17.85
CA ASP A 414 -5.25 29.41 -17.93
C ASP A 414 -5.62 28.59 -19.14
N ASP A 415 -6.95 28.45 -19.36
CA ASP A 415 -7.62 27.69 -20.36
C ASP A 415 -7.52 28.30 -21.74
N PHE A 416 -6.85 29.45 -21.91
CA PHE A 416 -6.76 30.15 -23.16
C PHE A 416 -6.56 29.25 -24.34
N THR A 417 -7.36 29.48 -25.41
CA THR A 417 -7.25 28.74 -26.64
C THR A 417 -7.12 29.72 -27.74
N GLY A 418 -5.92 29.82 -28.35
CA GLY A 418 -5.74 30.74 -29.44
C GLY A 418 -4.29 31.02 -29.62
N CYS A 419 -3.96 31.92 -30.56
CA CYS A 419 -2.59 32.16 -30.86
C CYS A 419 -2.28 33.57 -30.44
N VAL A 420 -0.97 33.90 -30.33
CA VAL A 420 -0.55 35.23 -30.03
C VAL A 420 0.40 35.61 -31.11
N ILE A 421 0.05 36.64 -31.89
CA ILE A 421 0.86 37.00 -33.02
C ILE A 421 1.48 38.33 -32.72
N ALA A 422 2.81 38.36 -32.53
CA ALA A 422 3.46 39.60 -32.22
C ALA A 422 4.48 39.91 -33.27
N TRP A 423 4.62 41.21 -33.60
CA TRP A 423 5.64 41.65 -34.51
C TRP A 423 5.95 43.07 -34.17
N ASN A 424 7.24 43.42 -34.09
CA ASN A 424 7.57 44.77 -33.70
C ASN A 424 7.23 45.71 -34.81
N SER A 425 6.44 46.74 -34.47
CA SER A 425 6.04 47.74 -35.41
C SER A 425 6.88 48.94 -35.08
N ASN A 426 8.19 48.85 -35.40
CA ASN A 426 9.10 49.88 -35.02
C ASN A 426 8.81 51.14 -35.76
N ASN A 427 8.57 51.04 -37.07
CA ASN A 427 8.36 52.21 -37.86
C ASN A 427 7.10 52.92 -37.47
N LEU A 428 6.02 52.16 -37.21
CA LEU A 428 4.75 52.79 -36.97
C LEU A 428 4.75 53.62 -35.73
N ASP A 429 5.23 53.09 -34.59
CA ASP A 429 5.12 53.88 -33.40
C ASP A 429 6.42 53.93 -32.65
N SER A 430 7.29 54.89 -33.03
CA SER A 430 8.47 55.19 -32.28
C SER A 430 9.04 56.44 -32.87
N LYS A 431 9.40 57.43 -32.01
CA LYS A 431 9.89 58.70 -32.47
C LYS A 431 11.07 59.10 -31.64
N VAL A 432 11.85 60.07 -32.13
CA VAL A 432 13.07 60.55 -31.52
C VAL A 432 12.78 61.13 -30.16
N GLY A 433 11.65 61.82 -29.99
CA GLY A 433 11.34 62.34 -28.69
C GLY A 433 11.02 61.19 -27.79
N GLY A 434 10.47 60.10 -28.36
CA GLY A 434 9.98 59.00 -27.62
C GLY A 434 8.51 59.11 -27.82
N ASN A 435 7.86 57.99 -28.20
CA ASN A 435 6.46 58.00 -28.49
C ASN A 435 5.73 57.52 -27.27
N TYR A 436 5.21 58.50 -26.51
CA TYR A 436 4.50 58.46 -25.26
C TYR A 436 3.07 58.03 -25.34
N ASN A 437 2.46 58.04 -26.52
CA ASN A 437 1.03 57.85 -26.66
C ASN A 437 0.55 56.61 -25.94
N TYR A 438 1.34 55.54 -25.82
CA TYR A 438 0.77 54.35 -25.25
C TYR A 438 1.08 54.25 -23.77
N LEU A 439 0.03 53.91 -22.97
CA LEU A 439 0.13 53.88 -21.54
C LEU A 439 -0.02 52.48 -21.02
N TYR A 440 0.40 52.24 -19.76
CA TYR A 440 0.22 50.96 -19.13
C TYR A 440 0.00 51.20 -17.66
N ARG A 441 -0.67 50.24 -16.98
CA ARG A 441 -0.98 50.40 -15.58
C ARG A 441 0.12 49.82 -14.75
N LEU A 442 0.77 50.65 -13.93
CA LEU A 442 1.82 50.23 -13.03
C LEU A 442 1.33 49.69 -11.71
N PHE A 443 0.36 50.39 -11.05
CA PHE A 443 -0.01 49.98 -9.71
C PHE A 443 -1.46 49.62 -9.72
N ARG A 444 -1.79 48.44 -9.16
CA ARG A 444 -3.16 48.04 -9.08
C ARG A 444 -3.23 47.08 -7.94
N LYS A 445 -4.31 47.15 -7.14
CA LYS A 445 -4.37 46.44 -5.90
C LYS A 445 -4.28 44.96 -6.09
N SER A 446 -4.96 44.40 -7.11
CA SER A 446 -4.92 42.98 -7.24
C SER A 446 -4.72 42.63 -8.68
N ASN A 447 -4.41 41.34 -8.94
CA ASN A 447 -4.20 40.89 -10.29
C ASN A 447 -5.52 40.86 -10.98
N LEU A 448 -5.49 41.06 -12.31
CA LEU A 448 -6.69 41.15 -13.11
C LEU A 448 -7.26 39.80 -13.41
N LYS A 449 -8.60 39.75 -13.57
CA LYS A 449 -9.29 38.57 -13.98
C LYS A 449 -9.08 38.45 -15.46
N PRO A 450 -9.33 37.32 -16.05
CA PRO A 450 -9.00 37.05 -17.42
C PRO A 450 -9.22 38.15 -18.43
N PHE A 451 -10.36 38.31 -19.09
CA PHE A 451 -10.28 39.36 -20.06
C PHE A 451 -10.90 40.58 -19.47
N GLU A 452 -10.50 40.91 -18.23
CA GLU A 452 -11.06 42.07 -17.58
C GLU A 452 -10.42 43.29 -18.17
N ARG A 453 -11.20 44.39 -18.27
CA ARG A 453 -10.65 45.62 -18.79
C ARG A 453 -10.86 46.67 -17.75
N ASP A 454 -9.75 47.26 -17.24
CA ASP A 454 -9.82 48.22 -16.19
C ASP A 454 -9.32 49.55 -16.70
N ILE A 455 -10.29 50.46 -16.90
CA ILE A 455 -10.12 51.82 -17.34
C ILE A 455 -9.71 52.78 -16.24
N SER A 456 -10.05 52.47 -14.98
CA SER A 456 -9.94 53.37 -13.85
C SER A 456 -8.67 54.18 -13.82
N THR A 457 -8.88 55.52 -13.77
CA THR A 457 -7.95 56.61 -13.64
C THR A 457 -7.60 56.89 -12.20
N GLU A 458 -8.35 56.34 -11.23
CA GLU A 458 -8.22 56.67 -9.84
C GLU A 458 -6.79 56.63 -9.36
N ILE A 459 -6.47 57.54 -8.42
CA ILE A 459 -5.17 57.63 -7.85
C ILE A 459 -4.97 56.44 -6.96
N TYR A 460 -3.72 55.92 -6.91
CA TYR A 460 -3.46 54.71 -6.17
C TYR A 460 -2.93 55.08 -4.83
N GLN A 461 -3.65 54.67 -3.77
CA GLN A 461 -3.28 55.00 -2.42
C GLN A 461 -2.34 53.95 -1.90
N ALA A 462 -1.04 54.22 -2.04
CA ALA A 462 0.03 53.38 -1.57
C ALA A 462 0.10 53.40 -0.07
N GLY A 463 -0.23 54.54 0.56
CA GLY A 463 -0.09 54.67 1.99
C GLY A 463 -1.37 54.46 2.72
N SER A 464 -1.33 54.78 4.04
CA SER A 464 -2.42 54.66 4.97
C SER A 464 -3.39 55.80 4.81
N THR A 465 -2.97 56.90 4.15
CA THR A 465 -3.83 58.05 4.05
C THR A 465 -4.36 58.17 2.67
N PRO A 466 -5.51 58.79 2.55
CA PRO A 466 -6.16 58.98 1.29
C PRO A 466 -5.58 60.06 0.43
N CYS A 467 -5.58 59.83 -0.89
CA CYS A 467 -5.08 60.69 -1.93
C CYS A 467 -5.96 61.86 -2.22
N ASN A 468 -7.28 61.64 -2.29
CA ASN A 468 -8.18 62.71 -2.62
C ASN A 468 -7.87 63.22 -4.00
N GLY A 469 -7.26 62.38 -4.86
CA GLY A 469 -7.01 62.77 -6.22
C GLY A 469 -5.77 63.61 -6.31
N VAL A 470 -4.98 63.73 -5.23
CA VAL A 470 -3.81 64.56 -5.36
C VAL A 470 -2.60 63.68 -5.30
N GLU A 471 -1.78 63.70 -6.37
CA GLU A 471 -0.63 62.83 -6.40
C GLU A 471 0.40 63.38 -5.47
N GLY A 472 1.25 62.49 -4.93
CA GLY A 472 2.24 62.90 -4.00
C GLY A 472 2.81 61.67 -3.37
N PHE A 473 3.27 61.79 -2.12
CA PHE A 473 3.86 60.67 -1.43
C PHE A 473 2.80 59.64 -1.24
N ASN A 474 3.13 58.37 -1.54
CA ASN A 474 2.24 57.26 -1.41
C ASN A 474 1.03 57.54 -2.22
N CYS A 475 1.16 58.43 -3.20
CA CYS A 475 0.02 58.73 -3.99
C CYS A 475 0.53 58.75 -5.40
N TYR A 476 0.37 57.61 -6.11
CA TYR A 476 0.98 57.54 -7.39
C TYR A 476 -0.08 57.31 -8.42
N PHE A 477 0.04 58.02 -9.56
CA PHE A 477 -0.88 57.77 -10.64
C PHE A 477 -0.49 56.44 -11.18
N PRO A 478 -1.46 55.58 -11.31
CA PRO A 478 -1.29 54.21 -11.70
C PRO A 478 -0.90 53.98 -13.13
N LEU A 479 -0.83 55.02 -13.98
CA LEU A 479 -0.53 54.78 -15.36
C LEU A 479 0.79 55.39 -15.70
N GLN A 480 1.67 54.62 -16.37
CA GLN A 480 2.95 55.14 -16.78
C GLN A 480 2.99 55.02 -18.28
N SER A 481 3.90 55.78 -18.93
CA SER A 481 3.97 55.79 -20.37
C SER A 481 5.25 55.14 -20.80
N TYR A 482 5.17 54.18 -21.76
CA TYR A 482 6.37 53.49 -22.18
C TYR A 482 7.36 54.41 -22.85
N GLY A 483 6.98 55.00 -24.00
CA GLY A 483 7.85 55.90 -24.71
C GLY A 483 8.51 55.23 -25.90
N PHE A 484 9.10 54.03 -25.73
CA PHE A 484 9.73 53.35 -26.84
C PHE A 484 10.65 54.23 -27.64
N GLN A 485 11.87 54.54 -27.13
CA GLN A 485 12.82 55.34 -27.89
C GLN A 485 12.92 54.70 -29.25
N PRO A 486 12.82 55.54 -30.25
CA PRO A 486 12.67 55.08 -31.59
C PRO A 486 13.62 54.01 -32.03
N THR A 487 14.93 54.29 -31.98
CA THR A 487 15.99 53.42 -32.40
C THR A 487 16.48 52.45 -31.37
N ASN A 488 16.38 52.83 -30.07
CA ASN A 488 17.02 52.21 -28.95
C ASN A 488 16.55 50.85 -28.49
N GLY A 489 15.23 50.60 -28.42
CA GLY A 489 14.78 49.44 -27.69
C GLY A 489 15.10 48.10 -28.28
N VAL A 490 15.84 47.26 -27.50
CA VAL A 490 15.92 45.88 -27.84
C VAL A 490 14.66 45.23 -27.36
N GLY A 491 14.41 45.35 -26.04
CA GLY A 491 13.24 45.01 -25.26
C GLY A 491 12.22 46.11 -25.32
N TYR A 492 12.72 47.34 -25.52
CA TYR A 492 12.05 48.61 -25.53
C TYR A 492 11.15 48.86 -26.70
N GLN A 493 11.13 48.00 -27.74
CA GLN A 493 10.31 48.33 -28.87
C GLN A 493 8.91 47.81 -28.73
N PRO A 494 7.99 48.46 -29.40
CA PRO A 494 6.62 48.03 -29.34
C PRO A 494 6.43 46.76 -30.08
N TYR A 495 5.90 45.71 -29.42
CA TYR A 495 5.57 44.53 -30.15
C TYR A 495 4.09 44.54 -30.25
N ARG A 496 3.59 44.85 -31.47
CA ARG A 496 2.17 44.91 -31.62
C ARG A 496 1.67 43.51 -31.51
N VAL A 497 0.87 43.23 -30.46
CA VAL A 497 0.47 41.88 -30.27
C VAL A 497 -1.01 41.76 -30.48
N VAL A 498 -1.41 40.89 -31.43
CA VAL A 498 -2.79 40.64 -31.65
C VAL A 498 -3.04 39.25 -31.15
N VAL A 499 -4.09 39.06 -30.33
CA VAL A 499 -4.37 37.77 -29.80
C VAL A 499 -5.72 37.35 -30.28
N LEU A 500 -5.81 36.11 -30.79
CA LEU A 500 -7.06 35.61 -31.28
C LEU A 500 -7.59 34.67 -30.25
N SER A 501 -8.81 34.92 -29.76
CA SER A 501 -9.39 34.07 -28.75
C SER A 501 -10.44 33.27 -29.43
N PHE A 502 -10.42 31.93 -29.24
CA PHE A 502 -11.38 31.15 -29.94
C PHE A 502 -12.46 30.69 -29.01
N GLU A 503 -13.72 30.96 -29.41
CA GLU A 503 -14.85 30.63 -28.60
C GLU A 503 -15.81 29.79 -29.39
N LEU A 504 -16.25 28.66 -28.81
CA LEU A 504 -17.25 27.80 -29.39
C LEU A 504 -18.37 27.77 -28.39
N LEU A 505 -19.63 27.83 -28.83
CA LEU A 505 -20.70 27.90 -27.88
C LEU A 505 -21.75 26.87 -28.18
N HIS A 506 -22.98 27.15 -27.74
CA HIS A 506 -24.09 26.29 -28.01
C HIS A 506 -24.42 26.43 -29.47
N ALA A 507 -24.22 27.66 -29.98
CA ALA A 507 -24.60 28.12 -31.29
C ALA A 507 -23.75 27.61 -32.39
N PRO A 508 -24.32 27.86 -33.54
CA PRO A 508 -23.73 27.52 -34.81
C PRO A 508 -22.51 28.35 -35.07
N ALA A 509 -21.52 27.78 -35.79
CA ALA A 509 -20.30 28.50 -36.03
C ALA A 509 -20.53 29.60 -37.01
N THR A 510 -20.11 30.84 -36.66
CA THR A 510 -20.15 31.96 -37.56
C THR A 510 -18.92 32.01 -38.43
N VAL A 511 -17.74 31.75 -37.84
CA VAL A 511 -16.52 31.84 -38.60
C VAL A 511 -16.03 30.43 -38.79
N CYS A 512 -15.82 30.03 -40.06
CA CYS A 512 -15.47 28.66 -40.34
C CYS A 512 -14.45 28.65 -41.43
N GLY A 513 -13.79 27.48 -41.60
CA GLY A 513 -12.75 27.32 -42.59
C GLY A 513 -13.36 27.34 -43.95
N PRO A 514 -12.50 27.56 -44.91
CA PRO A 514 -12.90 27.68 -46.29
C PRO A 514 -13.00 26.43 -47.09
N LYS A 515 -13.62 26.63 -48.25
CA LYS A 515 -13.95 25.81 -49.35
C LYS A 515 -13.70 24.38 -49.22
N LYS A 516 -14.87 23.72 -49.30
CA LYS A 516 -15.08 22.35 -49.43
C LYS A 516 -16.46 22.00 -48.99
N SER A 517 -17.52 22.44 -49.71
CA SER A 517 -18.80 21.89 -49.34
C SER A 517 -19.00 20.80 -50.36
N THR A 518 -18.95 19.53 -49.91
CA THR A 518 -19.02 18.45 -50.86
C THR A 518 -20.38 17.85 -50.87
N ASN A 519 -20.63 16.92 -51.81
CA ASN A 519 -21.92 16.29 -51.90
C ASN A 519 -22.05 15.37 -50.74
N LEU A 520 -23.16 15.49 -50.00
CA LEU A 520 -23.35 14.65 -48.86
C LEU A 520 -23.78 13.30 -49.37
N VAL A 521 -23.23 12.22 -48.78
CA VAL A 521 -23.57 10.89 -49.17
C VAL A 521 -24.22 10.23 -48.01
N LYS A 522 -25.27 9.43 -48.26
CA LYS A 522 -26.00 8.84 -47.17
C LYS A 522 -25.84 7.35 -47.20
N ASN A 523 -26.09 6.72 -46.04
CA ASN A 523 -26.08 5.29 -45.87
C ASN A 523 -24.77 4.70 -46.28
N LYS A 524 -23.65 5.33 -45.88
CA LYS A 524 -22.37 4.75 -46.19
C LYS A 524 -21.39 5.20 -45.15
N CYS A 525 -20.44 4.33 -44.79
CA CYS A 525 -19.46 4.67 -43.80
C CYS A 525 -18.54 5.67 -44.40
N VAL A 526 -18.51 6.89 -43.83
CA VAL A 526 -17.64 7.89 -44.35
C VAL A 526 -17.16 8.71 -43.20
N ASN A 527 -16.04 9.43 -43.45
CA ASN A 527 -15.47 10.37 -42.52
C ASN A 527 -16.24 11.63 -42.75
N PHE A 528 -16.62 12.37 -41.69
CA PHE A 528 -17.41 13.55 -41.94
C PHE A 528 -16.94 14.69 -41.08
N ASN A 529 -17.10 15.92 -41.62
CA ASN A 529 -16.74 17.10 -40.90
C ASN A 529 -17.83 18.12 -41.10
N PHE A 530 -18.64 18.36 -40.05
CA PHE A 530 -19.66 19.37 -40.15
C PHE A 530 -19.27 20.46 -39.22
N ASN A 531 -18.91 21.63 -39.78
CA ASN A 531 -18.58 22.79 -39.02
C ASN A 531 -17.45 22.50 -38.07
N GLY A 532 -16.55 21.57 -38.43
CA GLY A 532 -15.41 21.29 -37.61
C GLY A 532 -15.63 20.07 -36.78
N LEU A 533 -16.88 19.58 -36.68
CA LEU A 533 -17.15 18.41 -35.90
C LEU A 533 -16.72 17.26 -36.77
N THR A 534 -15.67 16.53 -36.35
CA THR A 534 -15.17 15.47 -37.18
C THR A 534 -15.41 14.14 -36.56
N GLY A 535 -15.68 13.13 -37.42
CA GLY A 535 -15.95 11.81 -36.92
C GLY A 535 -16.21 10.91 -38.09
N THR A 536 -16.46 9.61 -37.78
CA THR A 536 -16.74 8.64 -38.80
C THR A 536 -18.02 7.96 -38.48
N GLY A 537 -18.87 7.71 -39.49
CA GLY A 537 -20.13 7.07 -39.23
C GLY A 537 -20.93 7.02 -40.50
N VAL A 538 -22.21 6.63 -40.38
CA VAL A 538 -23.08 6.55 -41.51
C VAL A 538 -24.13 7.61 -41.34
N LEU A 539 -24.29 8.47 -42.37
CA LEU A 539 -25.22 9.55 -42.26
C LEU A 539 -26.51 9.10 -42.87
N THR A 540 -27.60 9.14 -42.09
CA THR A 540 -28.86 8.71 -42.60
C THR A 540 -29.87 9.76 -42.26
N GLU A 541 -30.98 9.79 -43.01
CA GLU A 541 -32.00 10.76 -42.70
C GLU A 541 -32.63 10.32 -41.42
N SER A 542 -32.94 11.28 -40.53
CA SER A 542 -33.46 10.92 -39.24
C SER A 542 -34.84 11.45 -39.08
N ASN A 543 -35.55 10.95 -38.05
CA ASN A 543 -36.89 11.40 -37.78
C ASN A 543 -36.91 12.06 -36.43
N LYS A 544 -35.86 12.83 -36.10
CA LYS A 544 -35.84 13.48 -34.82
C LYS A 544 -36.57 14.78 -34.99
N LYS A 545 -37.29 15.24 -33.95
CA LYS A 545 -37.98 16.49 -34.08
C LYS A 545 -37.10 17.56 -33.53
N PHE A 546 -36.23 18.13 -34.38
CA PHE A 546 -35.39 19.18 -33.88
C PHE A 546 -36.17 20.45 -33.90
N LEU A 547 -35.89 21.34 -32.93
CA LEU A 547 -36.50 22.64 -32.87
C LEU A 547 -35.69 23.52 -33.79
N PRO A 548 -36.31 24.55 -34.30
CA PRO A 548 -35.66 25.36 -35.29
C PRO A 548 -34.38 25.98 -34.83
N PHE A 549 -34.23 26.22 -33.52
CA PHE A 549 -33.01 26.78 -33.00
C PHE A 549 -31.90 25.78 -32.81
N GLN A 550 -32.23 24.51 -32.47
CA GLN A 550 -31.23 23.55 -32.07
C GLN A 550 -30.35 23.12 -33.21
N GLN A 551 -29.02 23.28 -33.04
CA GLN A 551 -28.03 22.93 -34.03
C GLN A 551 -27.83 21.45 -34.17
N PHE A 552 -27.68 20.71 -33.04
CA PHE A 552 -27.46 19.29 -33.15
C PHE A 552 -27.74 18.66 -31.82
N GLY A 553 -27.72 17.30 -31.77
CA GLY A 553 -28.08 16.61 -30.57
C GLY A 553 -26.93 15.76 -30.09
N ARG A 554 -27.09 15.18 -28.88
CA ARG A 554 -26.06 14.36 -28.31
C ARG A 554 -26.68 13.15 -27.69
N ASP A 555 -25.89 12.08 -27.53
CA ASP A 555 -26.32 10.86 -26.89
C ASP A 555 -25.98 10.97 -25.44
N ILE A 556 -26.24 9.89 -24.67
CA ILE A 556 -25.96 9.85 -23.26
C ILE A 556 -24.48 9.97 -23.07
N ALA A 557 -23.71 9.42 -24.01
CA ALA A 557 -22.28 9.34 -24.05
C ALA A 557 -21.65 10.71 -24.12
N ASP A 558 -22.43 11.76 -24.46
CA ASP A 558 -21.89 13.08 -24.66
C ASP A 558 -21.14 13.05 -25.95
N THR A 559 -21.66 12.26 -26.90
CA THR A 559 -21.11 12.17 -28.22
C THR A 559 -22.20 12.56 -29.18
N THR A 560 -21.82 13.10 -30.36
CA THR A 560 -22.80 13.57 -31.30
C THR A 560 -23.68 12.48 -31.81
N ASP A 561 -24.98 12.62 -31.47
CA ASP A 561 -26.05 11.77 -31.92
C ASP A 561 -26.52 12.16 -33.29
N ALA A 562 -26.59 13.48 -33.58
CA ALA A 562 -27.13 13.87 -34.87
C ALA A 562 -26.71 15.28 -35.15
N VAL A 563 -26.76 15.66 -36.44
CA VAL A 563 -26.41 16.99 -36.84
C VAL A 563 -27.36 17.41 -37.93
N ARG A 564 -27.43 18.73 -38.19
CA ARG A 564 -28.21 19.28 -39.26
C ARG A 564 -27.23 19.98 -40.15
N ASP A 565 -27.36 19.81 -41.48
CA ASP A 565 -26.38 20.30 -42.41
C ASP A 565 -26.34 21.80 -42.41
N PRO A 566 -25.14 22.34 -42.48
CA PRO A 566 -25.00 23.77 -42.56
C PRO A 566 -25.55 24.28 -43.86
N GLN A 567 -25.45 23.48 -44.95
CA GLN A 567 -25.98 23.85 -46.23
C GLN A 567 -27.47 23.67 -46.30
N THR A 568 -27.98 22.51 -45.85
CA THR A 568 -29.39 22.25 -46.01
C THR A 568 -29.95 21.98 -44.66
N LEU A 569 -31.17 22.51 -44.39
CA LEU A 569 -31.75 22.29 -43.10
C LEU A 569 -32.37 20.94 -43.13
N GLU A 570 -31.52 19.89 -43.03
CA GLU A 570 -31.99 18.54 -43.02
C GLU A 570 -31.37 17.89 -41.81
N ILE A 571 -32.08 16.93 -41.21
CA ILE A 571 -31.62 16.32 -40.00
C ILE A 571 -31.02 14.98 -40.30
N LEU A 572 -29.81 14.72 -39.77
CA LEU A 572 -29.14 13.48 -40.05
C LEU A 572 -28.72 12.83 -38.77
N ASP A 573 -29.00 11.52 -38.63
CA ASP A 573 -28.56 10.79 -37.47
C ASP A 573 -27.27 10.13 -37.86
N ILE A 574 -26.29 10.14 -36.94
CA ILE A 574 -25.01 9.57 -37.25
C ILE A 574 -24.87 8.28 -36.50
N THR A 575 -24.76 7.16 -37.25
CA THR A 575 -24.54 5.90 -36.60
C THR A 575 -23.18 5.46 -37.02
N PRO A 576 -22.34 5.15 -36.08
CA PRO A 576 -20.98 4.79 -36.41
C PRO A 576 -20.97 3.59 -37.28
N CYS A 577 -20.04 3.55 -38.25
CA CYS A 577 -19.95 2.51 -39.22
C CYS A 577 -19.72 1.20 -38.53
N SER A 578 -20.12 0.11 -39.22
CA SER A 578 -20.12 -1.24 -38.73
C SER A 578 -18.76 -1.66 -38.27
N PHE A 579 -18.67 -2.26 -37.06
CA PHE A 579 -17.45 -2.86 -36.61
C PHE A 579 -17.79 -3.87 -35.55
N GLY A 580 -16.81 -4.71 -35.14
CA GLY A 580 -17.11 -5.72 -34.16
C GLY A 580 -15.89 -6.55 -33.97
N GLY A 581 -15.91 -7.47 -32.98
CA GLY A 581 -14.74 -8.25 -32.70
C GLY A 581 -14.59 -9.34 -33.72
N VAL A 582 -13.35 -9.82 -33.89
CA VAL A 582 -13.05 -10.90 -34.80
C VAL A 582 -12.48 -12.01 -33.98
N SER A 583 -13.01 -13.24 -34.15
CA SER A 583 -12.50 -14.36 -33.42
C SER A 583 -12.30 -15.47 -34.38
N VAL A 584 -11.25 -16.30 -34.13
CA VAL A 584 -10.94 -17.38 -35.03
C VAL A 584 -11.31 -18.67 -34.38
N ILE A 585 -12.18 -19.45 -35.04
CA ILE A 585 -12.57 -20.72 -34.51
C ILE A 585 -11.74 -21.74 -35.24
N THR A 586 -10.79 -22.38 -34.52
CA THR A 586 -9.96 -23.36 -35.16
C THR A 586 -9.90 -24.58 -34.29
N PRO A 587 -9.68 -25.67 -34.96
CA PRO A 587 -9.40 -26.90 -34.28
C PRO A 587 -7.95 -26.84 -33.93
N GLY A 588 -7.43 -27.85 -33.19
CA GLY A 588 -6.05 -27.82 -32.82
C GLY A 588 -5.22 -27.78 -34.06
N THR A 589 -4.09 -27.05 -34.00
CA THR A 589 -3.19 -26.89 -35.10
C THR A 589 -2.62 -28.23 -35.42
N ASN A 590 -2.48 -29.09 -34.39
CA ASN A 590 -2.01 -30.40 -34.69
C ASN A 590 -3.02 -31.04 -35.60
N THR A 591 -4.32 -30.84 -35.28
CA THR A 591 -5.39 -31.44 -36.02
C THR A 591 -5.42 -30.94 -37.44
N SER A 592 -5.50 -29.61 -37.63
CA SER A 592 -5.62 -29.11 -38.98
C SER A 592 -5.34 -27.63 -39.00
N ASN A 593 -5.08 -27.11 -40.22
CA ASN A 593 -4.87 -25.72 -40.51
C ASN A 593 -6.17 -25.00 -40.76
N GLN A 594 -7.22 -25.71 -41.22
CA GLN A 594 -8.47 -25.11 -41.62
C GLN A 594 -9.04 -24.32 -40.49
N VAL A 595 -9.71 -23.18 -40.82
CA VAL A 595 -10.26 -22.35 -39.80
C VAL A 595 -11.60 -21.82 -40.23
N ALA A 596 -12.33 -21.22 -39.26
CA ALA A 596 -13.59 -20.58 -39.52
C ALA A 596 -13.54 -19.31 -38.73
N VAL A 597 -13.96 -18.17 -39.33
CA VAL A 597 -13.84 -16.90 -38.67
C VAL A 597 -15.19 -16.45 -38.19
N LEU A 598 -15.23 -15.80 -37.01
CA LEU A 598 -16.46 -15.32 -36.46
C LEU A 598 -16.41 -13.82 -36.43
N TYR A 599 -17.43 -13.15 -36.98
CA TYR A 599 -17.49 -11.71 -36.92
C TYR A 599 -18.55 -11.41 -35.91
N GLN A 600 -18.16 -10.80 -34.78
CA GLN A 600 -19.09 -10.60 -33.71
C GLN A 600 -20.07 -9.51 -34.02
N GLY A 601 -21.36 -9.81 -33.75
CA GLY A 601 -22.49 -8.93 -33.84
C GLY A 601 -22.49 -8.13 -35.11
N VAL A 602 -22.41 -8.81 -36.27
CA VAL A 602 -22.50 -8.08 -37.49
C VAL A 602 -23.33 -8.86 -38.47
N ASN A 603 -24.10 -8.15 -39.32
CA ASN A 603 -24.87 -8.79 -40.34
C ASN A 603 -23.89 -9.19 -41.40
N CYS A 604 -24.20 -10.29 -42.08
CA CYS A 604 -23.31 -10.87 -43.04
C CYS A 604 -23.09 -9.96 -44.20
N THR A 605 -24.01 -9.01 -44.41
CA THR A 605 -23.91 -8.13 -45.54
C THR A 605 -22.65 -7.32 -45.51
N GLU A 606 -22.28 -6.78 -44.34
CA GLU A 606 -21.19 -5.86 -44.13
C GLU A 606 -19.82 -6.42 -44.32
N VAL A 607 -19.63 -7.75 -44.22
CA VAL A 607 -18.31 -8.33 -44.29
C VAL A 607 -17.63 -7.84 -45.55
N PRO A 608 -18.28 -7.77 -46.66
CA PRO A 608 -17.58 -7.23 -47.81
C PRO A 608 -17.29 -5.77 -47.69
N VAL A 609 -18.16 -5.03 -46.96
CA VAL A 609 -18.05 -3.61 -46.78
C VAL A 609 -16.89 -3.20 -45.93
N ALA A 610 -16.70 -3.83 -44.74
CA ALA A 610 -15.66 -3.34 -43.87
C ALA A 610 -14.35 -3.55 -44.54
N ILE A 611 -14.21 -4.74 -45.13
CA ILE A 611 -13.04 -5.26 -45.76
C ILE A 611 -12.69 -4.48 -47.01
N HIS A 612 -13.69 -3.92 -47.73
CA HIS A 612 -13.43 -3.32 -49.00
C HIS A 612 -12.92 -4.40 -49.91
N ALA A 613 -13.74 -5.46 -50.01
CA ALA A 613 -13.50 -6.65 -50.77
C ALA A 613 -13.35 -6.33 -52.22
N ASP A 614 -14.06 -5.30 -52.69
CA ASP A 614 -14.07 -4.90 -54.07
C ASP A 614 -12.69 -4.59 -54.57
N GLN A 615 -11.84 -3.99 -53.72
CA GLN A 615 -10.50 -3.59 -54.06
C GLN A 615 -9.57 -4.76 -54.22
N LEU A 616 -9.75 -5.82 -53.42
CA LEU A 616 -8.85 -6.93 -53.27
C LEU A 616 -8.80 -7.83 -54.47
N THR A 617 -7.78 -8.72 -54.46
CA THR A 617 -7.57 -9.68 -55.52
C THR A 617 -8.57 -10.78 -55.31
N PRO A 618 -8.81 -11.53 -56.35
CA PRO A 618 -9.77 -12.61 -56.33
C PRO A 618 -9.44 -13.66 -55.32
N THR A 619 -8.17 -13.81 -54.92
CA THR A 619 -7.81 -14.82 -53.95
C THR A 619 -8.46 -14.48 -52.64
N TRP A 620 -8.46 -13.19 -52.28
CA TRP A 620 -9.01 -12.64 -51.06
C TRP A 620 -10.51 -12.69 -51.06
N ARG A 621 -11.11 -12.40 -52.23
CA ARG A 621 -12.52 -12.23 -52.42
C ARG A 621 -13.29 -13.45 -52.05
N VAL A 622 -12.68 -14.65 -52.20
CA VAL A 622 -13.40 -15.86 -51.92
C VAL A 622 -13.93 -15.83 -50.52
N TYR A 623 -13.14 -15.31 -49.57
CA TYR A 623 -13.45 -15.25 -48.17
C TYR A 623 -14.59 -14.32 -47.89
N SER A 624 -14.73 -13.23 -48.67
CA SER A 624 -15.68 -12.19 -48.39
C SER A 624 -17.07 -12.76 -48.26
N THR A 625 -17.53 -13.53 -49.25
CA THR A 625 -18.85 -14.08 -49.20
C THR A 625 -18.83 -15.34 -50.00
N GLY A 626 -19.99 -16.04 -50.08
CA GLY A 626 -20.02 -17.26 -50.83
C GLY A 626 -21.22 -18.02 -50.40
N SER A 627 -21.33 -19.27 -50.88
CA SER A 627 -22.44 -20.09 -50.52
C SER A 627 -22.33 -20.40 -49.07
N ASN A 628 -21.09 -20.58 -48.56
CA ASN A 628 -20.97 -20.94 -47.18
C ASN A 628 -20.79 -19.73 -46.33
N VAL A 629 -21.92 -19.13 -45.89
CA VAL A 629 -21.87 -18.05 -44.96
C VAL A 629 -23.03 -18.29 -44.06
N PHE A 630 -22.80 -18.22 -42.74
CA PHE A 630 -23.88 -18.49 -41.83
C PHE A 630 -24.02 -17.34 -40.90
N GLN A 631 -25.27 -16.95 -40.60
CA GLN A 631 -25.44 -15.86 -39.70
C GLN A 631 -26.09 -16.36 -38.46
N THR A 632 -25.62 -15.83 -37.31
CA THR A 632 -26.09 -16.22 -36.02
C THR A 632 -26.40 -14.95 -35.29
N ARG A 633 -27.07 -15.08 -34.13
CA ARG A 633 -27.42 -13.96 -33.30
C ARG A 633 -26.12 -13.34 -32.85
N ALA A 634 -25.11 -14.19 -32.60
CA ALA A 634 -23.83 -13.77 -32.13
C ALA A 634 -23.13 -12.91 -33.15
N GLY A 635 -23.24 -13.22 -34.46
CA GLY A 635 -22.55 -12.41 -35.42
C GLY A 635 -22.52 -13.14 -36.73
N CYS A 636 -21.62 -12.73 -37.65
CA CYS A 636 -21.58 -13.38 -38.93
C CYS A 636 -20.40 -14.32 -38.96
N LEU A 637 -20.70 -15.62 -39.14
CA LEU A 637 -19.73 -16.67 -39.13
C LEU A 637 -19.47 -17.09 -40.54
N ILE A 638 -18.18 -17.11 -40.93
CA ILE A 638 -17.84 -17.46 -42.27
C ILE A 638 -16.85 -18.58 -42.19
N GLY A 639 -16.87 -19.50 -43.18
CA GLY A 639 -15.94 -20.59 -43.17
C GLY A 639 -16.55 -21.78 -42.49
N ALA A 640 -17.85 -21.72 -42.14
CA ALA A 640 -18.43 -22.84 -41.46
C ALA A 640 -19.68 -23.26 -42.16
N GLU A 641 -20.01 -24.57 -42.09
CA GLU A 641 -21.21 -25.08 -42.70
C GLU A 641 -22.19 -25.38 -41.61
N HIS A 642 -23.47 -25.04 -41.86
CA HIS A 642 -24.48 -25.26 -40.88
C HIS A 642 -24.82 -26.72 -40.87
N VAL A 643 -25.28 -27.24 -39.71
CA VAL A 643 -25.68 -28.61 -39.63
C VAL A 643 -26.99 -28.66 -38.91
N ASN A 644 -27.95 -29.45 -39.45
CA ASN A 644 -29.23 -29.60 -38.82
C ASN A 644 -29.11 -30.40 -37.56
N ASN A 645 -28.26 -31.44 -37.56
CA ASN A 645 -28.16 -32.35 -36.45
C ASN A 645 -27.64 -31.62 -35.25
N SER A 646 -28.01 -32.13 -34.05
CA SER A 646 -27.57 -31.52 -32.83
C SER A 646 -26.57 -32.41 -32.18
N TYR A 647 -25.45 -31.82 -31.71
CA TYR A 647 -24.41 -32.58 -31.09
C TYR A 647 -24.04 -31.86 -29.83
N GLU A 648 -23.12 -32.45 -29.05
CA GLU A 648 -22.62 -31.81 -27.86
C GLU A 648 -21.77 -30.68 -28.32
N CYS A 649 -21.51 -29.69 -27.43
CA CYS A 649 -20.78 -28.51 -27.78
C CYS A 649 -19.30 -28.71 -27.64
N ASP A 650 -18.56 -28.68 -28.79
CA ASP A 650 -17.11 -28.72 -28.79
C ASP A 650 -16.50 -27.38 -28.46
N ILE A 651 -16.86 -26.33 -29.22
CA ILE A 651 -16.35 -25.00 -29.00
C ILE A 651 -17.54 -24.09 -28.99
N PRO A 652 -17.73 -23.33 -27.95
CA PRO A 652 -18.87 -22.44 -27.91
C PRO A 652 -18.72 -21.23 -28.76
N ILE A 653 -19.68 -20.99 -29.69
CA ILE A 653 -19.72 -19.79 -30.49
C ILE A 653 -20.43 -18.64 -29.83
N GLY A 654 -21.69 -18.90 -29.38
CA GLY A 654 -22.54 -17.90 -28.82
C GLY A 654 -23.93 -18.13 -29.32
N ALA A 655 -24.94 -17.72 -28.53
CA ALA A 655 -26.33 -17.86 -28.91
C ALA A 655 -26.67 -19.29 -29.18
N GLY A 656 -26.01 -20.24 -28.50
CA GLY A 656 -26.39 -21.62 -28.60
C GLY A 656 -25.73 -22.32 -29.76
N ILE A 657 -24.77 -21.67 -30.46
CA ILE A 657 -24.16 -22.31 -31.58
C ILE A 657 -22.81 -22.81 -31.18
N CYS A 658 -22.46 -24.06 -31.56
CA CYS A 658 -21.16 -24.59 -31.23
C CYS A 658 -20.56 -25.18 -32.46
N ALA A 659 -19.24 -24.99 -32.64
CA ALA A 659 -18.55 -25.44 -33.81
C ALA A 659 -17.62 -26.55 -33.46
N SER A 660 -17.28 -27.38 -34.47
CA SER A 660 -16.38 -28.47 -34.25
C SER A 660 -15.83 -28.89 -35.58
N TYR A 661 -14.81 -29.76 -35.54
CA TYR A 661 -14.12 -30.25 -36.69
C TYR A 661 -14.48 -31.69 -36.80
N GLN A 662 -15.26 -32.05 -37.84
CA GLN A 662 -15.67 -33.42 -37.85
C GLN A 662 -15.54 -33.99 -39.21
N THR A 663 -15.34 -35.32 -39.26
CA THR A 663 -15.19 -36.01 -40.50
C THR A 663 -16.56 -36.36 -40.95
N GLN A 664 -16.67 -37.22 -41.98
CA GLN A 664 -17.98 -37.49 -42.48
C GLN A 664 -18.81 -38.10 -41.40
N THR A 665 -18.33 -39.18 -40.75
CA THR A 665 -19.19 -39.72 -39.75
C THR A 665 -18.47 -40.71 -38.90
N ASN A 666 -18.93 -40.82 -37.63
CA ASN A 666 -18.50 -41.80 -36.67
C ASN A 666 -17.02 -41.99 -36.71
N SER A 667 -16.23 -40.93 -36.50
CA SER A 667 -14.81 -41.15 -36.50
C SER A 667 -14.36 -41.12 -35.08
N PRO A 668 -13.67 -42.16 -34.70
CA PRO A 668 -13.17 -42.30 -33.37
C PRO A 668 -12.25 -41.14 -33.13
N GLY A 669 -12.10 -40.71 -31.86
CA GLY A 669 -11.20 -39.63 -31.61
C GLY A 669 -9.90 -40.22 -31.16
N SER A 670 -8.86 -39.98 -31.96
CA SER A 670 -7.53 -40.46 -31.68
C SER A 670 -6.66 -39.78 -32.67
N ALA A 671 -5.56 -40.44 -33.07
CA ALA A 671 -4.71 -39.84 -34.04
C ALA A 671 -5.58 -39.60 -35.24
N GLY A 672 -5.40 -38.43 -35.87
CA GLY A 672 -6.24 -38.07 -36.97
C GLY A 672 -5.69 -38.72 -38.19
N SER A 673 -6.58 -39.04 -39.13
CA SER A 673 -6.17 -39.63 -40.37
C SER A 673 -6.68 -38.73 -41.42
N VAL A 674 -6.13 -38.83 -42.65
CA VAL A 674 -6.59 -37.94 -43.67
C VAL A 674 -7.94 -38.39 -44.10
N ALA A 675 -8.86 -37.42 -44.27
CA ALA A 675 -10.18 -37.72 -44.73
C ALA A 675 -10.80 -36.41 -45.07
N SER A 676 -11.92 -36.43 -45.81
CA SER A 676 -12.53 -35.17 -46.11
C SER A 676 -13.00 -34.62 -44.81
N GLN A 677 -12.79 -33.30 -44.59
CA GLN A 677 -13.16 -32.77 -43.32
C GLN A 677 -13.59 -31.35 -43.54
N SER A 678 -14.34 -30.80 -42.58
CA SER A 678 -14.75 -29.43 -42.68
C SER A 678 -15.09 -28.97 -41.30
N ILE A 679 -15.34 -27.65 -41.14
CA ILE A 679 -15.71 -27.13 -39.86
C ILE A 679 -17.18 -26.85 -39.95
N ILE A 680 -17.95 -27.32 -38.94
CA ILE A 680 -19.37 -27.11 -38.95
C ILE A 680 -19.79 -26.39 -37.72
N ALA A 681 -20.93 -25.67 -37.81
CA ALA A 681 -21.51 -24.98 -36.69
C ALA A 681 -22.95 -25.42 -36.61
N TYR A 682 -23.44 -25.68 -35.38
CA TYR A 682 -24.80 -26.14 -35.25
C TYR A 682 -25.35 -25.70 -33.93
N THR A 683 -26.70 -25.69 -33.82
CA THR A 683 -27.29 -25.34 -32.55
C THR A 683 -26.89 -26.44 -31.62
N MET A 684 -26.28 -26.06 -30.49
CA MET A 684 -25.75 -27.05 -29.59
C MET A 684 -26.88 -27.84 -29.02
N SER A 685 -26.61 -29.13 -28.77
CA SER A 685 -27.61 -29.98 -28.22
C SER A 685 -27.46 -29.92 -26.75
N LEU A 686 -28.60 -29.78 -26.06
CA LEU A 686 -28.63 -29.76 -24.63
C LEU A 686 -28.30 -31.14 -24.17
N GLY A 687 -28.52 -32.12 -25.07
CA GLY A 687 -28.22 -33.49 -24.77
C GLY A 687 -29.30 -34.29 -25.45
N ALA A 688 -29.30 -35.62 -25.25
CA ALA A 688 -30.35 -36.39 -25.82
C ALA A 688 -31.56 -36.16 -24.97
N GLU A 689 -32.74 -35.98 -25.60
CA GLU A 689 -33.92 -35.74 -24.84
C GLU A 689 -34.37 -37.05 -24.27
N ASN A 690 -34.86 -37.07 -23.02
CA ASN A 690 -35.37 -38.29 -22.48
C ASN A 690 -36.60 -37.99 -21.69
N SER A 691 -37.78 -38.29 -22.26
CA SER A 691 -39.01 -38.10 -21.55
C SER A 691 -39.12 -39.23 -20.59
N VAL A 692 -40.09 -39.17 -19.66
CA VAL A 692 -40.19 -40.22 -18.69
C VAL A 692 -41.60 -40.75 -18.67
N ALA A 693 -41.75 -42.06 -18.39
CA ALA A 693 -43.07 -42.62 -18.35
C ALA A 693 -43.59 -42.40 -16.96
N TYR A 694 -44.42 -41.35 -16.81
CA TYR A 694 -45.01 -40.99 -15.55
C TYR A 694 -46.23 -41.83 -15.40
N SER A 695 -46.43 -42.40 -14.19
CA SER A 695 -47.58 -43.25 -14.02
C SER A 695 -48.13 -43.02 -12.65
N ASN A 696 -49.43 -43.31 -12.49
CA ASN A 696 -50.07 -43.26 -11.22
C ASN A 696 -49.57 -44.43 -10.42
N ASN A 697 -49.33 -45.58 -11.10
CA ASN A 697 -49.00 -46.73 -10.33
C ASN A 697 -47.86 -47.53 -10.90
N SER A 698 -46.68 -46.93 -11.07
CA SER A 698 -45.56 -47.72 -11.52
C SER A 698 -44.33 -47.13 -10.90
N ILE A 699 -43.35 -48.00 -10.54
CA ILE A 699 -42.13 -47.56 -9.94
C ILE A 699 -41.00 -48.25 -10.61
N ALA A 700 -39.85 -47.56 -10.81
CA ALA A 700 -38.73 -48.23 -11.42
C ALA A 700 -37.61 -48.30 -10.42
N ILE A 701 -37.40 -49.50 -9.87
CA ILE A 701 -36.39 -49.69 -8.86
C ILE A 701 -35.28 -50.45 -9.51
N PRO A 702 -34.07 -49.96 -9.39
CA PRO A 702 -32.96 -50.62 -10.03
C PRO A 702 -32.64 -51.96 -9.42
N THR A 703 -32.39 -52.96 -10.29
CA THR A 703 -31.96 -54.28 -9.93
C THR A 703 -30.48 -54.36 -9.69
N ASN A 704 -29.67 -53.64 -10.50
CA ASN A 704 -28.24 -53.78 -10.40
C ASN A 704 -27.65 -52.40 -10.29
N PHE A 705 -26.43 -52.29 -9.71
CA PHE A 705 -25.86 -51.00 -9.48
C PHE A 705 -24.46 -50.99 -9.96
N THR A 706 -23.75 -49.87 -9.73
CA THR A 706 -22.36 -49.80 -10.07
C THR A 706 -21.65 -49.13 -8.95
N ILE A 707 -20.32 -49.31 -8.91
CA ILE A 707 -19.49 -48.55 -8.04
C ILE A 707 -18.56 -47.86 -8.98
N SER A 708 -18.65 -46.52 -9.08
CA SER A 708 -17.82 -45.81 -10.01
C SER A 708 -16.85 -44.99 -9.22
N VAL A 709 -15.96 -44.27 -9.94
CA VAL A 709 -15.06 -43.34 -9.31
C VAL A 709 -14.77 -42.29 -10.33
N THR A 710 -14.64 -41.03 -9.89
CA THR A 710 -14.34 -39.94 -10.78
C THR A 710 -13.30 -39.10 -10.11
N THR A 711 -12.59 -38.25 -10.88
CA THR A 711 -11.57 -37.45 -10.26
C THR A 711 -12.00 -36.02 -10.28
N GLU A 712 -11.95 -35.38 -9.08
CA GLU A 712 -12.30 -34.00 -8.92
C GLU A 712 -11.02 -33.32 -8.53
N ILE A 713 -10.71 -32.17 -9.17
CA ILE A 713 -9.45 -31.52 -8.91
C ILE A 713 -9.70 -30.11 -8.46
N LEU A 714 -8.96 -29.67 -7.42
CA LEU A 714 -9.05 -28.31 -6.93
C LEU A 714 -7.67 -27.78 -6.68
N PRO A 715 -7.44 -26.51 -6.94
CA PRO A 715 -6.17 -25.93 -6.60
C PRO A 715 -6.14 -25.70 -5.11
N VAL A 716 -5.00 -25.95 -4.43
CA VAL A 716 -4.84 -25.61 -3.04
C VAL A 716 -4.11 -24.32 -2.81
N SER A 717 -2.95 -24.14 -3.49
CA SER A 717 -2.10 -23.03 -3.19
C SER A 717 -1.50 -22.50 -4.45
N MET A 718 -1.13 -21.22 -4.41
CA MET A 718 -0.47 -20.53 -5.50
C MET A 718 1.01 -20.69 -5.27
N THR A 719 1.84 -20.18 -6.21
CA THR A 719 3.26 -20.21 -6.04
C THR A 719 3.60 -19.02 -5.21
N LYS A 720 4.38 -19.21 -4.13
CA LYS A 720 4.63 -18.14 -3.21
C LYS A 720 5.64 -17.20 -3.77
N THR A 721 5.24 -16.41 -4.77
CA THR A 721 6.11 -15.46 -5.37
C THR A 721 6.25 -14.29 -4.44
N SER A 722 7.46 -13.70 -4.38
CA SER A 722 7.70 -12.54 -3.55
C SER A 722 8.38 -11.51 -4.39
N VAL A 723 8.05 -10.22 -4.16
CA VAL A 723 8.68 -9.21 -4.95
C VAL A 723 9.02 -8.03 -4.10
N ASP A 724 10.31 -7.65 -4.12
CA ASP A 724 10.75 -6.44 -3.50
C ASP A 724 10.45 -5.39 -4.49
N CYS A 725 9.90 -4.24 -4.06
CA CYS A 725 9.73 -3.23 -5.04
C CYS A 725 11.09 -2.71 -5.38
N THR A 726 11.98 -2.54 -4.38
CA THR A 726 13.18 -1.77 -4.56
C THR A 726 13.97 -2.18 -5.75
N MET A 727 14.31 -3.47 -5.89
CA MET A 727 15.03 -3.89 -7.07
C MET A 727 14.14 -3.82 -8.28
N TYR A 728 12.89 -4.30 -8.15
CA TYR A 728 12.01 -4.41 -9.28
C TYR A 728 11.83 -3.05 -9.87
N ILE A 729 11.62 -2.04 -9.01
CA ILE A 729 11.53 -0.69 -9.47
C ILE A 729 12.87 -0.03 -9.68
N CYS A 730 13.60 0.17 -8.56
CA CYS A 730 14.85 0.88 -8.43
C CYS A 730 16.14 0.15 -8.59
N GLY A 731 16.16 -1.19 -8.63
CA GLY A 731 17.31 -2.07 -8.65
C GLY A 731 18.65 -1.40 -8.71
N ASP A 732 19.34 -1.36 -7.55
CA ASP A 732 20.68 -0.84 -7.36
C ASP A 732 20.86 0.51 -7.97
N SER A 733 19.91 1.44 -7.74
CA SER A 733 20.08 2.78 -8.23
C SER A 733 19.68 3.68 -7.11
N THR A 734 20.67 4.31 -6.44
CA THR A 734 20.41 5.15 -5.32
C THR A 734 19.60 6.33 -5.78
N GLU A 735 19.95 6.85 -6.97
CA GLU A 735 19.29 8.01 -7.49
C GLU A 735 17.84 7.67 -7.68
N CYS A 736 17.55 6.41 -8.07
CA CYS A 736 16.20 5.97 -8.25
C CYS A 736 15.48 5.83 -6.93
N SER A 737 16.13 5.19 -5.95
CA SER A 737 15.47 4.83 -4.71
C SER A 737 15.00 6.03 -3.96
N ASN A 738 15.78 7.13 -3.97
CA ASN A 738 15.39 8.29 -3.21
C ASN A 738 14.10 8.80 -3.75
N LEU A 739 13.95 8.74 -5.07
CA LEU A 739 12.77 9.21 -5.76
C LEU A 739 11.62 8.33 -5.37
N LEU A 740 11.90 7.06 -5.02
CA LEU A 740 10.90 6.13 -4.61
C LEU A 740 10.31 6.52 -3.29
N LEU A 741 11.15 7.01 -2.36
CA LEU A 741 10.75 7.36 -1.02
C LEU A 741 9.71 8.43 -1.08
N GLN A 742 9.80 9.29 -2.10
CA GLN A 742 8.88 10.40 -2.26
C GLN A 742 7.49 9.84 -2.37
N TYR A 743 7.37 8.63 -2.94
CA TYR A 743 6.15 7.90 -3.16
C TYR A 743 5.53 7.42 -1.89
N GLY A 744 6.28 7.39 -0.78
CA GLY A 744 5.63 7.04 0.44
C GLY A 744 5.62 5.55 0.53
N SER A 745 4.56 5.03 1.16
CA SER A 745 4.33 3.66 1.57
C SER A 745 3.82 2.74 0.47
N PHE A 746 3.81 3.15 -0.81
CA PHE A 746 3.25 2.27 -1.80
C PHE A 746 3.95 0.95 -1.78
N CYS A 747 5.30 0.96 -1.67
CA CYS A 747 6.03 -0.29 -1.64
C CYS A 747 5.77 -1.10 -0.41
N THR A 748 5.93 -0.50 0.78
CA THR A 748 5.91 -1.26 2.00
C THR A 748 4.59 -1.94 2.10
N GLN A 749 3.55 -1.30 1.57
CA GLN A 749 2.25 -1.92 1.58
C GLN A 749 2.23 -3.10 0.64
N LEU A 750 2.77 -2.93 -0.59
CA LEU A 750 2.70 -3.97 -1.58
C LEU A 750 3.48 -5.16 -1.11
N ASN A 751 4.68 -4.92 -0.58
CA ASN A 751 5.51 -6.01 -0.14
C ASN A 751 4.78 -6.70 0.97
N ARG A 752 4.08 -5.93 1.81
CA ARG A 752 3.38 -6.52 2.92
C ARG A 752 2.32 -7.46 2.43
N ALA A 753 1.57 -7.03 1.39
CA ALA A 753 0.49 -7.83 0.90
C ALA A 753 0.99 -9.13 0.36
N LEU A 754 2.08 -9.09 -0.43
CA LEU A 754 2.57 -10.29 -1.05
C LEU A 754 3.02 -11.22 0.03
N THR A 755 3.64 -10.69 1.09
CA THR A 755 4.06 -11.53 2.18
C THR A 755 2.84 -12.12 2.82
N GLY A 756 1.79 -11.29 2.98
CA GLY A 756 0.59 -11.76 3.59
C GLY A 756 0.03 -12.85 2.73
N ILE A 757 0.13 -12.65 1.41
CA ILE A 757 -0.34 -13.64 0.49
C ILE A 757 0.49 -14.85 0.63
N ALA A 758 1.82 -14.69 0.78
CA ALA A 758 2.72 -15.80 0.81
C ALA A 758 2.40 -16.72 1.95
N VAL A 759 2.15 -16.17 3.14
CA VAL A 759 1.86 -16.98 4.30
C VAL A 759 0.55 -17.70 4.09
N GLU A 760 -0.37 -17.05 3.37
CA GLU A 760 -1.71 -17.52 3.20
C GLU A 760 -1.74 -18.89 2.59
N GLN A 761 -0.93 -19.15 1.54
CA GLN A 761 -0.99 -20.44 0.89
C GLN A 761 -0.60 -21.52 1.85
N ASP A 762 0.41 -21.26 2.70
CA ASP A 762 0.84 -22.24 3.64
C ASP A 762 -0.31 -22.52 4.56
N LYS A 763 -1.05 -21.46 4.93
CA LYS A 763 -2.17 -21.63 5.80
C LYS A 763 -3.15 -22.52 5.10
N ASN A 764 -3.28 -22.33 3.78
CA ASN A 764 -4.21 -23.14 3.03
C ASN A 764 -3.81 -24.58 3.12
N THR A 765 -2.50 -24.87 2.92
CA THR A 765 -2.07 -26.23 2.87
C THR A 765 -2.27 -26.90 4.20
N GLN A 766 -1.98 -26.19 5.29
CA GLN A 766 -2.13 -26.76 6.61
C GLN A 766 -3.59 -27.05 6.84
N GLU A 767 -4.47 -26.14 6.40
CA GLU A 767 -5.87 -26.36 6.62
C GLU A 767 -6.32 -27.57 5.86
N VAL A 768 -5.88 -27.71 4.60
CA VAL A 768 -6.37 -28.82 3.83
C VAL A 768 -5.87 -30.15 4.35
N PHE A 769 -4.54 -30.37 4.28
CA PHE A 769 -3.91 -31.63 4.61
C PHE A 769 -3.75 -31.90 6.09
N ALA A 770 -3.25 -30.90 6.81
CA ALA A 770 -2.75 -30.90 8.17
C ALA A 770 -3.78 -31.23 9.20
N GLN A 771 -5.00 -31.61 8.80
CA GLN A 771 -6.08 -31.83 9.73
C GLN A 771 -5.85 -32.93 10.76
N VAL A 772 -5.05 -33.98 10.47
CA VAL A 772 -4.91 -35.04 11.46
C VAL A 772 -3.72 -34.77 12.35
N LYS A 773 -3.88 -35.04 13.66
CA LYS A 773 -2.85 -34.84 14.63
C LYS A 773 -1.73 -35.82 14.45
N GLN A 774 -2.03 -37.08 14.10
CA GLN A 774 -0.98 -38.05 14.00
C GLN A 774 -1.02 -38.70 12.64
N ILE A 775 0.17 -38.97 12.08
CA ILE A 775 0.22 -39.61 10.80
C ILE A 775 0.20 -41.08 11.08
N TYR A 776 -0.91 -41.73 10.67
CA TYR A 776 -1.15 -43.13 10.87
C TYR A 776 -0.38 -43.91 9.86
N LYS A 777 -0.12 -45.21 10.14
CA LYS A 777 0.60 -46.05 9.24
C LYS A 777 -0.24 -47.27 8.95
N THR A 778 -0.23 -47.73 7.68
CA THR A 778 -0.94 -48.94 7.34
C THR A 778 -0.07 -50.10 7.71
N PRO A 779 -0.69 -51.22 8.02
CA PRO A 779 0.04 -52.40 8.41
C PRO A 779 0.59 -53.11 7.21
N PRO A 780 1.56 -53.96 7.40
CA PRO A 780 2.13 -54.73 6.33
C PRO A 780 1.09 -55.56 5.66
N ILE A 781 0.04 -55.99 6.39
CA ILE A 781 -0.97 -56.84 5.82
C ILE A 781 -2.07 -56.00 5.26
N LYS A 782 -2.31 -56.23 3.97
CA LYS A 782 -3.25 -55.65 3.07
C LYS A 782 -4.63 -56.22 3.19
N ASP A 783 -4.97 -57.05 4.22
CA ASP A 783 -6.24 -57.73 4.41
C ASP A 783 -7.44 -56.81 4.38
N PHE A 784 -7.70 -56.22 3.21
CA PHE A 784 -8.71 -55.30 2.79
C PHE A 784 -9.99 -55.95 2.34
N GLY A 785 -10.05 -57.28 2.23
CA GLY A 785 -11.32 -57.83 1.83
C GLY A 785 -11.41 -57.79 0.34
N GLY A 786 -10.26 -57.58 -0.33
CA GLY A 786 -10.26 -57.61 -1.77
C GLY A 786 -10.10 -56.24 -2.33
N PHE A 787 -10.41 -55.18 -1.55
CA PHE A 787 -10.25 -53.86 -2.10
C PHE A 787 -8.76 -53.64 -2.24
N ASN A 788 -8.32 -53.16 -3.42
CA ASN A 788 -6.91 -53.05 -3.71
C ASN A 788 -6.48 -51.61 -3.74
N PHE A 789 -5.87 -51.15 -2.63
CA PHE A 789 -5.36 -49.83 -2.37
C PHE A 789 -3.97 -49.59 -2.92
N SER A 790 -3.24 -50.66 -3.28
CA SER A 790 -1.82 -50.61 -3.55
C SER A 790 -1.46 -49.46 -4.43
N GLN A 791 -2.35 -49.01 -5.33
CA GLN A 791 -2.02 -47.90 -6.17
C GLN A 791 -2.02 -46.59 -5.40
N ILE A 792 -3.01 -46.39 -4.51
CA ILE A 792 -3.16 -45.21 -3.70
C ILE A 792 -2.22 -45.13 -2.53
N LEU A 793 -1.99 -46.26 -1.83
CA LEU A 793 -1.11 -46.23 -0.68
C LEU A 793 0.28 -46.00 -1.19
N PRO A 794 1.07 -45.28 -0.44
CA PRO A 794 2.38 -44.95 -0.91
C PRO A 794 3.28 -46.15 -1.02
N ASP A 795 4.23 -46.10 -1.97
CA ASP A 795 5.16 -47.17 -2.18
C ASP A 795 6.39 -46.82 -1.40
N PRO A 796 6.78 -47.70 -0.52
CA PRO A 796 7.93 -47.44 0.31
C PRO A 796 9.23 -47.42 -0.44
N SER A 797 9.30 -48.03 -1.63
CA SER A 797 10.55 -48.14 -2.33
C SER A 797 11.13 -46.81 -2.66
N LYS A 798 10.32 -45.90 -3.24
CA LYS A 798 10.85 -44.65 -3.70
C LYS A 798 11.26 -43.81 -2.53
N PRO A 799 12.30 -43.06 -2.76
CA PRO A 799 12.82 -42.17 -1.75
C PRO A 799 11.70 -41.30 -1.27
N SER A 800 10.83 -40.85 -2.19
CA SER A 800 9.70 -40.06 -1.78
C SER A 800 8.59 -41.03 -1.63
N LYS A 801 8.08 -41.17 -0.39
CA LYS A 801 7.09 -42.19 -0.18
C LYS A 801 5.80 -41.73 -0.75
N ARG A 802 5.61 -41.95 -2.07
CA ARG A 802 4.37 -41.56 -2.68
C ARG A 802 3.83 -42.72 -3.43
N SER A 803 2.50 -42.74 -3.66
CA SER A 803 1.93 -43.87 -4.36
C SER A 803 2.00 -43.64 -5.84
N PHE A 804 1.51 -44.63 -6.60
CA PHE A 804 1.62 -44.68 -8.02
C PHE A 804 0.95 -43.52 -8.69
N ILE A 805 -0.31 -43.21 -8.32
CA ILE A 805 -1.05 -42.19 -8.99
C ILE A 805 -0.43 -40.84 -8.79
N GLU A 806 0.05 -40.53 -7.57
CA GLU A 806 0.61 -39.23 -7.35
C GLU A 806 1.76 -39.02 -8.28
N ASP A 807 2.55 -40.07 -8.56
CA ASP A 807 3.67 -39.91 -9.42
C ASP A 807 3.18 -39.49 -10.77
N LEU A 808 2.09 -40.12 -11.26
CA LEU A 808 1.56 -39.78 -12.54
C LEU A 808 1.09 -38.36 -12.46
N LEU A 809 0.40 -38.01 -11.35
CA LEU A 809 -0.14 -36.68 -11.20
C LEU A 809 0.99 -35.70 -11.22
N PHE A 810 2.12 -36.04 -10.58
CA PHE A 810 3.24 -35.15 -10.57
C PHE A 810 3.74 -35.01 -11.97
N ASN A 811 3.76 -36.11 -12.74
CA ASN A 811 4.30 -36.09 -14.07
C ASN A 811 3.48 -35.22 -14.99
N LYS A 812 2.14 -35.23 -14.85
CA LYS A 812 1.25 -34.53 -15.74
C LYS A 812 1.38 -33.04 -15.65
N VAL A 813 1.74 -32.50 -14.48
CA VAL A 813 1.79 -31.06 -14.37
C VAL A 813 3.20 -30.62 -14.57
N THR A 814 3.38 -29.51 -15.32
CA THR A 814 4.71 -29.02 -15.53
C THR A 814 4.92 -27.90 -14.60
N LEU A 815 5.31 -28.24 -13.35
CA LEU A 815 5.42 -27.23 -12.34
C LEU A 815 6.37 -26.19 -12.80
N ALA A 816 6.06 -24.93 -12.43
CA ALA A 816 6.88 -23.87 -12.88
C ALA A 816 8.26 -24.14 -12.38
N ASP A 817 8.38 -24.45 -11.07
CA ASP A 817 9.69 -24.73 -10.56
C ASP A 817 9.50 -25.59 -9.35
N ALA A 818 10.58 -26.20 -8.84
CA ALA A 818 10.44 -27.00 -7.66
C ALA A 818 11.75 -27.02 -6.93
N GLY A 819 11.67 -27.20 -5.59
CA GLY A 819 12.83 -27.29 -4.75
C GLY A 819 13.06 -25.96 -4.10
N PHE A 820 12.73 -24.87 -4.83
CA PHE A 820 12.84 -23.54 -4.33
C PHE A 820 14.25 -23.22 -3.94
N ILE A 821 15.24 -23.94 -4.51
CA ILE A 821 16.61 -23.60 -4.23
C ILE A 821 17.25 -23.40 -5.56
N LYS A 822 17.82 -22.21 -5.81
CA LYS A 822 18.46 -22.00 -7.08
C LYS A 822 19.81 -21.40 -6.79
N GLN A 823 20.88 -22.06 -7.26
CA GLN A 823 22.17 -21.53 -6.95
C GLN A 823 22.47 -20.52 -8.01
N TYR A 824 23.23 -19.45 -7.67
CA TYR A 824 23.35 -18.44 -8.67
C TYR A 824 24.14 -18.98 -9.82
N GLY A 825 25.13 -19.83 -9.52
CA GLY A 825 25.99 -20.37 -10.54
C GLY A 825 25.17 -21.14 -11.52
N ASP A 826 24.06 -21.75 -11.08
CA ASP A 826 23.25 -22.57 -11.95
C ASP A 826 22.78 -21.77 -13.14
N CYS A 827 22.40 -20.51 -12.93
CA CYS A 827 21.95 -19.63 -13.97
C CYS A 827 23.09 -19.19 -14.83
N LEU A 828 24.34 -19.23 -14.33
CA LEU A 828 25.45 -18.81 -15.14
C LEU A 828 25.45 -19.58 -16.43
N GLY A 829 25.04 -18.93 -17.53
CA GLY A 829 25.07 -19.60 -18.79
C GLY A 829 23.91 -19.20 -19.63
N ASP A 830 23.72 -19.95 -20.74
CA ASP A 830 22.70 -19.77 -21.73
C ASP A 830 21.36 -19.97 -21.09
N ILE A 831 21.34 -20.83 -20.07
CA ILE A 831 20.17 -21.26 -19.38
C ILE A 831 19.41 -20.11 -18.81
N ALA A 832 20.07 -19.02 -18.38
CA ALA A 832 19.38 -17.97 -17.67
C ALA A 832 18.24 -17.44 -18.48
N ALA A 833 18.43 -17.27 -19.80
CA ALA A 833 17.40 -16.76 -20.65
C ALA A 833 16.26 -17.72 -20.74
N ARG A 834 16.55 -19.03 -20.80
CA ARG A 834 15.50 -20.01 -20.93
C ARG A 834 14.70 -20.10 -19.68
N ASP A 835 15.37 -20.07 -18.51
CA ASP A 835 14.73 -20.22 -17.24
C ASP A 835 14.02 -18.94 -16.94
N LEU A 836 12.69 -18.93 -17.14
CA LEU A 836 11.92 -17.74 -16.94
C LEU A 836 11.96 -17.38 -15.50
N ILE A 837 11.85 -18.39 -14.61
CA ILE A 837 11.83 -18.13 -13.20
C ILE A 837 13.14 -17.53 -12.79
N CYS A 838 14.26 -18.07 -13.29
CA CYS A 838 15.53 -17.50 -12.91
C CYS A 838 15.55 -16.08 -13.38
N ALA A 839 15.04 -15.85 -14.60
CA ALA A 839 15.07 -14.54 -15.18
C ALA A 839 14.34 -13.60 -14.27
N GLN A 840 13.20 -14.02 -13.70
CA GLN A 840 12.44 -13.17 -12.84
C GLN A 840 13.26 -12.93 -11.60
N LYS A 841 14.03 -13.95 -11.18
CA LYS A 841 14.86 -13.81 -10.02
C LYS A 841 15.81 -12.71 -10.27
N PHE A 842 16.19 -12.51 -11.54
CA PHE A 842 17.20 -11.54 -11.78
C PHE A 842 16.75 -10.19 -11.33
N ASN A 843 15.48 -9.86 -11.62
CA ASN A 843 14.85 -8.60 -11.38
C ASN A 843 14.56 -8.35 -9.93
N GLY A 844 14.69 -9.37 -9.07
CA GLY A 844 14.33 -9.16 -7.69
C GLY A 844 13.13 -10.03 -7.42
N LEU A 845 12.55 -10.65 -8.47
CA LEU A 845 11.45 -11.53 -8.21
C LEU A 845 12.00 -12.80 -7.65
N THR A 846 11.46 -13.25 -6.51
CA THR A 846 12.00 -14.45 -5.93
C THR A 846 10.85 -15.38 -5.76
N VAL A 847 11.15 -16.65 -5.42
CA VAL A 847 10.13 -17.60 -5.10
C VAL A 847 10.52 -18.16 -3.78
N LEU A 848 9.53 -18.39 -2.90
CA LEU A 848 9.86 -18.88 -1.60
C LEU A 848 9.41 -20.31 -1.54
N PRO A 849 10.10 -21.11 -0.77
CA PRO A 849 9.78 -22.51 -0.67
C PRO A 849 8.55 -22.74 0.14
N PRO A 850 7.83 -23.80 -0.12
CA PRO A 850 6.67 -24.11 0.68
C PRO A 850 7.12 -24.69 1.98
N LEU A 851 6.36 -24.46 3.06
CA LEU A 851 6.72 -24.94 4.36
C LEU A 851 6.66 -26.45 4.36
N LEU A 852 5.54 -27.03 3.86
CA LEU A 852 5.42 -28.46 3.86
C LEU A 852 5.95 -28.92 2.54
N THR A 853 6.99 -29.77 2.57
CA THR A 853 7.60 -30.20 1.35
C THR A 853 6.73 -31.22 0.71
N ASP A 854 7.06 -31.58 -0.54
CA ASP A 854 6.28 -32.50 -1.31
C ASP A 854 6.25 -33.80 -0.57
N GLU A 855 7.40 -34.19 0.02
CA GLU A 855 7.46 -35.41 0.77
C GLU A 855 6.55 -35.28 1.95
N MET A 856 6.59 -34.13 2.64
CA MET A 856 5.81 -33.99 3.83
C MET A 856 4.35 -34.08 3.49
N ILE A 857 3.91 -33.44 2.39
CA ILE A 857 2.52 -33.49 2.06
C ILE A 857 2.12 -34.90 1.79
N ALA A 858 3.01 -35.70 1.20
CA ALA A 858 2.70 -37.06 0.90
C ALA A 858 2.42 -37.77 2.20
N GLN A 859 3.12 -37.39 3.28
CA GLN A 859 2.94 -38.06 4.54
C GLN A 859 1.55 -37.85 5.06
N TYR A 860 1.05 -36.59 5.07
CA TYR A 860 -0.24 -36.35 5.63
C TYR A 860 -1.26 -37.11 4.85
N THR A 861 -1.14 -37.09 3.52
CA THR A 861 -2.12 -37.74 2.69
C THR A 861 -2.13 -39.20 3.03
N SER A 862 -0.93 -39.79 3.19
CA SER A 862 -0.85 -41.20 3.46
C SER A 862 -1.66 -41.50 4.69
N ALA A 863 -1.55 -40.64 5.72
CA ALA A 863 -2.30 -40.82 6.92
C ALA A 863 -3.76 -40.66 6.62
N LEU A 864 -4.12 -39.66 5.81
CA LEU A 864 -5.49 -39.39 5.52
C LEU A 864 -6.06 -40.61 4.90
N LEU A 865 -5.26 -41.31 4.07
CA LEU A 865 -5.70 -42.58 3.56
C LEU A 865 -5.70 -43.60 4.66
N ALA A 866 -4.67 -43.58 5.52
CA ALA A 866 -4.53 -44.61 6.53
C ALA A 866 -5.70 -44.60 7.45
N GLY A 867 -6.10 -43.40 7.94
CA GLY A 867 -7.22 -43.30 8.82
C GLY A 867 -8.47 -43.66 8.08
N THR A 868 -8.59 -43.20 6.82
CA THR A 868 -9.79 -43.48 6.08
C THR A 868 -9.94 -44.95 5.88
N ILE A 869 -8.84 -45.63 5.50
CA ILE A 869 -8.97 -47.05 5.24
C ILE A 869 -9.18 -47.85 6.48
N THR A 870 -8.25 -47.73 7.45
CA THR A 870 -8.26 -48.56 8.61
C THR A 870 -9.27 -48.16 9.65
N SER A 871 -9.41 -46.85 9.94
CA SER A 871 -10.31 -46.40 10.97
C SER A 871 -11.63 -45.87 10.50
N GLY A 872 -11.74 -45.41 9.23
CA GLY A 872 -12.99 -44.83 8.81
C GLY A 872 -13.04 -43.37 9.20
N TRP A 873 -14.22 -42.90 9.59
CA TRP A 873 -14.51 -41.54 9.98
C TRP A 873 -13.98 -41.19 11.35
N THR A 874 -13.87 -42.19 12.24
CA THR A 874 -13.60 -41.94 13.63
C THR A 874 -12.35 -41.13 13.84
N PHE A 875 -11.36 -41.23 12.93
CA PHE A 875 -10.13 -40.51 13.12
C PHE A 875 -10.37 -39.03 13.05
N GLY A 876 -11.45 -38.59 12.37
CA GLY A 876 -11.77 -37.19 12.32
C GLY A 876 -12.28 -36.67 13.63
N ALA A 877 -13.29 -37.33 14.22
CA ALA A 877 -13.90 -36.85 15.43
C ALA A 877 -12.97 -36.96 16.61
N GLY A 878 -12.37 -38.15 16.82
CA GLY A 878 -11.60 -38.34 18.02
C GLY A 878 -10.45 -39.23 17.71
N ALA A 879 -10.27 -40.30 18.53
CA ALA A 879 -9.20 -41.24 18.32
C ALA A 879 -9.54 -42.05 17.11
N ALA A 880 -8.52 -42.63 16.45
CA ALA A 880 -8.81 -43.41 15.28
C ALA A 880 -9.07 -44.82 15.73
N LEU A 881 -10.35 -45.24 15.70
CA LEU A 881 -10.70 -46.56 16.12
C LEU A 881 -10.59 -47.42 14.89
N GLN A 882 -9.68 -48.41 14.93
CA GLN A 882 -9.46 -49.22 13.78
C GLN A 882 -10.65 -50.10 13.54
N ILE A 883 -11.02 -50.27 12.26
CA ILE A 883 -12.13 -51.08 11.86
C ILE A 883 -11.80 -51.71 10.52
N PRO A 884 -12.23 -52.93 10.30
CA PRO A 884 -11.93 -53.59 9.06
C PRO A 884 -12.60 -52.87 7.94
N PHE A 885 -11.96 -52.83 6.76
CA PHE A 885 -12.44 -52.08 5.64
C PHE A 885 -13.76 -52.62 5.21
N ALA A 886 -13.91 -53.95 5.19
CA ALA A 886 -15.13 -54.58 4.74
C ALA A 886 -16.25 -54.10 5.64
N MET A 887 -15.95 -53.92 6.93
CA MET A 887 -16.93 -53.46 7.86
C MET A 887 -17.35 -52.06 7.49
N GLN A 888 -16.40 -51.22 7.05
CA GLN A 888 -16.63 -49.82 6.83
C GLN A 888 -17.68 -49.54 5.79
N MET A 889 -17.62 -50.24 4.65
CA MET A 889 -18.52 -49.98 3.56
C MET A 889 -19.92 -50.28 3.96
N ALA A 890 -20.10 -51.22 4.89
CA ALA A 890 -21.42 -51.60 5.30
C ALA A 890 -22.10 -50.36 5.78
N TYR A 891 -21.35 -49.46 6.45
CA TYR A 891 -21.89 -48.21 6.93
C TYR A 891 -22.18 -47.27 5.80
N ARG A 892 -21.20 -47.08 4.87
CA ARG A 892 -21.30 -46.11 3.82
C ARG A 892 -22.54 -46.38 3.04
N PHE A 893 -22.85 -47.67 2.85
CA PHE A 893 -24.06 -48.01 2.16
C PHE A 893 -25.24 -47.58 2.98
N ASN A 894 -25.19 -47.81 4.30
CA ASN A 894 -26.26 -47.45 5.20
C ASN A 894 -26.38 -45.96 5.14
N GLY A 895 -25.26 -45.30 4.80
CA GLY A 895 -25.18 -43.88 4.70
C GLY A 895 -26.07 -43.37 3.60
N ILE A 896 -26.21 -44.15 2.50
CA ILE A 896 -27.08 -43.90 1.40
C ILE A 896 -28.51 -44.37 1.62
N GLY A 897 -28.74 -45.37 2.49
CA GLY A 897 -30.09 -45.85 2.68
C GLY A 897 -30.21 -47.26 2.17
N VAL A 898 -29.05 -47.92 1.89
CA VAL A 898 -29.07 -49.30 1.50
C VAL A 898 -28.47 -50.09 2.62
N THR A 899 -29.12 -51.20 3.01
CA THR A 899 -28.69 -51.95 4.15
C THR A 899 -27.48 -52.78 3.80
N GLN A 900 -26.70 -53.13 4.83
CA GLN A 900 -25.43 -53.80 4.76
C GLN A 900 -25.57 -55.14 4.10
N ASN A 901 -26.80 -55.69 4.04
CA ASN A 901 -26.96 -56.96 3.43
C ASN A 901 -26.50 -56.90 2.00
N VAL A 902 -26.56 -55.72 1.36
CA VAL A 902 -26.15 -55.61 -0.01
C VAL A 902 -24.67 -55.87 -0.19
N LEU A 903 -23.81 -55.24 0.65
CA LEU A 903 -22.38 -55.31 0.44
C LEU A 903 -21.82 -56.69 0.58
N TYR A 904 -22.06 -57.34 1.73
CA TYR A 904 -21.44 -58.62 2.00
C TYR A 904 -21.97 -59.61 1.01
N GLU A 905 -23.28 -59.54 0.72
CA GLU A 905 -23.87 -60.47 -0.19
C GLU A 905 -23.16 -60.35 -1.50
N ASN A 906 -22.75 -59.13 -1.93
CA ASN A 906 -21.94 -59.18 -3.11
C ASN A 906 -20.62 -58.52 -2.83
N GLN A 907 -19.89 -59.07 -1.84
CA GLN A 907 -18.66 -58.50 -1.41
C GLN A 907 -17.59 -58.61 -2.46
N LYS A 908 -17.41 -59.81 -3.04
CA LYS A 908 -16.33 -60.02 -3.98
C LYS A 908 -16.51 -59.16 -5.18
N LEU A 909 -17.75 -59.09 -5.72
CA LEU A 909 -18.00 -58.35 -6.93
C LEU A 909 -17.70 -56.90 -6.69
N ILE A 910 -18.22 -56.36 -5.59
CA ILE A 910 -18.11 -54.95 -5.36
C ILE A 910 -16.67 -54.61 -5.23
N ALA A 911 -15.91 -55.44 -4.51
CA ALA A 911 -14.52 -55.14 -4.33
C ALA A 911 -13.88 -55.13 -5.67
N ASN A 912 -14.21 -56.12 -6.52
CA ASN A 912 -13.62 -56.24 -7.81
C ASN A 912 -13.97 -55.02 -8.59
N GLN A 913 -15.22 -54.54 -8.45
CA GLN A 913 -15.68 -53.41 -9.19
C GLN A 913 -14.85 -52.24 -8.79
N PHE A 914 -14.60 -52.11 -7.46
CA PHE A 914 -13.83 -51.03 -6.94
C PHE A 914 -12.41 -51.17 -7.42
N ASN A 915 -11.85 -52.39 -7.44
CA ASN A 915 -10.47 -52.40 -7.82
C ASN A 915 -10.30 -52.03 -9.27
N SER A 916 -11.19 -52.49 -10.16
CA SER A 916 -11.07 -52.19 -11.56
C SER A 916 -11.30 -50.73 -11.79
N ALA A 917 -12.23 -50.13 -11.02
CA ALA A 917 -12.59 -48.76 -11.22
C ALA A 917 -11.38 -47.91 -11.02
N ILE A 918 -10.60 -48.20 -9.98
CA ILE A 918 -9.41 -47.43 -9.75
C ILE A 918 -8.44 -47.64 -10.87
N GLY A 919 -8.38 -48.85 -11.44
CA GLY A 919 -7.43 -49.07 -12.50
C GLY A 919 -7.71 -48.11 -13.63
N LYS A 920 -8.99 -47.89 -13.95
CA LYS A 920 -9.34 -47.05 -15.05
C LYS A 920 -8.80 -45.68 -14.80
N ILE A 921 -8.83 -45.21 -13.54
CA ILE A 921 -8.37 -43.87 -13.31
C ILE A 921 -6.94 -43.75 -13.72
N GLN A 922 -6.11 -44.78 -13.49
CA GLN A 922 -4.73 -44.63 -13.86
C GLN A 922 -4.62 -44.38 -15.33
N ASP A 923 -5.37 -45.12 -16.17
CA ASP A 923 -5.26 -44.94 -17.59
C ASP A 923 -5.74 -43.58 -17.96
N SER A 924 -6.87 -43.13 -17.37
CA SER A 924 -7.43 -41.86 -17.70
C SER A 924 -6.41 -40.81 -17.37
N LEU A 925 -5.80 -40.92 -16.18
CA LEU A 925 -4.80 -39.96 -15.80
C LEU A 925 -3.61 -40.09 -16.70
N SER A 926 -3.23 -41.33 -17.05
CA SER A 926 -2.06 -41.56 -17.84
C SER A 926 -2.23 -40.96 -19.21
N SER A 927 -3.34 -41.31 -19.89
CA SER A 927 -3.57 -40.92 -21.26
C SER A 927 -3.85 -39.46 -21.43
N THR A 928 -4.79 -38.90 -20.64
CA THR A 928 -5.23 -37.56 -20.95
C THR A 928 -4.62 -36.58 -20.00
N ALA A 929 -3.87 -35.62 -20.57
CA ALA A 929 -3.24 -34.56 -19.85
C ALA A 929 -4.27 -33.61 -19.29
N SER A 930 -5.35 -33.35 -20.07
CA SER A 930 -6.35 -32.37 -19.76
C SER A 930 -7.06 -32.71 -18.49
N ALA A 931 -6.84 -33.92 -17.94
CA ALA A 931 -7.51 -34.27 -16.72
C ALA A 931 -7.10 -33.28 -15.66
N LEU A 932 -5.81 -32.90 -15.71
CA LEU A 932 -5.06 -31.99 -14.87
C LEU A 932 -5.25 -30.53 -15.18
N GLY A 933 -6.14 -30.14 -16.11
CA GLY A 933 -6.18 -28.76 -16.55
C GLY A 933 -6.32 -27.76 -15.44
N LYS A 934 -7.12 -28.00 -14.38
CA LYS A 934 -7.33 -26.98 -13.39
C LYS A 934 -6.04 -26.54 -12.75
N LEU A 935 -5.22 -27.49 -12.28
CA LEU A 935 -3.98 -27.20 -11.63
C LEU A 935 -3.10 -26.50 -12.62
N GLN A 936 -3.11 -27.02 -13.87
CA GLN A 936 -2.28 -26.49 -14.91
C GLN A 936 -2.66 -25.07 -15.15
N ASP A 937 -3.97 -24.76 -15.08
CA ASP A 937 -4.40 -23.42 -15.31
C ASP A 937 -3.82 -22.52 -14.27
N VAL A 938 -3.76 -23.00 -13.01
CA VAL A 938 -3.25 -22.18 -11.94
C VAL A 938 -1.84 -21.81 -12.24
N VAL A 939 -1.00 -22.79 -12.63
CA VAL A 939 0.39 -22.52 -12.90
C VAL A 939 0.50 -21.60 -14.09
N ASN A 940 -0.33 -21.84 -15.13
CA ASN A 940 -0.23 -21.07 -16.33
C ASN A 940 -0.55 -19.63 -16.04
N GLN A 941 -1.59 -19.38 -15.23
CA GLN A 941 -1.99 -18.02 -14.98
C GLN A 941 -0.89 -17.28 -14.30
N ASN A 942 -0.25 -17.90 -13.28
CA ASN A 942 0.80 -17.23 -12.55
C ASN A 942 1.95 -16.97 -13.47
N ALA A 943 2.29 -17.97 -14.31
CA ALA A 943 3.43 -17.81 -15.16
C ALA A 943 3.20 -16.63 -16.03
N GLN A 944 1.96 -16.48 -16.53
CA GLN A 944 1.65 -15.37 -17.39
C GLN A 944 1.79 -14.12 -16.59
N ALA A 945 1.29 -14.13 -15.34
CA ALA A 945 1.32 -12.92 -14.56
C ALA A 945 2.74 -12.50 -14.37
N LEU A 946 3.63 -13.45 -14.01
CA LEU A 946 5.00 -13.08 -13.82
C LEU A 946 5.61 -12.67 -15.12
N ASN A 947 5.34 -13.41 -16.21
CA ASN A 947 5.95 -13.09 -17.47
C ASN A 947 5.51 -11.73 -17.88
N THR A 948 4.21 -11.43 -17.71
CA THR A 948 3.69 -10.16 -18.09
C THR A 948 4.37 -9.12 -17.23
N LEU A 949 4.54 -9.45 -15.94
CA LEU A 949 5.10 -8.51 -15.02
C LEU A 949 6.48 -8.15 -15.47
N VAL A 950 7.28 -9.15 -15.89
CA VAL A 950 8.65 -8.94 -16.26
C VAL A 950 8.74 -8.04 -17.46
N LYS A 951 7.82 -8.18 -18.43
CA LYS A 951 7.91 -7.50 -19.69
C LYS A 951 7.90 -6.01 -19.54
N GLN A 952 7.16 -5.47 -18.56
CA GLN A 952 7.02 -4.05 -18.42
C GLN A 952 8.35 -3.40 -18.24
N LEU A 953 9.33 -4.13 -17.70
CA LEU A 953 10.63 -3.55 -17.47
C LEU A 953 11.15 -3.00 -18.76
N SER A 954 10.80 -3.64 -19.89
CA SER A 954 11.19 -3.21 -21.20
C SER A 954 10.39 -2.02 -21.68
N SER A 955 9.28 -1.65 -21.01
CA SER A 955 8.44 -0.60 -21.54
C SER A 955 9.01 0.76 -21.27
N ASN A 956 8.88 1.67 -22.27
CA ASN A 956 9.36 3.01 -22.19
C ASN A 956 8.56 3.85 -21.25
N PHE A 957 7.21 3.73 -21.29
CA PHE A 957 6.34 4.52 -20.48
C PHE A 957 6.58 5.96 -20.77
N GLY A 958 7.07 6.29 -21.99
CA GLY A 958 7.28 7.66 -22.36
C GLY A 958 8.69 8.07 -22.05
N ALA A 959 9.47 7.17 -21.42
CA ALA A 959 10.83 7.50 -21.10
C ALA A 959 11.64 7.45 -22.35
N ILE A 960 12.80 8.14 -22.33
CA ILE A 960 13.71 8.16 -23.43
C ILE A 960 14.20 6.76 -23.62
N SER A 961 14.40 6.01 -22.51
CA SER A 961 14.83 4.65 -22.66
C SER A 961 14.25 3.82 -21.54
N SER A 962 14.18 2.50 -21.76
CA SER A 962 13.64 1.52 -20.86
C SER A 962 14.63 1.09 -19.83
N VAL A 963 15.94 1.37 -20.03
CA VAL A 963 16.91 0.93 -19.07
C VAL A 963 17.28 2.10 -18.21
N LEU A 964 17.17 1.94 -16.89
CA LEU A 964 17.41 2.98 -15.94
C LEU A 964 18.86 3.35 -16.01
N ASN A 965 19.75 2.36 -16.22
CA ASN A 965 21.14 2.69 -16.26
C ASN A 965 21.39 3.60 -17.40
N ASP A 966 20.75 3.39 -18.56
CA ASP A 966 21.03 4.30 -19.64
C ASP A 966 20.54 5.66 -19.27
N ILE A 967 19.42 5.77 -18.53
CA ILE A 967 19.02 7.11 -18.18
C ILE A 967 20.09 7.70 -17.31
N LEU A 968 20.68 6.90 -16.39
CA LEU A 968 21.72 7.42 -15.54
C LEU A 968 22.94 7.76 -16.36
N SER A 969 23.34 6.85 -17.26
CA SER A 969 24.52 7.02 -18.05
C SER A 969 24.34 8.19 -18.96
N ARG A 970 23.12 8.39 -19.52
CA ARG A 970 22.98 9.53 -20.38
C ARG A 970 22.67 10.84 -19.69
N LEU A 971 21.71 10.85 -18.73
CA LEU A 971 21.19 12.09 -18.20
C LEU A 971 22.02 12.65 -17.09
N ASP A 972 21.98 13.99 -16.95
CA ASP A 972 22.43 14.60 -15.75
C ASP A 972 21.22 14.65 -14.86
N PRO A 973 21.37 14.97 -13.57
CA PRO A 973 20.29 14.87 -12.64
C PRO A 973 19.15 15.78 -12.95
N PRO A 974 19.42 17.04 -13.37
CA PRO A 974 18.38 18.02 -13.50
C PRO A 974 17.27 17.50 -14.37
N GLU A 975 17.62 16.83 -15.48
CA GLU A 975 16.69 16.15 -16.36
C GLU A 975 16.34 14.76 -15.90
N ALA A 976 17.27 14.06 -15.21
CA ALA A 976 17.10 12.65 -14.92
C ALA A 976 15.90 12.36 -14.07
N GLU A 977 15.67 13.13 -13.00
CA GLU A 977 14.61 12.81 -12.10
C GLU A 977 13.31 12.81 -12.84
N VAL A 978 13.16 13.74 -13.79
CA VAL A 978 11.94 13.78 -14.56
C VAL A 978 11.80 12.50 -15.33
N GLN A 979 12.88 12.04 -15.98
CA GLN A 979 12.77 10.89 -16.84
C GLN A 979 12.52 9.63 -16.06
N ILE A 980 13.23 9.45 -14.92
CA ILE A 980 13.10 8.29 -14.10
C ILE A 980 11.71 8.26 -13.51
N ASP A 981 11.17 9.44 -13.15
CA ASP A 981 9.86 9.50 -12.58
C ASP A 981 8.86 8.94 -13.54
N ARG A 982 9.04 9.23 -14.83
CA ARG A 982 8.10 8.74 -15.80
C ARG A 982 8.10 7.23 -15.72
N LEU A 983 9.30 6.65 -15.58
CA LEU A 983 9.47 5.23 -15.48
C LEU A 983 8.91 4.72 -14.18
N ILE A 984 9.07 5.51 -13.09
CA ILE A 984 8.73 5.03 -11.78
C ILE A 984 7.24 4.78 -11.67
N THR A 985 6.41 5.71 -12.18
CA THR A 985 4.99 5.58 -12.05
C THR A 985 4.46 4.37 -12.76
N GLY A 986 4.87 4.13 -14.01
CA GLY A 986 4.34 3.04 -14.77
C GLY A 986 4.73 1.73 -14.16
N ARG A 987 6.00 1.56 -13.78
CA ARG A 987 6.42 0.29 -13.25
C ARG A 987 5.70 0.00 -11.98
N LEU A 988 5.58 1.01 -11.10
CA LEU A 988 4.92 0.82 -9.84
C LEU A 988 3.49 0.49 -10.12
N GLN A 989 2.90 1.17 -11.12
CA GLN A 989 1.52 0.96 -11.47
C GLN A 989 1.39 -0.46 -11.93
N SER A 990 2.44 -0.99 -12.60
CA SER A 990 2.40 -2.34 -13.10
C SER A 990 2.33 -3.31 -11.96
N LEU A 991 3.20 -3.13 -10.94
CA LEU A 991 3.22 -4.04 -9.83
C LEU A 991 1.92 -3.91 -9.09
N GLN A 992 1.41 -2.67 -8.96
CA GLN A 992 0.20 -2.45 -8.22
C GLN A 992 -0.89 -3.25 -8.85
N THR A 993 -0.97 -3.26 -10.19
CA THR A 993 -2.01 -4.00 -10.84
C THR A 993 -1.81 -5.47 -10.59
N TYR A 994 -0.54 -5.92 -10.63
CA TYR A 994 -0.20 -7.31 -10.48
C TYR A 994 -0.63 -7.81 -9.14
N VAL A 995 -0.36 -7.04 -8.07
CA VAL A 995 -0.71 -7.52 -6.76
C VAL A 995 -2.19 -7.65 -6.64
N THR A 996 -2.97 -6.70 -7.17
CA THR A 996 -4.40 -6.79 -7.06
C THR A 996 -4.85 -8.02 -7.79
N GLN A 997 -4.23 -8.31 -8.95
CA GLN A 997 -4.62 -9.47 -9.69
C GLN A 997 -4.38 -10.68 -8.85
N GLN A 998 -3.22 -10.71 -8.17
CA GLN A 998 -2.87 -11.83 -7.34
C GLN A 998 -3.81 -11.90 -6.17
N LEU A 999 -4.13 -10.75 -5.56
CA LEU A 999 -4.90 -10.73 -4.36
C LEU A 999 -6.26 -11.31 -4.65
N ILE A 1000 -6.86 -10.92 -5.78
CA ILE A 1000 -8.16 -11.42 -6.14
C ILE A 1000 -8.04 -12.89 -6.43
N ARG A 1001 -7.00 -13.29 -7.18
CA ARG A 1001 -6.81 -14.65 -7.57
C ARG A 1001 -6.57 -15.50 -6.37
N ALA A 1002 -5.88 -14.93 -5.36
CA ALA A 1002 -5.56 -15.62 -4.15
C ALA A 1002 -6.84 -15.99 -3.46
N ALA A 1003 -7.81 -15.06 -3.48
CA ALA A 1003 -9.07 -15.31 -2.84
C ALA A 1003 -9.73 -16.48 -3.52
N GLU A 1004 -9.59 -16.54 -4.85
CA GLU A 1004 -10.21 -17.59 -5.61
C GLU A 1004 -9.68 -18.90 -5.12
N ILE A 1005 -8.36 -18.98 -4.91
CA ILE A 1005 -7.74 -20.19 -4.44
C ILE A 1005 -8.22 -20.47 -3.06
N ARG A 1006 -8.39 -19.42 -2.24
CA ARG A 1006 -8.76 -19.56 -0.86
C ARG A 1006 -10.09 -20.24 -0.73
N ALA A 1007 -11.11 -19.80 -1.49
CA ALA A 1007 -12.42 -20.37 -1.38
C ALA A 1007 -12.34 -21.80 -1.77
N SER A 1008 -11.57 -22.08 -2.82
CA SER A 1008 -11.36 -23.40 -3.31
C SER A 1008 -10.69 -24.20 -2.24
N ALA A 1009 -9.71 -23.60 -1.54
CA ALA A 1009 -9.00 -24.29 -0.51
C ALA A 1009 -9.93 -24.62 0.61
N ASN A 1010 -10.79 -23.67 1.02
CA ASN A 1010 -11.67 -23.97 2.10
C ASN A 1010 -12.63 -25.04 1.66
N LEU A 1011 -13.03 -25.01 0.38
CA LEU A 1011 -13.88 -26.04 -0.15
C LEU A 1011 -13.10 -27.32 -0.13
N ALA A 1012 -11.79 -27.25 -0.44
CA ALA A 1012 -10.94 -28.41 -0.47
C ALA A 1012 -10.90 -28.96 0.91
N ALA A 1013 -10.76 -28.08 1.91
CA ALA A 1013 -10.69 -28.52 3.28
C ALA A 1013 -11.99 -29.18 3.61
N THR A 1014 -13.12 -28.58 3.19
CA THR A 1014 -14.39 -29.14 3.54
C THR A 1014 -14.57 -30.45 2.86
N LYS A 1015 -14.09 -30.58 1.60
CA LYS A 1015 -14.29 -31.82 0.90
C LYS A 1015 -13.60 -32.89 1.68
N MET A 1016 -12.40 -32.62 2.21
CA MET A 1016 -11.77 -33.60 3.04
C MET A 1016 -12.57 -33.72 4.31
N SER A 1017 -12.96 -32.58 4.88
CA SER A 1017 -13.58 -32.56 6.18
C SER A 1017 -14.82 -33.39 6.19
N GLU A 1018 -15.73 -33.16 5.23
CA GLU A 1018 -16.98 -33.86 5.14
C GLU A 1018 -16.90 -35.20 4.44
N CYS A 1019 -16.27 -35.20 3.25
CA CYS A 1019 -16.27 -36.33 2.34
C CYS A 1019 -15.30 -37.43 2.70
N VAL A 1020 -14.04 -37.08 3.05
CA VAL A 1020 -13.06 -38.09 3.38
C VAL A 1020 -13.30 -38.66 4.74
N LEU A 1021 -13.33 -37.75 5.72
CA LEU A 1021 -13.40 -37.91 7.13
C LEU A 1021 -14.76 -38.45 7.49
N GLY A 1022 -15.75 -38.37 6.58
CA GLY A 1022 -17.06 -38.86 6.95
C GLY A 1022 -17.85 -39.25 5.73
N GLN A 1023 -19.20 -39.30 5.91
CA GLN A 1023 -20.10 -39.65 4.84
C GLN A 1023 -20.89 -38.43 4.48
N SER A 1024 -20.53 -37.78 3.37
CA SER A 1024 -21.21 -36.57 2.97
C SER A 1024 -22.56 -36.91 2.40
N LYS A 1025 -23.60 -36.27 2.97
CA LYS A 1025 -24.99 -36.38 2.63
C LYS A 1025 -25.37 -35.50 1.46
N ARG A 1026 -24.58 -34.46 1.15
CA ARG A 1026 -24.92 -33.46 0.18
C ARG A 1026 -24.87 -34.05 -1.21
N VAL A 1027 -25.99 -33.96 -1.94
CA VAL A 1027 -26.05 -34.52 -3.27
C VAL A 1027 -25.17 -33.68 -4.15
N ASP A 1028 -24.40 -34.35 -5.03
CA ASP A 1028 -23.49 -33.79 -5.98
C ASP A 1028 -22.41 -32.99 -5.30
N PHE A 1029 -22.09 -33.30 -4.03
CA PHE A 1029 -20.94 -32.70 -3.40
C PHE A 1029 -19.68 -33.49 -3.68
N CYS A 1030 -19.79 -34.83 -3.49
CA CYS A 1030 -18.79 -35.85 -3.63
C CYS A 1030 -18.73 -36.44 -5.01
N GLY A 1031 -19.31 -35.78 -6.02
CA GLY A 1031 -19.27 -36.38 -7.33
C GLY A 1031 -20.63 -36.91 -7.56
N LYS A 1032 -20.94 -37.26 -8.82
CA LYS A 1032 -22.28 -37.66 -9.12
C LYS A 1032 -22.68 -38.88 -8.35
N GLY A 1033 -23.85 -38.79 -7.68
CA GLY A 1033 -24.44 -39.94 -7.05
C GLY A 1033 -24.34 -39.95 -5.56
N TYR A 1034 -24.97 -40.99 -4.95
CA TYR A 1034 -24.96 -41.16 -3.53
C TYR A 1034 -23.53 -41.47 -3.21
N HIS A 1035 -22.90 -40.60 -2.40
CA HIS A 1035 -21.49 -40.69 -2.12
C HIS A 1035 -21.17 -41.78 -1.14
N LEU A 1036 -20.15 -42.63 -1.46
CA LEU A 1036 -19.62 -43.56 -0.50
C LEU A 1036 -18.48 -43.05 0.35
N MET A 1037 -17.37 -42.62 -0.30
CA MET A 1037 -16.15 -42.28 0.41
C MET A 1037 -15.16 -41.75 -0.58
N SER A 1038 -14.02 -41.19 -0.09
CA SER A 1038 -13.09 -40.59 -1.01
C SER A 1038 -11.69 -40.77 -0.53
N PHE A 1039 -10.71 -40.67 -1.46
CA PHE A 1039 -9.32 -40.75 -1.14
C PHE A 1039 -8.67 -39.50 -1.66
N PRO A 1040 -7.94 -38.81 -0.82
CA PRO A 1040 -7.22 -37.66 -1.27
C PRO A 1040 -5.92 -38.07 -1.89
N GLN A 1041 -5.39 -37.26 -2.83
CA GLN A 1041 -4.12 -37.56 -3.43
C GLN A 1041 -3.45 -36.22 -3.60
N SER A 1042 -2.13 -36.17 -3.33
CA SER A 1042 -1.38 -34.96 -3.42
C SER A 1042 -1.24 -34.58 -4.86
N ALA A 1043 -0.80 -33.33 -5.10
CA ALA A 1043 -0.58 -32.84 -6.44
C ALA A 1043 0.12 -31.53 -6.31
N PRO A 1044 0.64 -31.02 -7.39
CA PRO A 1044 1.30 -29.75 -7.29
C PRO A 1044 0.30 -28.65 -7.08
N HIS A 1045 0.49 -27.85 -6.01
CA HIS A 1045 -0.31 -26.71 -5.73
C HIS A 1045 -1.77 -27.05 -5.69
N GLY A 1046 -2.12 -28.33 -5.45
CA GLY A 1046 -3.53 -28.65 -5.45
C GLY A 1046 -3.70 -30.04 -4.93
N VAL A 1047 -4.96 -30.52 -4.89
CA VAL A 1047 -5.24 -31.85 -4.43
C VAL A 1047 -6.21 -32.50 -5.37
N VAL A 1048 -6.13 -33.84 -5.48
CA VAL A 1048 -7.02 -34.56 -6.34
C VAL A 1048 -7.68 -35.61 -5.50
N PHE A 1049 -9.02 -35.73 -5.61
CA PHE A 1049 -9.75 -36.69 -4.82
C PHE A 1049 -10.27 -37.75 -5.74
N LEU A 1050 -10.48 -38.97 -5.20
CA LEU A 1050 -11.01 -40.06 -5.97
C LEU A 1050 -12.32 -40.42 -5.32
N HIS A 1051 -13.42 -39.75 -5.74
CA HIS A 1051 -14.68 -39.93 -5.08
C HIS A 1051 -15.29 -41.23 -5.51
N VAL A 1052 -15.36 -42.20 -4.58
CA VAL A 1052 -15.99 -43.44 -4.91
C VAL A 1052 -17.46 -43.21 -4.73
N THR A 1053 -18.19 -43.09 -5.84
CA THR A 1053 -19.59 -42.75 -5.77
C THR A 1053 -20.41 -43.88 -6.30
N TYR A 1054 -21.64 -43.98 -5.77
CA TYR A 1054 -22.61 -44.99 -6.12
C TYR A 1054 -23.55 -44.42 -7.15
N VAL A 1055 -23.87 -45.22 -8.20
CA VAL A 1055 -24.83 -44.84 -9.22
C VAL A 1055 -25.63 -46.07 -9.59
N PRO A 1056 -26.94 -45.97 -9.67
CA PRO A 1056 -27.73 -47.13 -10.04
C PRO A 1056 -27.58 -47.53 -11.48
N ALA A 1057 -27.24 -48.82 -11.75
CA ALA A 1057 -27.09 -49.31 -13.11
C ALA A 1057 -28.30 -49.82 -13.85
N GLN A 1058 -28.98 -50.84 -13.29
CA GLN A 1058 -29.96 -51.52 -14.10
C GLN A 1058 -31.28 -51.46 -13.42
N GLU A 1059 -32.36 -51.35 -14.20
CA GLU A 1059 -33.63 -51.13 -13.59
C GLU A 1059 -34.72 -51.88 -14.29
N LYS A 1060 -35.81 -52.14 -13.54
CA LYS A 1060 -37.00 -52.79 -14.03
C LYS A 1060 -38.16 -52.05 -13.41
N ASN A 1061 -39.25 -51.87 -14.19
CA ASN A 1061 -40.40 -51.18 -13.68
C ASN A 1061 -41.23 -52.15 -12.91
N PHE A 1062 -42.08 -51.64 -11.99
CA PHE A 1062 -42.93 -52.45 -11.19
C PHE A 1062 -44.18 -51.67 -10.92
N THR A 1063 -45.18 -52.30 -10.25
CA THR A 1063 -46.43 -51.65 -9.99
C THR A 1063 -46.43 -51.23 -8.55
N THR A 1064 -46.91 -49.99 -8.26
CA THR A 1064 -46.83 -49.50 -6.92
C THR A 1064 -48.12 -48.88 -6.48
N ALA A 1065 -48.31 -48.82 -5.14
CA ALA A 1065 -49.43 -48.20 -4.47
C ALA A 1065 -48.98 -47.98 -3.05
N PRO A 1066 -49.29 -46.85 -2.49
CA PRO A 1066 -48.81 -46.42 -1.20
C PRO A 1066 -49.24 -47.27 -0.03
N ALA A 1067 -50.27 -48.12 -0.16
CA ALA A 1067 -50.71 -48.82 1.01
C ALA A 1067 -51.37 -50.11 0.63
N ILE A 1068 -51.71 -50.92 1.66
CA ILE A 1068 -52.28 -52.23 1.52
C ILE A 1068 -53.38 -52.39 2.54
N CYS A 1069 -54.37 -53.27 2.27
CA CYS A 1069 -55.41 -53.54 3.22
C CYS A 1069 -55.44 -55.01 3.57
N HIS A 1070 -55.06 -55.36 4.82
CA HIS A 1070 -55.24 -56.73 5.25
C HIS A 1070 -56.65 -56.97 5.76
N ASP A 1071 -57.01 -56.19 6.80
CA ASP A 1071 -58.22 -56.17 7.59
C ASP A 1071 -59.28 -55.27 7.03
N GLY A 1072 -58.96 -54.43 6.05
CA GLY A 1072 -59.90 -53.40 5.73
C GLY A 1072 -59.25 -52.20 6.33
N LYS A 1073 -58.01 -52.42 6.82
CA LYS A 1073 -57.19 -51.40 7.41
C LYS A 1073 -56.00 -51.15 6.53
N ALA A 1074 -55.51 -49.90 6.52
CA ALA A 1074 -54.40 -49.49 5.69
C ALA A 1074 -53.08 -49.88 6.30
N HIS A 1075 -52.05 -50.08 5.45
CA HIS A 1075 -50.75 -50.43 5.94
C HIS A 1075 -49.71 -49.67 5.17
N PHE A 1076 -48.52 -49.45 5.78
CA PHE A 1076 -47.42 -48.72 5.20
C PHE A 1076 -46.14 -49.41 5.57
N PRO A 1077 -45.10 -49.13 4.80
CA PRO A 1077 -43.82 -49.72 5.09
C PRO A 1077 -43.05 -48.97 6.14
N ARG A 1078 -42.39 -49.70 7.07
CA ARG A 1078 -41.51 -49.06 8.00
C ARG A 1078 -40.37 -48.56 7.17
N GLU A 1079 -39.90 -49.44 6.25
CA GLU A 1079 -38.86 -49.07 5.33
C GLU A 1079 -39.08 -49.88 4.09
N GLY A 1080 -38.78 -49.28 2.92
CA GLY A 1080 -39.00 -49.95 1.67
C GLY A 1080 -40.26 -49.39 1.07
N VAL A 1081 -40.53 -49.75 -0.21
CA VAL A 1081 -41.66 -49.30 -0.96
C VAL A 1081 -42.30 -50.50 -1.60
N PHE A 1082 -43.65 -50.48 -1.75
CA PHE A 1082 -44.33 -51.63 -2.27
C PHE A 1082 -44.18 -51.73 -3.76
N VAL A 1083 -44.04 -52.98 -4.23
CA VAL A 1083 -43.90 -53.31 -5.62
C VAL A 1083 -44.63 -54.59 -5.86
N SER A 1084 -44.99 -54.86 -7.13
CA SER A 1084 -45.62 -56.13 -7.32
C SER A 1084 -45.11 -56.71 -8.59
N ASN A 1085 -44.72 -57.98 -8.48
CA ASN A 1085 -44.51 -58.78 -9.63
C ASN A 1085 -45.95 -58.90 -9.98
N GLY A 1086 -46.35 -59.10 -11.23
CA GLY A 1086 -47.75 -59.01 -11.57
C GLY A 1086 -48.62 -59.89 -10.70
N THR A 1087 -48.11 -61.05 -10.25
CA THR A 1087 -48.85 -61.90 -9.36
C THR A 1087 -48.86 -61.48 -7.91
N HIS A 1088 -47.70 -61.14 -7.31
CA HIS A 1088 -47.66 -60.94 -5.87
C HIS A 1088 -47.12 -59.60 -5.51
N TRP A 1089 -47.52 -59.07 -4.32
CA TRP A 1089 -47.04 -57.80 -3.88
C TRP A 1089 -45.86 -58.02 -2.97
N PHE A 1090 -44.87 -57.12 -3.06
CA PHE A 1090 -43.67 -57.18 -2.29
C PHE A 1090 -43.38 -55.76 -1.89
N VAL A 1091 -42.51 -55.55 -0.89
CA VAL A 1091 -42.06 -54.24 -0.52
C VAL A 1091 -40.57 -54.31 -0.68
N THR A 1092 -39.92 -53.24 -1.18
CA THR A 1092 -38.51 -53.33 -1.41
C THR A 1092 -37.82 -52.03 -1.08
N GLN A 1093 -36.51 -52.10 -0.82
CA GLN A 1093 -35.71 -50.95 -0.50
C GLN A 1093 -35.87 -49.97 -1.61
N ARG A 1094 -35.60 -48.69 -1.31
CA ARG A 1094 -35.82 -47.62 -2.24
C ARG A 1094 -34.88 -47.57 -3.41
N ASN A 1095 -33.65 -48.14 -3.33
CA ASN A 1095 -32.83 -48.01 -4.49
C ASN A 1095 -32.33 -49.33 -5.02
N PHE A 1096 -32.93 -50.47 -4.59
CA PHE A 1096 -32.49 -51.73 -5.10
C PHE A 1096 -33.68 -52.62 -5.13
N TYR A 1097 -33.78 -53.52 -6.14
CA TYR A 1097 -34.96 -54.31 -6.14
C TYR A 1097 -34.68 -55.56 -5.37
N GLU A 1098 -35.06 -55.52 -4.07
CA GLU A 1098 -35.01 -56.63 -3.18
C GLU A 1098 -36.36 -56.71 -2.55
N PRO A 1099 -37.21 -57.52 -3.10
CA PRO A 1099 -38.56 -57.66 -2.62
C PRO A 1099 -38.61 -58.44 -1.35
N GLN A 1100 -39.64 -58.21 -0.51
CA GLN A 1100 -39.77 -58.90 0.73
C GLN A 1100 -41.21 -59.30 0.87
N ILE A 1101 -41.47 -60.36 1.65
CA ILE A 1101 -42.82 -60.79 1.92
C ILE A 1101 -43.37 -59.84 2.93
N ILE A 1102 -44.66 -59.48 2.80
CA ILE A 1102 -45.22 -58.45 3.63
C ILE A 1102 -45.70 -59.04 4.91
N THR A 1103 -45.03 -58.67 6.01
CA THR A 1103 -45.37 -59.11 7.32
C THR A 1103 -45.53 -57.89 8.17
N THR A 1104 -46.14 -58.06 9.35
CA THR A 1104 -46.38 -56.99 10.28
C THR A 1104 -45.06 -56.46 10.75
N ASP A 1105 -44.05 -57.33 10.77
CA ASP A 1105 -42.75 -56.98 11.26
C ASP A 1105 -42.17 -55.86 10.45
N ASN A 1106 -42.36 -55.90 9.11
CA ASN A 1106 -41.90 -54.90 8.18
C ASN A 1106 -42.80 -53.69 8.11
N THR A 1107 -44.12 -53.87 8.28
CA THR A 1107 -45.04 -52.79 8.01
C THR A 1107 -45.61 -52.24 9.28
N PHE A 1108 -45.79 -50.89 9.33
CA PHE A 1108 -46.32 -50.26 10.51
C PHE A 1108 -47.80 -50.07 10.37
N VAL A 1109 -48.47 -49.91 11.54
CA VAL A 1109 -49.90 -49.89 11.64
C VAL A 1109 -50.41 -48.48 11.59
N SER A 1110 -51.26 -48.16 10.58
CA SER A 1110 -51.82 -46.84 10.53
C SER A 1110 -53.05 -46.81 9.67
N GLY A 1111 -54.08 -46.07 10.13
CA GLY A 1111 -55.25 -45.71 9.37
C GLY A 1111 -56.07 -46.88 8.93
N ASN A 1112 -57.01 -46.56 8.00
CA ASN A 1112 -58.00 -47.42 7.40
C ASN A 1112 -57.90 -47.23 5.90
N CYS A 1113 -58.57 -48.11 5.14
CA CYS A 1113 -58.56 -48.16 3.69
C CYS A 1113 -59.29 -47.02 3.05
N ASP A 1114 -60.31 -46.44 3.72
CA ASP A 1114 -61.13 -45.45 3.06
C ASP A 1114 -60.37 -44.21 2.70
N VAL A 1115 -59.43 -43.78 3.57
CA VAL A 1115 -58.71 -42.54 3.44
C VAL A 1115 -57.66 -42.50 2.36
N VAL A 1116 -56.82 -43.56 2.22
CA VAL A 1116 -55.68 -43.49 1.34
C VAL A 1116 -56.09 -43.58 -0.09
N ILE A 1117 -55.33 -42.88 -0.97
CA ILE A 1117 -55.61 -42.94 -2.37
C ILE A 1117 -54.62 -43.89 -2.99
N GLY A 1118 -55.13 -44.88 -3.73
CA GLY A 1118 -54.29 -45.81 -4.45
C GLY A 1118 -54.05 -47.07 -3.67
N ILE A 1119 -54.57 -47.18 -2.44
CA ILE A 1119 -54.35 -48.38 -1.68
C ILE A 1119 -54.96 -49.54 -2.38
N VAL A 1120 -54.34 -50.72 -2.21
CA VAL A 1120 -54.79 -51.92 -2.84
C VAL A 1120 -54.93 -52.99 -1.80
N ASN A 1121 -55.78 -53.99 -2.07
CA ASN A 1121 -55.95 -55.05 -1.11
C ASN A 1121 -54.85 -56.05 -1.32
N ASN A 1122 -54.30 -56.59 -0.20
CA ASN A 1122 -53.39 -57.68 -0.29
C ASN A 1122 -53.34 -58.40 1.02
N THR A 1123 -52.39 -59.34 1.18
CA THR A 1123 -52.40 -60.10 2.40
C THR A 1123 -51.09 -59.95 3.10
N VAL A 1124 -51.15 -59.64 4.42
CA VAL A 1124 -49.96 -59.50 5.22
C VAL A 1124 -49.86 -60.74 6.06
N TYR A 1125 -48.62 -61.25 6.22
CA TYR A 1125 -48.35 -62.46 6.94
C TYR A 1125 -48.06 -62.15 8.38
N ASP A 1126 -48.64 -62.97 9.29
CA ASP A 1126 -48.44 -62.80 10.71
C ASP A 1126 -47.59 -63.96 11.19
N PRO A 1127 -46.42 -63.65 11.67
CA PRO A 1127 -45.54 -64.68 12.16
C PRO A 1127 -46.02 -65.34 13.41
N LEU A 1128 -46.86 -64.65 14.22
CA LEU A 1128 -47.30 -65.15 15.49
C LEU A 1128 -48.24 -66.31 15.36
N GLN A 1129 -49.14 -66.28 14.36
CA GLN A 1129 -50.21 -67.24 14.27
C GLN A 1129 -49.71 -68.64 14.16
N PRO A 1130 -48.74 -68.93 13.34
CA PRO A 1130 -48.26 -70.28 13.21
C PRO A 1130 -47.67 -70.75 14.49
N GLU A 1131 -47.10 -69.83 15.28
CA GLU A 1131 -46.52 -70.20 16.53
C GLU A 1131 -47.62 -70.64 17.43
N LEU A 1132 -48.75 -69.90 17.40
CA LEU A 1132 -49.86 -70.18 18.25
C LEU A 1132 -50.44 -71.52 17.92
N ASP A 1133 -50.67 -71.79 16.63
CA ASP A 1133 -51.29 -73.03 16.26
C ASP A 1133 -50.38 -74.17 16.58
N SER A 1134 -49.09 -74.05 16.26
CA SER A 1134 -48.19 -75.13 16.54
C SER A 1134 -48.09 -75.26 18.05
N ALA B 14 -46.06 44.07 -2.48
CA ALA B 14 -46.88 42.84 -2.67
C ALA B 14 -46.10 41.80 -3.39
N TYR B 15 -46.15 40.54 -2.88
CA TYR B 15 -45.37 39.52 -3.50
C TYR B 15 -46.29 38.40 -3.89
N THR B 16 -45.85 37.61 -4.89
CA THR B 16 -46.64 36.51 -5.36
C THR B 16 -45.74 35.33 -5.46
N ASN B 17 -46.32 34.11 -5.42
CA ASN B 17 -45.51 32.94 -5.44
C ASN B 17 -45.21 32.61 -6.87
N SER B 18 -43.91 32.69 -7.25
CA SER B 18 -43.52 32.30 -8.58
C SER B 18 -43.15 30.86 -8.47
N PHE B 19 -44.15 29.98 -8.61
CA PHE B 19 -43.95 28.62 -8.20
C PHE B 19 -42.77 27.97 -8.87
N THR B 20 -42.94 27.53 -10.13
CA THR B 20 -41.95 26.84 -10.92
C THR B 20 -41.30 27.59 -12.04
N ARG B 21 -41.85 28.74 -12.45
CA ARG B 21 -41.48 29.34 -13.72
C ARG B 21 -40.08 29.85 -13.78
N GLY B 22 -39.64 30.14 -15.04
CA GLY B 22 -38.35 30.71 -15.28
C GLY B 22 -37.35 29.72 -15.82
N VAL B 23 -37.77 28.52 -16.26
CA VAL B 23 -36.83 27.57 -16.79
C VAL B 23 -36.71 27.74 -18.28
N TYR B 24 -35.46 27.63 -18.82
CA TYR B 24 -35.27 27.77 -20.24
C TYR B 24 -34.17 26.84 -20.67
N TYR B 25 -34.07 26.59 -22.00
CA TYR B 25 -33.08 25.67 -22.49
C TYR B 25 -31.73 26.28 -22.27
N PRO B 26 -30.92 25.61 -21.49
CA PRO B 26 -29.61 26.07 -21.12
C PRO B 26 -28.72 26.32 -22.29
N ASP B 27 -28.85 25.51 -23.36
CA ASP B 27 -27.98 25.67 -24.48
C ASP B 27 -28.76 25.44 -25.74
N LYS B 28 -28.02 25.52 -26.87
CA LYS B 28 -28.47 25.29 -28.20
C LYS B 28 -28.54 23.82 -28.54
N VAL B 29 -28.03 22.93 -27.67
CA VAL B 29 -27.92 21.53 -27.98
C VAL B 29 -29.18 20.76 -27.72
N PHE B 30 -29.56 19.89 -28.68
CA PHE B 30 -30.71 19.05 -28.60
C PHE B 30 -30.37 17.85 -27.77
N ARG B 31 -31.31 17.41 -26.92
CA ARG B 31 -31.17 16.22 -26.14
C ARG B 31 -32.53 15.60 -26.07
N SER B 32 -32.61 14.27 -25.91
CA SER B 32 -33.93 13.70 -25.85
C SER B 32 -33.96 12.58 -24.86
N SER B 33 -35.08 12.47 -24.12
CA SER B 33 -35.33 11.41 -23.19
C SER B 33 -34.16 11.23 -22.28
N VAL B 34 -33.63 12.33 -21.72
CA VAL B 34 -32.53 12.18 -20.82
C VAL B 34 -32.64 13.22 -19.74
N LEU B 35 -32.15 12.89 -18.53
CA LEU B 35 -32.19 13.83 -17.45
C LEU B 35 -30.82 14.39 -17.33
N HIS B 36 -30.67 15.69 -17.65
CA HIS B 36 -29.37 16.31 -17.74
C HIS B 36 -29.29 17.40 -16.71
N SER B 37 -28.09 17.55 -16.10
CA SER B 37 -27.93 18.54 -15.07
C SER B 37 -27.02 19.62 -15.60
N THR B 38 -27.35 20.89 -15.27
CA THR B 38 -26.55 21.99 -15.72
C THR B 38 -26.61 23.08 -14.69
N GLN B 39 -25.71 24.09 -14.82
CA GLN B 39 -25.71 25.19 -13.89
C GLN B 39 -25.72 26.46 -14.66
N ASP B 40 -26.72 27.33 -14.40
CA ASP B 40 -26.83 28.61 -15.05
C ASP B 40 -27.55 29.51 -14.09
N LEU B 41 -27.91 30.74 -14.54
CA LEU B 41 -28.60 31.63 -13.66
C LEU B 41 -30.06 31.49 -13.90
N PHE B 42 -30.78 30.95 -12.90
CA PHE B 42 -32.18 30.66 -13.05
C PHE B 42 -32.91 31.29 -11.91
N LEU B 43 -34.26 31.24 -11.98
CA LEU B 43 -35.08 31.76 -10.93
C LEU B 43 -35.29 30.63 -9.96
N PRO B 44 -34.84 30.80 -8.74
CA PRO B 44 -34.98 29.75 -7.78
C PRO B 44 -36.42 29.48 -7.53
N PHE B 45 -36.77 28.21 -7.28
CA PHE B 45 -38.15 27.84 -7.13
C PHE B 45 -38.74 28.46 -5.92
N PHE B 46 -40.06 28.76 -6.03
CA PHE B 46 -40.84 29.31 -4.95
C PHE B 46 -40.19 30.52 -4.38
N SER B 47 -39.75 31.45 -5.26
CA SER B 47 -39.12 32.66 -4.81
C SER B 47 -40.12 33.76 -4.89
N ASN B 48 -39.91 34.83 -4.10
CA ASN B 48 -40.84 35.91 -4.15
C ASN B 48 -40.59 36.71 -5.38
N VAL B 49 -41.67 37.21 -6.00
CA VAL B 49 -41.58 38.04 -7.16
C VAL B 49 -42.34 39.27 -6.82
N THR B 50 -41.88 40.44 -7.31
CA THR B 50 -42.55 41.64 -6.94
C THR B 50 -43.61 41.93 -7.95
N TRP B 51 -44.83 42.14 -7.44
CA TRP B 51 -45.97 42.38 -8.28
C TRP B 51 -46.09 43.86 -8.45
N PHE B 52 -46.25 44.31 -9.70
CA PHE B 52 -46.37 45.71 -9.98
C PHE B 52 -47.74 45.90 -10.56
N HIS B 53 -48.34 47.10 -10.38
CA HIS B 53 -49.68 47.21 -10.86
C HIS B 53 -49.90 48.45 -11.64
N ALA B 54 -50.79 48.33 -12.63
CA ALA B 54 -51.37 49.42 -13.33
C ALA B 54 -52.81 49.15 -13.07
N ILE B 55 -53.51 50.04 -12.34
CA ILE B 55 -54.87 49.68 -12.05
C ILE B 55 -55.63 50.94 -11.80
N HIS B 56 -56.95 50.95 -12.13
CA HIS B 56 -57.72 52.12 -11.88
C HIS B 56 -58.93 51.78 -11.09
N VAL B 57 -58.98 52.25 -9.82
CA VAL B 57 -60.18 52.11 -9.07
C VAL B 57 -60.59 53.52 -8.80
N SER B 58 -61.87 53.83 -9.05
CA SER B 58 -62.36 55.17 -8.95
C SER B 58 -62.66 55.50 -7.53
N GLY B 59 -63.01 56.78 -7.30
CA GLY B 59 -63.31 57.26 -5.99
C GLY B 59 -62.29 58.28 -5.64
N THR B 60 -62.64 59.19 -4.71
CA THR B 60 -61.73 60.21 -4.32
C THR B 60 -60.58 59.50 -3.71
N ASN B 61 -60.89 58.41 -2.99
CA ASN B 61 -59.87 57.65 -2.35
C ASN B 61 -58.91 57.24 -3.42
N GLY B 62 -59.43 56.61 -4.50
CA GLY B 62 -58.72 56.21 -5.69
C GLY B 62 -57.46 55.42 -5.42
N THR B 63 -57.43 54.17 -5.93
CA THR B 63 -56.34 53.24 -5.88
C THR B 63 -55.35 53.42 -7.00
N LYS B 64 -55.69 54.23 -8.03
CA LYS B 64 -54.96 54.37 -9.28
C LYS B 64 -53.47 54.27 -9.12
N ARG B 65 -52.88 53.35 -9.90
CA ARG B 65 -51.46 53.16 -9.88
C ARG B 65 -51.02 52.95 -11.28
N PHE B 66 -49.80 53.41 -11.60
CA PHE B 66 -49.19 53.19 -12.87
C PHE B 66 -47.76 53.01 -12.50
N ASP B 67 -47.33 51.76 -12.29
CA ASP B 67 -46.02 51.58 -11.74
C ASP B 67 -44.99 51.35 -12.80
N ASN B 68 -44.13 52.35 -13.02
CA ASN B 68 -43.00 52.15 -13.87
C ASN B 68 -41.75 52.62 -13.16
N PRO B 69 -41.32 51.98 -12.08
CA PRO B 69 -40.11 52.40 -11.43
C PRO B 69 -38.94 51.74 -12.07
N VAL B 70 -37.71 52.17 -11.71
CA VAL B 70 -36.53 51.54 -12.25
C VAL B 70 -36.14 50.47 -11.28
N LEU B 71 -35.80 49.27 -11.79
CA LEU B 71 -35.46 48.15 -10.93
C LEU B 71 -34.07 47.68 -11.26
N PRO B 72 -33.50 46.98 -10.31
CA PRO B 72 -32.17 46.44 -10.48
C PRO B 72 -32.11 45.28 -11.43
N PHE B 73 -30.99 45.21 -12.18
CA PHE B 73 -30.62 44.23 -13.17
C PHE B 73 -29.98 43.01 -12.60
N ASN B 74 -29.40 43.09 -11.38
CA ASN B 74 -28.63 42.09 -10.69
C ASN B 74 -27.96 41.15 -11.66
N ASP B 75 -28.07 39.84 -11.45
CA ASP B 75 -27.52 38.88 -12.36
C ASP B 75 -28.37 38.65 -13.59
N GLY B 76 -29.72 38.71 -13.47
CA GLY B 76 -30.56 38.48 -14.62
C GLY B 76 -31.97 38.64 -14.16
N VAL B 77 -32.87 39.06 -15.07
CA VAL B 77 -34.21 39.33 -14.64
C VAL B 77 -35.16 38.44 -15.36
N TYR B 78 -36.13 37.88 -14.61
CA TYR B 78 -37.18 37.07 -15.13
C TYR B 78 -38.38 37.94 -15.08
N PHE B 79 -38.98 38.20 -16.26
CA PHE B 79 -40.08 39.12 -16.36
C PHE B 79 -41.27 38.39 -16.88
N ALA B 80 -42.43 38.58 -16.23
CA ALA B 80 -43.64 37.96 -16.69
C ALA B 80 -44.72 38.99 -16.60
N SER B 81 -45.74 38.91 -17.49
CA SER B 81 -46.79 39.88 -17.45
C SER B 81 -48.07 39.22 -17.85
N THR B 82 -49.19 39.75 -17.32
CA THR B 82 -50.49 39.33 -17.76
C THR B 82 -51.16 40.59 -18.21
N GLU B 83 -51.46 40.71 -19.52
CA GLU B 83 -52.03 41.96 -19.93
C GLU B 83 -53.18 41.75 -20.86
N LYS B 84 -54.30 42.46 -20.58
CA LYS B 84 -55.44 42.49 -21.47
C LYS B 84 -55.18 43.45 -22.60
N SER B 85 -54.84 44.70 -22.22
CA SER B 85 -54.70 45.87 -23.06
C SER B 85 -53.38 45.98 -23.75
N ASN B 86 -52.37 45.15 -23.40
CA ASN B 86 -51.08 45.27 -23.99
C ASN B 86 -50.54 46.65 -23.71
N ILE B 87 -50.63 47.03 -22.42
CA ILE B 87 -50.16 48.28 -21.89
C ILE B 87 -48.67 48.34 -21.96
N ILE B 88 -47.98 47.24 -21.60
CA ILE B 88 -46.55 47.22 -21.49
C ILE B 88 -45.93 47.11 -22.85
N ARG B 89 -45.25 48.20 -23.27
CA ARG B 89 -44.55 48.27 -24.54
C ARG B 89 -43.14 47.77 -24.56
N GLY B 90 -42.32 47.96 -23.49
CA GLY B 90 -40.94 47.56 -23.65
C GLY B 90 -40.17 47.78 -22.37
N TRP B 91 -38.82 47.69 -22.46
CA TRP B 91 -37.95 47.80 -21.33
C TRP B 91 -36.80 48.71 -21.67
N ILE B 92 -36.02 49.09 -20.63
CA ILE B 92 -34.82 49.88 -20.76
C ILE B 92 -33.76 49.18 -19.95
N PHE B 93 -32.54 49.04 -20.49
CA PHE B 93 -31.49 48.39 -19.73
C PHE B 93 -30.26 49.24 -19.76
N GLY B 94 -29.53 49.32 -18.63
CA GLY B 94 -28.31 50.11 -18.60
C GLY B 94 -27.99 50.49 -17.19
N THR B 95 -26.86 51.20 -16.98
CA THR B 95 -26.52 51.66 -15.66
C THR B 95 -27.25 52.92 -15.24
N THR B 96 -27.00 54.03 -15.97
CA THR B 96 -27.53 55.33 -15.65
C THR B 96 -28.93 55.55 -16.17
N LEU B 97 -29.23 55.01 -17.36
CA LEU B 97 -30.49 55.29 -18.01
C LEU B 97 -30.57 56.77 -18.27
N ASP B 98 -29.40 57.39 -18.52
CA ASP B 98 -29.29 58.78 -18.87
C ASP B 98 -28.19 58.84 -19.90
N SER B 99 -28.17 59.90 -20.74
CA SER B 99 -27.25 60.00 -21.85
C SER B 99 -25.83 60.02 -21.34
N LYS B 100 -24.87 60.06 -22.29
CA LYS B 100 -23.46 60.00 -22.04
C LYS B 100 -23.07 58.57 -21.78
N THR B 101 -23.99 57.62 -22.03
CA THR B 101 -23.65 56.22 -21.96
C THR B 101 -24.65 55.51 -22.82
N GLN B 102 -24.25 54.37 -23.43
CA GLN B 102 -25.19 53.67 -24.26
C GLN B 102 -26.16 52.93 -23.40
N SER B 103 -27.40 52.77 -23.88
CA SER B 103 -28.40 52.09 -23.11
C SER B 103 -29.27 51.30 -24.04
N LEU B 104 -29.69 50.10 -23.60
CA LEU B 104 -30.52 49.25 -24.41
C LEU B 104 -31.93 49.76 -24.34
N LEU B 105 -32.63 49.81 -25.50
CA LEU B 105 -33.98 50.29 -25.51
C LEU B 105 -34.76 49.37 -26.41
N ILE B 106 -35.84 48.76 -25.88
CA ILE B 106 -36.64 47.87 -26.68
C ILE B 106 -38.04 48.36 -26.60
N VAL B 107 -38.65 48.68 -27.76
CA VAL B 107 -40.02 49.15 -27.72
C VAL B 107 -40.76 48.60 -28.90
N ASN B 108 -42.03 48.26 -28.67
CA ASN B 108 -42.77 47.82 -29.81
C ASN B 108 -43.80 48.86 -30.08
N ASN B 109 -43.68 49.49 -31.25
CA ASN B 109 -44.74 50.35 -31.63
C ASN B 109 -45.77 49.39 -32.10
N ALA B 110 -46.94 49.87 -32.49
CA ALA B 110 -47.96 48.95 -32.89
C ALA B 110 -47.46 48.12 -34.04
N THR B 111 -46.68 48.74 -34.95
CA THR B 111 -46.19 48.09 -36.13
C THR B 111 -45.14 47.03 -35.91
N ASN B 112 -44.01 47.34 -35.23
CA ASN B 112 -42.94 46.38 -35.17
C ASN B 112 -42.16 46.53 -33.90
N VAL B 113 -41.04 45.77 -33.78
CA VAL B 113 -40.21 45.81 -32.60
C VAL B 113 -38.91 46.45 -33.00
N VAL B 114 -38.47 47.46 -32.22
CA VAL B 114 -37.24 48.10 -32.55
C VAL B 114 -36.36 48.00 -31.35
N ILE B 115 -35.09 47.63 -31.57
CA ILE B 115 -34.14 47.48 -30.50
C ILE B 115 -33.01 48.41 -30.81
N LYS B 116 -32.69 49.37 -29.91
CA LYS B 116 -31.51 50.12 -30.22
C LYS B 116 -30.86 50.64 -28.96
N VAL B 117 -29.51 50.71 -29.05
CA VAL B 117 -28.46 51.04 -28.12
C VAL B 117 -28.11 52.49 -27.92
N CYS B 118 -28.67 53.47 -28.65
CA CYS B 118 -28.17 54.82 -28.64
C CYS B 118 -28.02 55.39 -27.26
N GLU B 119 -27.24 56.50 -27.18
CA GLU B 119 -27.10 57.23 -25.95
C GLU B 119 -28.26 58.17 -25.96
N PHE B 120 -29.43 57.62 -25.57
CA PHE B 120 -30.68 58.32 -25.68
C PHE B 120 -30.78 59.33 -24.59
N GLN B 121 -31.63 60.36 -24.83
CA GLN B 121 -31.90 61.31 -23.80
C GLN B 121 -33.18 60.82 -23.22
N PHE B 122 -33.12 60.06 -22.11
CA PHE B 122 -34.33 59.49 -21.59
C PHE B 122 -35.11 60.52 -20.85
N CYS B 123 -36.44 60.37 -20.88
CA CYS B 123 -37.31 61.26 -20.16
C CYS B 123 -37.28 60.81 -18.73
N ASN B 124 -37.67 61.71 -17.81
CA ASN B 124 -37.64 61.34 -16.43
C ASN B 124 -38.61 60.21 -16.25
N ASP B 125 -39.81 60.33 -16.87
CA ASP B 125 -40.78 59.27 -16.72
C ASP B 125 -41.21 58.88 -18.10
N PRO B 126 -40.44 58.03 -18.73
CA PRO B 126 -40.74 57.61 -20.07
C PRO B 126 -41.87 56.64 -20.16
N PHE B 127 -42.64 56.68 -21.27
CA PHE B 127 -43.68 55.72 -21.45
C PHE B 127 -44.03 55.62 -22.91
N LEU B 128 -45.00 54.76 -23.26
CA LEU B 128 -45.40 54.69 -24.64
C LEU B 128 -46.88 54.82 -24.66
N GLY B 129 -47.52 54.59 -25.83
CA GLY B 129 -48.95 54.53 -25.71
C GLY B 129 -49.74 54.31 -26.97
N VAL B 130 -50.92 53.63 -26.80
CA VAL B 130 -52.04 53.64 -27.73
C VAL B 130 -53.35 54.32 -27.21
N TYR B 131 -53.99 55.20 -28.02
CA TYR B 131 -55.13 56.03 -27.73
C TYR B 131 -56.32 55.35 -28.33
N TYR B 132 -57.44 55.30 -27.58
CA TYR B 132 -58.59 54.65 -28.14
C TYR B 132 -59.58 55.71 -28.52
N HIS B 133 -59.94 55.72 -29.82
CA HIS B 133 -60.79 56.71 -30.42
C HIS B 133 -62.25 56.47 -30.12
N LYS B 134 -63.01 57.58 -29.94
CA LYS B 134 -64.42 57.58 -29.63
C LYS B 134 -65.29 57.14 -30.78
N ASN B 135 -65.05 57.69 -31.98
CA ASN B 135 -65.95 57.44 -33.08
C ASN B 135 -65.91 56.03 -33.55
N ASN B 136 -64.70 55.44 -33.63
CA ASN B 136 -64.54 54.11 -34.13
C ASN B 136 -63.97 53.26 -33.04
N LYS B 137 -63.80 51.96 -33.36
CA LYS B 137 -63.28 50.93 -32.50
C LYS B 137 -61.80 50.96 -32.33
N SER B 138 -61.04 51.59 -33.26
CA SER B 138 -59.60 51.51 -33.34
C SER B 138 -58.88 51.97 -32.12
N TRP B 139 -57.69 51.34 -31.94
CA TRP B 139 -56.74 51.44 -30.88
C TRP B 139 -55.50 51.84 -31.64
N MET B 140 -54.88 53.01 -31.34
CA MET B 140 -53.70 53.32 -32.11
C MET B 140 -52.61 53.84 -31.24
N GLU B 141 -51.36 53.46 -31.57
CA GLU B 141 -50.25 53.90 -30.78
C GLU B 141 -49.73 55.16 -31.36
N SER B 142 -49.68 56.23 -30.53
CA SER B 142 -49.04 57.39 -31.09
C SER B 142 -48.29 58.10 -30.02
N GLU B 143 -48.08 57.44 -28.86
CA GLU B 143 -47.33 58.09 -27.82
C GLU B 143 -46.03 57.36 -27.68
N PHE B 144 -44.92 57.99 -28.09
CA PHE B 144 -43.66 57.34 -27.95
C PHE B 144 -42.73 58.32 -27.32
N ARG B 145 -42.60 58.33 -25.98
CA ARG B 145 -41.61 59.23 -25.46
C ARG B 145 -40.70 58.50 -24.56
N VAL B 146 -39.76 57.73 -25.14
CA VAL B 146 -38.70 57.14 -24.38
C VAL B 146 -37.60 58.13 -24.19
N TYR B 147 -37.20 58.81 -25.29
CA TYR B 147 -36.06 59.68 -25.25
C TYR B 147 -36.25 60.85 -26.16
N SER B 148 -35.58 61.98 -25.81
CA SER B 148 -35.56 63.19 -26.57
C SER B 148 -34.69 63.02 -27.78
N SER B 149 -33.47 62.46 -27.61
CA SER B 149 -32.56 62.34 -28.73
C SER B 149 -31.58 61.23 -28.45
N ALA B 150 -30.63 60.98 -29.38
CA ALA B 150 -29.65 59.95 -29.17
C ALA B 150 -28.44 60.24 -30.00
N ASN B 151 -27.27 59.66 -29.62
CA ASN B 151 -26.04 59.88 -30.36
C ASN B 151 -25.20 58.63 -30.29
N ASN B 152 -24.26 58.50 -31.25
CA ASN B 152 -23.29 57.44 -31.29
C ASN B 152 -23.92 56.09 -31.08
N CYS B 153 -24.87 55.71 -31.96
CA CYS B 153 -25.58 54.47 -31.79
C CYS B 153 -24.79 53.33 -32.41
N THR B 154 -24.49 52.29 -31.60
CA THR B 154 -23.77 51.11 -32.05
C THR B 154 -24.60 50.11 -32.82
N PHE B 155 -25.79 49.70 -32.31
CA PHE B 155 -26.51 48.61 -32.95
C PHE B 155 -27.97 48.95 -33.04
N GLU B 156 -28.66 48.50 -34.12
CA GLU B 156 -30.06 48.79 -34.25
C GLU B 156 -30.71 47.65 -34.98
N TYR B 157 -31.95 47.29 -34.59
CA TYR B 157 -32.64 46.19 -35.21
C TYR B 157 -34.11 46.52 -35.30
N VAL B 158 -34.78 46.00 -36.35
CA VAL B 158 -36.19 46.20 -36.49
C VAL B 158 -36.79 44.87 -36.83
N SER B 159 -37.97 44.58 -36.25
CA SER B 159 -38.63 43.32 -36.47
C SER B 159 -39.65 43.47 -37.56
N GLN B 160 -40.54 42.46 -37.67
CA GLN B 160 -41.60 42.47 -38.64
C GLN B 160 -42.79 43.07 -37.97
N PRO B 161 -43.83 43.31 -38.75
CA PRO B 161 -45.03 43.86 -38.19
C PRO B 161 -45.79 42.84 -37.40
N PHE B 162 -46.59 43.31 -36.42
CA PHE B 162 -47.40 42.44 -35.61
C PHE B 162 -48.57 43.22 -35.10
N LEU B 163 -49.54 42.53 -34.48
CA LEU B 163 -50.70 43.24 -34.01
C LEU B 163 -50.93 42.86 -32.58
N MET B 164 -51.19 43.87 -31.73
CA MET B 164 -51.44 43.65 -30.33
C MET B 164 -52.49 44.63 -29.89
N ASP B 165 -52.82 44.62 -28.58
CA ASP B 165 -53.83 45.48 -28.03
C ASP B 165 -53.24 46.83 -27.76
N LEU B 166 -53.72 47.83 -28.53
CA LEU B 166 -53.38 49.23 -28.42
C LEU B 166 -54.16 50.01 -27.35
N GLU B 167 -55.50 49.90 -27.38
CA GLU B 167 -56.48 50.62 -26.60
C GLU B 167 -56.36 50.40 -25.14
N GLY B 168 -56.99 51.33 -24.40
CA GLY B 168 -57.11 51.16 -23.00
C GLY B 168 -58.46 50.55 -22.77
N LYS B 169 -58.48 49.29 -22.31
CA LYS B 169 -59.73 48.68 -22.00
C LYS B 169 -59.47 47.70 -20.90
N GLN B 170 -60.35 47.68 -19.88
CA GLN B 170 -60.14 46.86 -18.73
C GLN B 170 -60.75 45.52 -18.92
N GLY B 171 -60.35 44.55 -18.07
CA GLY B 171 -60.90 43.23 -18.17
C GLY B 171 -60.03 42.28 -17.42
N ASN B 172 -60.04 41.02 -17.89
CA ASN B 172 -59.35 39.88 -17.37
C ASN B 172 -58.08 39.72 -18.14
N PHE B 173 -56.97 39.35 -17.46
CA PHE B 173 -55.70 39.27 -18.12
C PHE B 173 -55.60 37.98 -18.86
N LYS B 174 -55.87 38.02 -20.18
CA LYS B 174 -55.81 36.86 -21.02
C LYS B 174 -54.41 36.47 -21.38
N ASN B 175 -53.54 37.45 -21.71
CA ASN B 175 -52.27 37.08 -22.29
C ASN B 175 -51.20 37.00 -21.26
N LEU B 176 -50.45 35.88 -21.32
CA LEU B 176 -49.39 35.68 -20.37
C LEU B 176 -48.12 35.65 -21.16
N ARG B 177 -47.19 36.57 -20.82
CA ARG B 177 -45.95 36.63 -21.52
C ARG B 177 -44.85 36.47 -20.51
N GLU B 178 -43.86 35.62 -20.84
CA GLU B 178 -42.75 35.40 -19.93
C GLU B 178 -41.49 35.70 -20.68
N PHE B 179 -40.47 36.22 -19.97
CA PHE B 179 -39.23 36.54 -20.61
C PHE B 179 -38.12 36.31 -19.63
N VAL B 180 -36.90 36.02 -20.15
CA VAL B 180 -35.76 35.90 -19.29
C VAL B 180 -34.69 36.75 -19.89
N PHE B 181 -34.13 37.69 -19.10
CA PHE B 181 -33.10 38.52 -19.64
C PHE B 181 -31.86 38.24 -18.83
N LYS B 182 -30.79 37.79 -19.51
CA LYS B 182 -29.57 37.49 -18.79
C LYS B 182 -28.43 37.84 -19.67
N ASN B 183 -27.21 37.94 -19.09
CA ASN B 183 -26.08 38.30 -19.90
C ASN B 183 -25.05 37.22 -19.85
N ILE B 184 -24.54 36.82 -21.03
CA ILE B 184 -23.55 35.79 -21.02
C ILE B 184 -22.38 36.28 -21.83
N ASP B 185 -21.20 36.36 -21.21
CA ASP B 185 -20.03 36.83 -21.90
C ASP B 185 -20.31 38.18 -22.50
N GLY B 186 -21.04 39.03 -21.74
CA GLY B 186 -21.28 40.37 -22.20
C GLY B 186 -22.42 40.32 -23.17
N TYR B 187 -22.95 39.12 -23.43
CA TYR B 187 -24.04 38.98 -24.34
C TYR B 187 -25.33 39.25 -23.67
N PHE B 188 -26.25 39.87 -24.41
CA PHE B 188 -27.58 40.08 -23.93
C PHE B 188 -28.41 39.03 -24.59
N LYS B 189 -29.03 38.13 -23.79
CA LYS B 189 -29.81 37.06 -24.31
C LYS B 189 -31.25 37.26 -23.96
N ILE B 190 -32.15 36.77 -24.84
CA ILE B 190 -33.56 36.90 -24.61
C ILE B 190 -34.20 35.56 -24.84
N TYR B 191 -35.18 35.21 -23.98
CA TYR B 191 -35.94 33.99 -24.11
C TYR B 191 -37.38 34.41 -23.91
N SER B 192 -38.34 33.63 -24.45
CA SER B 192 -39.72 34.01 -24.26
C SER B 192 -40.60 32.81 -24.35
N LYS B 193 -41.86 32.97 -23.87
CA LYS B 193 -42.87 31.96 -23.98
C LYS B 193 -44.17 32.69 -23.85
N HIS B 194 -45.10 32.52 -24.81
CA HIS B 194 -46.35 33.26 -24.76
C HIS B 194 -47.48 32.28 -24.71
N THR B 195 -48.37 32.42 -23.70
CA THR B 195 -49.50 31.55 -23.60
C THR B 195 -50.67 32.34 -23.07
N PRO B 196 -51.86 31.91 -23.41
CA PRO B 196 -53.04 32.53 -22.88
C PRO B 196 -53.28 32.00 -21.51
N ILE B 197 -53.87 32.79 -20.59
CA ILE B 197 -54.10 32.25 -19.29
C ILE B 197 -55.36 32.85 -18.75
N ASN B 198 -56.17 32.03 -18.07
CA ASN B 198 -57.44 32.41 -17.51
C ASN B 198 -57.36 33.21 -16.23
N LEU B 199 -56.34 32.99 -15.37
CA LEU B 199 -56.35 33.56 -14.04
C LEU B 199 -55.72 34.93 -14.00
N VAL B 200 -56.53 35.96 -13.65
CA VAL B 200 -56.11 37.33 -13.51
C VAL B 200 -55.37 37.64 -12.24
N ARG B 201 -55.81 37.08 -11.09
CA ARG B 201 -55.33 37.51 -9.81
C ARG B 201 -53.86 37.32 -9.58
N ASP B 202 -53.36 36.08 -9.73
CA ASP B 202 -51.99 35.84 -9.42
C ASP B 202 -51.30 35.30 -10.61
N LEU B 203 -50.11 34.73 -10.35
CA LEU B 203 -49.33 34.09 -11.37
C LEU B 203 -49.91 32.72 -11.50
N PRO B 204 -50.08 32.29 -12.72
CA PRO B 204 -50.66 30.99 -12.92
C PRO B 204 -49.71 29.93 -12.48
N GLN B 205 -50.23 28.84 -11.88
CA GLN B 205 -49.36 27.81 -11.43
C GLN B 205 -49.27 26.80 -12.54
N GLY B 206 -48.03 26.48 -12.95
CA GLY B 206 -47.85 25.54 -14.01
C GLY B 206 -46.44 25.69 -14.48
N PHE B 207 -45.99 24.79 -15.37
CA PHE B 207 -44.64 24.86 -15.82
C PHE B 207 -44.62 24.96 -17.31
N SER B 208 -43.71 25.82 -17.83
CA SER B 208 -43.51 25.98 -19.24
C SER B 208 -42.07 26.34 -19.43
N ALA B 209 -41.49 26.00 -20.59
CA ALA B 209 -40.10 26.26 -20.81
C ALA B 209 -39.96 27.40 -21.77
N LEU B 210 -38.87 28.18 -21.62
CA LEU B 210 -38.66 29.32 -22.49
C LEU B 210 -37.59 28.98 -23.49
N GLU B 211 -37.75 29.48 -24.73
CA GLU B 211 -36.80 29.20 -25.79
C GLU B 211 -36.20 30.49 -26.26
N PRO B 212 -34.96 30.42 -26.71
CA PRO B 212 -34.24 31.59 -27.18
C PRO B 212 -34.68 32.13 -28.51
N LEU B 213 -35.24 33.37 -28.54
CA LEU B 213 -35.60 34.06 -29.75
C LEU B 213 -34.54 34.95 -30.38
N VAL B 214 -33.80 35.76 -29.58
CA VAL B 214 -32.93 36.74 -30.18
C VAL B 214 -31.59 36.73 -29.50
N ASP B 215 -30.57 37.19 -30.26
CA ASP B 215 -29.23 37.33 -29.76
C ASP B 215 -28.85 38.77 -29.94
N LEU B 216 -28.38 39.42 -28.86
CA LEU B 216 -27.94 40.79 -28.98
C LEU B 216 -26.53 40.86 -28.46
N PRO B 217 -25.61 40.93 -29.39
CA PRO B 217 -24.18 40.95 -29.15
C PRO B 217 -23.64 42.28 -28.70
N ILE B 218 -24.48 43.15 -28.11
CA ILE B 218 -24.11 44.48 -27.73
C ILE B 218 -23.04 44.57 -26.66
N GLY B 219 -23.11 43.76 -25.59
CA GLY B 219 -22.07 43.82 -24.60
C GLY B 219 -22.21 45.03 -23.72
N ILE B 220 -23.45 45.41 -23.39
CA ILE B 220 -23.71 46.54 -22.55
C ILE B 220 -23.62 46.10 -21.12
N ASN B 221 -22.94 46.89 -20.26
CA ASN B 221 -22.84 46.54 -18.87
C ASN B 221 -24.07 47.11 -18.23
N ILE B 222 -25.03 46.25 -17.82
CA ILE B 222 -26.29 46.74 -17.34
C ILE B 222 -26.50 46.42 -15.89
N THR B 223 -26.61 47.48 -15.06
CA THR B 223 -26.97 47.41 -13.67
C THR B 223 -28.45 47.51 -13.40
N ARG B 224 -29.20 48.39 -14.11
CA ARG B 224 -30.57 48.60 -13.75
C ARG B 224 -31.44 48.63 -14.97
N PHE B 225 -32.75 48.35 -14.80
CA PHE B 225 -33.64 48.35 -15.93
C PHE B 225 -34.97 48.87 -15.50
N GLN B 226 -35.78 49.37 -16.45
CA GLN B 226 -37.06 49.93 -16.16
C GLN B 226 -38.03 49.41 -17.16
N THR B 227 -39.32 49.32 -16.79
CA THR B 227 -40.30 48.80 -17.72
C THR B 227 -41.09 49.98 -18.23
N LEU B 228 -41.43 49.97 -19.53
CA LEU B 228 -42.14 51.08 -20.10
C LEU B 228 -43.58 50.72 -20.32
N LEU B 229 -44.49 51.39 -19.59
CA LEU B 229 -45.90 51.17 -19.78
C LEU B 229 -46.36 52.12 -20.84
N ALA B 230 -47.51 51.83 -21.50
CA ALA B 230 -47.87 52.65 -22.62
C ALA B 230 -49.35 52.67 -22.89
N LEU B 231 -49.91 53.88 -23.22
CA LEU B 231 -51.24 54.07 -23.79
C LEU B 231 -51.33 55.52 -24.32
N HIS B 232 -51.70 55.68 -25.60
CA HIS B 232 -51.75 56.72 -26.60
C HIS B 232 -52.85 57.62 -26.36
N ARG B 233 -53.79 57.19 -25.52
CA ARG B 233 -54.65 58.27 -25.25
C ARG B 233 -53.91 59.30 -24.44
N SER B 234 -52.69 59.01 -23.92
CA SER B 234 -51.97 60.03 -23.18
C SER B 234 -50.71 60.48 -23.90
N TYR B 235 -50.47 61.82 -23.88
CA TYR B 235 -49.40 62.55 -24.51
C TYR B 235 -48.19 62.48 -23.65
N LEU B 236 -47.00 62.71 -24.22
CA LEU B 236 -45.88 62.55 -23.35
C LEU B 236 -44.88 63.66 -23.48
N THR B 237 -44.26 64.01 -22.32
CA THR B 237 -43.22 64.98 -22.26
C THR B 237 -42.20 64.42 -21.33
N PRO B 238 -40.94 64.69 -21.53
CA PRO B 238 -39.96 64.30 -20.57
C PRO B 238 -40.40 65.13 -19.41
N GLY B 239 -40.30 64.68 -18.15
CA GLY B 239 -40.74 65.57 -17.10
C GLY B 239 -42.18 65.30 -16.76
N ASP B 240 -42.81 64.29 -17.39
CA ASP B 240 -44.18 63.99 -17.08
C ASP B 240 -44.16 63.15 -15.84
N SER B 241 -44.73 63.64 -14.73
CA SER B 241 -44.66 62.86 -13.53
C SER B 241 -45.95 62.13 -13.34
N SER B 242 -46.18 61.11 -14.21
CA SER B 242 -47.31 60.23 -14.14
C SER B 242 -48.61 60.97 -14.02
N SER B 243 -48.76 62.10 -14.74
CA SER B 243 -49.99 62.83 -14.71
C SER B 243 -50.77 62.46 -15.93
N GLY B 244 -51.95 63.08 -16.11
CA GLY B 244 -52.74 62.85 -17.28
C GLY B 244 -53.48 61.56 -17.13
N TRP B 245 -53.92 60.99 -18.28
CA TRP B 245 -54.70 59.79 -18.24
C TRP B 245 -53.77 58.61 -18.13
N THR B 246 -54.31 57.49 -17.60
CA THR B 246 -53.51 56.31 -17.38
C THR B 246 -54.10 55.17 -18.13
N ALA B 247 -53.27 54.15 -18.41
CA ALA B 247 -53.67 53.01 -19.18
C ALA B 247 -54.51 52.08 -18.34
N GLY B 248 -55.03 51.03 -18.99
CA GLY B 248 -55.88 50.06 -18.34
C GLY B 248 -55.06 49.25 -17.40
N ALA B 249 -55.74 48.45 -16.54
CA ALA B 249 -55.08 47.70 -15.52
C ALA B 249 -54.16 46.69 -16.14
N ALA B 250 -52.97 46.53 -15.53
CA ALA B 250 -52.01 45.58 -16.01
C ALA B 250 -51.12 45.25 -14.85
N ALA B 251 -50.52 44.04 -14.86
CA ALA B 251 -49.64 43.68 -13.80
C ALA B 251 -48.48 42.96 -14.42
N TYR B 252 -47.26 43.22 -13.92
CA TYR B 252 -46.12 42.51 -14.41
C TYR B 252 -45.28 42.14 -13.24
N TYR B 253 -44.40 41.13 -13.41
CA TYR B 253 -43.66 40.67 -12.27
C TYR B 253 -42.20 40.69 -12.59
N VAL B 254 -41.36 40.78 -11.55
CA VAL B 254 -39.94 40.74 -11.75
C VAL B 254 -39.33 39.93 -10.65
N GLY B 255 -38.34 39.08 -11.01
CA GLY B 255 -37.66 38.25 -10.05
C GLY B 255 -36.20 38.27 -10.42
N TYR B 256 -35.35 37.70 -9.56
CA TYR B 256 -33.93 37.78 -9.79
C TYR B 256 -33.39 36.39 -9.98
N LEU B 257 -32.48 36.21 -10.96
CA LEU B 257 -31.86 34.95 -11.25
C LEU B 257 -30.70 34.73 -10.33
N GLN B 258 -30.34 33.45 -10.08
CA GLN B 258 -29.25 33.15 -9.20
C GLN B 258 -28.55 31.91 -9.72
N PRO B 259 -27.26 31.79 -9.51
CA PRO B 259 -26.60 30.59 -9.96
C PRO B 259 -27.03 29.41 -9.13
N ARG B 260 -27.80 28.49 -9.72
CA ARG B 260 -28.26 27.36 -8.98
C ARG B 260 -28.19 26.19 -9.91
N THR B 261 -28.23 24.96 -9.35
CA THR B 261 -28.18 23.84 -10.25
C THR B 261 -29.57 23.33 -10.47
N PHE B 262 -29.82 22.73 -11.65
CA PHE B 262 -31.11 22.22 -12.00
C PHE B 262 -30.95 20.92 -12.70
N LEU B 263 -31.99 20.05 -12.62
CA LEU B 263 -31.98 18.82 -13.36
C LEU B 263 -33.10 18.93 -14.34
N LEU B 264 -32.78 18.97 -15.64
CA LEU B 264 -33.82 19.22 -16.60
C LEU B 264 -34.25 17.94 -17.23
N LYS B 265 -35.58 17.82 -17.49
CA LYS B 265 -36.16 16.65 -18.05
C LYS B 265 -36.53 16.93 -19.47
N TYR B 266 -35.83 16.28 -20.42
CA TYR B 266 -36.12 16.44 -21.82
C TYR B 266 -37.07 15.36 -22.20
N ASN B 267 -38.16 15.72 -22.89
CA ASN B 267 -39.15 14.77 -23.34
C ASN B 267 -38.63 14.18 -24.61
N GLU B 268 -39.44 13.35 -25.29
CA GLU B 268 -39.01 12.72 -26.50
C GLU B 268 -38.73 13.76 -27.54
N ASN B 269 -39.56 14.82 -27.57
CA ASN B 269 -39.47 15.90 -28.51
C ASN B 269 -38.29 16.76 -28.23
N GLY B 270 -37.74 16.74 -26.99
CA GLY B 270 -36.69 17.66 -26.69
C GLY B 270 -37.34 18.82 -25.99
N THR B 271 -38.59 18.59 -25.51
CA THR B 271 -39.32 19.61 -24.81
C THR B 271 -39.08 19.42 -23.35
N ILE B 272 -38.87 20.55 -22.62
CA ILE B 272 -38.59 20.47 -21.22
C ILE B 272 -39.88 20.51 -20.49
N THR B 273 -40.29 19.32 -20.00
CA THR B 273 -41.48 19.06 -19.25
C THR B 273 -41.41 19.44 -17.79
N ASP B 274 -40.28 19.18 -17.11
CA ASP B 274 -40.23 19.42 -15.69
C ASP B 274 -38.86 19.92 -15.33
N ALA B 275 -38.62 20.14 -14.02
CA ALA B 275 -37.32 20.57 -13.59
C ALA B 275 -37.26 20.44 -12.09
N VAL B 276 -36.04 20.39 -11.53
CA VAL B 276 -35.89 20.37 -10.09
C VAL B 276 -34.93 21.43 -9.69
N ASP B 277 -35.37 22.31 -8.75
CA ASP B 277 -34.49 23.29 -8.19
C ASP B 277 -33.67 22.51 -7.22
N CYS B 278 -32.34 22.44 -7.42
CA CYS B 278 -31.60 21.53 -6.56
C CYS B 278 -31.50 21.97 -5.13
N ALA B 279 -31.23 23.25 -4.89
CA ALA B 279 -31.05 23.93 -3.63
C ALA B 279 -32.33 24.14 -2.86
N LEU B 280 -33.49 24.02 -3.52
CA LEU B 280 -34.73 24.43 -2.92
C LEU B 280 -34.93 23.78 -1.58
N ASP B 281 -34.83 22.44 -1.46
CA ASP B 281 -35.00 21.83 -0.16
C ASP B 281 -34.27 20.53 -0.13
N PRO B 282 -34.18 19.91 1.02
CA PRO B 282 -33.45 18.68 1.13
C PRO B 282 -34.02 17.60 0.27
N LEU B 283 -35.33 17.63 0.03
CA LEU B 283 -35.95 16.65 -0.82
C LEU B 283 -35.40 16.87 -2.21
N SER B 284 -35.31 18.14 -2.62
CA SER B 284 -34.89 18.50 -3.96
C SER B 284 -33.45 18.15 -4.15
N GLU B 285 -32.64 18.20 -3.08
CA GLU B 285 -31.24 17.89 -3.20
C GLU B 285 -31.08 16.43 -3.54
N THR B 286 -31.93 15.58 -2.95
CA THR B 286 -31.86 14.16 -3.17
C THR B 286 -32.09 13.87 -4.62
N LYS B 287 -33.06 14.58 -5.22
CA LYS B 287 -33.40 14.37 -6.59
C LYS B 287 -32.20 14.69 -7.43
N CYS B 288 -31.39 15.66 -6.98
CA CYS B 288 -30.26 16.11 -7.72
C CYS B 288 -29.23 15.01 -7.83
N THR B 289 -28.89 14.35 -6.71
CA THR B 289 -27.85 13.34 -6.70
C THR B 289 -28.24 12.12 -7.48
N LEU B 290 -29.49 11.66 -7.30
CA LEU B 290 -30.04 10.48 -7.88
C LEU B 290 -30.22 10.65 -9.37
N LYS B 291 -30.34 11.91 -9.84
CA LYS B 291 -30.60 12.12 -11.24
C LYS B 291 -31.91 11.51 -11.61
N SER B 292 -32.92 11.69 -10.74
CA SER B 292 -34.24 11.20 -11.03
C SER B 292 -35.24 12.09 -10.35
N PHE B 293 -36.43 12.19 -10.96
CA PHE B 293 -37.57 12.91 -10.47
C PHE B 293 -38.28 12.15 -9.39
N THR B 294 -38.11 10.81 -9.36
CA THR B 294 -38.77 10.04 -8.36
C THR B 294 -37.72 9.45 -7.44
N VAL B 295 -38.00 9.42 -6.12
CA VAL B 295 -37.06 8.88 -5.17
C VAL B 295 -37.74 7.79 -4.38
N GLU B 296 -37.08 6.61 -4.30
CA GLU B 296 -37.61 5.49 -3.58
C GLU B 296 -37.32 5.71 -2.13
N LYS B 297 -38.11 5.07 -1.23
CA LYS B 297 -37.89 5.33 0.17
C LYS B 297 -36.56 4.81 0.57
N GLY B 298 -35.86 5.57 1.45
CA GLY B 298 -34.58 5.14 1.92
C GLY B 298 -33.84 6.33 2.43
N ILE B 299 -32.54 6.14 2.74
CA ILE B 299 -31.69 7.18 3.23
C ILE B 299 -30.65 7.41 2.17
N TYR B 300 -30.46 8.69 1.76
CA TYR B 300 -29.54 8.97 0.70
C TYR B 300 -28.57 10.03 1.14
N GLN B 301 -27.29 9.91 0.74
CA GLN B 301 -26.34 10.92 1.10
C GLN B 301 -26.27 11.92 -0.01
N THR B 302 -26.88 13.09 0.24
CA THR B 302 -26.98 14.19 -0.70
C THR B 302 -25.77 15.07 -0.78
N SER B 303 -25.19 15.46 0.38
CA SER B 303 -24.16 16.47 0.34
C SER B 303 -23.29 16.33 1.54
N ASN B 304 -22.45 17.36 1.80
CA ASN B 304 -21.55 17.31 2.91
C ASN B 304 -21.78 18.54 3.75
N PHE B 305 -21.72 18.38 5.09
CA PHE B 305 -21.93 19.44 6.03
C PHE B 305 -20.59 19.94 6.45
N ARG B 306 -20.40 21.29 6.46
CA ARG B 306 -19.11 21.81 6.80
C ARG B 306 -19.28 23.15 7.47
N VAL B 307 -18.60 23.36 8.61
CA VAL B 307 -18.70 24.63 9.26
C VAL B 307 -17.67 25.51 8.63
N GLN B 308 -18.06 26.74 8.27
CA GLN B 308 -17.13 27.63 7.64
C GLN B 308 -16.38 28.37 8.71
N PRO B 309 -15.16 28.77 8.42
CA PRO B 309 -14.40 29.51 9.39
C PRO B 309 -14.91 30.90 9.59
N THR B 310 -14.92 31.36 10.85
CA THR B 310 -15.37 32.68 11.22
C THR B 310 -14.39 33.77 10.89
N GLU B 311 -13.09 33.59 11.17
CA GLU B 311 -12.18 34.69 11.00
C GLU B 311 -10.81 34.18 10.69
N SER B 312 -9.90 35.08 10.24
CA SER B 312 -8.58 34.66 9.90
C SER B 312 -7.63 35.19 10.94
N ILE B 313 -6.68 34.34 11.38
CA ILE B 313 -5.72 34.75 12.36
C ILE B 313 -4.35 34.57 11.78
N VAL B 314 -3.53 35.64 11.81
CA VAL B 314 -2.18 35.58 11.33
C VAL B 314 -1.32 35.83 12.51
N ARG B 315 -0.22 35.04 12.67
CA ARG B 315 0.56 35.24 13.85
C ARG B 315 2.01 35.03 13.56
N PHE B 316 2.86 35.76 14.32
CA PHE B 316 4.28 35.64 14.27
C PHE B 316 4.71 35.84 15.70
N PRO B 317 5.93 35.50 16.04
CA PRO B 317 6.34 35.49 17.42
C PRO B 317 6.46 36.83 18.07
N ASN B 318 6.71 36.84 19.40
CA ASN B 318 6.82 38.06 20.14
C ASN B 318 7.84 38.94 19.50
N ILE B 319 7.55 40.25 19.57
CA ILE B 319 8.21 41.39 18.99
C ILE B 319 9.59 41.64 19.53
N THR B 320 9.87 41.25 20.79
CA THR B 320 11.12 41.60 21.42
C THR B 320 12.30 41.23 20.56
N ASN B 321 13.50 41.66 21.01
CA ASN B 321 14.74 41.46 20.30
C ASN B 321 14.68 42.11 18.95
N LEU B 322 14.38 43.43 18.94
CA LEU B 322 14.28 44.22 17.73
C LEU B 322 15.69 44.64 17.38
N CYS B 323 15.99 44.81 16.08
CA CYS B 323 17.30 45.18 15.61
C CYS B 323 17.50 46.63 15.95
N PRO B 324 18.68 47.09 16.31
CA PRO B 324 18.81 48.49 16.58
C PRO B 324 18.81 49.38 15.37
N PHE B 325 17.62 49.80 14.90
CA PHE B 325 17.50 50.72 13.80
C PHE B 325 17.85 52.08 14.30
N GLY B 326 17.49 52.34 15.58
CA GLY B 326 17.63 53.65 16.16
C GLY B 326 19.05 54.07 16.12
N GLU B 327 19.98 53.11 16.30
CA GLU B 327 21.37 53.44 16.29
C GLU B 327 21.77 53.96 14.94
N VAL B 328 21.22 53.38 13.85
CA VAL B 328 21.57 53.82 12.52
C VAL B 328 20.93 55.11 12.09
N PHE B 329 19.58 55.19 12.16
CA PHE B 329 18.83 56.32 11.70
C PHE B 329 18.94 57.50 12.62
N ASN B 330 18.76 57.28 13.94
CA ASN B 330 18.79 58.37 14.86
C ASN B 330 20.18 58.44 15.42
N ALA B 331 21.18 58.27 14.55
CA ALA B 331 22.54 58.28 15.01
C ALA B 331 22.99 59.69 15.19
N THR B 332 23.86 59.93 16.18
CA THR B 332 24.39 61.23 16.46
C THR B 332 25.34 61.66 15.38
N ARG B 333 26.24 60.76 14.93
CA ARG B 333 27.23 61.13 13.96
C ARG B 333 27.12 60.24 12.76
N PHE B 334 27.61 60.74 11.59
CA PHE B 334 27.49 60.05 10.34
C PHE B 334 28.88 59.87 9.81
N ALA B 335 29.12 58.82 9.01
CA ALA B 335 30.40 58.57 8.40
C ALA B 335 30.44 59.23 7.06
N SER B 336 31.65 59.32 6.48
CA SER B 336 31.84 59.91 5.18
C SER B 336 31.49 58.90 4.14
N VAL B 337 31.30 59.37 2.90
CA VAL B 337 30.86 58.56 1.81
C VAL B 337 31.92 57.54 1.46
N TYR B 338 33.20 57.96 1.40
CA TYR B 338 34.23 57.06 0.96
C TYR B 338 34.39 55.94 1.93
N ALA B 339 34.42 56.23 3.24
CA ALA B 339 34.46 55.18 4.21
C ALA B 339 33.20 55.32 4.99
N TRP B 340 32.21 54.45 4.71
CA TRP B 340 30.94 54.56 5.34
C TRP B 340 30.85 53.52 6.43
N ASN B 341 29.95 53.76 7.40
CA ASN B 341 29.78 52.83 8.49
C ASN B 341 28.92 51.71 8.01
N ARG B 342 29.32 50.47 8.35
CA ARG B 342 28.56 49.32 7.96
C ARG B 342 28.26 48.56 9.20
N LYS B 343 26.98 48.55 9.59
CA LYS B 343 26.60 47.82 10.76
C LYS B 343 25.74 46.68 10.27
N ARG B 344 26.12 45.46 10.65
CA ARG B 344 25.40 44.29 10.22
C ARG B 344 24.25 44.09 11.16
N ILE B 345 23.07 43.77 10.62
CA ILE B 345 21.96 43.53 11.49
C ILE B 345 21.57 42.10 11.31
N SER B 346 21.45 41.37 12.44
CA SER B 346 21.17 39.97 12.40
C SER B 346 20.60 39.58 13.73
N ASN B 347 20.03 38.36 13.80
CA ASN B 347 19.48 37.82 15.01
C ASN B 347 18.51 38.76 15.64
N CYS B 348 17.44 39.15 14.91
CA CYS B 348 16.44 40.01 15.47
C CYS B 348 15.21 39.93 14.62
N VAL B 349 14.14 40.64 15.05
CA VAL B 349 12.97 40.79 14.24
C VAL B 349 13.03 42.23 13.80
N ALA B 350 13.37 42.47 12.52
CA ALA B 350 13.57 43.82 12.09
C ALA B 350 12.27 44.42 11.67
N ASP B 351 11.87 45.51 12.36
CA ASP B 351 10.62 46.15 12.05
C ASP B 351 10.89 47.34 11.17
N TYR B 352 10.60 47.17 9.87
CA TYR B 352 10.73 48.12 8.79
C TYR B 352 9.61 49.12 8.80
N SER B 353 8.46 48.77 9.39
CA SER B 353 7.29 49.59 9.26
C SER B 353 7.57 50.99 9.68
N VAL B 354 8.34 51.19 10.76
CA VAL B 354 8.58 52.53 11.23
C VAL B 354 9.28 53.31 10.16
N LEU B 355 10.30 52.72 9.50
CA LEU B 355 10.98 53.51 8.53
C LEU B 355 10.11 53.84 7.35
N TYR B 356 9.27 52.89 6.89
CA TYR B 356 8.44 53.19 5.75
C TYR B 356 7.44 54.26 6.07
N ASN B 357 6.75 54.14 7.22
CA ASN B 357 5.69 55.04 7.57
C ASN B 357 6.18 56.42 7.88
N SER B 358 7.39 56.55 8.47
CA SER B 358 7.83 57.83 8.96
C SER B 358 8.00 58.82 7.84
N ALA B 359 7.53 60.05 8.12
CA ALA B 359 7.57 61.25 7.32
C ALA B 359 8.96 61.82 7.23
N SER B 360 9.79 61.60 8.25
CA SER B 360 11.07 62.24 8.40
C SER B 360 11.95 62.04 7.21
N PHE B 361 11.82 60.92 6.47
CA PHE B 361 12.72 60.73 5.37
C PHE B 361 12.14 61.33 4.13
N SER B 362 13.02 61.95 3.31
CA SER B 362 12.61 62.56 2.07
C SER B 362 12.21 61.49 1.10
N THR B 363 13.00 60.40 1.02
CA THR B 363 12.64 59.36 0.09
C THR B 363 12.93 58.03 0.71
N PHE B 364 12.22 56.97 0.24
CA PHE B 364 12.43 55.63 0.69
C PHE B 364 12.20 54.77 -0.51
N LYS B 365 13.29 54.19 -1.09
CA LYS B 365 13.09 53.42 -2.28
C LYS B 365 13.69 52.06 -2.11
N CYS B 366 12.94 51.01 -2.51
CA CYS B 366 13.44 49.67 -2.42
C CYS B 366 13.37 49.06 -3.79
N TYR B 367 14.53 48.63 -4.32
CA TYR B 367 14.63 48.04 -5.65
C TYR B 367 14.15 46.61 -5.76
N GLY B 368 14.77 45.70 -4.97
CA GLY B 368 14.57 44.28 -5.08
C GLY B 368 13.23 43.80 -4.60
N VAL B 369 12.74 44.36 -3.48
CA VAL B 369 11.53 43.83 -2.93
C VAL B 369 10.60 44.96 -2.65
N SER B 370 9.30 44.64 -2.46
CA SER B 370 8.34 45.66 -2.20
C SER B 370 8.63 46.22 -0.84
N PRO B 371 8.56 47.52 -0.72
CA PRO B 371 8.84 48.16 0.54
C PRO B 371 7.83 47.78 1.57
N THR B 372 6.62 47.40 1.12
CA THR B 372 5.53 46.97 1.96
C THR B 372 5.80 45.59 2.48
N LYS B 373 6.55 44.79 1.69
CA LYS B 373 6.88 43.39 1.88
C LYS B 373 7.87 43.13 2.99
N LEU B 374 8.64 44.14 3.43
CA LEU B 374 9.72 43.92 4.35
C LEU B 374 9.21 43.28 5.62
N ASN B 375 8.01 43.66 6.10
CA ASN B 375 7.50 43.10 7.33
C ASN B 375 7.37 41.60 7.21
N ASP B 376 6.96 41.10 6.03
CA ASP B 376 6.86 39.69 5.79
C ASP B 376 8.18 39.03 5.44
N LEU B 377 9.03 39.70 4.64
CA LEU B 377 10.23 39.09 4.11
C LEU B 377 11.28 38.96 5.16
N CYS B 378 12.19 37.97 4.98
CA CYS B 378 13.26 37.76 5.91
C CYS B 378 14.52 37.54 5.13
N PHE B 379 15.66 38.09 5.62
CA PHE B 379 16.90 37.94 4.92
C PHE B 379 17.92 37.34 5.82
N THR B 380 18.88 36.61 5.20
CA THR B 380 19.90 35.92 5.95
C THR B 380 20.77 36.92 6.64
N ASN B 381 21.17 38.00 5.94
CA ASN B 381 22.02 38.97 6.59
C ASN B 381 21.64 40.31 6.07
N VAL B 382 21.70 41.34 6.94
CA VAL B 382 21.40 42.66 6.49
C VAL B 382 22.53 43.56 6.88
N TYR B 383 22.97 44.40 5.92
CA TYR B 383 24.03 45.34 6.17
C TYR B 383 23.48 46.71 5.99
N ALA B 384 23.82 47.62 6.92
CA ALA B 384 23.35 48.98 6.79
C ALA B 384 24.56 49.83 6.51
N ASP B 385 24.53 50.55 5.38
CA ASP B 385 25.63 51.41 5.04
C ASP B 385 25.15 52.81 5.19
N SER B 386 25.63 53.52 6.23
CA SER B 386 25.17 54.87 6.43
C SER B 386 26.29 55.80 6.13
N PHE B 387 26.02 56.84 5.30
CA PHE B 387 27.02 57.81 4.95
C PHE B 387 26.32 59.10 4.65
N VAL B 388 27.07 60.22 4.68
CA VAL B 388 26.51 61.51 4.38
C VAL B 388 27.05 61.96 3.06
N ILE B 389 26.14 62.36 2.13
CA ILE B 389 26.56 62.76 0.82
C ILE B 389 25.72 63.94 0.44
N ARG B 390 26.08 64.62 -0.68
CA ARG B 390 25.36 65.77 -1.15
C ARG B 390 24.02 65.34 -1.66
N GLY B 391 23.05 66.29 -1.67
CA GLY B 391 21.69 66.05 -2.07
C GLY B 391 21.59 65.68 -3.52
N ASP B 392 22.34 66.36 -4.41
CA ASP B 392 22.23 66.13 -5.82
C ASP B 392 22.61 64.71 -6.14
N GLU B 393 23.64 64.22 -5.43
CA GLU B 393 24.22 62.90 -5.54
C GLU B 393 23.36 61.82 -4.97
N VAL B 394 22.29 62.12 -4.22
CA VAL B 394 21.49 61.12 -3.56
C VAL B 394 20.98 60.09 -4.53
N ARG B 395 20.64 60.50 -5.76
CA ARG B 395 20.09 59.63 -6.76
C ARG B 395 21.05 58.51 -7.09
N GLN B 396 22.37 58.76 -6.94
CA GLN B 396 23.42 57.84 -7.30
C GLN B 396 23.34 56.58 -6.49
N ILE B 397 22.75 56.64 -5.28
CA ILE B 397 22.69 55.45 -4.48
C ILE B 397 21.56 54.60 -4.96
N ALA B 398 21.87 53.77 -5.98
CA ALA B 398 20.92 52.88 -6.58
C ALA B 398 21.71 51.94 -7.43
N PRO B 399 21.15 50.82 -7.77
CA PRO B 399 21.86 49.87 -8.59
C PRO B 399 21.97 50.36 -10.01
N GLY B 400 23.08 50.03 -10.70
CA GLY B 400 23.22 50.37 -12.09
C GLY B 400 23.42 51.85 -12.26
N GLN B 401 24.16 52.51 -11.35
CA GLN B 401 24.36 53.93 -11.48
C GLN B 401 25.82 54.21 -11.58
N THR B 402 26.17 55.42 -12.10
CA THR B 402 27.54 55.84 -12.23
C THR B 402 27.64 57.23 -11.69
N GLY B 403 28.87 57.64 -11.30
CA GLY B 403 29.05 58.96 -10.77
C GLY B 403 30.22 58.95 -9.84
N LYS B 404 30.39 60.05 -9.08
CA LYS B 404 31.47 60.18 -8.17
C LYS B 404 31.34 59.15 -7.08
N ILE B 405 30.14 59.03 -6.47
CA ILE B 405 29.98 58.04 -5.46
C ILE B 405 29.87 56.66 -6.02
N ALA B 406 29.10 56.47 -7.10
CA ALA B 406 28.83 55.13 -7.55
C ALA B 406 30.10 54.43 -7.96
N ASP B 407 30.98 55.13 -8.72
CA ASP B 407 32.20 54.50 -9.17
C ASP B 407 33.28 54.43 -8.12
N TYR B 408 33.70 55.60 -7.59
CA TYR B 408 34.79 55.63 -6.65
C TYR B 408 34.43 55.44 -5.21
N ASN B 409 33.31 56.04 -4.77
CA ASN B 409 32.90 56.08 -3.40
C ASN B 409 32.29 54.84 -2.82
N TYR B 410 31.03 54.58 -3.26
CA TYR B 410 30.19 53.53 -2.79
C TYR B 410 29.52 52.96 -4.01
N LYS B 411 29.83 51.70 -4.35
CA LYS B 411 29.27 51.13 -5.54
C LYS B 411 28.26 50.12 -5.14
N LEU B 412 27.19 49.96 -5.95
CA LEU B 412 26.14 49.03 -5.67
C LEU B 412 26.14 47.98 -6.75
N PRO B 413 25.72 46.80 -6.39
CA PRO B 413 25.65 45.75 -7.37
C PRO B 413 24.52 46.00 -8.31
N ASP B 414 24.61 45.49 -9.56
CA ASP B 414 23.58 45.72 -10.52
C ASP B 414 22.32 45.05 -10.06
N ASP B 415 22.49 43.83 -9.49
CA ASP B 415 21.47 42.97 -8.97
C ASP B 415 20.93 43.40 -7.65
N PHE B 416 21.62 44.36 -6.97
CA PHE B 416 21.40 44.79 -5.62
C PHE B 416 19.98 44.69 -5.16
N THR B 417 19.81 43.98 -4.02
CA THR B 417 18.53 43.84 -3.37
C THR B 417 18.66 44.52 -2.04
N GLY B 418 17.82 45.54 -1.80
CA GLY B 418 17.90 46.27 -0.56
C GLY B 418 17.14 47.54 -0.74
N CYS B 419 17.10 48.36 0.32
CA CYS B 419 16.33 49.56 0.22
C CYS B 419 17.21 50.71 0.61
N VAL B 420 17.00 51.88 -0.03
CA VAL B 420 17.78 53.03 0.27
C VAL B 420 16.88 54.05 0.90
N ILE B 421 17.24 54.51 2.12
CA ILE B 421 16.46 55.50 2.81
C ILE B 421 17.35 56.68 3.06
N ALA B 422 16.86 57.90 2.75
CA ALA B 422 17.68 59.05 2.93
C ALA B 422 16.86 60.19 3.46
N TRP B 423 17.52 61.14 4.16
CA TRP B 423 16.83 62.32 4.62
C TRP B 423 17.83 63.43 4.75
N ASN B 424 17.34 64.69 4.84
CA ASN B 424 18.20 65.84 4.89
C ASN B 424 18.71 66.03 6.29
N SER B 425 19.94 66.58 6.41
CA SER B 425 20.48 66.89 7.71
C SER B 425 21.14 68.23 7.63
N ASN B 426 20.42 69.23 7.06
CA ASN B 426 20.96 70.56 6.93
C ASN B 426 21.12 71.11 8.30
N ASN B 427 20.17 70.79 9.20
CA ASN B 427 20.16 71.28 10.54
C ASN B 427 21.31 70.69 11.33
N LEU B 428 21.52 69.37 11.20
CA LEU B 428 22.54 68.69 11.95
C LEU B 428 23.95 68.83 11.44
N ASP B 429 24.18 68.45 10.16
CA ASP B 429 25.48 68.36 9.56
C ASP B 429 26.09 69.69 9.20
N SER B 430 25.28 70.60 8.64
CA SER B 430 25.78 71.83 8.09
C SER B 430 26.40 72.66 9.16
N LYS B 431 27.43 73.44 8.76
CA LYS B 431 28.09 74.36 9.63
C LYS B 431 28.18 75.65 8.87
N VAL B 432 28.10 76.80 9.56
CA VAL B 432 28.15 78.06 8.89
C VAL B 432 29.49 78.18 8.25
N GLY B 433 30.55 77.76 8.97
CA GLY B 433 31.90 77.78 8.50
C GLY B 433 32.03 76.82 7.35
N GLY B 434 31.26 75.72 7.40
CA GLY B 434 31.32 74.71 6.39
C GLY B 434 31.75 73.44 7.07
N ASN B 435 31.08 72.32 6.73
CA ASN B 435 31.43 71.07 7.35
C ASN B 435 32.19 70.24 6.37
N TYR B 436 33.52 70.29 6.54
CA TYR B 436 34.60 69.67 5.83
C TYR B 436 34.71 68.19 6.09
N ASN B 437 34.18 67.73 7.23
CA ASN B 437 34.39 66.41 7.76
C ASN B 437 34.09 65.32 6.75
N TYR B 438 33.22 65.57 5.76
CA TYR B 438 32.84 64.54 4.82
C TYR B 438 33.68 64.60 3.57
N LEU B 439 34.27 63.44 3.19
CA LEU B 439 35.15 63.35 2.04
C LEU B 439 34.69 62.28 1.08
N TYR B 440 35.06 62.45 -0.22
CA TYR B 440 34.78 61.53 -1.29
C TYR B 440 36.04 61.40 -2.10
N ARG B 441 36.14 60.42 -3.03
CA ARG B 441 37.44 60.24 -3.62
C ARG B 441 37.50 60.59 -5.06
N LEU B 442 38.52 61.43 -5.39
CA LEU B 442 38.88 61.91 -6.70
C LEU B 442 39.66 60.92 -7.54
N PHE B 443 40.64 60.19 -6.95
CA PHE B 443 41.50 59.38 -7.78
C PHE B 443 41.60 57.99 -7.23
N ARG B 444 41.83 57.01 -8.14
CA ARG B 444 42.04 55.66 -7.69
C ARG B 444 42.68 54.92 -8.82
N LYS B 445 43.32 53.77 -8.51
CA LYS B 445 43.99 52.98 -9.50
C LYS B 445 42.98 52.43 -10.46
N SER B 446 41.83 51.97 -9.94
CA SER B 446 40.82 51.43 -10.81
C SER B 446 39.50 51.73 -10.21
N ASN B 447 38.41 51.33 -10.90
CA ASN B 447 37.08 51.57 -10.42
C ASN B 447 36.82 50.66 -9.27
N LEU B 448 35.95 51.11 -8.34
CA LEU B 448 35.61 50.44 -7.13
C LEU B 448 34.52 49.42 -7.38
N LYS B 449 34.63 48.24 -6.71
CA LYS B 449 33.66 47.18 -6.82
C LYS B 449 32.54 47.48 -5.88
N PRO B 450 31.46 46.75 -5.97
CA PRO B 450 30.35 47.03 -5.12
C PRO B 450 30.66 46.82 -3.67
N PHE B 451 30.22 47.77 -2.81
CA PHE B 451 30.38 47.71 -1.40
C PHE B 451 31.83 47.69 -1.02
N GLU B 452 32.72 48.16 -1.91
CA GLU B 452 34.09 48.18 -1.52
C GLU B 452 34.35 49.55 -1.00
N ARG B 453 34.99 49.66 0.19
CA ARG B 453 35.24 50.99 0.69
C ARG B 453 36.71 51.15 0.86
N ASP B 454 37.21 52.39 0.62
CA ASP B 454 38.61 52.63 0.76
C ASP B 454 38.82 53.83 1.63
N ILE B 455 39.26 53.59 2.88
CA ILE B 455 39.58 54.53 3.91
C ILE B 455 40.92 55.21 3.70
N SER B 456 41.87 54.55 3.02
CA SER B 456 43.25 54.95 2.92
C SER B 456 43.45 56.42 2.67
N THR B 457 44.34 57.00 3.50
CA THR B 457 44.85 58.35 3.58
C THR B 457 45.99 58.64 2.65
N GLU B 458 46.70 57.62 2.13
CA GLU B 458 47.93 57.84 1.40
C GLU B 458 47.74 58.75 0.22
N ILE B 459 48.82 59.50 -0.11
CA ILE B 459 48.83 60.44 -1.20
C ILE B 459 48.83 59.66 -2.47
N TYR B 460 47.94 60.05 -3.41
CA TYR B 460 47.83 59.35 -4.66
C TYR B 460 48.81 59.96 -5.61
N GLN B 461 49.59 59.12 -6.31
CA GLN B 461 50.58 59.62 -7.21
C GLN B 461 50.00 59.55 -8.60
N ALA B 462 49.55 60.71 -9.10
CA ALA B 462 49.00 60.82 -10.42
C ALA B 462 50.09 60.66 -11.44
N GLY B 463 51.25 61.31 -11.22
CA GLY B 463 52.31 61.35 -12.19
C GLY B 463 53.40 60.39 -11.86
N SER B 464 54.57 60.61 -12.49
CA SER B 464 55.77 59.82 -12.36
C SER B 464 56.52 60.17 -11.10
N THR B 465 56.46 61.44 -10.66
CA THR B 465 57.28 61.86 -9.55
C THR B 465 56.86 61.13 -8.32
N PRO B 466 57.83 60.69 -7.56
CA PRO B 466 57.53 60.01 -6.33
C PRO B 466 56.98 60.98 -5.33
N CYS B 467 55.80 60.67 -4.76
CA CYS B 467 55.15 61.52 -3.81
C CYS B 467 55.87 61.49 -2.48
N ASN B 468 56.31 60.29 -2.07
CA ASN B 468 56.99 60.11 -0.82
C ASN B 468 56.10 60.53 0.32
N GLY B 469 54.77 60.39 0.16
CA GLY B 469 53.87 60.66 1.25
C GLY B 469 53.41 62.09 1.27
N VAL B 470 53.86 62.95 0.33
CA VAL B 470 53.43 64.32 0.42
C VAL B 470 52.88 64.77 -0.90
N GLU B 471 52.09 65.86 -0.86
CA GLU B 471 51.51 66.41 -2.06
C GLU B 471 52.55 67.23 -2.75
N GLY B 472 52.39 67.41 -4.09
CA GLY B 472 53.34 68.14 -4.86
C GLY B 472 52.86 68.06 -6.28
N PHE B 473 53.76 68.27 -7.26
CA PHE B 473 53.29 68.19 -8.60
C PHE B 473 52.89 66.79 -8.88
N ASN B 474 51.67 66.62 -9.41
CA ASN B 474 51.13 65.35 -9.77
C ASN B 474 50.98 64.46 -8.57
N CYS B 475 50.81 65.04 -7.35
CA CYS B 475 50.57 64.23 -6.17
C CYS B 475 49.47 64.91 -5.42
N TYR B 476 48.37 64.18 -5.10
CA TYR B 476 47.29 64.84 -4.44
C TYR B 476 46.72 63.95 -3.38
N PHE B 477 46.12 64.57 -2.34
CA PHE B 477 45.46 63.76 -1.37
C PHE B 477 44.29 63.22 -2.15
N PRO B 478 44.00 61.97 -1.99
CA PRO B 478 42.99 61.30 -2.75
C PRO B 478 41.58 61.73 -2.49
N LEU B 479 41.28 62.41 -1.37
CA LEU B 479 39.89 62.72 -1.14
C LEU B 479 39.70 64.20 -1.07
N GLN B 480 38.47 64.65 -1.43
CA GLN B 480 38.12 66.05 -1.37
C GLN B 480 36.93 66.14 -0.45
N SER B 481 36.83 67.26 0.31
CA SER B 481 35.75 67.40 1.24
C SER B 481 34.58 68.10 0.60
N TYR B 482 33.41 68.03 1.26
CA TYR B 482 32.23 68.70 0.77
C TYR B 482 31.99 69.90 1.63
N GLY B 483 31.67 71.04 1.01
CA GLY B 483 31.48 72.19 1.83
C GLY B 483 30.02 72.36 2.09
N PHE B 484 29.52 71.75 3.17
CA PHE B 484 28.12 71.98 3.38
C PHE B 484 27.93 73.11 4.32
N GLN B 485 26.99 74.00 3.96
CA GLN B 485 26.66 75.12 4.80
C GLN B 485 25.18 75.24 4.79
N PRO B 486 24.62 75.63 5.90
CA PRO B 486 23.19 75.73 6.07
C PRO B 486 22.54 76.66 5.08
N THR B 487 23.29 77.65 4.56
CA THR B 487 22.79 78.64 3.66
C THR B 487 22.46 78.05 2.32
N ASN B 488 23.20 77.00 1.92
CA ASN B 488 23.13 76.44 0.60
C ASN B 488 21.75 75.98 0.23
N GLY B 489 21.60 75.50 -1.02
CA GLY B 489 20.35 75.09 -1.59
C GLY B 489 20.06 73.68 -1.21
N VAL B 490 18.98 73.13 -1.81
CA VAL B 490 18.50 71.80 -1.52
C VAL B 490 19.52 70.76 -1.92
N GLY B 491 20.06 70.87 -3.14
CA GLY B 491 20.98 69.89 -3.65
C GLY B 491 22.24 69.86 -2.84
N TYR B 492 22.65 71.05 -2.36
CA TYR B 492 23.84 71.33 -1.61
C TYR B 492 23.82 70.71 -0.25
N GLN B 493 22.62 70.59 0.37
CA GLN B 493 22.44 70.13 1.72
C GLN B 493 22.93 68.72 1.91
N PRO B 494 23.57 68.48 3.02
CA PRO B 494 24.07 67.17 3.38
C PRO B 494 22.87 66.31 3.61
N TYR B 495 22.92 65.02 3.24
CA TYR B 495 21.81 64.14 3.47
C TYR B 495 22.33 62.88 4.10
N ARG B 496 21.58 62.34 5.09
CA ARG B 496 22.01 61.10 5.68
C ARG B 496 21.29 59.99 4.97
N VAL B 497 22.07 59.07 4.36
CA VAL B 497 21.47 57.99 3.64
C VAL B 497 21.87 56.70 4.26
N VAL B 498 20.89 55.78 4.42
CA VAL B 498 21.15 54.48 4.93
C VAL B 498 20.65 53.51 3.92
N VAL B 499 21.49 52.53 3.54
CA VAL B 499 21.06 51.54 2.59
C VAL B 499 21.08 50.22 3.29
N LEU B 500 19.94 49.49 3.26
CA LEU B 500 19.92 48.22 3.93
C LEU B 500 20.04 47.15 2.88
N SER B 501 21.25 46.58 2.72
CA SER B 501 21.41 45.52 1.77
C SER B 501 20.93 44.27 2.42
N PHE B 502 20.28 43.37 1.65
CA PHE B 502 19.78 42.20 2.32
C PHE B 502 20.37 40.96 1.71
N GLU B 503 21.59 40.55 2.09
CA GLU B 503 22.15 39.40 1.41
C GLU B 503 21.30 38.20 1.65
N LEU B 504 20.99 37.46 0.56
CA LEU B 504 20.18 36.29 0.68
C LEU B 504 21.03 35.12 0.30
N LEU B 505 21.18 34.18 1.26
CA LEU B 505 21.95 32.99 1.05
C LEU B 505 21.11 31.85 1.53
N HIS B 506 21.60 30.61 1.34
CA HIS B 506 20.93 29.42 1.78
C HIS B 506 20.95 29.39 3.27
N ALA B 507 22.03 29.94 3.87
CA ALA B 507 22.30 29.91 5.28
C ALA B 507 21.09 30.41 6.03
N PRO B 508 20.97 30.00 7.28
CA PRO B 508 19.84 30.35 8.11
C PRO B 508 19.61 31.82 8.06
N ALA B 509 18.33 32.23 8.01
CA ALA B 509 18.05 33.64 7.94
C ALA B 509 17.89 34.16 9.34
N THR B 510 18.77 35.12 9.71
CA THR B 510 18.81 35.80 10.97
C THR B 510 17.87 36.98 11.08
N VAL B 511 17.67 37.75 9.99
CA VAL B 511 16.89 38.95 10.15
C VAL B 511 15.58 38.80 9.47
N CYS B 512 14.50 38.70 10.26
CA CYS B 512 13.20 38.54 9.67
C CYS B 512 12.37 39.72 10.05
N GLY B 513 11.17 39.84 9.45
CA GLY B 513 10.30 40.96 9.67
C GLY B 513 9.54 40.78 10.95
N PRO B 514 8.78 41.80 11.27
CA PRO B 514 8.00 41.90 12.48
C PRO B 514 6.80 40.99 12.48
N LYS B 515 6.10 40.91 13.63
CA LYS B 515 4.99 40.00 13.75
C LYS B 515 3.69 40.75 13.80
N LYS B 516 2.84 40.57 12.77
CA LYS B 516 1.55 41.20 12.86
C LYS B 516 0.66 40.13 13.38
N SER B 517 0.22 40.26 14.66
CA SER B 517 -0.56 39.19 15.24
C SER B 517 -1.89 39.71 15.67
N THR B 518 -2.81 38.77 15.99
CA THR B 518 -4.14 39.07 16.41
C THR B 518 -4.38 38.40 17.73
N ASN B 519 -5.58 38.62 18.31
CA ASN B 519 -5.90 38.06 19.60
C ASN B 519 -6.24 36.61 19.41
N LEU B 520 -6.17 35.81 20.50
CA LEU B 520 -6.45 34.41 20.43
C LEU B 520 -7.84 34.18 20.94
N VAL B 521 -8.66 33.44 20.17
CA VAL B 521 -10.00 33.13 20.58
C VAL B 521 -10.10 31.65 20.71
N LYS B 522 -10.75 31.17 21.78
CA LYS B 522 -10.83 29.74 21.98
C LYS B 522 -12.24 29.28 21.86
N ASN B 523 -12.39 27.94 21.76
CA ASN B 523 -13.64 27.26 21.69
C ASN B 523 -14.45 27.70 20.50
N LYS B 524 -13.78 28.04 19.38
CA LYS B 524 -14.51 28.41 18.20
C LYS B 524 -13.77 27.91 17.00
N CYS B 525 -14.52 27.47 15.95
CA CYS B 525 -13.86 27.01 14.76
C CYS B 525 -13.23 28.22 14.18
N VAL B 526 -11.89 28.26 14.14
CA VAL B 526 -11.27 29.45 13.63
C VAL B 526 -10.22 29.04 12.66
N ASN B 527 -9.75 30.00 11.83
CA ASN B 527 -8.67 29.70 10.92
C ASN B 527 -7.45 30.25 11.58
N PHE B 528 -6.61 29.35 12.15
CA PHE B 528 -5.49 29.76 12.92
C PHE B 528 -4.22 29.57 12.15
N ASN B 529 -3.26 30.49 12.37
CA ASN B 529 -1.97 30.38 11.76
C ASN B 529 -0.96 30.61 12.85
N PHE B 530 -0.37 29.52 13.38
CA PHE B 530 0.68 29.61 14.37
C PHE B 530 1.93 29.77 13.60
N ASN B 531 3.09 29.80 14.29
CA ASN B 531 4.32 30.24 13.68
C ASN B 531 4.57 29.58 12.36
N GLY B 532 4.81 28.25 12.35
CA GLY B 532 5.06 27.52 11.13
C GLY B 532 3.85 27.07 10.36
N LEU B 533 2.78 26.63 11.08
CA LEU B 533 1.72 25.93 10.39
C LEU B 533 0.44 26.69 10.38
N THR B 534 -0.57 26.10 9.69
CA THR B 534 -1.89 26.68 9.61
C THR B 534 -2.89 25.57 9.66
N GLY B 535 -4.19 25.91 9.86
CA GLY B 535 -5.21 24.89 9.91
C GLY B 535 -6.46 25.49 10.48
N THR B 536 -7.56 24.70 10.54
CA THR B 536 -8.78 25.16 11.15
C THR B 536 -9.20 24.19 12.21
N GLY B 537 -9.69 24.71 13.36
CA GLY B 537 -10.13 23.86 14.45
C GLY B 537 -10.58 24.71 15.62
N VAL B 538 -10.89 24.11 16.81
CA VAL B 538 -11.25 24.89 17.99
C VAL B 538 -10.22 24.78 19.04
N LEU B 539 -9.54 25.89 19.32
CA LEU B 539 -8.45 25.91 20.23
C LEU B 539 -9.00 25.82 21.61
N THR B 540 -8.53 24.87 22.43
CA THR B 540 -9.00 24.80 23.78
C THR B 540 -7.83 24.68 24.67
N GLU B 541 -8.05 24.96 25.98
CA GLU B 541 -6.98 24.80 26.92
C GLU B 541 -6.76 23.33 27.08
N SER B 542 -5.48 22.90 27.11
CA SER B 542 -5.17 21.50 27.21
C SER B 542 -4.61 21.22 28.57
N ASN B 543 -4.38 19.92 28.86
CA ASN B 543 -3.73 19.57 30.08
C ASN B 543 -2.53 18.78 29.66
N LYS B 544 -1.61 19.43 28.96
CA LYS B 544 -0.45 18.78 28.42
C LYS B 544 0.72 19.52 28.97
N LYS B 545 1.82 18.81 29.29
CA LYS B 545 2.98 19.49 29.81
C LYS B 545 4.05 19.42 28.77
N PHE B 546 4.29 20.54 28.06
CA PHE B 546 5.33 20.60 27.06
C PHE B 546 6.64 20.92 27.70
N LEU B 547 7.73 20.51 27.04
CA LEU B 547 9.06 20.81 27.50
C LEU B 547 9.34 22.23 27.10
N PRO B 548 10.21 22.88 27.80
CA PRO B 548 10.50 24.27 27.59
C PRO B 548 10.93 24.56 26.19
N PHE B 549 11.72 23.66 25.58
CA PHE B 549 12.21 23.84 24.24
C PHE B 549 11.21 23.51 23.18
N GLN B 550 10.36 22.47 23.39
CA GLN B 550 9.48 21.96 22.35
C GLN B 550 8.35 22.90 22.05
N GLN B 551 8.13 23.17 20.74
CA GLN B 551 7.05 24.00 20.24
C GLN B 551 5.73 23.33 19.93
N PHE B 552 5.74 22.18 19.21
CA PHE B 552 4.49 21.66 18.75
C PHE B 552 4.40 20.23 19.17
N GLY B 553 3.18 19.71 19.29
CA GLY B 553 2.97 18.32 19.59
C GLY B 553 2.93 17.57 18.30
N ARG B 554 2.49 16.30 18.34
CA ARG B 554 2.26 15.53 17.16
C ARG B 554 1.47 14.32 17.51
N ASP B 555 0.64 13.92 16.54
CA ASP B 555 -0.23 12.79 16.61
C ASP B 555 0.64 11.61 16.49
N ILE B 556 0.13 10.42 16.86
CA ILE B 556 0.84 9.21 16.61
C ILE B 556 0.91 9.10 15.11
N ALA B 557 -0.22 9.44 14.46
CA ALA B 557 -0.45 9.40 13.06
C ALA B 557 0.45 10.36 12.35
N ASP B 558 0.91 11.44 13.01
CA ASP B 558 1.78 12.45 12.45
C ASP B 558 0.88 13.56 12.05
N THR B 559 0.17 14.09 13.04
CA THR B 559 -0.77 15.14 12.78
C THR B 559 -0.41 16.25 13.71
N THR B 560 -1.05 17.41 13.54
CA THR B 560 -0.89 18.55 14.40
C THR B 560 -2.06 18.53 15.31
N ASP B 561 -1.79 18.21 16.58
CA ASP B 561 -2.72 18.01 17.65
C ASP B 561 -3.18 19.05 18.79
N ALA B 562 -2.39 19.91 19.55
CA ALA B 562 -1.93 20.94 20.53
C ALA B 562 -0.59 21.72 20.31
N VAL B 563 -0.67 23.07 20.22
CA VAL B 563 0.44 23.93 19.86
C VAL B 563 0.68 24.91 20.98
N ARG B 564 1.93 25.39 21.10
CA ARG B 564 2.27 26.37 22.10
C ARG B 564 2.14 27.72 21.47
N ASP B 565 1.39 28.63 22.11
CA ASP B 565 1.24 29.95 21.57
C ASP B 565 2.55 30.66 21.70
N PRO B 566 2.99 31.32 20.67
CA PRO B 566 4.23 32.04 20.66
C PRO B 566 4.25 33.15 21.68
N GLN B 567 3.11 33.83 21.89
CA GLN B 567 3.04 34.92 22.83
C GLN B 567 2.90 34.46 24.25
N THR B 568 2.00 33.49 24.50
CA THR B 568 1.75 33.05 25.84
C THR B 568 2.19 31.64 25.91
N LEU B 569 2.82 31.24 27.04
CA LEU B 569 3.28 29.89 27.11
C LEU B 569 2.13 29.05 27.55
N GLU B 570 1.19 28.82 26.62
CA GLU B 570 0.02 28.04 26.92
C GLU B 570 -0.02 26.92 25.92
N ILE B 571 -0.59 25.76 26.32
CA ILE B 571 -0.65 24.63 25.43
C ILE B 571 -2.09 24.50 25.02
N LEU B 572 -2.37 24.58 23.70
CA LEU B 572 -3.71 24.53 23.19
C LEU B 572 -3.83 23.34 22.30
N ASP B 573 -4.77 22.44 22.63
CA ASP B 573 -5.05 21.20 21.97
C ASP B 573 -5.85 21.52 20.80
N ILE B 574 -5.70 20.80 19.55
CA ILE B 574 -6.25 20.58 18.06
C ILE B 574 -7.50 19.84 17.61
N THR B 575 -8.49 20.60 17.12
CA THR B 575 -9.74 19.91 17.02
C THR B 575 -10.27 20.29 15.74
N PRO B 576 -10.48 19.40 14.87
CA PRO B 576 -11.14 19.81 13.69
C PRO B 576 -12.53 20.28 14.05
N CYS B 577 -13.01 21.36 13.41
CA CYS B 577 -14.30 21.95 13.61
C CYS B 577 -15.34 20.97 13.18
N SER B 578 -16.55 21.06 13.76
CA SER B 578 -17.61 20.11 13.54
C SER B 578 -17.95 20.03 12.08
N PHE B 579 -18.15 18.78 11.59
CA PHE B 579 -18.60 18.55 10.26
C PHE B 579 -19.07 17.13 10.22
N GLY B 580 -19.82 16.75 9.17
CA GLY B 580 -20.31 15.40 9.11
C GLY B 580 -21.14 15.28 7.87
N GLY B 581 -21.69 14.07 7.65
CA GLY B 581 -22.49 13.84 6.49
C GLY B 581 -23.90 14.29 6.76
N VAL B 582 -24.62 14.60 5.67
CA VAL B 582 -26.01 14.98 5.77
C VAL B 582 -26.77 13.97 4.96
N SER B 583 -27.73 13.28 5.61
CA SER B 583 -28.49 12.31 4.90
C SER B 583 -29.93 12.66 5.03
N VAL B 584 -30.67 12.55 3.91
CA VAL B 584 -32.07 12.90 3.91
C VAL B 584 -32.88 11.67 4.08
N ILE B 585 -33.74 11.67 5.12
CA ILE B 585 -34.60 10.55 5.32
C ILE B 585 -35.93 10.98 4.78
N THR B 586 -36.35 10.37 3.66
CA THR B 586 -37.61 10.74 3.09
C THR B 586 -38.37 9.50 2.76
N PRO B 587 -39.67 9.63 2.79
CA PRO B 587 -40.54 8.59 2.34
C PRO B 587 -40.56 8.73 0.85
N GLY B 588 -41.13 7.76 0.13
CA GLY B 588 -41.13 7.85 -1.31
C GLY B 588 -41.91 9.07 -1.70
N THR B 589 -41.53 9.66 -2.84
CA THR B 589 -42.14 10.85 -3.35
C THR B 589 -43.57 10.57 -3.66
N ASN B 590 -43.88 9.33 -4.06
CA ASN B 590 -45.26 9.08 -4.37
C ASN B 590 -46.04 9.31 -3.11
N THR B 591 -45.55 8.84 -1.95
CA THR B 591 -46.29 8.99 -0.73
C THR B 591 -46.32 10.41 -0.23
N SER B 592 -45.15 11.10 -0.13
CA SER B 592 -45.18 12.43 0.40
C SER B 592 -43.95 13.16 -0.04
N ASN B 593 -43.81 14.43 0.40
CA ASN B 593 -42.64 15.19 0.05
C ASN B 593 -42.06 15.77 1.31
N GLN B 594 -42.57 15.38 2.48
CA GLN B 594 -42.04 15.89 3.72
C GLN B 594 -40.84 15.07 4.04
N VAL B 595 -39.76 15.70 4.53
CA VAL B 595 -38.55 14.96 4.74
C VAL B 595 -38.05 15.19 6.13
N ALA B 596 -36.98 14.45 6.50
CA ALA B 596 -36.32 14.62 7.75
C ALA B 596 -34.85 14.51 7.45
N VAL B 597 -34.02 15.36 8.08
CA VAL B 597 -32.62 15.37 7.75
C VAL B 597 -31.82 14.90 8.92
N LEU B 598 -30.74 14.14 8.64
CA LEU B 598 -29.88 13.64 9.67
C LEU B 598 -28.53 14.27 9.50
N TYR B 599 -28.08 15.03 10.52
CA TYR B 599 -26.79 15.64 10.48
C TYR B 599 -25.90 14.70 11.24
N GLN B 600 -25.02 14.00 10.51
CA GLN B 600 -24.28 12.96 11.16
C GLN B 600 -23.17 13.53 12.00
N GLY B 601 -22.96 12.86 13.16
CA GLY B 601 -21.90 13.09 14.10
C GLY B 601 -21.81 14.53 14.51
N VAL B 602 -22.95 15.18 14.78
CA VAL B 602 -22.86 16.55 15.24
C VAL B 602 -23.87 16.73 16.33
N ASN B 603 -23.65 17.78 17.15
CA ASN B 603 -24.57 18.12 18.19
C ASN B 603 -25.54 19.08 17.58
N CYS B 604 -26.74 19.19 18.16
CA CYS B 604 -27.82 20.00 17.65
C CYS B 604 -27.44 21.44 17.75
N THR B 605 -26.50 21.76 18.67
CA THR B 605 -26.12 23.11 18.95
C THR B 605 -25.52 23.81 17.75
N GLU B 606 -24.65 23.13 16.98
CA GLU B 606 -23.94 23.74 15.88
C GLU B 606 -24.84 24.12 14.72
N VAL B 607 -25.97 23.42 14.50
CA VAL B 607 -26.75 23.77 13.34
C VAL B 607 -27.28 25.19 13.42
N PRO B 608 -27.76 25.77 14.50
CA PRO B 608 -28.22 27.14 14.43
C PRO B 608 -27.11 28.12 14.26
N VAL B 609 -25.91 27.79 14.78
CA VAL B 609 -24.73 28.62 14.69
C VAL B 609 -24.12 28.54 13.33
N ALA B 610 -24.20 27.35 12.68
CA ALA B 610 -23.55 27.18 11.41
C ALA B 610 -24.12 28.18 10.45
N ILE B 611 -25.46 28.32 10.43
CA ILE B 611 -26.01 29.31 9.57
C ILE B 611 -26.34 30.43 10.49
N HIS B 612 -26.52 31.65 9.98
CA HIS B 612 -26.79 32.68 10.94
C HIS B 612 -28.27 32.79 11.07
N ALA B 613 -28.81 32.01 12.03
CA ALA B 613 -30.20 31.93 12.30
C ALA B 613 -30.69 33.26 12.76
N ASP B 614 -29.89 33.97 13.57
CA ASP B 614 -30.32 35.24 14.06
C ASP B 614 -30.46 36.19 12.91
N GLN B 615 -29.57 36.07 11.90
CA GLN B 615 -29.54 36.93 10.75
C GLN B 615 -30.72 36.69 9.86
N LEU B 616 -31.16 35.42 9.76
CA LEU B 616 -32.16 34.99 8.81
C LEU B 616 -33.53 35.49 9.11
N THR B 617 -34.44 35.32 8.13
CA THR B 617 -35.80 35.74 8.23
C THR B 617 -36.49 34.77 9.13
N PRO B 618 -37.63 35.15 9.64
CA PRO B 618 -38.36 34.32 10.54
C PRO B 618 -38.88 33.07 9.89
N THR B 619 -39.01 33.04 8.55
CA THR B 619 -39.47 31.85 7.91
C THR B 619 -38.42 30.79 8.06
N TRP B 620 -37.14 31.20 7.91
CA TRP B 620 -35.96 30.38 8.02
C TRP B 620 -35.68 29.95 9.43
N ARG B 621 -36.04 30.81 10.41
CA ARG B 621 -35.72 30.60 11.80
C ARG B 621 -36.33 29.34 12.34
N VAL B 622 -37.52 28.94 11.86
CA VAL B 622 -38.20 27.80 12.41
C VAL B 622 -37.37 26.55 12.27
N TYR B 623 -36.66 26.40 11.14
CA TYR B 623 -35.89 25.25 10.78
C TYR B 623 -34.73 25.02 11.70
N SER B 624 -34.15 26.08 12.28
CA SER B 624 -32.99 25.92 13.11
C SER B 624 -33.26 25.17 14.38
N THR B 625 -34.26 25.59 15.17
CA THR B 625 -34.46 24.95 16.44
C THR B 625 -35.93 24.83 16.68
N GLY B 626 -36.32 23.99 17.65
CA GLY B 626 -37.71 23.83 17.97
C GLY B 626 -37.83 22.62 18.81
N SER B 627 -39.07 22.30 19.22
CA SER B 627 -39.30 21.13 19.99
C SER B 627 -39.06 19.95 19.10
N ASN B 628 -39.26 20.14 17.78
CA ASN B 628 -39.14 19.02 16.89
C ASN B 628 -37.71 18.79 16.51
N VAL B 629 -36.88 18.39 17.48
CA VAL B 629 -35.52 18.02 17.17
C VAL B 629 -35.22 16.83 18.01
N PHE B 630 -34.55 15.84 17.41
CA PHE B 630 -34.23 14.66 18.16
C PHE B 630 -32.76 14.44 18.05
N GLN B 631 -32.08 14.20 19.19
CA GLN B 631 -30.68 13.98 19.06
C GLN B 631 -30.41 12.54 19.32
N THR B 632 -29.51 11.95 18.51
CA THR B 632 -29.18 10.56 18.65
C THR B 632 -27.69 10.44 18.59
N ARG B 633 -27.19 9.21 18.82
CA ARG B 633 -25.78 8.95 18.86
C ARG B 633 -25.21 9.24 17.50
N ALA B 634 -25.95 8.90 16.44
CA ALA B 634 -25.50 9.09 15.10
C ALA B 634 -25.31 10.53 14.79
N GLY B 635 -26.22 11.42 15.26
CA GLY B 635 -26.08 12.81 14.97
C GLY B 635 -27.36 13.49 15.35
N CYS B 636 -27.58 14.74 14.88
CA CYS B 636 -28.83 15.37 15.22
C CYS B 636 -29.78 15.26 14.08
N LEU B 637 -30.93 14.63 14.36
CA LEU B 637 -31.93 14.39 13.38
C LEU B 637 -32.99 15.43 13.57
N ILE B 638 -33.27 16.23 12.52
CA ILE B 638 -34.27 17.24 12.63
C ILE B 638 -35.35 16.92 11.64
N GLY B 639 -36.60 17.22 12.01
CA GLY B 639 -37.69 16.95 11.13
C GLY B 639 -38.41 15.70 11.57
N ALA B 640 -37.90 15.01 12.61
CA ALA B 640 -38.59 13.82 13.01
C ALA B 640 -38.93 13.89 14.47
N GLU B 641 -40.17 13.51 14.82
CA GLU B 641 -40.55 13.49 16.20
C GLU B 641 -40.14 12.19 16.80
N HIS B 642 -39.59 12.25 18.03
CA HIS B 642 -39.15 11.08 18.73
C HIS B 642 -40.36 10.36 19.23
N VAL B 643 -40.34 9.00 19.16
CA VAL B 643 -41.49 8.26 19.59
C VAL B 643 -41.07 7.17 20.52
N ASN B 644 -41.86 6.96 21.58
CA ASN B 644 -41.61 5.94 22.57
C ASN B 644 -41.87 4.57 22.00
N ASN B 645 -42.97 4.42 21.22
CA ASN B 645 -43.37 3.12 20.74
C ASN B 645 -42.33 2.58 19.82
N SER B 646 -42.16 1.24 19.80
CA SER B 646 -41.18 0.63 18.95
C SER B 646 -41.89 -0.10 17.85
N TYR B 647 -41.35 0.00 16.63
CA TYR B 647 -41.94 -0.63 15.48
C TYR B 647 -40.81 -1.22 14.69
N GLU B 648 -41.14 -1.94 13.59
CA GLU B 648 -40.15 -2.53 12.75
C GLU B 648 -39.42 -1.43 12.05
N CYS B 649 -38.16 -1.68 11.64
CA CYS B 649 -37.36 -0.65 11.06
C CYS B 649 -37.59 -0.52 9.58
N ASP B 650 -38.20 0.62 9.16
CA ASP B 650 -38.38 0.92 7.76
C ASP B 650 -37.11 1.45 7.13
N ILE B 651 -36.49 2.48 7.74
CA ILE B 651 -35.28 3.08 7.20
C ILE B 651 -34.28 3.18 8.31
N PRO B 652 -33.09 2.65 8.13
CA PRO B 652 -32.11 2.72 9.20
C PRO B 652 -31.41 4.05 9.30
N ILE B 653 -31.41 4.68 10.50
CA ILE B 653 -30.66 5.87 10.78
C ILE B 653 -29.26 5.62 11.26
N GLY B 654 -29.12 4.74 12.28
CA GLY B 654 -27.87 4.47 12.92
C GLY B 654 -28.13 4.45 14.39
N ALA B 655 -27.27 3.73 15.15
CA ALA B 655 -27.39 3.64 16.58
C ALA B 655 -28.72 3.06 16.96
N GLY B 656 -29.31 2.23 16.10
CA GLY B 656 -30.52 1.54 16.48
C GLY B 656 -31.75 2.38 16.28
N ILE B 657 -31.61 3.61 15.76
CA ILE B 657 -32.79 4.43 15.56
C ILE B 657 -33.23 4.28 14.14
N CYS B 658 -34.56 4.14 13.94
CA CYS B 658 -35.12 3.92 12.64
C CYS B 658 -36.20 4.93 12.41
N ALA B 659 -36.40 5.37 11.14
CA ALA B 659 -37.40 6.37 10.84
C ALA B 659 -38.42 5.76 9.91
N SER B 660 -39.67 6.24 10.00
CA SER B 660 -40.74 5.74 9.17
C SER B 660 -41.74 6.84 9.05
N TYR B 661 -42.70 6.69 8.10
CA TYR B 661 -43.69 7.71 7.89
C TYR B 661 -44.96 7.08 8.34
N GLN B 662 -45.57 7.61 9.42
CA GLN B 662 -46.71 6.92 9.92
C GLN B 662 -47.74 7.94 10.30
N THR B 663 -49.02 7.53 10.22
CA THR B 663 -50.07 8.39 10.67
C THR B 663 -51.08 7.47 11.26
N GLN B 664 -51.72 7.91 12.36
CA GLN B 664 -52.77 7.08 12.88
C GLN B 664 -53.98 7.51 12.12
N THR B 665 -54.82 6.57 11.69
CA THR B 665 -55.92 6.99 10.88
C THR B 665 -57.19 6.47 11.46
N ASN B 666 -58.22 7.33 11.51
CA ASN B 666 -59.51 6.88 11.96
C ASN B 666 -60.49 7.29 10.91
N SER B 667 -60.90 6.33 10.05
CA SER B 667 -61.87 6.66 9.06
C SER B 667 -62.55 5.39 8.68
N PRO B 668 -63.81 5.46 8.40
CA PRO B 668 -64.49 4.26 8.02
C PRO B 668 -64.11 3.85 6.64
N GLY B 669 -63.86 2.55 6.44
CA GLY B 669 -63.55 1.99 5.16
C GLY B 669 -62.50 2.82 4.51
N SER B 670 -61.53 3.32 5.30
CA SER B 670 -60.49 4.12 4.72
C SER B 670 -59.16 3.58 5.07
N ALA B 671 -58.25 3.61 4.08
CA ALA B 671 -56.88 3.27 4.31
C ALA B 671 -56.33 4.51 4.92
N GLY B 672 -55.10 4.45 5.48
CA GLY B 672 -54.60 5.66 6.06
C GLY B 672 -54.53 6.65 4.96
N SER B 673 -55.44 7.64 5.01
CA SER B 673 -55.50 8.65 3.99
C SER B 673 -54.59 9.75 4.39
N VAL B 674 -54.44 10.76 3.50
CA VAL B 674 -53.61 11.85 3.86
C VAL B 674 -54.30 12.51 5.00
N ALA B 675 -53.51 12.88 6.02
CA ALA B 675 -54.01 13.47 7.22
C ALA B 675 -52.84 14.14 7.83
N SER B 676 -52.93 14.54 9.10
CA SER B 676 -51.74 15.12 9.67
C SER B 676 -50.83 13.96 9.87
N GLN B 677 -49.98 13.71 8.86
CA GLN B 677 -49.04 12.63 8.85
C GLN B 677 -47.76 13.23 9.25
N SER B 678 -46.80 12.39 9.70
CA SER B 678 -45.53 12.97 10.04
C SER B 678 -44.49 11.91 9.96
N ILE B 679 -43.21 12.33 10.08
CA ILE B 679 -42.12 11.41 10.08
C ILE B 679 -41.72 11.21 11.50
N ILE B 680 -41.57 9.93 11.90
CA ILE B 680 -41.25 9.60 13.26
C ILE B 680 -39.96 8.85 13.26
N ALA B 681 -39.21 8.95 14.37
CA ALA B 681 -37.99 8.21 14.55
C ALA B 681 -38.11 7.53 15.89
N TYR B 682 -37.65 6.27 15.99
CA TYR B 682 -37.79 5.59 17.24
C TYR B 682 -36.74 4.54 17.39
N THR B 683 -36.61 3.99 18.62
CA THR B 683 -35.69 2.91 18.81
C THR B 683 -36.32 1.76 18.09
N MET B 684 -35.58 1.17 17.14
CA MET B 684 -36.17 0.15 16.34
C MET B 684 -36.48 -1.03 17.19
N SER B 685 -37.68 -1.59 16.96
CA SER B 685 -38.13 -2.72 17.70
C SER B 685 -37.41 -3.93 17.21
N LEU B 686 -36.88 -4.71 18.16
CA LEU B 686 -36.19 -5.93 17.90
C LEU B 686 -37.21 -6.92 17.46
N GLY B 687 -38.49 -6.63 17.81
CA GLY B 687 -39.57 -7.47 17.40
C GLY B 687 -40.41 -7.67 18.62
N ALA B 688 -41.57 -8.31 18.48
CA ALA B 688 -42.34 -8.54 19.67
C ALA B 688 -41.51 -9.45 20.51
N GLU B 689 -41.26 -9.04 21.77
CA GLU B 689 -40.44 -9.83 22.62
C GLU B 689 -41.26 -11.00 23.04
N ASN B 690 -40.60 -12.14 23.35
CA ASN B 690 -41.36 -13.30 23.71
C ASN B 690 -40.70 -13.95 24.87
N SER B 691 -41.25 -15.10 25.34
CA SER B 691 -40.69 -15.84 26.43
C SER B 691 -41.18 -17.24 26.26
N VAL B 692 -40.45 -18.23 26.79
CA VAL B 692 -40.88 -19.59 26.60
C VAL B 692 -41.13 -20.20 27.94
N ALA B 693 -42.27 -20.92 28.09
CA ALA B 693 -42.55 -21.48 29.38
C ALA B 693 -41.69 -22.68 29.54
N TYR B 694 -40.48 -22.47 30.07
CA TYR B 694 -39.53 -23.52 30.28
C TYR B 694 -39.89 -24.23 31.53
N SER B 695 -39.80 -25.57 31.52
CA SER B 695 -40.10 -26.30 32.71
C SER B 695 -39.40 -27.61 32.66
N ASN B 696 -39.31 -28.26 33.84
CA ASN B 696 -38.75 -29.57 33.92
C ASN B 696 -39.69 -30.51 33.23
N ASN B 697 -41.02 -30.25 33.31
CA ASN B 697 -41.89 -31.28 32.81
C ASN B 697 -42.96 -30.78 31.88
N SER B 698 -42.60 -30.37 30.64
CA SER B 698 -43.66 -30.06 29.72
C SER B 698 -43.07 -29.90 28.34
N ILE B 699 -43.85 -30.25 27.29
CA ILE B 699 -43.38 -30.05 25.95
C ILE B 699 -44.47 -29.41 25.16
N ALA B 700 -44.09 -28.72 24.06
CA ALA B 700 -45.07 -28.13 23.19
C ALA B 700 -44.95 -28.81 21.86
N ILE B 701 -45.94 -29.64 21.50
CA ILE B 701 -45.88 -30.40 20.26
C ILE B 701 -47.00 -29.90 19.37
N PRO B 702 -46.68 -29.48 18.17
CA PRO B 702 -47.71 -28.96 17.30
C PRO B 702 -48.67 -29.98 16.80
N THR B 703 -49.98 -29.63 16.79
CA THR B 703 -51.09 -30.38 16.31
C THR B 703 -51.21 -30.31 14.82
N ASN B 704 -50.94 -29.13 14.21
CA ASN B 704 -51.07 -29.05 12.78
C ASN B 704 -49.97 -28.18 12.25
N PHE B 705 -49.78 -28.21 10.92
CA PHE B 705 -48.68 -27.48 10.34
C PHE B 705 -49.15 -26.74 9.14
N THR B 706 -48.18 -26.20 8.38
CA THR B 706 -48.47 -25.49 7.18
C THR B 706 -47.47 -25.91 6.15
N ILE B 707 -47.87 -25.86 4.86
CA ILE B 707 -46.93 -26.07 3.80
C ILE B 707 -46.82 -24.73 3.17
N SER B 708 -45.63 -24.10 3.31
CA SER B 708 -45.48 -22.76 2.83
C SER B 708 -44.52 -22.76 1.69
N VAL B 709 -44.47 -21.63 0.96
CA VAL B 709 -43.52 -21.48 -0.10
C VAL B 709 -42.98 -20.09 0.01
N THR B 710 -41.64 -19.95 -0.07
CA THR B 710 -41.00 -18.67 0.02
C THR B 710 -40.09 -18.56 -1.16
N THR B 711 -39.62 -17.33 -1.47
CA THR B 711 -38.77 -17.20 -2.61
C THR B 711 -37.42 -16.73 -2.15
N GLU B 712 -36.37 -17.43 -2.65
CA GLU B 712 -35.00 -17.11 -2.39
C GLU B 712 -34.43 -16.77 -3.72
N ILE B 713 -33.79 -15.58 -3.85
CA ILE B 713 -33.35 -15.14 -5.14
C ILE B 713 -31.87 -14.92 -5.10
N LEU B 714 -31.13 -15.40 -6.12
CA LEU B 714 -29.70 -15.24 -6.15
C LEU B 714 -29.28 -14.86 -7.55
N PRO B 715 -28.32 -13.98 -7.70
CA PRO B 715 -27.78 -13.66 -9.00
C PRO B 715 -26.90 -14.77 -9.47
N VAL B 716 -27.01 -15.20 -10.74
CA VAL B 716 -26.13 -16.17 -11.34
C VAL B 716 -25.00 -15.58 -12.13
N SER B 717 -25.31 -14.61 -13.02
CA SER B 717 -24.25 -14.14 -13.88
C SER B 717 -24.41 -12.68 -14.13
N MET B 718 -23.27 -12.04 -14.46
CA MET B 718 -23.22 -10.66 -14.83
C MET B 718 -23.42 -10.64 -16.31
N THR B 719 -23.55 -9.44 -16.91
CA THR B 719 -23.68 -9.37 -18.34
C THR B 719 -22.30 -9.49 -18.91
N LYS B 720 -22.13 -10.31 -19.98
CA LYS B 720 -20.82 -10.54 -20.50
C LYS B 720 -20.36 -9.32 -21.22
N THR B 721 -19.74 -8.38 -20.50
CA THR B 721 -19.28 -7.17 -21.12
C THR B 721 -17.92 -7.41 -21.71
N SER B 722 -17.61 -6.70 -22.81
CA SER B 722 -16.30 -6.81 -23.42
C SER B 722 -15.90 -5.42 -23.78
N VAL B 723 -14.60 -5.09 -23.63
CA VAL B 723 -14.15 -3.78 -23.98
C VAL B 723 -12.84 -3.90 -24.68
N ASP B 724 -12.67 -3.16 -25.78
CA ASP B 724 -11.40 -3.16 -26.46
C ASP B 724 -10.72 -1.89 -26.09
N CYS B 725 -9.59 -2.01 -25.38
CA CYS B 725 -8.93 -0.86 -24.86
C CYS B 725 -8.55 0.06 -25.96
N THR B 726 -8.02 -0.47 -27.08
CA THR B 726 -7.49 0.41 -28.08
C THR B 726 -8.60 1.26 -28.63
N MET B 727 -9.78 0.68 -28.91
CA MET B 727 -10.83 1.51 -29.42
C MET B 727 -11.30 2.44 -28.35
N TYR B 728 -11.40 1.94 -27.11
CA TYR B 728 -11.93 2.73 -26.03
C TYR B 728 -11.03 3.90 -25.79
N ILE B 729 -9.71 3.67 -25.73
CA ILE B 729 -8.76 4.72 -25.51
C ILE B 729 -8.47 5.53 -26.74
N CYS B 730 -8.01 4.78 -27.75
CA CYS B 730 -7.50 5.05 -29.07
C CYS B 730 -8.42 5.12 -30.24
N GLY B 731 -9.74 4.99 -30.07
CA GLY B 731 -10.64 4.83 -31.19
C GLY B 731 -10.33 5.72 -32.37
N ASP B 732 -10.00 5.06 -33.50
CA ASP B 732 -9.71 5.64 -34.77
C ASP B 732 -8.62 6.65 -34.72
N SER B 733 -7.47 6.34 -34.09
CA SER B 733 -6.40 7.28 -34.14
C SER B 733 -5.11 6.52 -34.13
N THR B 734 -4.39 6.55 -35.27
CA THR B 734 -3.12 5.90 -35.36
C THR B 734 -2.21 6.67 -34.45
N GLU B 735 -2.39 8.00 -34.43
CA GLU B 735 -1.54 8.85 -33.66
C GLU B 735 -1.68 8.48 -32.22
N CYS B 736 -2.90 8.21 -31.73
CA CYS B 736 -2.95 7.84 -30.35
C CYS B 736 -2.46 6.44 -30.15
N SER B 737 -2.71 5.53 -31.13
CA SER B 737 -2.39 4.15 -30.94
C SER B 737 -0.92 4.00 -30.69
N ASN B 738 -0.08 4.76 -31.41
CA ASN B 738 1.33 4.62 -31.27
C ASN B 738 1.71 4.91 -29.86
N LEU B 739 1.10 5.95 -29.25
CA LEU B 739 1.42 6.34 -27.90
C LEU B 739 1.02 5.27 -26.93
N LEU B 740 -0.08 4.55 -27.20
CA LEU B 740 -0.60 3.55 -26.30
C LEU B 740 0.37 2.40 -26.16
N LEU B 741 1.06 2.01 -27.24
CA LEU B 741 1.96 0.88 -27.23
C LEU B 741 3.06 1.07 -26.24
N GLN B 742 3.45 2.32 -25.95
CA GLN B 742 4.53 2.59 -25.05
C GLN B 742 4.22 2.04 -23.69
N TYR B 743 2.92 1.90 -23.37
CA TYR B 743 2.36 1.36 -22.16
C TYR B 743 2.66 -0.09 -21.99
N GLY B 744 3.10 -0.78 -23.05
CA GLY B 744 3.42 -2.15 -22.84
C GLY B 744 2.14 -2.94 -22.94
N SER B 745 2.05 -3.97 -22.09
CA SER B 745 1.01 -4.97 -22.06
C SER B 745 -0.23 -4.60 -21.28
N PHE B 746 -0.49 -3.34 -20.92
CA PHE B 746 -1.67 -3.08 -20.13
C PHE B 746 -2.90 -3.54 -20.85
N CYS B 747 -3.01 -3.21 -22.15
CA CYS B 747 -4.17 -3.54 -22.92
C CYS B 747 -4.43 -5.01 -22.94
N THR B 748 -3.41 -5.81 -23.32
CA THR B 748 -3.61 -7.21 -23.51
C THR B 748 -4.10 -7.79 -22.24
N GLN B 749 -3.55 -7.34 -21.10
CA GLN B 749 -4.00 -7.86 -19.84
C GLN B 749 -5.40 -7.41 -19.57
N LEU B 750 -5.72 -6.13 -19.82
CA LEU B 750 -7.04 -5.67 -19.49
C LEU B 750 -8.05 -6.39 -20.33
N ASN B 751 -7.77 -6.54 -21.63
CA ASN B 751 -8.72 -7.19 -22.48
C ASN B 751 -8.86 -8.62 -22.04
N ARG B 752 -7.74 -9.23 -21.63
CA ARG B 752 -7.71 -10.60 -21.21
C ARG B 752 -8.54 -10.77 -19.98
N ALA B 753 -8.46 -9.81 -19.03
CA ALA B 753 -9.14 -9.98 -17.78
C ALA B 753 -10.62 -10.09 -17.98
N LEU B 754 -11.21 -9.21 -18.79
CA LEU B 754 -12.63 -9.21 -19.00
C LEU B 754 -13.03 -10.48 -19.67
N THR B 755 -12.20 -10.93 -20.64
CA THR B 755 -12.55 -12.12 -21.37
C THR B 755 -12.61 -13.26 -20.39
N GLY B 756 -11.74 -13.22 -19.37
CA GLY B 756 -11.77 -14.26 -18.37
C GLY B 756 -13.09 -14.24 -17.67
N ILE B 757 -13.59 -13.04 -17.35
CA ILE B 757 -14.85 -12.93 -16.66
C ILE B 757 -15.93 -13.42 -17.57
N ALA B 758 -15.84 -13.06 -18.86
CA ALA B 758 -16.87 -13.41 -19.80
C ALA B 758 -16.99 -14.90 -19.87
N VAL B 759 -15.85 -15.62 -19.93
CA VAL B 759 -15.90 -17.05 -20.03
C VAL B 759 -16.47 -17.62 -18.77
N GLU B 760 -16.10 -17.02 -17.63
CA GLU B 760 -16.51 -17.50 -16.34
C GLU B 760 -18.01 -17.41 -16.26
N GLN B 761 -18.61 -16.38 -16.89
CA GLN B 761 -20.03 -16.19 -16.76
C GLN B 761 -20.76 -17.38 -17.30
N ASP B 762 -20.32 -17.93 -18.45
CA ASP B 762 -20.96 -19.08 -18.99
C ASP B 762 -20.75 -20.23 -18.05
N LYS B 763 -19.55 -20.32 -17.46
CA LYS B 763 -19.21 -21.36 -16.54
C LYS B 763 -20.18 -21.30 -15.42
N ASN B 764 -20.57 -20.08 -15.02
CA ASN B 764 -21.51 -19.94 -13.95
C ASN B 764 -22.82 -20.55 -14.37
N THR B 765 -23.33 -20.18 -15.56
CA THR B 765 -24.61 -20.65 -16.02
C THR B 765 -24.54 -22.13 -16.23
N GLN B 766 -23.39 -22.62 -16.73
CA GLN B 766 -23.23 -23.99 -17.04
C GLN B 766 -23.32 -24.80 -15.78
N GLU B 767 -22.66 -24.36 -14.71
CA GLU B 767 -22.66 -25.10 -13.48
C GLU B 767 -24.00 -25.07 -12.81
N VAL B 768 -24.67 -23.92 -12.84
CA VAL B 768 -25.92 -23.82 -12.12
C VAL B 768 -27.00 -24.68 -12.71
N PHE B 769 -27.37 -24.42 -13.98
CA PHE B 769 -28.47 -25.07 -14.65
C PHE B 769 -28.21 -26.46 -15.16
N ALA B 770 -27.03 -26.68 -15.74
CA ALA B 770 -26.55 -27.83 -16.46
C ALA B 770 -26.36 -29.07 -15.64
N GLN B 771 -26.77 -29.07 -14.38
CA GLN B 771 -26.55 -30.19 -13.50
C GLN B 771 -27.07 -31.48 -14.08
N VAL B 772 -28.05 -31.45 -15.02
CA VAL B 772 -28.60 -32.67 -15.55
C VAL B 772 -28.10 -32.93 -16.95
N LYS B 773 -27.77 -34.21 -17.24
CA LYS B 773 -27.33 -34.68 -18.52
C LYS B 773 -28.46 -34.81 -19.51
N GLN B 774 -29.59 -35.40 -19.08
CA GLN B 774 -30.63 -35.70 -20.02
C GLN B 774 -31.79 -34.79 -19.79
N ILE B 775 -32.29 -34.17 -20.89
CA ILE B 775 -33.41 -33.29 -20.77
C ILE B 775 -34.61 -34.15 -20.62
N TYR B 776 -35.29 -34.01 -19.46
CA TYR B 776 -36.48 -34.76 -19.21
C TYR B 776 -37.63 -33.90 -19.64
N LYS B 777 -38.76 -34.54 -20.01
CA LYS B 777 -39.90 -33.75 -20.37
C LYS B 777 -41.07 -34.26 -19.59
N THR B 778 -42.16 -33.46 -19.55
CA THR B 778 -43.32 -33.80 -18.76
C THR B 778 -44.33 -34.39 -19.70
N PRO B 779 -44.94 -35.46 -19.26
CA PRO B 779 -45.93 -36.15 -20.04
C PRO B 779 -47.22 -35.39 -20.04
N PRO B 780 -48.09 -35.72 -20.94
CA PRO B 780 -49.38 -35.09 -20.97
C PRO B 780 -50.19 -35.43 -19.77
N ILE B 781 -49.91 -36.56 -19.10
CA ILE B 781 -50.71 -36.91 -17.96
C ILE B 781 -50.18 -36.15 -16.78
N LYS B 782 -51.06 -35.29 -16.25
CA LYS B 782 -50.89 -34.38 -15.15
C LYS B 782 -51.11 -34.96 -13.78
N ASP B 783 -51.65 -36.19 -13.64
CA ASP B 783 -52.08 -36.71 -12.36
C ASP B 783 -50.97 -36.72 -11.33
N PHE B 784 -50.81 -35.57 -10.65
CA PHE B 784 -49.90 -35.20 -9.62
C PHE B 784 -50.37 -35.62 -8.28
N GLY B 785 -51.55 -36.23 -8.17
CA GLY B 785 -51.98 -36.60 -6.85
C GLY B 785 -52.69 -35.42 -6.28
N GLY B 786 -53.09 -34.50 -7.18
CA GLY B 786 -53.82 -33.34 -6.76
C GLY B 786 -52.91 -32.15 -6.75
N PHE B 787 -51.59 -32.37 -6.69
CA PHE B 787 -50.69 -31.24 -6.68
C PHE B 787 -50.79 -30.60 -8.03
N ASN B 788 -50.75 -29.24 -8.07
CA ASN B 788 -50.91 -28.55 -9.32
C ASN B 788 -49.68 -27.76 -9.63
N PHE B 789 -48.88 -28.23 -10.60
CA PHE B 789 -47.68 -27.65 -11.13
C PHE B 789 -47.86 -26.74 -12.32
N SER B 790 -49.05 -26.75 -12.97
CA SER B 790 -49.24 -26.17 -14.28
C SER B 790 -48.65 -24.80 -14.42
N GLN B 791 -48.53 -24.04 -13.32
CA GLN B 791 -47.94 -22.72 -13.34
C GLN B 791 -46.45 -22.76 -13.53
N ILE B 792 -45.73 -23.70 -12.87
CA ILE B 792 -44.30 -23.88 -12.90
C ILE B 792 -43.79 -24.51 -14.17
N LEU B 793 -44.54 -25.47 -14.75
CA LEU B 793 -44.05 -26.12 -15.94
C LEU B 793 -44.16 -25.18 -17.10
N PRO B 794 -43.28 -25.36 -18.04
CA PRO B 794 -43.24 -24.53 -19.22
C PRO B 794 -44.54 -24.60 -19.94
N ASP B 795 -44.96 -23.50 -20.58
CA ASP B 795 -46.18 -23.46 -21.34
C ASP B 795 -45.82 -23.83 -22.73
N PRO B 796 -46.43 -24.85 -23.24
CA PRO B 796 -46.16 -25.21 -24.61
C PRO B 796 -46.68 -24.18 -25.55
N SER B 797 -47.64 -23.35 -25.10
CA SER B 797 -48.28 -22.39 -25.96
C SER B 797 -47.30 -21.36 -26.43
N LYS B 798 -46.48 -20.81 -25.51
CA LYS B 798 -45.60 -19.74 -25.88
C LYS B 798 -44.45 -20.25 -26.67
N PRO B 799 -43.91 -19.38 -27.49
CA PRO B 799 -42.79 -19.67 -28.35
C PRO B 799 -41.60 -19.98 -27.51
N SER B 800 -41.48 -19.35 -26.32
CA SER B 800 -40.42 -19.69 -25.44
C SER B 800 -41.06 -20.62 -24.47
N LYS B 801 -40.55 -21.87 -24.38
CA LYS B 801 -41.25 -22.75 -23.49
C LYS B 801 -40.86 -22.42 -22.09
N ARG B 802 -41.58 -21.44 -21.51
CA ARG B 802 -41.31 -21.00 -20.17
C ARG B 802 -42.57 -21.17 -19.39
N SER B 803 -42.44 -21.13 -18.05
CA SER B 803 -43.57 -21.29 -17.17
C SER B 803 -44.25 -19.97 -16.99
N PHE B 804 -45.41 -20.01 -16.32
CA PHE B 804 -46.20 -18.84 -16.06
C PHE B 804 -45.48 -17.87 -15.18
N ILE B 805 -44.97 -18.35 -14.03
CA ILE B 805 -44.34 -17.49 -13.07
C ILE B 805 -43.15 -16.87 -13.72
N GLU B 806 -42.46 -17.62 -14.59
CA GLU B 806 -41.27 -17.12 -15.21
C GLU B 806 -41.59 -15.84 -15.94
N ASP B 807 -42.75 -15.77 -16.61
CA ASP B 807 -43.06 -14.60 -17.38
C ASP B 807 -43.03 -13.41 -16.48
N LEU B 808 -43.61 -13.53 -15.28
CA LEU B 808 -43.63 -12.43 -14.36
C LEU B 808 -42.22 -12.09 -14.00
N LEU B 809 -41.38 -13.12 -13.77
CA LEU B 809 -40.02 -12.86 -13.37
C LEU B 809 -39.29 -12.09 -14.42
N PHE B 810 -39.47 -12.46 -15.71
CA PHE B 810 -38.76 -11.77 -16.74
C PHE B 810 -39.22 -10.34 -16.82
N ASN B 811 -40.54 -10.11 -16.62
CA ASN B 811 -41.12 -8.80 -16.76
C ASN B 811 -40.66 -7.82 -15.72
N LYS B 812 -40.48 -8.26 -14.47
CA LYS B 812 -40.19 -7.39 -13.36
C LYS B 812 -38.84 -6.73 -13.42
N VAL B 813 -37.85 -7.35 -14.11
CA VAL B 813 -36.54 -6.75 -14.15
C VAL B 813 -36.50 -5.78 -15.27
N THR B 814 -35.90 -4.58 -15.05
CA THR B 814 -36.06 -3.61 -16.09
C THR B 814 -34.85 -2.82 -16.41
N LEU B 815 -34.85 -2.27 -17.64
CA LEU B 815 -33.88 -1.42 -18.26
C LEU B 815 -33.92 0.02 -17.85
N ALA B 816 -35.07 0.51 -17.32
CA ALA B 816 -35.37 1.90 -17.17
C ALA B 816 -34.34 2.70 -16.41
N ASP B 817 -33.63 2.08 -15.45
CA ASP B 817 -32.72 2.80 -14.59
C ASP B 817 -31.54 3.43 -15.30
N ALA B 818 -30.88 2.77 -16.28
CA ALA B 818 -29.61 3.24 -16.77
C ALA B 818 -29.68 3.99 -18.08
N GLY B 819 -28.80 5.00 -18.25
CA GLY B 819 -28.75 5.79 -19.47
C GLY B 819 -28.16 5.07 -20.67
N PHE B 820 -26.90 4.58 -20.56
CA PHE B 820 -26.18 3.98 -21.64
C PHE B 820 -26.77 2.66 -22.03
N ILE B 821 -27.03 1.80 -21.03
CA ILE B 821 -27.52 0.47 -21.26
C ILE B 821 -28.84 0.55 -21.98
N LYS B 822 -29.73 1.47 -21.54
CA LYS B 822 -31.04 1.62 -22.11
C LYS B 822 -30.89 2.09 -23.53
N GLN B 823 -29.91 2.97 -23.77
CA GLN B 823 -29.63 3.53 -25.07
C GLN B 823 -29.21 2.43 -25.99
N TYR B 824 -28.46 1.46 -25.46
CA TYR B 824 -27.98 0.35 -26.21
C TYR B 824 -29.14 -0.47 -26.71
N GLY B 825 -30.16 -0.69 -25.84
CA GLY B 825 -31.32 -1.49 -26.19
C GLY B 825 -32.06 -0.87 -27.32
N ASP B 826 -32.10 0.47 -27.35
CA ASP B 826 -32.80 1.20 -28.38
C ASP B 826 -32.12 0.88 -29.68
N CYS B 827 -30.80 0.65 -29.63
CA CYS B 827 -29.98 0.39 -30.78
C CYS B 827 -30.46 -0.86 -31.46
N LEU B 828 -30.82 -1.89 -30.69
CA LEU B 828 -31.28 -3.15 -31.22
C LEU B 828 -32.58 -2.98 -31.93
N GLY B 829 -33.40 -2.03 -31.47
CA GLY B 829 -34.71 -1.79 -31.98
C GLY B 829 -34.74 -1.35 -33.43
N ASP B 830 -33.75 -0.55 -33.89
CA ASP B 830 -33.82 0.09 -35.19
C ASP B 830 -33.52 -0.83 -36.35
N ILE B 831 -34.55 -1.11 -37.17
CA ILE B 831 -34.40 -1.81 -38.43
C ILE B 831 -33.91 -0.88 -39.52
N ALA B 832 -34.49 0.33 -39.57
CA ALA B 832 -34.29 1.28 -40.63
C ALA B 832 -32.87 1.73 -40.72
N ALA B 833 -32.21 1.96 -39.56
CA ALA B 833 -30.89 2.50 -39.54
C ALA B 833 -29.96 1.63 -40.31
N ARG B 834 -28.98 2.27 -40.97
CA ARG B 834 -28.01 1.58 -41.76
C ARG B 834 -26.69 1.60 -41.08
N ASP B 835 -25.89 0.55 -41.35
CA ASP B 835 -24.58 0.41 -40.77
C ASP B 835 -24.67 0.51 -39.29
N LEU B 836 -25.62 -0.26 -38.72
CA LEU B 836 -25.83 -0.15 -37.32
C LEU B 836 -25.31 -1.39 -36.65
N ILE B 837 -23.99 -1.44 -36.32
CA ILE B 837 -23.51 -2.57 -35.58
C ILE B 837 -23.35 -2.10 -34.16
N CYS B 838 -24.29 -2.51 -33.31
CA CYS B 838 -24.43 -2.04 -31.95
C CYS B 838 -23.30 -2.46 -31.04
N ALA B 839 -22.60 -3.55 -31.37
CA ALA B 839 -21.62 -4.14 -30.51
C ALA B 839 -20.62 -3.09 -30.14
N GLN B 840 -20.44 -2.14 -31.04
CA GLN B 840 -19.54 -1.05 -31.08
C GLN B 840 -19.77 0.01 -29.99
N LYS B 841 -20.78 -0.08 -29.02
CA LYS B 841 -21.69 0.98 -28.69
C LYS B 841 -21.11 2.14 -29.18
N PHE B 842 -20.53 3.02 -28.46
CA PHE B 842 -20.02 3.73 -29.54
C PHE B 842 -18.56 3.55 -29.47
N ASN B 843 -18.08 3.28 -28.24
CA ASN B 843 -16.66 3.28 -28.07
C ASN B 843 -16.11 1.95 -27.67
N GLY B 844 -16.32 0.91 -28.50
CA GLY B 844 -15.67 -0.35 -28.32
C GLY B 844 -16.34 -1.18 -27.26
N LEU B 845 -17.41 -0.66 -26.63
CA LEU B 845 -18.00 -1.42 -25.56
C LEU B 845 -19.10 -2.23 -26.15
N THR B 846 -18.94 -3.58 -26.14
CA THR B 846 -19.88 -4.47 -26.73
C THR B 846 -20.40 -5.39 -25.68
N VAL B 847 -21.52 -6.07 -25.99
CA VAL B 847 -22.06 -7.03 -25.07
C VAL B 847 -22.13 -8.34 -25.78
N LEU B 848 -21.45 -9.36 -25.23
CA LEU B 848 -21.49 -10.68 -25.80
C LEU B 848 -22.76 -11.34 -25.36
N PRO B 849 -23.34 -12.15 -26.21
CA PRO B 849 -24.53 -12.86 -25.83
C PRO B 849 -24.20 -14.03 -24.96
N PRO B 850 -25.12 -14.47 -24.14
CA PRO B 850 -24.88 -15.62 -23.31
C PRO B 850 -24.92 -16.88 -24.14
N LEU B 851 -24.11 -17.88 -23.78
CA LEU B 851 -23.99 -19.12 -24.51
C LEU B 851 -25.30 -19.84 -24.46
N LEU B 852 -25.88 -19.99 -23.25
CA LEU B 852 -27.12 -20.70 -23.13
C LEU B 852 -28.19 -19.68 -23.32
N THR B 853 -28.98 -19.84 -24.40
CA THR B 853 -29.99 -18.89 -24.71
C THR B 853 -31.10 -19.02 -23.71
N ASP B 854 -31.92 -17.96 -23.61
CA ASP B 854 -32.98 -17.89 -22.65
C ASP B 854 -33.92 -19.02 -22.87
N GLU B 855 -34.17 -19.38 -24.15
CA GLU B 855 -35.05 -20.47 -24.43
C GLU B 855 -34.45 -21.72 -23.85
N MET B 856 -33.13 -21.90 -24.04
CA MET B 856 -32.45 -23.09 -23.59
C MET B 856 -32.51 -23.16 -22.10
N ILE B 857 -32.34 -22.01 -21.43
CA ILE B 857 -32.29 -21.99 -19.99
C ILE B 857 -33.59 -22.54 -19.48
N ALA B 858 -34.69 -22.24 -20.17
CA ALA B 858 -35.97 -22.75 -19.76
C ALA B 858 -35.98 -24.24 -19.84
N GLN B 859 -35.38 -24.83 -20.89
CA GLN B 859 -35.46 -26.26 -21.02
C GLN B 859 -34.74 -26.91 -19.88
N TYR B 860 -33.58 -26.34 -19.46
CA TYR B 860 -32.90 -26.93 -18.34
C TYR B 860 -33.84 -26.91 -17.18
N THR B 861 -34.45 -25.75 -16.90
CA THR B 861 -35.28 -25.65 -15.74
C THR B 861 -36.45 -26.57 -15.87
N SER B 862 -37.03 -26.70 -17.07
CA SER B 862 -38.12 -27.61 -17.22
C SER B 862 -37.65 -28.99 -16.92
N ALA B 863 -36.44 -29.37 -17.40
CA ALA B 863 -35.93 -30.69 -17.14
C ALA B 863 -35.69 -30.83 -15.67
N LEU B 864 -35.10 -29.79 -15.06
CA LEU B 864 -34.74 -29.78 -13.68
C LEU B 864 -36.02 -29.94 -12.92
N LEU B 865 -37.11 -29.37 -13.46
CA LEU B 865 -38.41 -29.52 -12.89
C LEU B 865 -38.98 -30.90 -13.11
N ALA B 866 -38.87 -31.42 -14.35
CA ALA B 866 -39.55 -32.62 -14.75
C ALA B 866 -39.07 -33.79 -13.95
N GLY B 867 -37.74 -33.93 -13.80
CA GLY B 867 -37.22 -35.02 -13.04
C GLY B 867 -37.62 -34.87 -11.61
N THR B 868 -37.63 -33.62 -11.12
CA THR B 868 -37.97 -33.37 -9.75
C THR B 868 -39.37 -33.81 -9.52
N ILE B 869 -40.26 -33.55 -10.48
CA ILE B 869 -41.62 -33.97 -10.30
C ILE B 869 -41.73 -35.47 -10.38
N THR B 870 -41.19 -36.04 -11.47
CA THR B 870 -41.39 -37.44 -11.78
C THR B 870 -40.56 -38.43 -11.01
N SER B 871 -39.24 -38.19 -10.97
CA SER B 871 -38.26 -39.14 -10.51
C SER B 871 -37.77 -39.01 -9.10
N GLY B 872 -38.23 -38.05 -8.29
CA GLY B 872 -37.62 -37.96 -7.00
C GLY B 872 -36.25 -37.36 -7.20
N TRP B 873 -35.33 -37.66 -6.26
CA TRP B 873 -33.97 -37.20 -6.20
C TRP B 873 -33.05 -37.93 -7.15
N THR B 874 -33.46 -39.11 -7.63
CA THR B 874 -32.59 -40.03 -8.34
C THR B 874 -31.97 -39.43 -9.57
N PHE B 875 -32.58 -38.43 -10.21
CA PHE B 875 -32.07 -37.94 -11.47
C PHE B 875 -30.71 -37.30 -11.32
N GLY B 876 -30.33 -36.85 -10.11
CA GLY B 876 -29.00 -36.39 -9.85
C GLY B 876 -28.01 -37.52 -9.71
N ALA B 877 -28.43 -38.59 -9.01
CA ALA B 877 -27.66 -39.76 -8.70
C ALA B 877 -27.37 -40.60 -9.91
N GLY B 878 -28.31 -40.65 -10.87
CA GLY B 878 -28.07 -41.52 -11.99
C GLY B 878 -29.24 -41.42 -12.93
N ALA B 879 -29.71 -42.59 -13.42
CA ALA B 879 -30.83 -42.59 -14.31
C ALA B 879 -32.06 -42.26 -13.51
N ALA B 880 -32.88 -41.32 -14.03
CA ALA B 880 -34.05 -40.92 -13.32
C ALA B 880 -35.01 -42.06 -13.28
N LEU B 881 -35.49 -42.39 -12.07
CA LEU B 881 -36.40 -43.48 -11.88
C LEU B 881 -37.74 -42.85 -11.67
N GLN B 882 -38.69 -43.09 -12.60
CA GLN B 882 -39.98 -42.45 -12.46
C GLN B 882 -40.67 -42.98 -11.23
N ILE B 883 -41.22 -42.05 -10.41
CA ILE B 883 -41.94 -42.45 -9.24
C ILE B 883 -43.17 -41.60 -9.13
N PRO B 884 -44.27 -42.18 -8.72
CA PRO B 884 -45.51 -41.45 -8.56
C PRO B 884 -45.30 -40.38 -7.53
N PHE B 885 -45.91 -39.20 -7.74
CA PHE B 885 -45.64 -38.02 -6.98
C PHE B 885 -46.00 -38.18 -5.53
N ALA B 886 -47.15 -38.80 -5.24
CA ALA B 886 -47.60 -38.92 -3.87
C ALA B 886 -46.55 -39.71 -3.14
N MET B 887 -45.90 -40.63 -3.84
CA MET B 887 -44.87 -41.46 -3.27
C MET B 887 -43.68 -40.61 -2.92
N GLN B 888 -43.42 -39.54 -3.68
CA GLN B 888 -42.24 -38.75 -3.43
C GLN B 888 -42.31 -38.01 -2.13
N MET B 889 -43.43 -37.31 -1.87
CA MET B 889 -43.55 -36.52 -0.68
C MET B 889 -43.51 -37.45 0.49
N ALA B 890 -44.05 -38.67 0.34
CA ALA B 890 -44.03 -39.60 1.43
C ALA B 890 -42.59 -39.85 1.78
N TYR B 891 -41.72 -39.98 0.75
CA TYR B 891 -40.32 -40.12 1.03
C TYR B 891 -39.83 -38.84 1.63
N ARG B 892 -40.32 -37.70 1.12
CA ARG B 892 -39.85 -36.40 1.52
C ARG B 892 -40.14 -36.12 2.97
N PHE B 893 -41.37 -36.41 3.42
CA PHE B 893 -41.77 -36.20 4.78
C PHE B 893 -40.92 -37.07 5.63
N ASN B 894 -40.50 -38.21 5.06
CA ASN B 894 -39.64 -39.13 5.77
C ASN B 894 -38.38 -38.37 6.11
N GLY B 895 -38.01 -37.39 5.27
CA GLY B 895 -36.80 -36.61 5.40
C GLY B 895 -36.76 -35.73 6.63
N ILE B 896 -37.92 -35.18 7.04
CA ILE B 896 -38.11 -34.33 8.19
C ILE B 896 -38.22 -35.06 9.50
N GLY B 897 -38.61 -36.34 9.52
CA GLY B 897 -38.79 -36.97 10.80
C GLY B 897 -40.27 -37.13 11.03
N VAL B 898 -41.07 -37.00 9.96
CA VAL B 898 -42.48 -37.26 10.07
C VAL B 898 -42.79 -38.44 9.17
N THR B 899 -43.63 -39.37 9.67
CA THR B 899 -43.87 -40.58 8.92
C THR B 899 -44.69 -40.31 7.70
N GLN B 900 -44.75 -41.34 6.84
CA GLN B 900 -45.43 -41.31 5.58
C GLN B 900 -46.89 -41.07 5.79
N ASN B 901 -47.47 -41.63 6.86
CA ASN B 901 -48.88 -41.60 7.06
C ASN B 901 -49.40 -40.20 7.13
N VAL B 902 -48.58 -39.22 7.54
CA VAL B 902 -49.11 -37.91 7.69
C VAL B 902 -49.57 -37.39 6.34
N LEU B 903 -48.78 -37.61 5.27
CA LEU B 903 -49.16 -37.04 4.00
C LEU B 903 -50.45 -37.61 3.50
N TYR B 904 -50.56 -38.96 3.42
CA TYR B 904 -51.70 -39.58 2.83
C TYR B 904 -52.93 -39.32 3.65
N GLU B 905 -52.78 -39.37 4.98
CA GLU B 905 -53.89 -39.15 5.86
C GLU B 905 -54.39 -37.77 5.62
N ASN B 906 -53.50 -36.86 5.15
CA ASN B 906 -53.95 -35.52 4.87
C ASN B 906 -53.59 -35.17 3.45
N GLN B 907 -53.75 -36.09 2.48
CA GLN B 907 -53.21 -35.79 1.18
C GLN B 907 -53.94 -34.67 0.49
N LYS B 908 -55.28 -34.64 0.54
CA LYS B 908 -56.03 -33.66 -0.20
C LYS B 908 -55.70 -32.27 0.27
N LEU B 909 -55.75 -32.05 1.59
CA LEU B 909 -55.51 -30.75 2.14
C LEU B 909 -54.10 -30.34 1.89
N ILE B 910 -53.14 -31.26 2.04
CA ILE B 910 -51.76 -30.90 1.84
C ILE B 910 -51.62 -30.51 0.41
N ALA B 911 -52.24 -31.29 -0.49
CA ALA B 911 -52.11 -30.98 -1.88
C ALA B 911 -52.70 -29.63 -2.12
N ASN B 912 -53.89 -29.37 -1.55
CA ASN B 912 -54.57 -28.13 -1.79
C ASN B 912 -53.76 -27.02 -1.21
N GLN B 913 -53.16 -27.25 -0.02
CA GLN B 913 -52.43 -26.22 0.65
C GLN B 913 -51.26 -25.85 -0.20
N PHE B 914 -50.62 -26.84 -0.83
CA PHE B 914 -49.51 -26.57 -1.70
C PHE B 914 -50.02 -25.76 -2.87
N ASN B 915 -51.18 -26.16 -3.42
CA ASN B 915 -51.70 -25.48 -4.58
C ASN B 915 -51.95 -24.04 -4.29
N SER B 916 -52.63 -23.74 -3.15
CA SER B 916 -52.96 -22.39 -2.82
C SER B 916 -51.69 -21.64 -2.58
N ALA B 917 -50.69 -22.32 -2.00
CA ALA B 917 -49.47 -21.67 -1.63
C ALA B 917 -48.82 -21.09 -2.85
N ILE B 918 -48.78 -21.86 -3.95
CA ILE B 918 -48.09 -21.45 -5.14
C ILE B 918 -48.70 -20.19 -5.69
N GLY B 919 -50.04 -20.11 -5.67
CA GLY B 919 -50.74 -18.98 -6.24
C GLY B 919 -50.32 -17.73 -5.54
N LYS B 920 -50.03 -17.83 -4.24
CA LYS B 920 -49.67 -16.67 -3.46
C LYS B 920 -48.42 -16.06 -4.05
N ILE B 921 -47.46 -16.89 -4.47
CA ILE B 921 -46.23 -16.40 -5.02
C ILE B 921 -46.55 -15.62 -6.25
N GLN B 922 -47.53 -16.09 -7.05
CA GLN B 922 -47.83 -15.38 -8.25
C GLN B 922 -48.22 -13.98 -7.91
N ASP B 923 -49.05 -13.80 -6.86
CA ASP B 923 -49.49 -12.50 -6.48
C ASP B 923 -48.35 -11.66 -5.96
N SER B 924 -47.49 -12.22 -5.09
CA SER B 924 -46.47 -11.43 -4.48
C SER B 924 -45.53 -10.91 -5.54
N LEU B 925 -45.13 -11.79 -6.48
CA LEU B 925 -44.24 -11.38 -7.53
C LEU B 925 -44.91 -10.36 -8.39
N SER B 926 -46.19 -10.59 -8.72
CA SER B 926 -46.91 -9.70 -9.59
C SER B 926 -47.08 -8.37 -8.93
N SER B 927 -47.43 -8.39 -7.64
CA SER B 927 -47.74 -7.20 -6.90
C SER B 927 -46.54 -6.30 -6.82
N THR B 928 -45.39 -6.82 -6.35
CA THR B 928 -44.28 -5.94 -6.18
C THR B 928 -43.06 -6.52 -6.85
N ALA B 929 -42.34 -5.63 -7.56
CA ALA B 929 -41.09 -5.84 -8.22
C ALA B 929 -39.99 -5.96 -7.19
N SER B 930 -40.21 -5.34 -6.01
CA SER B 930 -39.25 -5.20 -4.95
C SER B 930 -38.72 -6.54 -4.53
N ALA B 931 -39.48 -7.63 -4.75
CA ALA B 931 -39.05 -8.92 -4.33
C ALA B 931 -37.75 -9.27 -5.01
N LEU B 932 -37.61 -8.81 -6.28
CA LEU B 932 -36.56 -8.98 -7.25
C LEU B 932 -35.33 -8.16 -7.00
N GLY B 933 -35.21 -7.42 -5.89
CA GLY B 933 -34.08 -6.53 -5.72
C GLY B 933 -32.76 -7.23 -5.90
N LYS B 934 -32.59 -8.49 -5.44
CA LYS B 934 -31.32 -9.15 -5.52
C LYS B 934 -30.85 -9.28 -6.94
N LEU B 935 -31.77 -9.50 -7.90
CA LEU B 935 -31.39 -9.51 -9.29
C LEU B 935 -31.20 -8.12 -9.82
N GLN B 936 -32.12 -7.21 -9.43
CA GLN B 936 -32.19 -5.89 -10.01
C GLN B 936 -30.93 -5.13 -9.73
N ASP B 937 -30.39 -5.24 -8.51
CA ASP B 937 -29.21 -4.50 -8.21
C ASP B 937 -28.08 -4.95 -9.09
N VAL B 938 -27.99 -6.25 -9.42
CA VAL B 938 -26.90 -6.70 -10.25
C VAL B 938 -26.99 -6.01 -11.57
N VAL B 939 -28.20 -5.94 -12.16
CA VAL B 939 -28.34 -5.29 -13.43
C VAL B 939 -28.04 -3.83 -13.24
N ASN B 940 -28.50 -3.26 -12.11
CA ASN B 940 -28.34 -1.85 -11.87
C ASN B 940 -26.87 -1.52 -11.75
N GLN B 941 -26.13 -2.35 -11.00
CA GLN B 941 -24.75 -2.09 -10.70
C GLN B 941 -23.97 -2.09 -11.97
N ASN B 942 -24.20 -3.10 -12.83
CA ASN B 942 -23.45 -3.20 -14.05
C ASN B 942 -23.76 -2.01 -14.89
N ALA B 943 -25.04 -1.63 -14.95
CA ALA B 943 -25.43 -0.53 -15.79
C ALA B 943 -24.71 0.67 -15.31
N GLN B 944 -24.63 0.83 -13.98
CA GLN B 944 -24.00 1.99 -13.40
C GLN B 944 -22.55 1.96 -13.75
N ALA B 945 -21.90 0.78 -13.68
CA ALA B 945 -20.49 0.72 -13.95
C ALA B 945 -20.25 1.11 -15.37
N LEU B 946 -21.09 0.63 -16.31
CA LEU B 946 -20.89 0.98 -17.69
C LEU B 946 -21.12 2.43 -17.90
N ASN B 947 -22.16 3.00 -17.25
CA ASN B 947 -22.45 4.40 -17.45
C ASN B 947 -21.27 5.20 -17.00
N THR B 948 -20.73 4.87 -15.80
CA THR B 948 -19.63 5.61 -15.27
C THR B 948 -18.48 5.49 -16.21
N LEU B 949 -18.26 4.27 -16.75
CA LEU B 949 -17.18 4.04 -17.64
C LEU B 949 -17.38 4.85 -18.88
N VAL B 950 -18.63 4.94 -19.38
CA VAL B 950 -18.86 5.67 -20.59
C VAL B 950 -18.66 7.15 -20.36
N LYS B 951 -19.12 7.67 -19.21
CA LYS B 951 -19.11 9.08 -18.88
C LYS B 951 -17.71 9.60 -18.80
N GLN B 952 -16.75 8.73 -18.42
CA GLN B 952 -15.39 9.14 -18.20
C GLN B 952 -14.84 9.74 -19.45
N LEU B 953 -15.36 9.34 -20.62
CA LEU B 953 -14.84 9.78 -21.88
C LEU B 953 -14.87 11.28 -21.93
N SER B 954 -15.87 11.91 -21.30
CA SER B 954 -16.06 13.33 -21.30
C SER B 954 -15.03 14.08 -20.48
N SER B 955 -14.38 13.44 -19.49
CA SER B 955 -13.51 14.19 -18.62
C SER B 955 -12.25 14.62 -19.31
N ASN B 956 -11.87 15.89 -19.07
CA ASN B 956 -10.71 16.53 -19.66
C ASN B 956 -9.43 15.95 -19.12
N PHE B 957 -9.41 15.54 -17.83
CA PHE B 957 -8.24 14.94 -17.25
C PHE B 957 -7.09 15.89 -17.28
N GLY B 958 -7.35 17.20 -17.45
CA GLY B 958 -6.26 18.14 -17.49
C GLY B 958 -5.89 18.41 -18.91
N ALA B 959 -6.43 17.64 -19.88
CA ALA B 959 -6.15 17.88 -21.26
C ALA B 959 -6.97 19.06 -21.67
N ILE B 960 -6.57 19.75 -22.76
CA ILE B 960 -7.27 20.94 -23.17
C ILE B 960 -8.67 20.56 -23.51
N SER B 961 -8.86 19.37 -24.11
CA SER B 961 -10.19 18.98 -24.46
C SER B 961 -10.33 17.49 -24.30
N SER B 962 -11.59 17.06 -24.19
CA SER B 962 -12.03 15.70 -24.01
C SER B 962 -12.19 14.95 -25.30
N VAL B 963 -11.99 15.58 -26.47
CA VAL B 963 -12.22 14.86 -27.70
C VAL B 963 -10.93 14.60 -28.40
N LEU B 964 -10.67 13.33 -28.75
CA LEU B 964 -9.45 12.93 -29.41
C LEU B 964 -9.39 13.55 -30.77
N ASN B 965 -10.51 13.52 -31.53
CA ASN B 965 -10.47 14.03 -32.86
C ASN B 965 -10.19 15.51 -32.84
N ASP B 966 -10.67 16.21 -31.80
CA ASP B 966 -10.40 17.61 -31.70
C ASP B 966 -8.93 17.82 -31.52
N ILE B 967 -8.28 17.10 -30.59
CA ILE B 967 -6.89 17.32 -30.28
C ILE B 967 -6.08 17.09 -31.51
N LEU B 968 -6.42 16.04 -32.28
CA LEU B 968 -5.70 15.71 -33.47
C LEU B 968 -5.83 16.84 -34.44
N SER B 969 -7.05 17.38 -34.60
CA SER B 969 -7.27 18.45 -35.53
C SER B 969 -6.66 19.72 -35.01
N ARG B 970 -6.59 19.86 -33.67
CA ARG B 970 -6.12 21.02 -32.97
C ARG B 970 -4.63 21.18 -32.90
N LEU B 971 -3.88 20.09 -32.61
CA LEU B 971 -2.48 20.29 -32.37
C LEU B 971 -1.64 19.44 -33.26
N ASP B 972 -0.40 19.90 -33.52
CA ASP B 972 0.56 19.13 -34.26
C ASP B 972 1.04 18.07 -33.32
N PRO B 973 1.68 17.02 -33.87
CA PRO B 973 2.02 15.84 -33.11
C PRO B 973 2.93 16.13 -31.96
N PRO B 974 3.95 17.00 -32.14
CA PRO B 974 4.90 17.19 -31.09
C PRO B 974 4.21 17.65 -29.84
N GLU B 975 3.28 18.62 -29.95
CA GLU B 975 2.51 19.12 -28.83
C GLU B 975 1.36 18.22 -28.46
N ALA B 976 0.69 17.62 -29.46
CA ALA B 976 -0.50 16.84 -29.25
C ALA B 976 -0.17 15.64 -28.41
N GLU B 977 1.03 15.08 -28.56
CA GLU B 977 1.36 13.87 -27.87
C GLU B 977 1.22 14.11 -26.40
N VAL B 978 1.58 15.30 -25.91
CA VAL B 978 1.50 15.53 -24.49
C VAL B 978 0.07 15.48 -24.03
N GLN B 979 -0.84 16.14 -24.77
CA GLN B 979 -2.20 16.24 -24.31
C GLN B 979 -2.89 14.91 -24.35
N ILE B 980 -2.68 14.14 -25.42
CA ILE B 980 -3.32 12.86 -25.57
C ILE B 980 -2.86 11.96 -24.47
N ASP B 981 -1.58 12.08 -24.10
CA ASP B 981 -0.99 11.25 -23.09
C ASP B 981 -1.76 11.44 -21.82
N ARG B 982 -2.21 12.68 -21.54
CA ARG B 982 -2.93 12.90 -20.31
C ARG B 982 -4.18 12.09 -20.29
N LEU B 983 -4.89 12.04 -21.42
CA LEU B 983 -6.12 11.32 -21.49
C LEU B 983 -5.84 9.85 -21.34
N ILE B 984 -4.79 9.33 -22.01
CA ILE B 984 -4.55 7.91 -22.01
C ILE B 984 -4.26 7.44 -20.62
N THR B 985 -3.39 8.15 -19.88
CA THR B 985 -3.06 7.68 -18.57
C THR B 985 -4.31 7.70 -17.72
N GLY B 986 -5.12 8.77 -17.84
CA GLY B 986 -6.32 8.86 -17.04
C GLY B 986 -7.37 7.85 -17.44
N ARG B 987 -7.69 7.78 -18.75
CA ARG B 987 -8.76 6.94 -19.21
C ARG B 987 -8.43 5.52 -18.92
N LEU B 988 -7.17 5.12 -19.16
CA LEU B 988 -6.78 3.77 -18.93
C LEU B 988 -6.97 3.47 -17.47
N GLN B 989 -6.62 4.44 -16.61
CA GLN B 989 -6.70 4.23 -15.20
C GLN B 989 -8.14 4.01 -14.83
N SER B 990 -9.07 4.73 -15.51
CA SER B 990 -10.47 4.57 -15.24
C SER B 990 -10.88 3.20 -15.63
N LEU B 991 -10.42 2.74 -16.81
CA LEU B 991 -10.77 1.46 -17.32
C LEU B 991 -10.20 0.43 -16.38
N GLN B 992 -8.99 0.69 -15.86
CA GLN B 992 -8.37 -0.21 -14.93
C GLN B 992 -9.23 -0.31 -13.71
N THR B 993 -9.81 0.83 -13.28
CA THR B 993 -10.63 0.86 -12.10
C THR B 993 -11.85 0.01 -12.32
N TYR B 994 -12.45 0.12 -13.51
CA TYR B 994 -13.65 -0.59 -13.86
C TYR B 994 -13.41 -2.07 -13.83
N VAL B 995 -12.28 -2.53 -14.40
CA VAL B 995 -11.99 -3.94 -14.47
C VAL B 995 -11.85 -4.50 -13.09
N THR B 996 -11.14 -3.79 -12.20
CA THR B 996 -10.91 -4.30 -10.87
C THR B 996 -12.24 -4.46 -10.20
N GLN B 997 -13.16 -3.52 -10.43
CA GLN B 997 -14.46 -3.59 -9.81
C GLN B 997 -15.15 -4.83 -10.30
N GLN B 998 -15.05 -5.10 -11.61
CA GLN B 998 -15.75 -6.21 -12.17
C GLN B 998 -15.21 -7.50 -11.61
N LEU B 999 -13.88 -7.62 -11.47
CA LEU B 999 -13.34 -8.86 -10.99
C LEU B 999 -13.86 -9.12 -9.62
N ILE B 1000 -13.87 -8.09 -8.75
CA ILE B 1000 -14.33 -8.26 -7.40
C ILE B 1000 -15.78 -8.63 -7.42
N ARG B 1001 -16.57 -7.89 -8.24
CA ARG B 1001 -18.00 -8.09 -8.28
C ARG B 1001 -18.30 -9.46 -8.81
N ALA B 1002 -17.53 -9.89 -9.83
CA ALA B 1002 -17.72 -11.15 -10.48
C ALA B 1002 -17.49 -12.22 -9.46
N ALA B 1003 -16.50 -12.01 -8.58
CA ALA B 1003 -16.21 -13.00 -7.58
C ALA B 1003 -17.42 -13.15 -6.71
N GLU B 1004 -18.08 -12.02 -6.37
CA GLU B 1004 -19.23 -12.11 -5.51
C GLU B 1004 -20.28 -12.92 -6.20
N ILE B 1005 -20.52 -12.65 -7.50
CA ILE B 1005 -21.54 -13.38 -8.19
C ILE B 1005 -21.15 -14.82 -8.28
N ARG B 1006 -19.88 -15.12 -8.59
CA ARG B 1006 -19.48 -16.49 -8.72
C ARG B 1006 -19.65 -17.15 -7.38
N ALA B 1007 -19.44 -16.39 -6.29
CA ALA B 1007 -19.63 -16.97 -4.99
C ALA B 1007 -21.08 -17.38 -4.88
N SER B 1008 -22.00 -16.54 -5.38
CA SER B 1008 -23.40 -16.80 -5.34
C SER B 1008 -23.69 -17.96 -6.25
N ALA B 1009 -23.00 -18.05 -7.40
CA ALA B 1009 -23.27 -19.10 -8.34
C ALA B 1009 -22.96 -20.42 -7.71
N ASN B 1010 -21.84 -20.51 -6.97
CA ASN B 1010 -21.46 -21.74 -6.35
C ASN B 1010 -22.53 -22.10 -5.37
N LEU B 1011 -23.03 -21.10 -4.63
CA LEU B 1011 -24.06 -21.33 -3.67
C LEU B 1011 -25.29 -21.77 -4.40
N ALA B 1012 -25.56 -21.13 -5.57
CA ALA B 1012 -26.73 -21.43 -6.34
C ALA B 1012 -26.63 -22.85 -6.79
N ALA B 1013 -25.44 -23.26 -7.24
CA ALA B 1013 -25.25 -24.59 -7.73
C ALA B 1013 -25.49 -25.55 -6.61
N THR B 1014 -25.00 -25.23 -5.40
CA THR B 1014 -25.14 -26.11 -4.28
C THR B 1014 -26.60 -26.25 -3.94
N LYS B 1015 -27.34 -25.13 -3.99
CA LYS B 1015 -28.73 -25.13 -3.67
C LYS B 1015 -29.42 -26.00 -4.68
N MET B 1016 -29.03 -25.86 -5.96
CA MET B 1016 -29.62 -26.64 -7.01
C MET B 1016 -29.26 -28.07 -6.79
N SER B 1017 -28.02 -28.28 -6.33
CA SER B 1017 -27.46 -29.57 -6.13
C SER B 1017 -28.15 -30.29 -5.00
N GLU B 1018 -28.22 -29.65 -3.82
CA GLU B 1018 -28.82 -30.14 -2.61
C GLU B 1018 -30.29 -29.99 -2.44
N CYS B 1019 -30.83 -28.81 -2.82
CA CYS B 1019 -32.21 -28.49 -2.60
C CYS B 1019 -33.15 -29.03 -3.65
N VAL B 1020 -32.78 -28.88 -4.94
CA VAL B 1020 -33.58 -29.37 -6.04
C VAL B 1020 -33.43 -30.85 -6.21
N LEU B 1021 -32.17 -31.30 -6.35
CA LEU B 1021 -31.77 -32.64 -6.63
C LEU B 1021 -32.10 -33.54 -5.48
N GLY B 1022 -32.20 -32.96 -4.27
CA GLY B 1022 -32.51 -33.76 -3.12
C GLY B 1022 -33.06 -32.86 -2.07
N GLN B 1023 -33.33 -33.43 -0.87
CA GLN B 1023 -33.84 -32.67 0.23
C GLN B 1023 -32.69 -32.35 1.12
N SER B 1024 -32.38 -31.05 1.29
CA SER B 1024 -31.27 -30.65 2.12
C SER B 1024 -31.66 -30.74 3.57
N LYS B 1025 -30.69 -31.18 4.40
CA LYS B 1025 -30.73 -31.30 5.83
C LYS B 1025 -30.36 -30.04 6.55
N ARG B 1026 -29.68 -29.09 5.87
CA ARG B 1026 -29.14 -27.92 6.51
C ARG B 1026 -30.24 -26.99 6.90
N VAL B 1027 -30.31 -26.63 8.20
CA VAL B 1027 -31.35 -25.77 8.66
C VAL B 1027 -31.11 -24.40 8.11
N ASP B 1028 -32.20 -23.78 7.60
CA ASP B 1028 -32.22 -22.47 7.01
C ASP B 1028 -31.36 -22.42 5.78
N PHE B 1029 -31.13 -23.56 5.09
CA PHE B 1029 -30.48 -23.54 3.80
C PHE B 1029 -31.47 -23.30 2.70
N CYS B 1030 -32.58 -24.07 2.75
CA CYS B 1030 -33.72 -24.12 1.86
C CYS B 1030 -34.85 -23.23 2.27
N GLY B 1031 -34.63 -22.24 3.16
CA GLY B 1031 -35.75 -21.43 3.56
C GLY B 1031 -36.09 -21.83 4.95
N LYS B 1032 -36.84 -20.97 5.66
CA LYS B 1032 -37.10 -21.22 7.05
C LYS B 1032 -37.90 -22.48 7.21
N GLY B 1033 -37.35 -23.45 7.98
CA GLY B 1033 -38.12 -24.61 8.33
C GLY B 1033 -37.58 -25.90 7.77
N TYR B 1034 -38.23 -27.02 8.20
CA TYR B 1034 -37.84 -28.33 7.75
C TYR B 1034 -38.15 -28.37 6.29
N HIS B 1035 -37.09 -28.41 5.46
CA HIS B 1035 -37.22 -28.26 4.05
C HIS B 1035 -37.79 -29.47 3.36
N LEU B 1036 -38.81 -29.25 2.50
CA LEU B 1036 -39.29 -30.29 1.63
C LEU B 1036 -38.58 -30.40 0.30
N MET B 1037 -38.58 -29.31 -0.50
CA MET B 1037 -38.09 -29.41 -1.85
C MET B 1037 -38.13 -28.05 -2.49
N SER B 1038 -37.53 -27.92 -3.69
CA SER B 1038 -37.48 -26.62 -4.30
C SER B 1038 -37.68 -26.77 -5.78
N PHE B 1039 -38.25 -25.72 -6.42
CA PHE B 1039 -38.41 -25.74 -7.85
C PHE B 1039 -37.66 -24.57 -8.41
N PRO B 1040 -36.61 -24.82 -9.11
CA PRO B 1040 -35.79 -23.77 -9.67
C PRO B 1040 -36.55 -23.07 -10.75
N GLN B 1041 -36.29 -21.77 -10.94
CA GLN B 1041 -37.00 -21.03 -11.94
C GLN B 1041 -36.02 -20.12 -12.59
N SER B 1042 -36.18 -19.89 -13.91
CA SER B 1042 -35.25 -19.07 -14.63
C SER B 1042 -35.47 -17.64 -14.24
N ALA B 1043 -34.51 -16.76 -14.62
CA ALA B 1043 -34.60 -15.35 -14.35
C ALA B 1043 -33.52 -14.69 -15.12
N PRO B 1044 -33.59 -13.39 -15.31
CA PRO B 1044 -32.54 -12.71 -16.01
C PRO B 1044 -31.32 -12.62 -15.15
N HIS B 1045 -30.18 -13.09 -15.67
CA HIS B 1045 -28.91 -12.99 -15.02
C HIS B 1045 -28.98 -13.60 -13.64
N GLY B 1046 -29.89 -14.56 -13.39
CA GLY B 1046 -29.95 -15.09 -12.05
C GLY B 1046 -30.96 -16.20 -12.00
N VAL B 1047 -31.21 -16.73 -10.78
CA VAL B 1047 -32.12 -17.81 -10.62
C VAL B 1047 -33.01 -17.52 -9.45
N VAL B 1048 -34.22 -18.14 -9.44
CA VAL B 1048 -35.16 -17.98 -8.35
C VAL B 1048 -35.63 -19.34 -7.96
N PHE B 1049 -35.72 -19.60 -6.64
CA PHE B 1049 -36.13 -20.90 -6.18
C PHE B 1049 -37.41 -20.76 -5.43
N LEU B 1050 -38.33 -21.74 -5.60
CA LEU B 1050 -39.56 -21.71 -4.86
C LEU B 1050 -39.50 -22.84 -3.89
N HIS B 1051 -38.91 -22.58 -2.71
CA HIS B 1051 -38.73 -23.59 -1.71
C HIS B 1051 -40.05 -23.95 -1.11
N VAL B 1052 -40.24 -25.23 -0.76
CA VAL B 1052 -41.43 -25.66 -0.10
C VAL B 1052 -41.01 -26.09 1.27
N THR B 1053 -41.44 -25.38 2.32
CA THR B 1053 -40.93 -25.67 3.63
C THR B 1053 -42.05 -26.00 4.57
N TYR B 1054 -41.77 -26.95 5.49
CA TYR B 1054 -42.72 -27.40 6.48
C TYR B 1054 -42.52 -26.53 7.69
N VAL B 1055 -43.61 -25.87 8.15
CA VAL B 1055 -43.56 -25.02 9.31
C VAL B 1055 -44.68 -25.43 10.22
N PRO B 1056 -44.42 -25.67 11.49
CA PRO B 1056 -45.48 -26.08 12.39
C PRO B 1056 -46.48 -24.99 12.69
N ALA B 1057 -47.78 -25.25 12.47
CA ALA B 1057 -48.84 -24.29 12.72
C ALA B 1057 -49.42 -24.17 14.12
N GLN B 1058 -49.94 -25.28 14.68
CA GLN B 1058 -50.68 -25.10 15.90
C GLN B 1058 -50.10 -25.98 16.92
N GLU B 1059 -50.09 -25.55 18.18
CA GLU B 1059 -49.44 -26.36 19.16
C GLU B 1059 -50.23 -26.48 20.41
N LYS B 1060 -49.90 -27.50 21.21
CA LYS B 1060 -50.55 -27.75 22.46
C LYS B 1060 -49.52 -28.21 23.44
N ASN B 1061 -49.63 -27.73 24.70
CA ASN B 1061 -48.69 -28.10 25.72
C ASN B 1061 -49.02 -29.48 26.20
N PHE B 1062 -48.01 -30.20 26.71
CA PHE B 1062 -48.19 -31.52 27.25
C PHE B 1062 -47.17 -31.68 28.35
N THR B 1063 -47.34 -32.69 29.22
CA THR B 1063 -46.41 -32.90 30.29
C THR B 1063 -45.56 -34.07 29.91
N THR B 1064 -44.22 -33.93 30.07
CA THR B 1064 -43.31 -34.92 29.59
C THR B 1064 -42.43 -35.46 30.67
N ALA B 1065 -41.80 -36.62 30.38
CA ALA B 1065 -40.85 -37.26 31.23
C ALA B 1065 -40.09 -38.21 30.35
N PRO B 1066 -38.80 -38.24 30.48
CA PRO B 1066 -37.91 -38.97 29.60
C PRO B 1066 -38.18 -40.44 29.57
N ALA B 1067 -39.00 -41.00 30.48
CA ALA B 1067 -39.16 -42.43 30.48
C ALA B 1067 -40.38 -42.76 31.26
N ILE B 1068 -40.63 -44.08 31.43
CA ILE B 1068 -41.69 -44.59 32.25
C ILE B 1068 -41.24 -45.90 32.83
N CYS B 1069 -41.78 -46.27 34.01
CA CYS B 1069 -41.42 -47.53 34.60
C CYS B 1069 -42.62 -48.44 34.54
N HIS B 1070 -42.50 -49.61 33.87
CA HIS B 1070 -43.58 -50.55 33.97
C HIS B 1070 -43.43 -51.44 35.18
N ASP B 1071 -42.31 -52.19 35.20
CA ASP B 1071 -41.86 -53.16 36.17
C ASP B 1071 -41.07 -52.57 37.30
N GLY B 1072 -40.57 -51.34 37.12
CA GLY B 1072 -39.61 -50.82 38.05
C GLY B 1072 -38.37 -50.65 37.22
N LYS B 1073 -38.49 -50.99 35.93
CA LYS B 1073 -37.47 -50.88 34.92
C LYS B 1073 -37.75 -49.62 34.15
N ALA B 1074 -36.79 -49.20 33.30
CA ALA B 1074 -36.94 -47.96 32.58
C ALA B 1074 -37.21 -48.22 31.12
N HIS B 1075 -38.12 -47.40 30.54
CA HIS B 1075 -38.44 -47.45 29.14
C HIS B 1075 -38.20 -46.08 28.55
N PHE B 1076 -37.58 -46.04 27.36
CA PHE B 1076 -37.35 -44.82 26.63
C PHE B 1076 -38.08 -44.98 25.32
N PRO B 1077 -38.47 -43.92 24.67
CA PRO B 1077 -39.16 -44.04 23.41
C PRO B 1077 -38.24 -44.29 22.27
N ARG B 1078 -38.56 -45.27 21.40
CA ARG B 1078 -37.75 -45.54 20.25
C ARG B 1078 -37.82 -44.34 19.36
N GLU B 1079 -39.05 -43.86 19.11
CA GLU B 1079 -39.23 -42.69 18.30
C GLU B 1079 -40.34 -41.90 18.93
N GLY B 1080 -40.02 -40.68 19.41
CA GLY B 1080 -41.05 -39.85 19.98
C GLY B 1080 -40.61 -39.40 21.34
N VAL B 1081 -41.55 -38.75 22.06
CA VAL B 1081 -41.33 -38.28 23.40
C VAL B 1081 -42.56 -38.59 24.19
N PHE B 1082 -42.43 -38.71 25.54
CA PHE B 1082 -43.58 -39.04 26.35
C PHE B 1082 -44.35 -37.79 26.67
N VAL B 1083 -45.68 -37.88 26.62
CA VAL B 1083 -46.59 -36.80 26.89
C VAL B 1083 -47.78 -37.37 27.57
N SER B 1084 -48.68 -36.50 28.10
CA SER B 1084 -49.89 -36.99 28.72
C SER B 1084 -50.98 -36.00 28.46
N ASN B 1085 -52.20 -36.53 28.23
CA ASN B 1085 -53.38 -35.73 28.05
C ASN B 1085 -53.82 -35.25 29.41
N GLY B 1086 -53.23 -35.84 30.47
CA GLY B 1086 -53.53 -35.49 31.83
C GLY B 1086 -54.02 -36.74 32.49
N THR B 1087 -54.95 -37.45 31.84
CA THR B 1087 -55.38 -38.71 32.37
C THR B 1087 -54.43 -39.81 32.05
N HIS B 1088 -53.97 -39.87 30.78
CA HIS B 1088 -53.17 -41.00 30.36
C HIS B 1088 -51.95 -40.54 29.63
N TRP B 1089 -50.89 -41.36 29.66
CA TRP B 1089 -49.65 -41.01 29.05
C TRP B 1089 -49.60 -41.54 27.65
N PHE B 1090 -49.05 -40.71 26.72
CA PHE B 1090 -48.93 -41.06 25.34
C PHE B 1090 -47.55 -40.72 24.90
N VAL B 1091 -47.01 -41.41 23.87
CA VAL B 1091 -45.71 -41.08 23.34
C VAL B 1091 -45.94 -40.72 21.90
N THR B 1092 -45.34 -39.62 21.41
CA THR B 1092 -45.63 -39.22 20.05
C THR B 1092 -44.40 -38.69 19.38
N GLN B 1093 -44.52 -38.51 18.05
CA GLN B 1093 -43.47 -37.98 17.21
C GLN B 1093 -43.26 -36.55 17.59
N ARG B 1094 -42.10 -36.01 17.17
CA ARG B 1094 -41.60 -34.71 17.52
C ARG B 1094 -42.25 -33.51 16.88
N ASN B 1095 -42.72 -33.57 15.62
CA ASN B 1095 -43.11 -32.31 15.03
C ASN B 1095 -44.56 -32.24 14.62
N PHE B 1096 -45.38 -33.26 14.91
CA PHE B 1096 -46.78 -33.20 14.57
C PHE B 1096 -47.41 -34.13 15.54
N TYR B 1097 -48.44 -33.70 16.28
CA TYR B 1097 -48.94 -34.48 17.39
C TYR B 1097 -49.80 -35.62 16.96
N GLU B 1098 -49.44 -36.83 17.45
CA GLU B 1098 -50.23 -38.03 17.28
C GLU B 1098 -49.91 -38.88 18.47
N PRO B 1099 -50.82 -39.09 19.38
CA PRO B 1099 -50.53 -39.90 20.53
C PRO B 1099 -50.62 -41.36 20.19
N GLN B 1100 -49.93 -42.23 20.96
CA GLN B 1100 -50.02 -43.63 20.71
C GLN B 1100 -50.02 -44.36 22.02
N ILE B 1101 -50.63 -45.55 22.05
CA ILE B 1101 -50.67 -46.33 23.25
C ILE B 1101 -49.27 -46.83 23.45
N ILE B 1102 -48.71 -46.62 24.66
CA ILE B 1102 -47.33 -46.95 24.83
C ILE B 1102 -47.25 -48.43 25.07
N THR B 1103 -46.70 -49.13 24.07
CA THR B 1103 -46.56 -50.56 24.14
C THR B 1103 -45.10 -50.84 23.99
N THR B 1104 -44.72 -52.09 24.30
CA THR B 1104 -43.36 -52.51 24.24
C THR B 1104 -42.88 -52.39 22.83
N ASP B 1105 -43.79 -52.53 21.85
CA ASP B 1105 -43.41 -52.50 20.47
C ASP B 1105 -42.75 -51.19 20.14
N ASN B 1106 -43.23 -50.09 20.75
CA ASN B 1106 -42.71 -48.76 20.58
C ASN B 1106 -41.50 -48.47 21.45
N THR B 1107 -41.36 -49.16 22.61
CA THR B 1107 -40.40 -48.74 23.59
C THR B 1107 -39.24 -49.71 23.66
N PHE B 1108 -38.10 -49.24 24.24
CA PHE B 1108 -36.95 -50.08 24.42
C PHE B 1108 -36.48 -49.98 25.84
N VAL B 1109 -35.77 -51.02 26.33
CA VAL B 1109 -35.32 -51.11 27.69
C VAL B 1109 -33.97 -50.47 27.86
N SER B 1110 -33.75 -49.82 29.02
CA SER B 1110 -32.45 -49.31 29.36
C SER B 1110 -32.44 -48.90 30.80
N GLY B 1111 -31.82 -49.73 31.67
CA GLY B 1111 -31.67 -49.36 33.06
C GLY B 1111 -32.91 -49.53 33.86
N ASN B 1112 -32.92 -48.87 35.04
CA ASN B 1112 -33.95 -48.97 36.05
C ASN B 1112 -34.35 -47.57 36.41
N CYS B 1113 -35.39 -47.47 37.28
CA CYS B 1113 -36.06 -46.28 37.71
C CYS B 1113 -35.20 -45.39 38.57
N ASP B 1114 -34.20 -45.94 39.27
CA ASP B 1114 -33.46 -45.18 40.25
C ASP B 1114 -32.65 -44.03 39.70
N VAL B 1115 -31.98 -44.20 38.55
CA VAL B 1115 -31.08 -43.26 37.90
C VAL B 1115 -31.71 -42.15 37.07
N VAL B 1116 -32.91 -42.37 36.54
CA VAL B 1116 -33.60 -41.71 35.44
C VAL B 1116 -33.89 -40.22 35.44
N ILE B 1117 -34.08 -39.48 36.54
CA ILE B 1117 -34.47 -38.08 36.48
C ILE B 1117 -35.64 -37.81 35.57
N GLY B 1118 -36.83 -37.64 36.19
CA GLY B 1118 -38.05 -37.28 35.49
C GLY B 1118 -38.94 -38.47 35.19
N ILE B 1119 -38.43 -39.70 35.31
CA ILE B 1119 -39.21 -40.86 34.98
C ILE B 1119 -40.44 -40.94 35.83
N VAL B 1120 -41.55 -41.42 35.25
CA VAL B 1120 -42.80 -41.51 35.94
C VAL B 1120 -43.35 -42.91 35.82
N ASN B 1121 -44.08 -43.35 36.87
CA ASN B 1121 -44.65 -44.67 36.85
C ASN B 1121 -45.74 -44.70 35.82
N ASN B 1122 -45.86 -45.84 35.11
CA ASN B 1122 -46.83 -45.94 34.06
C ASN B 1122 -47.06 -47.40 33.79
N THR B 1123 -48.01 -47.70 32.88
CA THR B 1123 -48.30 -49.06 32.52
C THR B 1123 -48.07 -49.20 31.04
N VAL B 1124 -47.27 -50.20 30.64
CA VAL B 1124 -47.00 -50.44 29.24
C VAL B 1124 -47.79 -51.65 28.85
N TYR B 1125 -48.45 -51.57 27.68
CA TYR B 1125 -49.30 -52.62 27.18
C TYR B 1125 -48.50 -53.60 26.38
N ASP B 1126 -48.74 -54.91 26.62
CA ASP B 1126 -48.07 -55.96 25.91
C ASP B 1126 -49.10 -56.64 25.04
N PRO B 1127 -48.90 -56.59 23.76
CA PRO B 1127 -49.83 -57.18 22.84
C PRO B 1127 -49.85 -58.68 22.90
N LEU B 1128 -48.76 -59.28 23.39
CA LEU B 1128 -48.62 -60.72 23.42
C LEU B 1128 -49.58 -61.36 24.37
N GLN B 1129 -49.84 -60.75 25.53
CA GLN B 1129 -50.62 -61.40 26.55
C GLN B 1129 -51.99 -61.73 26.06
N PRO B 1130 -52.65 -60.87 25.36
CA PRO B 1130 -53.99 -61.20 24.92
C PRO B 1130 -53.99 -62.34 23.96
N GLU B 1131 -52.91 -62.54 23.19
CA GLU B 1131 -52.94 -63.64 22.27
C GLU B 1131 -52.90 -64.93 23.03
N LEU B 1132 -51.97 -65.07 23.99
CA LEU B 1132 -51.90 -66.34 24.64
C LEU B 1132 -53.10 -66.58 25.50
N ASP B 1133 -53.57 -65.55 26.25
CA ASP B 1133 -54.67 -65.85 27.12
C ASP B 1133 -55.89 -66.17 26.31
N SER B 1134 -56.10 -65.46 25.18
CA SER B 1134 -57.25 -65.77 24.38
C SER B 1134 -57.02 -67.13 23.74
N ALA C 14 43.54 4.74 24.21
CA ALA C 14 42.57 3.91 24.97
C ALA C 14 41.21 3.99 24.38
N TYR C 15 40.44 2.89 24.47
CA TYR C 15 39.14 2.89 23.89
C TYR C 15 38.19 2.41 24.93
N THR C 16 36.96 2.93 24.92
CA THR C 16 35.95 2.51 25.85
C THR C 16 34.72 2.26 25.07
N ASN C 17 33.69 1.61 25.66
CA ASN C 17 32.55 1.47 24.81
C ASN C 17 31.50 2.40 25.30
N SER C 18 30.94 3.18 24.35
CA SER C 18 29.88 4.07 24.70
C SER C 18 28.65 3.24 24.49
N PHE C 19 28.15 2.63 25.59
CA PHE C 19 27.12 1.66 25.38
C PHE C 19 25.92 2.25 24.69
N THR C 20 25.08 2.97 25.46
CA THR C 20 23.86 3.57 24.99
C THR C 20 23.92 5.03 24.60
N ARG C 21 24.92 5.78 25.09
CA ARG C 21 24.90 7.22 25.04
C ARG C 21 25.03 7.82 23.67
N GLY C 22 24.65 9.12 23.57
CA GLY C 22 24.73 9.87 22.35
C GLY C 22 23.38 10.08 21.72
N VAL C 23 22.28 9.99 22.48
CA VAL C 23 20.99 10.20 21.86
C VAL C 23 20.46 11.54 22.26
N TYR C 24 20.08 12.37 21.26
CA TYR C 24 19.53 13.67 21.53
C TYR C 24 18.29 13.84 20.72
N TYR C 25 17.38 14.73 21.14
CA TYR C 25 16.12 14.88 20.47
C TYR C 25 16.36 15.42 19.10
N PRO C 26 15.86 14.67 18.15
CA PRO C 26 15.99 15.00 16.76
C PRO C 26 15.39 16.33 16.45
N ASP C 27 14.28 16.71 17.11
CA ASP C 27 13.69 17.97 16.78
C ASP C 27 12.96 18.51 17.97
N LYS C 28 12.35 19.70 17.77
CA LYS C 28 11.57 20.42 18.73
C LYS C 28 10.26 19.74 18.97
N VAL C 29 9.76 18.97 17.99
CA VAL C 29 8.43 18.43 18.08
C VAL C 29 8.25 17.57 19.29
N PHE C 30 7.10 17.76 19.95
CA PHE C 30 6.73 17.02 21.11
C PHE C 30 5.91 15.86 20.64
N ARG C 31 6.06 14.70 21.30
CA ARG C 31 5.31 13.52 20.96
C ARG C 31 5.02 12.82 22.25
N SER C 32 4.02 11.92 22.27
CA SER C 32 3.78 11.25 23.52
C SER C 32 3.37 9.83 23.26
N SER C 33 3.90 8.91 24.07
CA SER C 33 3.52 7.53 24.04
C SER C 33 3.62 7.02 22.65
N VAL C 34 4.63 7.46 21.89
CA VAL C 34 4.71 6.99 20.54
C VAL C 34 6.11 6.58 20.27
N LEU C 35 6.29 5.71 19.27
CA LEU C 35 7.61 5.34 18.86
C LEU C 35 7.80 6.00 17.53
N HIS C 36 8.78 6.92 17.44
CA HIS C 36 8.95 7.62 16.21
C HIS C 36 10.30 7.28 15.67
N SER C 37 10.34 6.70 14.45
CA SER C 37 11.61 6.41 13.85
C SER C 37 12.09 7.62 13.14
N THR C 38 13.43 7.81 13.13
CA THR C 38 14.00 8.94 12.47
C THR C 38 15.37 8.54 12.05
N GLN C 39 15.91 9.23 11.01
CA GLN C 39 17.26 9.00 10.62
C GLN C 39 17.97 10.29 10.87
N ASP C 40 19.00 10.26 11.73
CA ASP C 40 19.74 11.46 12.00
C ASP C 40 21.14 11.03 12.30
N LEU C 41 22.04 12.00 12.50
CA LEU C 41 23.38 11.62 12.82
C LEU C 41 23.42 11.38 14.29
N PHE C 42 23.84 10.15 14.68
CA PHE C 42 23.90 9.80 16.06
C PHE C 42 25.14 9.01 16.27
N LEU C 43 25.56 8.90 17.54
CA LEU C 43 26.67 8.05 17.85
C LEU C 43 26.11 6.66 17.80
N PRO C 44 26.79 5.76 17.17
CA PRO C 44 26.26 4.43 17.10
C PRO C 44 26.30 3.76 18.43
N PHE C 45 25.40 2.78 18.67
CA PHE C 45 25.40 2.11 19.93
C PHE C 45 26.56 1.18 20.00
N PHE C 46 27.15 1.06 21.19
CA PHE C 46 28.27 0.20 21.44
C PHE C 46 29.36 0.54 20.49
N SER C 47 29.48 1.84 20.13
CA SER C 47 30.52 2.25 19.24
C SER C 47 31.79 2.30 20.01
N ASN C 48 32.90 2.55 19.29
CA ASN C 48 34.18 2.64 19.91
C ASN C 48 34.48 4.09 20.07
N VAL C 49 34.84 4.50 21.31
CA VAL C 49 35.11 5.88 21.57
C VAL C 49 36.55 6.00 21.96
N THR C 50 37.23 7.06 21.48
CA THR C 50 38.59 7.27 21.84
C THR C 50 38.57 7.87 23.20
N TRP C 51 39.53 7.46 24.05
CA TRP C 51 39.57 8.00 25.38
C TRP C 51 40.78 8.86 25.47
N PHE C 52 40.61 10.07 26.03
CA PHE C 52 41.72 10.98 26.18
C PHE C 52 41.91 11.14 27.64
N HIS C 53 43.14 11.46 28.07
CA HIS C 53 43.34 11.49 29.49
C HIS C 53 44.06 12.74 29.84
N ALA C 54 43.89 13.19 31.10
CA ALA C 54 44.57 14.38 31.45
C ALA C 54 45.05 14.33 32.85
N ILE C 55 46.26 14.92 32.97
CA ILE C 55 47.15 15.17 34.06
C ILE C 55 48.32 15.72 33.32
N HIS C 56 48.47 17.05 33.29
CA HIS C 56 49.48 17.58 32.42
C HIS C 56 50.81 17.13 32.95
N VAL C 57 51.73 16.81 32.03
CA VAL C 57 53.02 16.32 32.41
C VAL C 57 53.85 17.48 32.84
N SER C 58 54.59 17.28 33.95
CA SER C 58 55.48 18.29 34.44
C SER C 58 56.78 18.06 33.74
N GLY C 59 57.85 18.70 34.24
CA GLY C 59 59.13 18.52 33.62
C GLY C 59 59.43 17.06 33.69
N THR C 60 59.09 16.44 34.83
CA THR C 60 59.33 15.03 34.98
C THR C 60 58.31 14.34 34.14
N ASN C 61 58.58 13.06 33.79
CA ASN C 61 57.67 12.34 32.96
C ASN C 61 57.19 11.15 33.73
N GLY C 62 56.09 10.54 33.25
CA GLY C 62 55.53 9.40 33.94
C GLY C 62 54.24 9.09 33.25
N THR C 63 53.24 8.62 34.03
CA THR C 63 51.96 8.31 33.49
C THR C 63 51.38 9.58 32.95
N LYS C 64 51.76 10.72 33.56
CA LYS C 64 51.20 12.01 33.26
C LYS C 64 51.04 12.25 31.81
N ARG C 65 49.84 12.74 31.45
CA ARG C 65 49.55 13.07 30.09
C ARG C 65 48.60 14.22 30.08
N PHE C 66 48.87 15.21 29.22
CA PHE C 66 47.97 16.32 29.05
C PHE C 66 47.68 16.29 27.58
N ASP C 67 46.52 15.74 27.19
CA ASP C 67 46.31 15.54 25.79
C ASP C 67 45.42 16.59 25.22
N ASN C 68 45.98 17.53 24.43
CA ASN C 68 45.13 18.44 23.73
C ASN C 68 45.38 18.26 22.26
N PRO C 69 44.93 17.19 21.65
CA PRO C 69 45.17 17.06 20.22
C PRO C 69 44.08 17.70 19.44
N VAL C 70 44.30 17.91 18.13
CA VAL C 70 43.23 18.38 17.31
C VAL C 70 42.55 17.14 16.81
N LEU C 71 41.20 17.14 16.72
CA LEU C 71 40.49 15.99 16.28
C LEU C 71 39.68 16.35 15.08
N PRO C 72 39.33 15.35 14.31
CA PRO C 72 38.52 15.58 13.14
C PRO C 72 37.09 15.85 13.48
N PHE C 73 36.44 16.76 12.72
CA PHE C 73 35.05 17.11 12.86
C PHE C 73 34.17 16.07 12.25
N ASN C 74 34.63 15.45 11.14
CA ASN C 74 33.92 14.40 10.46
C ASN C 74 32.48 14.78 10.27
N ASP C 75 31.59 13.82 10.58
CA ASP C 75 30.16 13.93 10.49
C ASP C 75 29.64 14.84 11.57
N GLY C 76 30.37 14.95 12.69
CA GLY C 76 29.96 15.77 13.80
C GLY C 76 30.64 15.10 14.94
N VAL C 77 30.64 15.72 16.15
CA VAL C 77 31.39 15.02 17.15
C VAL C 77 30.58 14.88 18.39
N TYR C 78 30.65 13.68 18.99
CA TYR C 78 30.03 13.39 20.24
C TYR C 78 31.08 13.74 21.23
N PHE C 79 30.77 14.59 22.22
CA PHE C 79 31.81 14.94 23.14
C PHE C 79 31.29 14.67 24.51
N ALA C 80 32.08 13.98 25.34
CA ALA C 80 31.65 13.71 26.68
C ALA C 80 32.83 14.01 27.55
N SER C 81 32.58 14.53 28.76
CA SER C 81 33.71 14.80 29.60
C SER C 81 33.30 14.58 31.02
N THR C 82 34.26 14.11 31.85
CA THR C 82 34.00 13.92 33.25
C THR C 82 34.89 14.90 33.92
N GLU C 83 34.40 15.56 35.00
CA GLU C 83 35.24 16.57 35.57
C GLU C 83 35.21 16.52 37.07
N LYS C 84 36.43 16.41 37.66
CA LYS C 84 36.61 16.60 39.06
C LYS C 84 36.68 18.08 39.33
N SER C 85 37.43 18.81 38.48
CA SER C 85 37.66 20.19 38.80
C SER C 85 37.69 21.04 37.57
N ASN C 86 36.63 20.99 36.75
CA ASN C 86 36.39 21.86 35.63
C ASN C 86 37.64 22.14 34.86
N ILE C 87 38.38 21.10 34.49
CA ILE C 87 39.60 21.28 33.76
C ILE C 87 39.28 21.80 32.39
N ILE C 88 38.25 21.23 31.72
CA ILE C 88 38.02 21.54 30.33
C ILE C 88 37.21 22.80 30.19
N ARG C 89 37.87 23.86 29.67
CA ARG C 89 37.28 25.14 29.41
C ARG C 89 36.45 25.24 28.16
N GLY C 90 36.89 24.65 27.02
CA GLY C 90 36.10 24.92 25.84
C GLY C 90 36.61 24.13 24.67
N TRP C 91 36.13 24.51 23.46
CA TRP C 91 36.50 23.80 22.25
C TRP C 91 36.73 24.80 21.17
N ILE C 92 37.40 24.35 20.09
CA ILE C 92 37.57 25.17 18.91
C ILE C 92 37.02 24.39 17.75
N PHE C 93 36.28 25.08 16.87
CA PHE C 93 35.76 24.44 15.69
C PHE C 93 36.16 25.26 14.52
N GLY C 94 36.62 24.61 13.43
CA GLY C 94 37.00 25.35 12.26
C GLY C 94 37.86 24.47 11.42
N THR C 95 38.15 24.89 10.17
CA THR C 95 39.02 24.06 9.38
C THR C 95 40.48 24.17 9.79
N THR C 96 41.11 25.33 9.54
CA THR C 96 42.51 25.58 9.77
C THR C 96 42.87 25.99 11.18
N LEU C 97 42.10 26.95 11.75
CA LEU C 97 42.44 27.53 13.01
C LEU C 97 43.72 28.32 12.89
N ASP C 98 44.03 28.74 11.65
CA ASP C 98 45.15 29.54 11.20
C ASP C 98 44.94 31.01 11.44
N SER C 99 43.67 31.45 11.66
CA SER C 99 43.29 32.84 11.68
C SER C 99 43.19 33.29 10.26
N LYS C 100 43.10 32.32 9.34
CA LYS C 100 42.83 32.60 7.95
C LYS C 100 41.37 32.97 7.79
N THR C 101 40.45 32.27 8.49
CA THR C 101 39.05 32.54 8.33
C THR C 101 38.37 32.47 9.66
N GLN C 102 37.02 32.54 9.64
CA GLN C 102 36.24 32.53 10.85
C GLN C 102 36.28 31.16 11.45
N SER C 103 36.31 31.10 12.80
CA SER C 103 36.32 29.85 13.50
C SER C 103 35.54 30.03 14.77
N LEU C 104 35.14 28.92 15.42
CA LEU C 104 34.34 29.05 16.61
C LEU C 104 35.18 28.88 17.82
N LEU C 105 34.96 29.77 18.81
CA LEU C 105 35.66 29.69 20.06
C LEU C 105 34.62 29.68 21.12
N ILE C 106 34.49 28.54 21.84
CA ILE C 106 33.57 28.46 22.92
C ILE C 106 34.41 28.23 24.14
N VAL C 107 34.43 29.20 25.06
CA VAL C 107 35.25 29.01 26.22
C VAL C 107 34.52 29.58 27.38
N ASN C 108 34.77 29.02 28.58
CA ASN C 108 34.18 29.54 29.77
C ASN C 108 35.32 30.17 30.50
N ASN C 109 35.34 31.52 30.58
CA ASN C 109 36.48 32.15 31.18
C ASN C 109 36.26 32.23 32.65
N ALA C 110 35.71 31.14 33.22
CA ALA C 110 35.47 30.97 34.62
C ALA C 110 34.34 31.86 35.05
N THR C 111 34.29 33.10 34.52
CA THR C 111 33.23 34.01 34.82
C THR C 111 32.00 33.76 34.00
N ASN C 112 32.16 33.64 32.66
CA ASN C 112 30.99 33.55 31.82
C ASN C 112 31.34 32.74 30.62
N VAL C 113 30.31 32.17 29.97
CA VAL C 113 30.54 31.45 28.76
C VAL C 113 30.60 32.46 27.67
N VAL C 114 31.59 32.35 26.77
CA VAL C 114 31.67 33.31 25.72
C VAL C 114 31.77 32.57 24.44
N ILE C 115 31.05 33.04 23.41
CA ILE C 115 31.11 32.43 22.13
C ILE C 115 31.50 33.50 21.16
N LYS C 116 32.58 33.26 20.37
CA LYS C 116 32.98 34.19 19.35
C LYS C 116 33.39 33.45 18.12
N VAL C 117 32.86 33.94 16.97
CA VAL C 117 33.06 33.52 15.61
C VAL C 117 34.34 34.01 14.98
N CYS C 118 34.97 35.07 15.53
CA CYS C 118 36.05 35.81 14.93
C CYS C 118 37.13 34.94 14.35
N GLU C 119 37.95 35.55 13.47
CA GLU C 119 39.05 34.89 12.86
C GLU C 119 40.17 34.99 13.84
N PHE C 120 40.23 34.03 14.77
CA PHE C 120 41.21 34.11 15.82
C PHE C 120 42.48 33.46 15.40
N GLN C 121 43.59 33.93 15.98
CA GLN C 121 44.87 33.31 15.76
C GLN C 121 45.08 32.49 16.98
N PHE C 122 45.35 31.18 16.82
CA PHE C 122 45.47 30.33 17.98
C PHE C 122 46.91 29.99 18.16
N CYS C 123 47.31 29.68 19.41
CA CYS C 123 48.69 29.34 19.60
C CYS C 123 48.88 27.91 19.21
N ASN C 124 50.15 27.48 19.20
CA ASN C 124 50.47 26.13 18.78
C ASN C 124 49.76 25.21 19.71
N ASP C 125 49.89 25.47 21.03
CA ASP C 125 49.21 24.62 21.98
C ASP C 125 48.46 25.53 22.89
N PRO C 126 47.22 25.79 22.55
CA PRO C 126 46.43 26.67 23.38
C PRO C 126 46.05 25.98 24.65
N PHE C 127 45.93 26.75 25.75
CA PHE C 127 45.54 26.14 26.98
C PHE C 127 45.22 27.24 27.94
N LEU C 128 44.72 26.87 29.13
CA LEU C 128 44.46 27.83 30.17
C LEU C 128 45.24 27.40 31.36
N GLY C 129 45.48 28.35 32.29
CA GLY C 129 46.18 28.03 33.49
C GLY C 129 45.58 28.88 34.56
N VAL C 130 45.57 28.40 35.81
CA VAL C 130 45.11 29.30 36.81
C VAL C 130 46.18 29.24 37.82
N TYR C 131 46.28 30.26 38.68
CA TYR C 131 47.38 30.29 39.59
C TYR C 131 46.85 30.64 40.93
N TYR C 132 47.47 30.11 41.99
CA TYR C 132 46.92 30.57 43.23
C TYR C 132 48.00 31.19 44.04
N HIS C 133 47.71 32.39 44.56
CA HIS C 133 48.71 33.09 45.29
C HIS C 133 48.66 32.59 46.69
N LYS C 134 49.82 32.50 47.36
CA LYS C 134 49.85 32.03 48.71
C LYS C 134 49.26 33.07 49.63
N ASN C 135 49.48 34.37 49.34
CA ASN C 135 49.02 35.40 50.23
C ASN C 135 47.54 35.33 50.35
N ASN C 136 46.81 35.18 49.22
CA ASN C 136 45.38 35.14 49.31
C ASN C 136 44.94 33.77 48.98
N LYS C 137 44.02 33.20 49.79
CA LYS C 137 43.67 31.87 49.45
C LYS C 137 42.45 31.87 48.60
N SER C 138 42.68 31.89 47.27
CA SER C 138 41.63 31.86 46.31
C SER C 138 42.23 31.39 45.02
N TRP C 139 41.42 30.72 44.18
CA TRP C 139 41.91 30.21 42.94
C TRP C 139 41.38 31.11 41.87
N MET C 140 42.30 31.75 41.13
CA MET C 140 41.89 32.66 40.11
C MET C 140 42.58 32.25 38.85
N GLU C 141 41.99 32.60 37.69
CA GLU C 141 42.59 32.24 36.46
C GLU C 141 43.78 33.13 36.25
N SER C 142 44.74 32.66 35.44
CA SER C 142 45.96 33.39 35.22
C SER C 142 46.28 33.33 33.76
N GLU C 143 47.21 32.42 33.38
CA GLU C 143 47.68 32.28 32.03
C GLU C 143 46.54 31.90 31.14
N PHE C 144 46.47 32.54 29.96
CA PHE C 144 45.45 32.21 29.01
C PHE C 144 46.06 32.45 27.67
N ARG C 145 46.25 31.39 26.85
CA ARG C 145 46.84 31.69 25.58
C ARG C 145 46.08 30.99 24.50
N VAL C 146 44.78 31.32 24.32
CA VAL C 146 44.08 30.76 23.21
C VAL C 146 44.34 31.51 21.93
N TYR C 147 44.19 32.87 21.94
CA TYR C 147 44.27 33.56 20.67
C TYR C 147 45.07 34.83 20.79
N SER C 148 45.85 35.12 19.72
CA SER C 148 46.65 36.31 19.62
C SER C 148 45.77 37.51 19.40
N SER C 149 44.98 37.49 18.30
CA SER C 149 44.16 38.62 17.98
C SER C 149 42.95 38.13 17.26
N ALA C 150 41.94 39.01 17.12
CA ALA C 150 40.73 38.61 16.46
C ALA C 150 40.56 39.45 15.24
N ASN C 151 40.01 38.83 14.17
CA ASN C 151 39.73 39.48 12.93
C ASN C 151 38.32 39.97 13.05
N ASN C 152 37.64 40.18 11.90
CA ASN C 152 36.29 40.66 11.98
C ASN C 152 35.48 39.59 12.65
N CYS C 153 34.38 39.99 13.31
CA CYS C 153 33.57 39.03 13.99
C CYS C 153 32.16 39.14 13.50
N THR C 154 31.59 38.00 13.08
CA THR C 154 30.22 37.93 12.66
C THR C 154 29.29 37.94 13.85
N PHE C 155 29.65 37.22 14.93
CA PHE C 155 28.72 37.10 16.04
C PHE C 155 29.50 36.96 17.33
N GLU C 156 28.88 37.39 18.45
CA GLU C 156 29.50 37.26 19.74
C GLU C 156 28.42 37.01 20.76
N TYR C 157 28.68 36.12 21.72
CA TYR C 157 27.71 35.80 22.74
C TYR C 157 28.42 35.70 24.06
N VAL C 158 27.71 36.02 25.16
CA VAL C 158 28.26 35.93 26.48
C VAL C 158 27.21 35.29 27.34
N SER C 159 27.61 34.66 28.46
CA SER C 159 26.65 33.94 29.25
C SER C 159 26.88 34.22 30.71
N GLN C 160 26.24 33.41 31.58
CA GLN C 160 26.18 33.55 33.00
C GLN C 160 27.52 33.56 33.66
N PRO C 161 27.44 34.19 34.81
CA PRO C 161 28.52 34.43 35.73
C PRO C 161 29.07 33.27 36.54
N PHE C 162 28.48 32.06 36.50
CA PHE C 162 28.92 31.00 37.36
C PHE C 162 30.39 30.76 37.24
N LEU C 163 30.98 30.13 38.28
CA LEU C 163 32.40 29.89 38.33
C LEU C 163 32.66 28.45 37.98
N MET C 164 33.95 28.13 37.69
CA MET C 164 34.33 26.78 37.35
C MET C 164 35.43 26.35 38.25
N ASP C 165 35.66 25.02 38.29
CA ASP C 165 36.68 24.50 39.14
C ASP C 165 38.01 24.76 38.49
N LEU C 166 38.76 25.66 39.16
CA LEU C 166 40.09 26.14 38.89
C LEU C 166 41.22 25.27 39.31
N GLU C 167 41.05 24.29 40.22
CA GLU C 167 42.24 23.61 40.70
C GLU C 167 42.33 22.23 40.14
N GLY C 168 43.53 21.64 40.24
CA GLY C 168 43.70 20.32 39.72
C GLY C 168 43.43 19.43 40.88
N LYS C 169 42.17 18.97 40.97
CA LYS C 169 41.79 18.08 42.01
C LYS C 169 41.42 16.83 41.32
N GLN C 170 41.97 15.69 41.78
CA GLN C 170 41.66 14.48 41.11
C GLN C 170 40.90 13.63 42.09
N GLY C 171 39.98 12.80 41.57
CA GLY C 171 39.20 11.98 42.43
C GLY C 171 38.16 11.35 41.58
N ASN C 172 37.15 10.74 42.22
CA ASN C 172 36.11 10.13 41.45
C ASN C 172 35.51 11.22 40.64
N PHE C 173 35.11 10.90 39.40
CA PHE C 173 34.54 11.95 38.61
C PHE C 173 33.15 12.15 39.11
N LYS C 174 32.90 13.37 39.64
CA LYS C 174 31.66 13.79 40.21
C LYS C 174 30.62 14.05 39.16
N ASN C 175 30.99 14.68 38.03
CA ASN C 175 29.95 15.10 37.11
C ASN C 175 30.21 14.57 35.74
N LEU C 176 29.14 14.58 34.91
CA LEU C 176 29.24 14.15 33.54
C LEU C 176 28.61 15.22 32.70
N ARG C 177 29.32 15.65 31.64
CA ARG C 177 28.74 16.63 30.76
C ARG C 177 28.81 16.05 29.38
N GLU C 178 27.64 15.83 28.76
CA GLU C 178 27.63 15.23 27.45
C GLU C 178 27.23 16.30 26.48
N PHE C 179 27.95 16.35 25.34
CA PHE C 179 27.67 17.33 24.33
C PHE C 179 27.68 16.66 22.99
N VAL C 180 26.91 17.21 22.04
CA VAL C 180 26.93 16.73 20.69
C VAL C 180 27.08 17.95 19.84
N PHE C 181 28.09 17.98 18.96
CA PHE C 181 28.24 19.16 18.15
C PHE C 181 28.05 18.76 16.72
N LYS C 182 27.08 19.39 16.03
CA LYS C 182 26.97 19.11 14.64
C LYS C 182 26.48 20.36 13.97
N ASN C 183 26.99 20.62 12.75
CA ASN C 183 26.56 21.77 12.03
C ASN C 183 25.92 21.30 10.77
N ILE C 184 24.60 21.50 10.68
CA ILE C 184 23.89 21.10 9.50
C ILE C 184 23.32 22.36 8.95
N ASP C 185 23.49 22.58 7.64
CA ASP C 185 22.97 23.76 7.03
C ASP C 185 23.44 24.98 7.77
N GLY C 186 24.74 25.15 8.02
CA GLY C 186 25.11 26.44 8.54
C GLY C 186 24.83 26.52 10.00
N TYR C 187 23.89 25.70 10.54
CA TYR C 187 23.54 25.86 11.92
C TYR C 187 24.45 25.02 12.75
N PHE C 188 25.03 25.62 13.80
CA PHE C 188 25.87 24.90 14.69
C PHE C 188 24.98 24.54 15.83
N LYS C 189 24.61 23.25 15.94
CA LYS C 189 23.68 22.87 16.96
C LYS C 189 24.44 22.29 18.10
N ILE C 190 23.99 22.62 19.33
CA ILE C 190 24.64 22.09 20.48
C ILE C 190 23.60 21.50 21.39
N TYR C 191 23.93 20.32 21.95
CA TYR C 191 23.03 19.63 22.83
C TYR C 191 23.82 19.33 24.07
N SER C 192 23.17 19.24 25.24
CA SER C 192 23.94 18.95 26.41
C SER C 192 23.08 18.32 27.44
N LYS C 193 23.73 17.78 28.49
CA LYS C 193 23.07 17.17 29.61
C LYS C 193 24.06 17.12 30.72
N HIS C 194 23.64 17.46 31.96
CA HIS C 194 24.57 17.41 33.06
C HIS C 194 24.01 16.47 34.09
N THR C 195 24.83 15.52 34.58
CA THR C 195 24.38 14.61 35.58
C THR C 195 25.50 14.34 36.53
N PRO C 196 25.16 14.02 37.74
CA PRO C 196 26.17 13.63 38.68
C PRO C 196 26.53 12.20 38.42
N ILE C 197 27.79 11.79 38.71
CA ILE C 197 28.19 10.43 38.50
C ILE C 197 29.22 10.08 39.53
N ASN C 198 29.33 8.77 39.86
CA ASN C 198 30.37 8.30 40.74
C ASN C 198 31.13 7.26 39.96
N LEU C 199 32.10 7.66 39.12
CA LEU C 199 32.82 6.64 38.40
C LEU C 199 34.00 7.31 37.75
N VAL C 200 35.22 6.87 38.10
CA VAL C 200 36.43 7.39 37.52
C VAL C 200 36.76 6.83 36.17
N ARG C 201 36.67 5.50 36.01
CA ARG C 201 37.22 4.83 34.85
C ARG C 201 36.60 5.15 33.52
N ASP C 202 35.30 4.92 33.34
CA ASP C 202 34.75 5.08 32.01
C ASP C 202 33.40 5.70 32.10
N LEU C 203 32.68 5.71 30.96
CA LEU C 203 31.37 6.28 30.95
C LEU C 203 30.48 5.34 31.68
N PRO C 204 29.49 5.87 32.34
CA PRO C 204 28.56 5.06 33.05
C PRO C 204 27.65 4.42 32.07
N GLN C 205 27.11 3.23 32.38
CA GLN C 205 26.22 2.60 31.46
C GLN C 205 24.86 3.07 31.83
N GLY C 206 24.16 3.74 30.89
CA GLY C 206 22.83 4.21 31.18
C GLY C 206 22.41 5.08 30.04
N PHE C 207 21.10 5.38 29.97
CA PHE C 207 20.57 6.13 28.85
C PHE C 207 20.07 7.46 29.33
N SER C 208 20.35 8.52 28.56
CA SER C 208 19.88 9.85 28.89
C SER C 208 19.88 10.64 27.62
N ALA C 209 18.98 11.64 27.52
CA ALA C 209 18.87 12.45 26.33
C ALA C 209 19.71 13.69 26.47
N LEU C 210 19.96 14.39 25.34
CA LEU C 210 20.68 15.63 25.38
C LEU C 210 19.78 16.66 24.77
N GLU C 211 19.28 17.62 25.60
CA GLU C 211 18.40 18.64 25.10
C GLU C 211 19.19 19.71 24.43
N PRO C 212 18.65 20.30 23.39
CA PRO C 212 19.34 21.35 22.69
C PRO C 212 19.37 22.68 23.40
N LEU C 213 20.57 23.17 23.74
CA LEU C 213 20.76 24.47 24.32
C LEU C 213 20.77 25.59 23.31
N VAL C 214 21.56 25.45 22.22
CA VAL C 214 21.76 26.59 21.37
C VAL C 214 21.78 26.20 19.93
N ASP C 215 21.34 27.13 19.06
CA ASP C 215 21.38 26.95 17.64
C ASP C 215 22.01 28.19 17.09
N LEU C 216 23.26 28.10 16.59
CA LEU C 216 23.89 29.29 16.10
C LEU C 216 23.97 29.25 14.61
N PRO C 217 23.70 30.40 14.07
CA PRO C 217 23.66 30.68 12.66
C PRO C 217 24.99 30.91 12.00
N ILE C 218 26.11 30.39 12.54
CA ILE C 218 27.40 30.76 11.99
C ILE C 218 27.48 30.49 10.51
N GLY C 219 27.11 29.29 10.04
CA GLY C 219 27.15 29.08 8.63
C GLY C 219 28.57 29.05 8.14
N ILE C 220 29.50 28.47 8.93
CA ILE C 220 30.85 28.41 8.45
C ILE C 220 31.16 26.96 8.25
N ASN C 221 32.06 26.65 7.30
CA ASN C 221 32.37 25.28 7.05
C ASN C 221 33.47 24.89 8.00
N ILE C 222 33.18 23.90 8.87
CA ILE C 222 34.18 23.51 9.84
C ILE C 222 34.58 22.07 9.63
N THR C 223 35.86 21.85 9.26
CA THR C 223 36.47 20.56 9.08
C THR C 223 36.95 19.91 10.36
N ARG C 224 37.54 20.68 11.32
CA ARG C 224 38.15 20.03 12.46
C ARG C 224 37.84 20.78 13.72
N PHE C 225 38.27 20.21 14.88
CA PHE C 225 38.05 20.86 16.14
C PHE C 225 39.12 20.45 17.09
N GLN C 226 39.24 21.18 18.23
CA GLN C 226 40.19 20.81 19.24
C GLN C 226 39.62 21.23 20.57
N THR C 227 39.96 20.48 21.65
CA THR C 227 39.43 20.78 22.95
C THR C 227 40.42 21.62 23.71
N LEU C 228 39.91 22.41 24.69
CA LEU C 228 40.76 23.25 25.49
C LEU C 228 40.65 22.82 26.93
N LEU C 229 41.78 22.85 27.65
CA LEU C 229 41.81 22.46 29.04
C LEU C 229 42.37 23.62 29.82
N ALA C 230 42.27 23.55 31.16
CA ALA C 230 42.71 24.65 31.98
C ALA C 230 43.69 24.16 33.00
N LEU C 231 44.51 25.10 33.51
CA LEU C 231 45.50 24.76 34.50
C LEU C 231 45.01 25.29 35.78
N HIS C 232 45.56 24.73 36.87
CA HIS C 232 45.01 25.01 38.13
C HIS C 232 46.15 25.28 39.05
N ARG C 233 46.30 26.52 39.55
CA ARG C 233 47.44 26.63 40.40
C ARG C 233 46.94 27.07 41.72
N SER C 234 47.57 26.55 42.77
CA SER C 234 47.30 26.82 44.16
C SER C 234 48.25 27.88 44.57
N TYR C 235 48.10 28.34 45.83
CA TYR C 235 48.79 29.39 46.49
C TYR C 235 50.22 29.01 46.61
N LEU C 236 50.46 27.72 46.86
CA LEU C 236 51.79 27.24 47.08
C LEU C 236 52.59 27.45 45.84
N THR C 237 51.99 27.21 44.66
CA THR C 237 52.77 27.28 43.46
C THR C 237 53.23 28.68 43.24
N PRO C 238 54.39 28.76 42.66
CA PRO C 238 54.87 30.02 42.17
C PRO C 238 54.07 30.17 40.91
N GLY C 239 53.84 31.40 40.43
CA GLY C 239 53.03 31.71 39.29
C GLY C 239 53.61 31.20 37.98
N ASP C 240 54.94 31.07 37.90
CA ASP C 240 55.60 30.80 36.64
C ASP C 240 55.11 29.56 35.96
N SER C 241 55.35 29.53 34.63
CA SER C 241 54.97 28.48 33.72
C SER C 241 55.88 27.30 33.80
N SER C 242 56.96 27.37 34.61
CA SER C 242 57.87 26.25 34.63
C SER C 242 57.14 24.99 35.01
N SER C 243 56.80 24.80 36.31
CA SER C 243 56.13 23.57 36.64
C SER C 243 55.11 23.84 37.69
N GLY C 244 54.61 25.07 37.80
CA GLY C 244 53.60 25.25 38.80
C GLY C 244 52.33 25.33 38.05
N TRP C 245 51.63 24.19 37.92
CA TRP C 245 50.37 24.17 37.24
C TRP C 245 49.77 22.84 37.49
N THR C 246 48.43 22.75 37.53
CA THR C 246 47.88 21.43 37.65
C THR C 246 46.70 21.33 36.75
N ALA C 247 46.77 20.34 35.83
CA ALA C 247 45.79 19.98 34.84
C ALA C 247 44.57 19.39 35.46
N GLY C 248 44.72 18.65 36.58
CA GLY C 248 43.55 18.06 37.15
C GLY C 248 43.46 16.64 36.65
N ALA C 249 42.51 15.88 37.25
CA ALA C 249 42.11 14.50 37.05
C ALA C 249 41.33 14.21 35.79
N ALA C 250 40.57 15.18 35.26
CA ALA C 250 39.56 14.97 34.25
C ALA C 250 40.01 14.26 33.00
N ALA C 251 39.02 13.63 32.32
CA ALA C 251 39.19 12.93 31.09
C ALA C 251 37.98 13.17 30.24
N TYR C 252 38.09 13.01 28.90
CA TYR C 252 36.96 13.20 28.04
C TYR C 252 37.00 12.12 26.99
N TYR C 253 35.88 11.98 26.23
CA TYR C 253 35.81 10.94 25.23
C TYR C 253 35.30 11.55 23.98
N VAL C 254 35.67 10.99 22.81
CA VAL C 254 35.18 11.53 21.59
C VAL C 254 34.74 10.39 20.73
N GLY C 255 33.57 10.53 20.09
CA GLY C 255 33.06 9.53 19.20
C GLY C 255 32.58 10.27 17.98
N TYR C 256 32.13 9.55 16.94
CA TYR C 256 31.69 10.25 15.76
C TYR C 256 30.33 9.78 15.39
N LEU C 257 29.46 10.72 14.95
CA LEU C 257 28.13 10.38 14.59
C LEU C 257 28.10 9.90 13.18
N GLN C 258 27.09 9.05 12.86
CA GLN C 258 26.95 8.59 11.52
C GLN C 258 25.49 8.48 11.22
N PRO C 259 25.13 8.70 9.98
CA PRO C 259 23.73 8.63 9.67
C PRO C 259 23.23 7.25 9.88
N ARG C 260 22.23 7.10 10.77
CA ARG C 260 21.70 5.82 11.11
C ARG C 260 20.26 6.00 11.38
N THR C 261 19.52 4.89 11.47
CA THR C 261 18.13 5.03 11.79
C THR C 261 17.98 4.60 13.21
N PHE C 262 17.14 5.32 13.97
CA PHE C 262 16.92 4.99 15.34
C PHE C 262 15.45 5.03 15.61
N LEU C 263 15.02 4.28 16.63
CA LEU C 263 13.65 4.29 17.05
C LEU C 263 13.67 4.97 18.38
N LEU C 264 12.92 6.09 18.51
CA LEU C 264 12.94 6.82 19.73
C LEU C 264 11.66 6.55 20.46
N LYS C 265 11.77 6.22 21.76
CA LYS C 265 10.59 5.91 22.52
C LYS C 265 10.27 7.10 23.35
N TYR C 266 9.11 7.73 23.08
CA TYR C 266 8.70 8.90 23.80
C TYR C 266 7.81 8.47 24.91
N ASN C 267 8.07 8.99 26.13
CA ASN C 267 7.23 8.61 27.23
C ASN C 267 6.06 9.54 27.25
N GLU C 268 5.22 9.43 28.29
CA GLU C 268 4.05 10.25 28.41
C GLU C 268 4.48 11.68 28.50
N ASN C 269 5.63 11.90 29.17
CA ASN C 269 6.18 13.22 29.39
C ASN C 269 6.65 13.84 28.11
N GLY C 270 7.19 13.02 27.18
CA GLY C 270 7.75 13.59 26.00
C GLY C 270 9.25 13.46 26.09
N THR C 271 9.72 12.84 27.18
CA THR C 271 11.12 12.58 27.36
C THR C 271 11.39 11.23 26.75
N ILE C 272 12.62 10.98 26.24
CA ILE C 272 12.85 9.72 25.59
C ILE C 272 13.54 8.79 26.55
N THR C 273 12.86 7.69 26.90
CA THR C 273 13.36 6.67 27.78
C THR C 273 14.40 5.80 27.13
N ASP C 274 14.14 5.30 25.90
CA ASP C 274 15.10 4.39 25.34
C ASP C 274 15.12 4.52 23.85
N ALA C 275 16.08 3.83 23.20
CA ALA C 275 16.19 3.90 21.77
C ALA C 275 16.74 2.61 21.27
N VAL C 276 16.51 2.32 19.97
CA VAL C 276 17.05 1.11 19.42
C VAL C 276 17.86 1.47 18.22
N ASP C 277 19.06 0.86 18.10
CA ASP C 277 19.90 1.11 16.97
C ASP C 277 19.69 -0.07 16.04
N CYS C 278 18.81 0.03 15.12
CA CYS C 278 18.36 -1.01 14.25
C CYS C 278 19.47 -1.47 13.35
N ALA C 279 20.53 -0.66 13.20
CA ALA C 279 21.72 -1.03 12.47
C ALA C 279 22.58 -2.01 13.24
N LEU C 280 22.47 -2.00 14.58
CA LEU C 280 23.36 -2.72 15.46
C LEU C 280 23.33 -4.24 15.37
N ASP C 281 22.14 -4.86 15.48
CA ASP C 281 22.08 -6.29 15.62
C ASP C 281 20.86 -6.79 14.91
N PRO C 282 20.78 -8.07 14.66
CA PRO C 282 19.61 -8.61 14.01
C PRO C 282 18.38 -8.41 14.84
N LEU C 283 18.53 -8.46 16.17
CA LEU C 283 17.40 -8.26 17.03
C LEU C 283 16.96 -6.83 16.86
N SER C 284 17.93 -5.91 16.75
CA SER C 284 17.66 -4.51 16.62
C SER C 284 16.99 -4.22 15.31
N GLU C 285 17.43 -4.89 14.23
CA GLU C 285 16.93 -4.62 12.91
C GLU C 285 15.46 -4.90 12.88
N THR C 286 15.02 -5.94 13.60
CA THR C 286 13.64 -6.31 13.64
C THR C 286 12.84 -5.23 14.31
N LYS C 287 13.43 -4.60 15.35
CA LYS C 287 12.71 -3.63 16.15
C LYS C 287 12.21 -2.51 15.28
N CYS C 288 13.03 -1.98 14.36
CA CYS C 288 12.56 -0.90 13.54
C CYS C 288 11.44 -1.35 12.66
N THR C 289 11.55 -2.56 12.08
CA THR C 289 10.55 -2.99 11.15
C THR C 289 9.21 -3.07 11.81
N LEU C 290 9.16 -3.71 12.99
CA LEU C 290 7.96 -3.85 13.77
C LEU C 290 7.59 -2.52 14.36
N LYS C 291 8.60 -1.65 14.58
CA LYS C 291 8.41 -0.38 15.22
C LYS C 291 7.88 -0.58 16.60
N SER C 292 8.47 -1.56 17.32
CA SER C 292 8.11 -1.77 18.69
C SER C 292 9.33 -2.27 19.41
N PHE C 293 9.41 -2.00 20.71
CA PHE C 293 10.48 -2.43 21.56
C PHE C 293 10.39 -3.90 21.78
N THR C 294 9.15 -4.46 21.79
CA THR C 294 9.02 -5.87 21.99
C THR C 294 8.40 -6.47 20.77
N VAL C 295 8.84 -7.68 20.37
CA VAL C 295 8.30 -8.30 19.21
C VAL C 295 7.87 -9.70 19.55
N GLU C 296 6.76 -10.15 18.92
CA GLU C 296 6.29 -11.49 19.14
C GLU C 296 7.20 -12.39 18.38
N LYS C 297 7.30 -13.66 18.81
CA LYS C 297 8.20 -14.58 18.17
C LYS C 297 7.74 -14.84 16.76
N GLY C 298 8.68 -15.22 15.89
CA GLY C 298 8.33 -15.52 14.53
C GLY C 298 9.49 -15.20 13.65
N ILE C 299 9.20 -15.14 12.32
CA ILE C 299 10.17 -14.82 11.30
C ILE C 299 9.72 -13.54 10.68
N TYR C 300 10.65 -12.55 10.59
CA TYR C 300 10.26 -11.29 10.01
C TYR C 300 11.23 -10.95 8.91
N GLN C 301 10.72 -10.60 7.71
CA GLN C 301 11.59 -10.18 6.64
C GLN C 301 11.93 -8.74 6.89
N THR C 302 13.17 -8.50 7.34
CA THR C 302 13.60 -7.16 7.65
C THR C 302 14.17 -6.38 6.50
N SER C 303 15.13 -6.98 5.76
CA SER C 303 15.85 -6.22 4.78
C SER C 303 16.33 -7.18 3.74
N ASN C 304 17.24 -6.73 2.85
CA ASN C 304 17.69 -7.58 1.78
C ASN C 304 19.19 -7.59 1.75
N PHE C 305 19.77 -8.78 1.51
CA PHE C 305 21.18 -9.03 1.46
C PHE C 305 21.65 -8.90 0.05
N ARG C 306 22.68 -8.05 -0.20
CA ARG C 306 23.16 -7.93 -1.54
C ARG C 306 24.66 -7.89 -1.48
N VAL C 307 25.33 -8.74 -2.31
CA VAL C 307 26.76 -8.78 -2.29
C VAL C 307 27.22 -7.52 -2.93
N GLN C 308 28.27 -6.90 -2.36
CA GLN C 308 28.71 -5.63 -2.88
C GLN C 308 29.84 -5.86 -3.83
N PRO C 309 29.94 -5.02 -4.83
CA PRO C 309 31.01 -5.16 -5.78
C PRO C 309 32.33 -4.79 -5.20
N THR C 310 33.36 -5.63 -5.47
CA THR C 310 34.69 -5.37 -5.00
C THR C 310 35.44 -4.39 -5.86
N GLU C 311 35.32 -4.50 -7.20
CA GLU C 311 36.20 -3.76 -8.07
C GLU C 311 35.40 -2.98 -9.06
N SER C 312 36.08 -2.08 -9.80
CA SER C 312 35.48 -1.36 -10.88
C SER C 312 36.19 -1.87 -12.11
N ILE C 313 35.42 -2.41 -13.08
CA ILE C 313 36.00 -3.05 -14.22
C ILE C 313 35.61 -2.31 -15.46
N VAL C 314 36.58 -2.11 -16.38
CA VAL C 314 36.23 -1.43 -17.60
C VAL C 314 36.93 -2.11 -18.75
N ARG C 315 36.19 -2.40 -19.85
CA ARG C 315 36.84 -2.95 -21.00
C ARG C 315 36.31 -2.26 -22.23
N PHE C 316 37.23 -1.61 -22.98
CA PHE C 316 36.91 -0.89 -24.18
C PHE C 316 37.68 -1.53 -25.29
N PRO C 317 37.26 -1.21 -26.49
CA PRO C 317 37.85 -1.74 -27.69
C PRO C 317 39.25 -1.24 -27.83
N ASN C 318 40.04 -1.91 -28.69
CA ASN C 318 41.42 -1.61 -28.94
C ASN C 318 41.63 -0.39 -29.79
N ILE C 319 40.68 -0.05 -30.70
CA ILE C 319 40.90 1.02 -31.66
C ILE C 319 40.91 2.35 -30.98
N THR C 320 42.11 2.95 -30.93
CA THR C 320 42.48 4.24 -30.39
C THR C 320 42.71 5.36 -31.39
N ASN C 321 42.64 5.13 -32.72
CA ASN C 321 43.19 6.12 -33.62
C ASN C 321 42.69 7.53 -33.48
N LEU C 322 41.50 7.91 -33.97
CA LEU C 322 40.99 9.27 -33.85
C LEU C 322 39.73 9.43 -34.63
N CYS C 323 38.88 10.36 -34.18
CA CYS C 323 37.69 10.74 -34.90
C CYS C 323 38.03 12.10 -35.42
N PRO C 324 37.55 12.42 -36.58
CA PRO C 324 37.80 13.68 -37.24
C PRO C 324 36.97 14.81 -36.70
N PHE C 325 36.70 14.86 -35.38
CA PHE C 325 35.87 15.92 -34.87
C PHE C 325 36.46 17.23 -35.25
N GLY C 326 37.80 17.37 -35.20
CA GLY C 326 38.39 18.61 -35.57
C GLY C 326 38.03 18.93 -36.99
N GLU C 327 38.01 17.90 -37.86
CA GLU C 327 37.72 18.16 -39.25
C GLU C 327 36.34 18.72 -39.39
N VAL C 328 35.33 18.05 -38.78
CA VAL C 328 33.98 18.50 -38.95
C VAL C 328 33.79 19.81 -38.28
N PHE C 329 34.27 19.95 -37.04
CA PHE C 329 34.07 21.17 -36.32
C PHE C 329 34.78 22.28 -37.00
N ASN C 330 36.05 22.05 -37.42
CA ASN C 330 36.78 23.10 -38.07
C ASN C 330 36.78 22.87 -39.54
N ALA C 331 35.59 22.68 -40.14
CA ALA C 331 35.55 22.48 -41.55
C ALA C 331 35.82 23.80 -42.18
N THR C 332 36.48 23.80 -43.36
CA THR C 332 36.82 25.05 -43.98
C THR C 332 35.55 25.81 -44.26
N ARG C 333 34.57 25.16 -44.91
CA ARG C 333 33.35 25.85 -45.17
C ARG C 333 32.27 24.84 -45.04
N PHE C 334 31.10 25.28 -44.52
CA PHE C 334 29.99 24.38 -44.36
C PHE C 334 29.02 24.65 -45.46
N ALA C 335 28.04 23.75 -45.60
CA ALA C 335 27.00 23.88 -46.58
C ALA C 335 25.90 24.70 -45.97
N SER C 336 24.92 25.11 -46.80
CA SER C 336 23.87 25.89 -46.24
C SER C 336 22.86 24.92 -45.68
N VAL C 337 21.84 25.43 -44.98
CA VAL C 337 20.89 24.62 -44.27
C VAL C 337 20.09 23.75 -45.20
N TYR C 338 19.67 24.28 -46.37
CA TYR C 338 18.81 23.48 -47.20
C TYR C 338 19.53 22.26 -47.72
N ALA C 339 20.78 22.49 -48.18
CA ALA C 339 21.79 21.63 -48.72
C ALA C 339 22.55 20.81 -47.71
N TRP C 340 22.36 21.08 -46.39
CA TRP C 340 23.14 20.61 -45.27
C TRP C 340 23.97 19.38 -45.52
N ASN C 341 25.21 19.42 -44.99
CA ASN C 341 26.19 18.39 -45.20
C ASN C 341 26.18 17.46 -44.02
N ARG C 342 26.28 16.14 -44.30
CA ARG C 342 26.32 15.16 -43.25
C ARG C 342 27.62 14.42 -43.35
N LYS C 343 28.29 14.25 -42.20
CA LYS C 343 29.57 13.60 -42.16
C LYS C 343 29.40 12.37 -41.33
N ARG C 344 30.17 11.30 -41.62
CA ARG C 344 30.05 10.10 -40.84
C ARG C 344 31.25 10.00 -39.95
N ILE C 345 31.03 9.70 -38.65
CA ILE C 345 32.13 9.62 -37.73
C ILE C 345 32.11 8.25 -37.12
N SER C 346 33.27 7.56 -37.17
CA SER C 346 33.34 6.24 -36.62
C SER C 346 34.78 5.83 -36.50
N ASN C 347 34.99 4.58 -36.03
CA ASN C 347 36.29 3.98 -35.89
C ASN C 347 37.22 4.86 -35.11
N CYS C 348 36.92 5.11 -33.81
CA CYS C 348 37.83 5.93 -33.06
C CYS C 348 37.48 5.88 -31.59
N VAL C 349 38.13 6.81 -30.86
CA VAL C 349 37.90 7.09 -29.48
C VAL C 349 37.59 8.56 -29.50
N ALA C 350 36.68 9.07 -28.64
CA ALA C 350 36.33 10.46 -28.71
C ALA C 350 36.27 11.06 -27.33
N ASP C 351 36.87 12.26 -27.21
CA ASP C 351 37.14 13.16 -26.12
C ASP C 351 36.12 14.25 -25.85
N TYR C 352 34.79 14.06 -26.01
CA TYR C 352 33.79 15.11 -26.03
C TYR C 352 34.00 16.17 -24.97
N SER C 353 34.55 15.83 -23.79
CA SER C 353 34.67 16.81 -22.74
C SER C 353 35.39 18.04 -23.21
N VAL C 354 36.32 17.94 -24.18
CA VAL C 354 36.99 19.13 -24.65
C VAL C 354 35.98 20.02 -25.29
N LEU C 355 34.99 19.43 -26.00
CA LEU C 355 33.99 20.19 -26.70
C LEU C 355 33.20 20.98 -25.70
N TYR C 356 32.86 20.36 -24.56
CA TYR C 356 32.09 21.01 -23.55
C TYR C 356 32.85 22.15 -22.95
N ASN C 357 34.16 21.95 -22.66
CA ASN C 357 34.84 23.03 -22.00
C ASN C 357 35.61 23.86 -22.98
N SER C 358 34.93 24.41 -24.01
CA SER C 358 35.53 25.35 -24.93
C SER C 358 35.29 26.78 -24.54
N ALA C 359 34.08 27.09 -24.04
CA ALA C 359 33.66 28.42 -23.70
C ALA C 359 33.43 29.20 -24.97
N SER C 360 33.74 28.58 -26.12
CA SER C 360 33.56 29.18 -27.42
C SER C 360 32.12 29.05 -27.87
N PHE C 361 31.37 28.09 -27.30
CA PHE C 361 30.06 27.82 -27.82
C PHE C 361 29.01 28.54 -27.02
N SER C 362 28.23 29.39 -27.70
CA SER C 362 27.19 30.15 -27.07
C SER C 362 26.12 29.21 -26.59
N THR C 363 25.69 28.26 -27.45
CA THR C 363 24.64 27.38 -27.03
C THR C 363 25.14 25.97 -27.07
N PHE C 364 25.19 25.32 -25.89
CA PHE C 364 25.57 23.93 -25.83
C PHE C 364 24.47 23.24 -25.08
N LYS C 365 23.44 22.76 -25.79
CA LYS C 365 22.33 22.13 -25.14
C LYS C 365 22.17 20.76 -25.72
N CYS C 366 21.81 19.78 -24.87
CA CYS C 366 21.68 18.42 -25.34
C CYS C 366 20.33 17.92 -24.91
N TYR C 367 19.77 16.98 -25.68
CA TYR C 367 18.49 16.47 -25.29
C TYR C 367 18.68 15.07 -24.82
N GLY C 368 18.85 14.90 -23.49
CA GLY C 368 19.00 13.59 -22.92
C GLY C 368 20.35 13.36 -22.29
N VAL C 369 21.42 14.03 -22.74
CA VAL C 369 22.67 13.67 -22.12
C VAL C 369 23.09 14.74 -21.18
N SER C 370 23.91 14.34 -20.19
CA SER C 370 24.60 15.29 -19.37
C SER C 370 25.69 15.74 -20.30
N PRO C 371 26.03 16.99 -20.32
CA PRO C 371 27.08 17.43 -21.18
C PRO C 371 28.32 16.76 -20.72
N THR C 372 28.39 16.47 -19.42
CA THR C 372 29.49 15.79 -18.83
C THR C 372 29.13 14.34 -18.97
N LYS C 373 30.04 13.43 -18.59
CA LYS C 373 29.72 12.03 -18.57
C LYS C 373 29.54 11.50 -19.97
N LEU C 374 29.71 12.36 -20.99
CA LEU C 374 29.57 11.93 -22.36
C LEU C 374 30.66 10.97 -22.73
N ASN C 375 31.82 11.07 -22.08
CA ASN C 375 32.96 10.27 -22.38
C ASN C 375 32.74 8.82 -22.01
N ASP C 376 31.79 8.54 -21.09
CA ASP C 376 31.47 7.25 -20.56
C ASP C 376 30.69 6.35 -21.50
N LEU C 377 30.21 6.84 -22.66
CA LEU C 377 29.37 6.01 -23.49
C LEU C 377 30.04 5.53 -24.74
N CYS C 378 29.35 4.58 -25.43
CA CYS C 378 29.82 3.97 -26.65
C CYS C 378 28.75 4.08 -27.70
N PHE C 379 29.13 4.46 -28.95
CA PHE C 379 28.14 4.63 -29.97
C PHE C 379 28.60 3.98 -31.24
N THR C 380 27.65 3.41 -32.03
CA THR C 380 27.95 2.80 -33.29
C THR C 380 28.25 3.83 -34.33
N ASN C 381 27.37 4.84 -34.47
CA ASN C 381 27.57 5.83 -35.49
C ASN C 381 27.30 7.16 -34.89
N VAL C 382 28.21 8.13 -35.13
CA VAL C 382 28.00 9.46 -34.66
C VAL C 382 27.82 10.33 -35.86
N TYR C 383 26.72 11.08 -35.90
CA TYR C 383 26.41 11.94 -37.02
C TYR C 383 26.78 13.34 -36.69
N ALA C 384 27.39 14.06 -37.66
CA ALA C 384 27.70 15.44 -37.45
C ALA C 384 27.03 16.23 -38.53
N ASP C 385 25.98 16.98 -38.16
CA ASP C 385 25.27 17.81 -39.08
C ASP C 385 25.69 19.22 -38.74
N SER C 386 25.78 20.12 -39.73
CA SER C 386 26.25 21.45 -39.43
C SER C 386 25.50 22.43 -40.29
N PHE C 387 25.27 23.66 -39.77
CA PHE C 387 24.42 24.57 -40.49
C PHE C 387 24.95 25.98 -40.43
N VAL C 388 24.36 26.83 -41.31
CA VAL C 388 24.50 28.26 -41.45
C VAL C 388 23.41 29.06 -40.77
N ILE C 389 22.44 28.42 -40.09
CA ILE C 389 21.27 29.07 -39.54
C ILE C 389 21.54 30.38 -38.86
N ARG C 390 20.47 31.19 -38.76
CA ARG C 390 20.47 32.51 -38.17
C ARG C 390 20.38 32.39 -36.67
N GLY C 391 20.76 33.49 -35.96
CA GLY C 391 20.83 33.57 -34.53
C GLY C 391 19.51 33.36 -33.85
N ASP C 392 18.44 34.06 -34.28
CA ASP C 392 17.16 33.98 -33.62
C ASP C 392 16.64 32.59 -33.81
N GLU C 393 17.06 31.94 -34.91
CA GLU C 393 16.66 30.65 -35.37
C GLU C 393 17.11 29.50 -34.49
N VAL C 394 18.23 29.65 -33.76
CA VAL C 394 18.90 28.56 -33.10
C VAL C 394 17.93 27.79 -32.25
N ARG C 395 16.93 28.48 -31.70
CA ARG C 395 15.96 27.86 -30.84
C ARG C 395 15.31 26.71 -31.55
N GLN C 396 15.11 26.82 -32.87
CA GLN C 396 14.44 25.86 -33.71
C GLN C 396 15.21 24.59 -33.86
N ILE C 397 16.54 24.57 -33.68
CA ILE C 397 17.12 23.27 -33.85
C ILE C 397 17.00 22.55 -32.54
N ALA C 398 15.86 21.82 -32.38
CA ALA C 398 15.54 21.13 -31.17
C ALA C 398 14.41 20.19 -31.47
N PRO C 399 14.05 19.31 -30.58
CA PRO C 399 12.99 18.40 -30.90
C PRO C 399 11.65 18.96 -31.32
N GLY C 400 10.81 19.39 -30.39
CA GLY C 400 9.43 19.74 -30.64
C GLY C 400 9.21 20.95 -31.49
N GLN C 401 10.20 21.85 -31.62
CA GLN C 401 9.85 23.11 -32.21
C GLN C 401 9.40 23.05 -33.64
N THR C 402 8.72 24.14 -34.04
CA THR C 402 8.22 24.36 -35.37
C THR C 402 8.59 25.76 -35.75
N GLY C 403 8.89 25.96 -37.03
CA GLY C 403 9.30 27.25 -37.49
C GLY C 403 9.81 27.08 -38.89
N LYS C 404 10.46 28.14 -39.42
CA LYS C 404 10.88 28.14 -40.80
C LYS C 404 11.85 27.05 -41.11
N ILE C 405 12.98 27.00 -40.37
CA ILE C 405 13.99 26.01 -40.61
C ILE C 405 13.48 24.66 -40.19
N ALA C 406 12.79 24.64 -39.05
CA ALA C 406 12.35 23.42 -38.43
C ALA C 406 11.43 22.68 -39.34
N ASP C 407 10.60 23.37 -40.15
CA ASP C 407 9.71 22.68 -41.05
C ASP C 407 10.32 22.26 -42.38
N TYR C 408 10.82 23.25 -43.14
CA TYR C 408 11.31 23.11 -44.50
C TYR C 408 12.76 22.73 -44.67
N ASN C 409 13.64 23.24 -43.78
CA ASN C 409 15.06 23.06 -43.90
C ASN C 409 15.65 21.85 -43.25
N TYR C 410 15.27 21.60 -41.97
CA TYR C 410 15.85 20.52 -41.23
C TYR C 410 14.86 20.10 -40.18
N LYS C 411 14.72 18.78 -39.94
CA LYS C 411 13.74 18.43 -38.95
C LYS C 411 14.36 17.45 -38.00
N LEU C 412 14.50 17.83 -36.72
CA LEU C 412 14.96 16.91 -35.72
C LEU C 412 13.78 16.08 -35.29
N PRO C 413 14.01 14.81 -35.00
CA PRO C 413 12.97 13.93 -34.58
C PRO C 413 12.57 14.23 -33.16
N ASP C 414 11.41 13.69 -32.72
CA ASP C 414 10.96 13.94 -31.37
C ASP C 414 11.89 13.25 -30.42
N ASP C 415 12.28 12.01 -30.77
CA ASP C 415 13.10 11.07 -30.04
C ASP C 415 14.56 11.44 -30.03
N PHE C 416 14.95 12.55 -30.68
CA PHE C 416 16.33 12.95 -30.88
C PHE C 416 17.21 12.69 -29.67
N THR C 417 18.34 11.99 -29.93
CA THR C 417 19.31 11.71 -28.90
C THR C 417 20.61 12.30 -29.33
N GLY C 418 20.96 13.49 -28.80
CA GLY C 418 22.20 14.10 -29.19
C GLY C 418 22.32 15.46 -28.58
N CYS C 419 23.29 16.25 -29.10
CA CYS C 419 23.51 17.57 -28.59
C CYS C 419 23.45 18.52 -29.74
N VAL C 420 23.16 19.81 -29.46
CA VAL C 420 23.12 20.83 -30.46
C VAL C 420 24.13 21.85 -30.03
N ILE C 421 25.24 22.00 -30.78
CA ILE C 421 26.27 22.90 -30.39
C ILE C 421 26.22 24.08 -31.31
N ALA C 422 26.06 25.29 -30.74
CA ALA C 422 25.97 26.46 -31.58
C ALA C 422 26.92 27.51 -31.08
N TRP C 423 27.61 28.18 -32.03
CA TRP C 423 28.47 29.29 -31.69
C TRP C 423 28.44 30.22 -32.86
N ASN C 424 28.26 31.53 -32.61
CA ASN C 424 28.16 32.44 -33.72
C ASN C 424 29.51 32.66 -34.31
N SER C 425 29.63 32.43 -35.64
CA SER C 425 30.86 32.70 -36.32
C SER C 425 30.59 33.89 -37.19
N ASN C 426 30.65 35.10 -36.61
CA ASN C 426 30.46 36.29 -37.36
C ASN C 426 31.69 36.52 -38.19
N ASN C 427 32.87 36.24 -37.60
CA ASN C 427 34.10 36.53 -38.25
C ASN C 427 34.22 35.73 -39.52
N LEU C 428 33.91 34.43 -39.46
CA LEU C 428 34.13 33.59 -40.60
C LEU C 428 33.30 34.01 -41.77
N ASP C 429 31.99 34.25 -41.57
CA ASP C 429 31.19 34.56 -42.72
C ASP C 429 30.24 35.69 -42.45
N SER C 430 30.76 36.93 -42.51
CA SER C 430 29.88 38.06 -42.52
C SER C 430 30.66 39.16 -43.17
N LYS C 431 30.36 39.43 -44.46
CA LYS C 431 31.14 40.41 -45.15
C LYS C 431 30.30 41.62 -45.35
N VAL C 432 30.95 42.78 -45.54
CA VAL C 432 30.23 43.98 -45.73
C VAL C 432 29.45 43.81 -46.99
N GLY C 433 28.19 44.27 -46.98
CA GLY C 433 27.37 44.10 -48.14
C GLY C 433 26.63 42.82 -47.97
N GLY C 434 26.96 42.05 -46.91
CA GLY C 434 26.24 40.84 -46.59
C GLY C 434 26.88 39.68 -47.29
N ASN C 435 26.96 38.52 -46.60
CA ASN C 435 27.51 37.33 -47.18
C ASN C 435 26.33 36.45 -47.53
N TYR C 436 26.05 36.40 -48.84
CA TYR C 436 24.95 35.79 -49.53
C TYR C 436 25.02 34.30 -49.75
N ASN C 437 26.20 33.69 -49.63
CA ASN C 437 26.45 32.32 -50.01
C ASN C 437 25.48 31.34 -49.40
N TYR C 438 24.86 31.63 -48.24
CA TYR C 438 24.07 30.61 -47.62
C TYR C 438 22.60 30.81 -47.92
N LEU C 439 21.90 29.71 -48.31
CA LEU C 439 20.52 29.80 -48.73
C LEU C 439 19.63 28.90 -47.90
N TYR C 440 18.31 29.18 -47.91
CA TYR C 440 17.39 28.35 -47.19
C TYR C 440 16.12 28.26 -47.99
N ARG C 441 15.37 27.15 -47.82
CA ARG C 441 14.13 26.97 -48.52
C ARG C 441 13.06 27.69 -47.76
N LEU C 442 12.42 28.70 -48.39
CA LEU C 442 11.33 29.44 -47.83
C LEU C 442 9.99 28.76 -48.06
N PHE C 443 9.78 28.17 -49.26
CA PHE C 443 8.48 27.62 -49.61
C PHE C 443 8.59 26.14 -49.73
N ARG C 444 7.67 25.41 -49.06
CA ARG C 444 7.62 23.99 -49.24
C ARG C 444 6.21 23.54 -48.99
N LYS C 445 5.75 22.54 -49.77
CA LYS C 445 4.39 22.08 -49.67
C LYS C 445 4.14 21.46 -48.33
N SER C 446 5.05 20.57 -47.88
CA SER C 446 4.81 19.90 -46.63
C SER C 446 6.04 19.96 -45.80
N ASN C 447 5.88 19.73 -44.48
CA ASN C 447 6.97 19.78 -43.57
C ASN C 447 7.82 18.56 -43.78
N LEU C 448 9.11 18.67 -43.44
CA LEU C 448 10.06 17.62 -43.66
C LEU C 448 9.93 16.57 -42.60
N LYS C 449 10.32 15.33 -42.99
CA LYS C 449 10.40 14.23 -42.09
C LYS C 449 11.72 14.40 -41.40
N PRO C 450 11.95 13.68 -40.34
CA PRO C 450 13.20 13.87 -39.65
C PRO C 450 14.38 13.49 -40.48
N PHE C 451 15.43 14.32 -40.45
CA PHE C 451 16.70 14.17 -41.11
C PHE C 451 16.51 14.11 -42.60
N GLU C 452 15.31 14.48 -43.09
CA GLU C 452 15.06 14.46 -44.49
C GLU C 452 15.75 15.65 -45.10
N ARG C 453 16.31 15.47 -46.30
CA ARG C 453 17.04 16.51 -46.98
C ARG C 453 16.38 16.74 -48.30
N ASP C 454 16.11 18.01 -48.66
CA ASP C 454 15.46 18.32 -49.90
C ASP C 454 16.25 19.36 -50.65
N ILE C 455 17.04 18.91 -51.64
CA ILE C 455 17.84 19.69 -52.53
C ILE C 455 17.04 20.31 -53.64
N SER C 456 15.86 19.74 -53.98
CA SER C 456 15.07 20.09 -55.12
C SER C 456 15.03 21.57 -55.40
N THR C 457 15.42 21.90 -56.64
CA THR C 457 15.50 23.17 -57.32
C THR C 457 14.19 23.63 -57.89
N GLU C 458 13.20 22.74 -58.02
CA GLU C 458 11.97 23.06 -58.72
C GLU C 458 11.30 24.29 -58.15
N ILE C 459 10.63 25.05 -59.06
CA ILE C 459 9.92 26.24 -58.70
C ILE C 459 8.71 25.84 -57.92
N TYR C 460 8.33 26.69 -56.94
CA TYR C 460 7.26 26.39 -56.05
C TYR C 460 6.00 26.90 -56.66
N GLN C 461 5.04 25.97 -56.93
CA GLN C 461 3.79 26.33 -57.53
C GLN C 461 2.87 26.73 -56.44
N ALA C 462 2.82 28.05 -56.18
CA ALA C 462 2.02 28.70 -55.18
C ALA C 462 0.56 28.63 -55.52
N GLY C 463 0.20 28.67 -56.82
CA GLY C 463 -1.20 28.78 -57.17
C GLY C 463 -1.69 27.57 -57.90
N SER C 464 -2.84 27.75 -58.58
CA SER C 464 -3.57 26.75 -59.32
C SER C 464 -2.93 26.47 -60.65
N THR C 465 -2.04 27.34 -61.14
CA THR C 465 -1.52 27.14 -62.48
C THR C 465 -0.09 26.68 -62.42
N PRO C 466 0.28 25.92 -63.42
CA PRO C 466 1.61 25.38 -63.49
C PRO C 466 2.66 26.42 -63.79
N CYS C 467 3.81 26.34 -63.10
CA CYS C 467 4.94 27.24 -63.24
C CYS C 467 5.76 26.96 -64.45
N ASN C 468 6.06 25.67 -64.71
CA ASN C 468 6.89 25.27 -65.81
C ASN C 468 8.22 25.95 -65.76
N GLY C 469 8.75 26.16 -64.53
CA GLY C 469 10.08 26.71 -64.39
C GLY C 469 10.06 28.17 -64.74
N VAL C 470 8.89 28.82 -64.74
CA VAL C 470 8.88 30.22 -65.07
C VAL C 470 8.56 30.98 -63.83
N GLU C 471 9.45 31.91 -63.42
CA GLU C 471 9.19 32.68 -62.24
C GLU C 471 8.18 33.71 -62.57
N GLY C 472 7.35 34.07 -61.57
CA GLY C 472 6.34 35.05 -61.81
C GLY C 472 5.37 34.98 -60.68
N PHE C 473 4.08 35.28 -60.97
CA PHE C 473 3.05 35.26 -59.97
C PHE C 473 2.72 33.84 -59.65
N ASN C 474 2.59 33.56 -58.34
CA ASN C 474 2.27 32.25 -57.84
C ASN C 474 3.32 31.27 -58.26
N CYS C 475 4.50 31.78 -58.68
CA CYS C 475 5.57 30.90 -59.04
C CYS C 475 6.81 31.51 -58.50
N TYR C 476 7.28 31.00 -57.34
CA TYR C 476 8.40 31.61 -56.70
C TYR C 476 9.45 30.57 -56.50
N PHE C 477 10.73 30.98 -56.63
CA PHE C 477 11.81 30.07 -56.38
C PHE C 477 11.80 29.87 -54.89
N PRO C 478 11.85 28.64 -54.47
CA PRO C 478 11.74 28.29 -53.08
C PRO C 478 12.90 28.66 -52.20
N LEU C 479 14.03 29.13 -52.77
CA LEU C 479 15.18 29.37 -51.95
C LEU C 479 15.43 30.84 -51.81
N GLN C 480 15.98 31.24 -50.63
CA GLN C 480 16.32 32.62 -50.39
C GLN C 480 17.65 32.66 -49.71
N SER C 481 18.32 33.84 -49.69
CA SER C 481 19.62 33.96 -49.09
C SER C 481 19.52 34.71 -47.79
N TYR C 482 20.18 34.19 -46.73
CA TYR C 482 20.16 34.86 -45.46
C TYR C 482 20.85 36.20 -45.49
N GLY C 483 22.16 36.23 -45.81
CA GLY C 483 22.89 37.48 -45.89
C GLY C 483 23.81 37.72 -44.71
N PHE C 484 23.32 37.63 -43.46
CA PHE C 484 24.15 37.81 -42.29
C PHE C 484 25.01 39.05 -42.35
N GLN C 485 24.40 40.25 -42.25
CA GLN C 485 25.12 41.51 -42.28
C GLN C 485 26.25 41.39 -41.29
N PRO C 486 27.40 41.93 -41.67
CA PRO C 486 28.59 41.80 -40.87
C PRO C 486 28.38 42.12 -39.42
N THR C 487 27.94 43.36 -39.11
CA THR C 487 27.74 43.70 -37.74
C THR C 487 26.38 44.30 -37.61
N ASN C 488 25.33 43.47 -37.82
CA ASN C 488 24.00 43.97 -37.64
C ASN C 488 23.19 42.83 -37.13
N GLY C 489 23.83 41.84 -36.47
CA GLY C 489 23.01 40.73 -36.10
C GLY C 489 23.11 40.42 -34.65
N VAL C 490 22.04 40.72 -33.88
CA VAL C 490 21.99 40.17 -32.56
C VAL C 490 21.52 38.75 -32.69
N GLY C 491 20.34 38.59 -33.33
CA GLY C 491 19.66 37.40 -33.78
C GLY C 491 20.11 37.01 -35.17
N TYR C 492 20.60 38.02 -35.91
CA TYR C 492 20.96 38.11 -37.30
C TYR C 492 22.26 37.45 -37.73
N GLN C 493 23.09 36.88 -36.82
CA GLN C 493 24.38 36.39 -37.25
C GLN C 493 24.44 34.91 -37.56
N PRO C 494 25.49 34.52 -38.23
CA PRO C 494 25.70 33.14 -38.57
C PRO C 494 26.04 32.30 -37.37
N TYR C 495 25.26 31.24 -37.12
CA TYR C 495 25.55 30.36 -36.02
C TYR C 495 25.74 29.01 -36.61
N ARG C 496 27.00 28.55 -36.68
CA ARG C 496 27.21 27.28 -37.31
C ARG C 496 26.81 26.26 -36.30
N VAL C 497 25.57 25.75 -36.45
CA VAL C 497 25.03 24.84 -35.48
C VAL C 497 25.39 23.45 -35.90
N VAL C 498 26.37 22.85 -35.18
CA VAL C 498 26.70 21.48 -35.45
C VAL C 498 25.84 20.66 -34.54
N VAL C 499 25.22 19.59 -35.08
CA VAL C 499 24.35 18.77 -34.30
C VAL C 499 24.88 17.37 -34.34
N LEU C 500 24.98 16.72 -33.16
CA LEU C 500 25.44 15.38 -33.09
C LEU C 500 24.25 14.51 -32.85
N SER C 501 24.07 13.48 -33.71
CA SER C 501 23.00 12.56 -33.50
C SER C 501 23.65 11.27 -33.14
N PHE C 502 23.31 10.73 -31.95
CA PHE C 502 23.98 9.54 -31.50
C PHE C 502 23.16 8.35 -31.89
N GLU C 503 23.71 7.50 -32.78
CA GLU C 503 22.99 6.36 -33.25
C GLU C 503 23.60 5.13 -32.66
N LEU C 504 22.75 4.30 -32.01
CA LEU C 504 23.19 3.07 -31.41
C LEU C 504 22.17 2.00 -31.69
N LEU C 505 22.63 0.93 -32.39
CA LEU C 505 21.93 -0.26 -32.76
C LEU C 505 21.84 -1.21 -31.61
N HIS C 506 22.67 -0.98 -30.57
CA HIS C 506 22.93 -1.96 -29.55
C HIS C 506 23.77 -2.96 -30.28
N ALA C 507 24.55 -2.41 -31.24
CA ALA C 507 25.50 -3.04 -32.11
C ALA C 507 26.87 -2.74 -31.59
N PRO C 508 27.87 -3.12 -32.34
CA PRO C 508 29.21 -2.77 -31.95
C PRO C 508 29.37 -1.28 -31.95
N ALA C 509 29.74 -0.70 -30.80
CA ALA C 509 29.95 0.71 -30.70
C ALA C 509 31.37 0.97 -31.09
N THR C 510 31.57 1.89 -32.05
CA THR C 510 32.85 2.31 -32.56
C THR C 510 33.49 3.57 -32.00
N VAL C 511 32.68 4.58 -31.64
CA VAL C 511 33.03 5.96 -31.31
C VAL C 511 33.48 6.26 -29.88
N CYS C 512 33.39 5.30 -28.95
CA CYS C 512 33.51 5.49 -27.51
C CYS C 512 34.71 6.28 -27.05
N GLY C 513 34.53 7.03 -25.93
CA GLY C 513 35.50 7.92 -25.35
C GLY C 513 36.62 7.21 -24.64
N PRO C 514 37.61 8.00 -24.28
CA PRO C 514 38.81 7.52 -23.66
C PRO C 514 38.63 6.91 -22.31
N LYS C 515 38.48 5.59 -22.25
CA LYS C 515 38.44 4.92 -20.99
C LYS C 515 39.55 3.93 -21.04
N LYS C 516 40.27 3.77 -19.93
CA LYS C 516 41.35 2.84 -19.90
C LYS C 516 40.74 1.49 -19.70
N SER C 517 41.02 0.53 -20.60
CA SER C 517 40.43 -0.76 -20.40
C SER C 517 41.34 -1.54 -19.51
N THR C 518 40.90 -1.77 -18.26
CA THR C 518 41.71 -2.46 -17.30
C THR C 518 41.64 -3.93 -17.58
N ASN C 519 42.36 -4.73 -16.77
CA ASN C 519 42.41 -6.16 -16.90
C ASN C 519 41.04 -6.66 -16.60
N LEU C 520 40.76 -7.96 -16.87
CA LEU C 520 39.45 -8.54 -16.69
C LEU C 520 39.47 -9.40 -15.46
N VAL C 521 38.34 -9.38 -14.70
CA VAL C 521 38.22 -10.16 -13.49
C VAL C 521 37.04 -11.06 -13.66
N LYS C 522 37.17 -12.33 -13.22
CA LYS C 522 36.13 -13.29 -13.42
C LYS C 522 35.65 -13.79 -12.09
N ASN C 523 34.39 -14.28 -12.08
CA ASN C 523 33.81 -14.94 -10.94
C ASN C 523 33.71 -14.04 -9.76
N LYS C 524 33.79 -12.71 -9.96
CA LYS C 524 33.65 -11.83 -8.84
C LYS C 524 32.69 -10.75 -9.22
N CYS C 525 31.89 -10.27 -8.26
CA CYS C 525 30.97 -9.20 -8.53
C CYS C 525 31.76 -7.99 -8.89
N VAL C 526 31.50 -7.40 -10.06
CA VAL C 526 32.24 -6.24 -10.47
C VAL C 526 31.30 -5.31 -11.16
N ASN C 527 31.68 -4.02 -11.30
CA ASN C 527 30.86 -3.09 -12.01
C ASN C 527 31.49 -2.97 -13.37
N PHE C 528 30.84 -3.48 -14.42
CA PHE C 528 31.50 -3.49 -15.69
C PHE C 528 30.82 -2.59 -16.67
N ASN C 529 31.61 -2.16 -17.68
CA ASN C 529 31.15 -1.33 -18.75
C ASN C 529 31.72 -1.91 -20.01
N PHE C 530 30.93 -2.72 -20.74
CA PHE C 530 31.46 -3.26 -21.95
C PHE C 530 30.85 -2.53 -23.10
N ASN C 531 31.69 -1.75 -23.80
CA ASN C 531 31.29 -1.14 -25.03
C ASN C 531 30.04 -0.34 -24.82
N GLY C 532 29.93 0.32 -23.65
CA GLY C 532 28.81 1.17 -23.39
C GLY C 532 27.75 0.43 -22.64
N LEU C 533 27.76 -0.91 -22.64
CA LEU C 533 26.77 -1.59 -21.85
C LEU C 533 27.28 -1.65 -20.45
N THR C 534 26.54 -1.05 -19.52
CA THR C 534 26.94 -1.07 -18.15
C THR C 534 26.14 -2.10 -17.42
N GLY C 535 26.42 -2.28 -16.11
CA GLY C 535 25.68 -3.22 -15.32
C GLY C 535 26.58 -3.80 -14.27
N THR C 536 26.01 -4.64 -13.38
CA THR C 536 26.81 -5.29 -12.37
C THR C 536 26.46 -6.74 -12.38
N GLY C 537 27.48 -7.63 -12.18
CA GLY C 537 27.20 -9.04 -12.19
C GLY C 537 28.49 -9.80 -12.06
N VAL C 538 28.42 -11.13 -12.26
CA VAL C 538 29.57 -11.98 -12.19
C VAL C 538 29.85 -12.42 -13.58
N LEU C 539 31.10 -12.24 -14.03
CA LEU C 539 31.36 -12.49 -15.40
C LEU C 539 32.13 -13.78 -15.47
N THR C 540 31.49 -14.84 -16.02
CA THR C 540 32.10 -16.14 -16.04
C THR C 540 32.16 -16.62 -17.45
N GLU C 541 32.94 -17.70 -17.69
CA GLU C 541 33.05 -18.24 -19.02
C GLU C 541 31.75 -18.91 -19.37
N SER C 542 31.33 -18.76 -20.64
CA SER C 542 30.07 -19.29 -21.09
C SER C 542 30.25 -20.51 -21.93
N ASN C 543 29.10 -21.13 -22.31
CA ASN C 543 29.07 -22.27 -23.18
C ASN C 543 28.13 -21.93 -24.31
N LYS C 544 27.98 -20.63 -24.62
CA LYS C 544 27.10 -20.18 -25.65
C LYS C 544 27.88 -20.21 -26.93
N LYS C 545 27.17 -20.33 -28.08
CA LYS C 545 27.89 -20.24 -29.31
C LYS C 545 27.35 -19.05 -30.07
N PHE C 546 28.15 -17.96 -30.06
CA PHE C 546 27.79 -16.72 -30.69
C PHE C 546 28.16 -16.74 -32.13
N LEU C 547 27.37 -16.02 -32.94
CA LEU C 547 27.60 -15.84 -34.33
C LEU C 547 28.59 -14.72 -34.44
N PRO C 548 29.39 -14.66 -35.48
CA PRO C 548 30.40 -13.64 -35.56
C PRO C 548 29.89 -12.25 -35.53
N PHE C 549 28.69 -12.00 -36.08
CA PHE C 549 28.11 -10.69 -36.13
C PHE C 549 27.54 -10.27 -34.81
N GLN C 550 27.19 -11.22 -33.91
CA GLN C 550 26.49 -10.87 -32.70
C GLN C 550 27.39 -10.48 -31.57
N GLN C 551 27.12 -9.29 -30.98
CA GLN C 551 27.82 -8.75 -29.84
C GLN C 551 27.38 -9.29 -28.51
N PHE C 552 26.05 -9.48 -28.29
CA PHE C 552 25.65 -9.94 -26.99
C PHE C 552 24.27 -10.53 -27.06
N GLY C 553 24.00 -11.48 -26.15
CA GLY C 553 22.73 -12.15 -26.11
C GLY C 553 21.81 -11.35 -25.23
N ARG C 554 20.58 -11.87 -25.03
CA ARG C 554 19.62 -11.23 -24.17
C ARG C 554 18.76 -12.29 -23.55
N ASP C 555 18.11 -11.94 -22.42
CA ASP C 555 17.22 -12.82 -21.72
C ASP C 555 15.82 -12.44 -22.15
N ILE C 556 14.81 -13.10 -21.55
CA ILE C 556 13.42 -12.83 -21.80
C ILE C 556 13.10 -11.46 -21.31
N ALA C 557 13.78 -11.06 -20.21
CA ALA C 557 13.65 -9.81 -19.52
C ALA C 557 14.08 -8.68 -20.42
N ASP C 558 14.86 -8.99 -21.46
CA ASP C 558 15.43 -8.00 -22.35
C ASP C 558 16.61 -7.41 -21.64
N THR C 559 17.13 -8.13 -20.63
CA THR C 559 18.35 -7.75 -19.97
C THR C 559 19.47 -8.50 -20.65
N THR C 560 20.73 -8.06 -20.44
CA THR C 560 21.87 -8.66 -21.11
C THR C 560 22.20 -9.99 -20.49
N ASP C 561 22.20 -11.07 -21.31
CA ASP C 561 22.60 -12.39 -20.90
C ASP C 561 24.07 -12.66 -21.02
N ALA C 562 24.66 -12.38 -22.20
CA ALA C 562 26.03 -12.76 -22.45
C ALA C 562 26.68 -11.64 -23.18
N VAL C 563 28.02 -11.53 -23.07
CA VAL C 563 28.67 -10.43 -23.71
C VAL C 563 29.95 -10.91 -24.32
N ARG C 564 30.37 -10.27 -25.42
CA ARG C 564 31.61 -10.61 -26.05
C ARG C 564 32.61 -9.57 -25.65
N ASP C 565 33.79 -10.00 -25.19
CA ASP C 565 34.82 -9.07 -24.81
C ASP C 565 35.30 -8.41 -26.08
N PRO C 566 35.34 -7.11 -26.13
CA PRO C 566 35.78 -6.46 -27.33
C PRO C 566 37.24 -6.70 -27.61
N GLN C 567 38.05 -6.89 -26.54
CA GLN C 567 39.46 -7.19 -26.64
C GLN C 567 39.68 -8.63 -27.02
N THR C 568 38.96 -9.55 -26.36
CA THR C 568 39.16 -10.96 -26.59
C THR C 568 37.90 -11.53 -27.14
N LEU C 569 38.02 -12.34 -28.21
CA LEU C 569 36.81 -12.87 -28.75
C LEU C 569 36.43 -14.02 -27.89
N GLU C 570 35.82 -13.73 -26.73
CA GLU C 570 35.37 -14.77 -25.85
C GLU C 570 34.01 -14.38 -25.39
N ILE C 571 33.18 -15.37 -25.00
CA ILE C 571 31.82 -15.10 -24.64
C ILE C 571 31.70 -15.27 -23.16
N LEU C 572 31.19 -14.23 -22.45
CA LEU C 572 31.07 -14.37 -21.04
C LEU C 572 29.64 -14.19 -20.62
N ASP C 573 29.21 -15.01 -19.63
CA ASP C 573 27.87 -14.98 -19.14
C ASP C 573 27.82 -14.07 -17.95
N ILE C 574 26.69 -13.35 -17.79
CA ILE C 574 26.61 -12.47 -16.66
C ILE C 574 25.52 -12.97 -15.77
N THR C 575 25.89 -13.34 -14.53
CA THR C 575 24.89 -13.73 -13.58
C THR C 575 24.91 -12.71 -12.51
N PRO C 576 23.74 -12.24 -12.16
CA PRO C 576 23.69 -11.20 -11.18
C PRO C 576 24.17 -11.65 -9.86
N CYS C 577 24.65 -10.68 -9.06
CA CYS C 577 25.26 -10.97 -7.79
C CYS C 577 24.27 -11.69 -6.93
N SER C 578 24.79 -12.61 -6.11
CA SER C 578 23.94 -13.40 -5.28
C SER C 578 23.29 -12.48 -4.30
N PHE C 579 21.96 -12.65 -4.11
CA PHE C 579 21.24 -11.84 -3.18
C PHE C 579 20.02 -12.60 -2.76
N GLY C 580 19.41 -12.20 -1.64
CA GLY C 580 18.22 -12.87 -1.18
C GLY C 580 17.76 -12.19 0.07
N GLY C 581 16.53 -12.50 0.50
CA GLY C 581 15.96 -11.84 1.64
C GLY C 581 16.62 -12.33 2.89
N VAL C 582 16.60 -11.48 3.93
CA VAL C 582 17.16 -11.82 5.21
C VAL C 582 16.02 -11.82 6.18
N SER C 583 15.96 -12.85 7.05
CA SER C 583 14.90 -12.94 8.00
C SER C 583 15.52 -13.17 9.35
N VAL C 584 14.88 -12.61 10.40
CA VAL C 584 15.42 -12.72 11.71
C VAL C 584 14.51 -13.63 12.50
N ILE C 585 15.07 -14.71 13.09
CA ILE C 585 14.28 -15.62 13.86
C ILE C 585 14.46 -15.18 15.28
N THR C 586 13.45 -14.47 15.83
CA THR C 586 13.61 -13.98 17.17
C THR C 586 12.72 -14.77 18.07
N PRO C 587 13.31 -15.36 19.07
CA PRO C 587 12.60 -16.17 20.02
C PRO C 587 11.63 -15.35 20.81
N GLY C 588 11.80 -14.01 20.83
CA GLY C 588 10.94 -13.16 21.60
C GLY C 588 11.78 -12.41 22.58
N THR C 589 11.62 -11.07 22.57
CA THR C 589 12.38 -10.19 23.39
C THR C 589 12.06 -10.49 24.82
N ASN C 590 10.81 -10.88 25.09
CA ASN C 590 10.48 -11.18 26.44
C ASN C 590 11.37 -12.30 26.87
N THR C 591 11.49 -13.36 26.04
CA THR C 591 12.30 -14.49 26.39
C THR C 591 13.80 -14.29 26.25
N SER C 592 14.31 -13.80 25.10
CA SER C 592 15.74 -13.68 24.96
C SER C 592 16.10 -12.71 23.87
N ASN C 593 17.34 -12.19 23.92
CA ASN C 593 17.93 -11.35 22.92
C ASN C 593 18.62 -12.11 21.82
N GLN C 594 19.15 -13.32 22.14
CA GLN C 594 19.90 -14.08 21.17
C GLN C 594 18.99 -14.42 20.04
N VAL C 595 19.46 -14.24 18.79
CA VAL C 595 18.58 -14.41 17.67
C VAL C 595 19.26 -15.26 16.63
N ALA C 596 18.54 -15.61 15.54
CA ALA C 596 19.08 -16.40 14.47
C ALA C 596 18.73 -15.71 13.19
N VAL C 597 19.66 -15.72 12.20
CA VAL C 597 19.39 -15.01 10.99
C VAL C 597 19.33 -15.97 9.84
N LEU C 598 18.38 -15.72 8.91
CA LEU C 598 18.22 -16.59 7.78
C LEU C 598 18.53 -15.81 6.55
N TYR C 599 19.36 -16.37 5.65
CA TYR C 599 19.64 -15.74 4.40
C TYR C 599 18.94 -16.58 3.38
N GLN C 600 17.90 -16.03 2.73
CA GLN C 600 17.10 -16.85 1.86
C GLN C 600 17.79 -17.12 0.56
N GLY C 601 17.72 -18.40 0.14
CA GLY C 601 18.18 -18.95 -1.09
C GLY C 601 19.57 -18.52 -1.38
N VAL C 602 20.48 -18.56 -0.38
CA VAL C 602 21.84 -18.20 -0.67
C VAL C 602 22.72 -19.28 -0.13
N ASN C 603 23.86 -19.49 -0.82
CA ASN C 603 24.83 -20.44 -0.39
C ASN C 603 25.57 -19.80 0.75
N CYS C 604 26.04 -20.63 1.70
CA CYS C 604 26.71 -20.16 2.88
C CYS C 604 28.02 -19.52 2.53
N THR C 605 28.64 -19.92 1.42
CA THR C 605 29.95 -19.45 1.08
C THR C 605 29.96 -17.96 0.97
N GLU C 606 28.88 -17.36 0.42
CA GLU C 606 28.77 -15.95 0.14
C GLU C 606 28.67 -15.07 1.37
N VAL C 607 28.23 -15.57 2.53
CA VAL C 607 28.01 -14.71 3.66
C VAL C 607 29.24 -13.94 4.12
N PRO C 608 30.43 -14.48 4.30
CA PRO C 608 31.56 -13.68 4.73
C PRO C 608 31.94 -12.55 3.81
N VAL C 609 31.74 -12.71 2.50
CA VAL C 609 32.15 -11.68 1.57
C VAL C 609 31.29 -10.47 1.76
N ALA C 610 29.99 -10.67 2.07
CA ALA C 610 29.12 -9.53 2.19
C ALA C 610 29.58 -8.67 3.32
N ILE C 611 29.82 -9.29 4.49
CA ILE C 611 30.28 -8.58 5.63
C ILE C 611 31.70 -8.20 5.37
N HIS C 612 32.12 -7.03 5.90
CA HIS C 612 33.45 -6.58 5.61
C HIS C 612 34.38 -7.28 6.56
N ALA C 613 34.62 -8.58 6.29
CA ALA C 613 35.48 -9.39 7.11
C ALA C 613 36.86 -8.83 7.05
N ASP C 614 37.28 -8.32 5.88
CA ASP C 614 38.62 -7.83 5.78
C ASP C 614 38.83 -6.66 6.70
N GLN C 615 37.87 -5.70 6.73
CA GLN C 615 37.95 -4.50 7.50
C GLN C 615 37.69 -4.66 8.97
N LEU C 616 36.69 -5.47 9.36
CA LEU C 616 36.21 -5.54 10.71
C LEU C 616 37.20 -6.13 11.67
N THR C 617 36.91 -5.93 12.98
CA THR C 617 37.75 -6.36 14.06
C THR C 617 37.66 -7.85 14.17
N PRO C 618 38.60 -8.41 14.88
CA PRO C 618 38.65 -9.84 15.05
C PRO C 618 37.51 -10.42 15.83
N THR C 619 36.75 -9.59 16.58
CA THR C 619 35.63 -10.11 17.29
C THR C 619 34.59 -10.51 16.31
N TRP C 620 34.45 -9.70 15.24
CA TRP C 620 33.53 -9.85 14.16
C TRP C 620 33.88 -11.06 13.35
N ARG C 621 35.16 -11.42 13.32
CA ARG C 621 35.67 -12.47 12.49
C ARG C 621 35.02 -13.78 12.82
N VAL C 622 34.81 -14.05 14.13
CA VAL C 622 34.24 -15.31 14.54
C VAL C 622 32.83 -15.44 14.03
N TYR C 623 32.08 -14.34 14.04
CA TYR C 623 30.68 -14.29 13.72
C TYR C 623 30.43 -14.70 12.30
N SER C 624 31.34 -14.38 11.37
CA SER C 624 31.13 -14.73 9.99
C SER C 624 31.42 -16.15 9.63
N THR C 625 32.47 -16.78 10.22
CA THR C 625 32.88 -18.10 9.81
C THR C 625 32.64 -19.13 10.87
N GLY C 626 33.26 -20.32 10.66
CA GLY C 626 33.25 -21.41 11.59
C GLY C 626 32.09 -22.31 11.34
N SER C 627 31.94 -23.30 12.24
CA SER C 627 30.82 -24.20 12.17
C SER C 627 29.71 -23.38 12.74
N ASN C 628 28.67 -24.04 13.27
CA ASN C 628 27.57 -23.29 13.77
C ASN C 628 26.94 -22.56 12.63
N VAL C 629 26.97 -23.20 11.45
CA VAL C 629 26.27 -22.68 10.30
C VAL C 629 25.56 -23.86 9.73
N PHE C 630 24.26 -23.71 9.43
CA PHE C 630 23.54 -24.84 8.91
C PHE C 630 22.98 -24.44 7.58
N GLN C 631 23.18 -25.29 6.56
CA GLN C 631 22.70 -24.99 5.24
C GLN C 631 21.40 -25.72 5.06
N THR C 632 20.39 -25.02 4.52
CA THR C 632 19.07 -25.56 4.34
C THR C 632 18.67 -25.26 2.93
N ARG C 633 17.55 -25.87 2.47
CA ARG C 633 17.06 -25.66 1.15
C ARG C 633 16.70 -24.21 1.02
N ALA C 634 16.10 -23.66 2.10
CA ALA C 634 15.61 -22.32 2.13
C ALA C 634 16.74 -21.35 1.97
N GLY C 635 17.94 -21.63 2.52
CA GLY C 635 19.02 -20.69 2.39
C GLY C 635 20.03 -21.02 3.44
N CYS C 636 20.93 -20.06 3.76
CA CYS C 636 21.94 -20.31 4.75
C CYS C 636 21.50 -19.72 6.05
N LEU C 637 21.46 -20.54 7.11
CA LEU C 637 21.00 -20.12 8.42
C LEU C 637 22.17 -20.11 9.36
N ILE C 638 22.32 -19.00 10.11
CA ILE C 638 23.42 -18.88 11.02
C ILE C 638 22.88 -18.62 12.38
N GLY C 639 23.61 -19.04 13.42
CA GLY C 639 23.23 -18.78 14.78
C GLY C 639 22.43 -19.93 15.30
N ALA C 640 22.07 -20.91 14.44
CA ALA C 640 21.24 -21.98 14.91
C ALA C 640 22.01 -23.26 14.85
N GLU C 641 21.78 -24.13 15.87
CA GLU C 641 22.42 -25.41 15.92
C GLU C 641 21.39 -26.43 15.54
N HIS C 642 21.69 -27.24 14.52
CA HIS C 642 20.76 -28.20 14.02
C HIS C 642 20.59 -29.30 15.03
N VAL C 643 19.38 -29.89 15.09
CA VAL C 643 19.20 -31.00 15.97
C VAL C 643 18.48 -32.10 15.24
N ASN C 644 18.95 -33.33 15.48
CA ASN C 644 18.47 -34.53 14.86
C ASN C 644 17.09 -34.86 15.37
N ASN C 645 16.82 -34.61 16.66
CA ASN C 645 15.55 -35.00 17.22
C ASN C 645 14.44 -34.22 16.57
N SER C 646 13.23 -34.81 16.55
CA SER C 646 12.14 -34.17 15.88
C SER C 646 11.23 -33.57 16.89
N TYR C 647 10.78 -32.32 16.60
CA TYR C 647 9.90 -31.57 17.46
C TYR C 647 8.81 -30.98 16.61
N GLU C 648 7.76 -30.46 17.27
CA GLU C 648 6.70 -29.80 16.58
C GLU C 648 7.25 -28.48 16.14
N CYS C 649 6.59 -27.82 15.15
CA CYS C 649 7.12 -26.61 14.57
C CYS C 649 6.58 -25.38 15.25
N ASP C 650 7.46 -24.66 15.98
CA ASP C 650 7.16 -23.40 16.60
C ASP C 650 7.21 -22.26 15.62
N ILE C 651 8.34 -22.12 14.88
CA ILE C 651 8.50 -21.06 13.93
C ILE C 651 8.99 -21.68 12.66
N PRO C 652 8.28 -21.48 11.57
CA PRO C 652 8.64 -22.10 10.31
C PRO C 652 9.82 -21.45 9.65
N ILE C 653 10.81 -22.26 9.22
CA ILE C 653 11.93 -21.81 8.43
C ILE C 653 11.68 -21.88 6.96
N GLY C 654 11.10 -23.01 6.49
CA GLY C 654 10.94 -23.29 5.09
C GLY C 654 11.53 -24.64 4.83
N ALA C 655 10.93 -25.39 3.89
CA ALA C 655 11.37 -26.71 3.52
C ALA C 655 11.31 -27.65 4.70
N GLY C 656 10.37 -27.43 5.63
CA GLY C 656 10.17 -28.39 6.69
C GLY C 656 11.05 -28.14 7.87
N ILE C 657 11.99 -27.17 7.77
CA ILE C 657 12.87 -26.89 8.88
C ILE C 657 12.18 -25.88 9.75
N CYS C 658 12.27 -26.05 11.09
CA CYS C 658 11.66 -25.09 11.96
C CYS C 658 12.62 -24.72 13.05
N ALA C 659 12.47 -23.50 13.60
CA ALA C 659 13.41 -23.01 14.59
C ALA C 659 12.70 -22.80 15.89
N SER C 660 13.42 -23.04 17.01
CA SER C 660 12.84 -22.86 18.30
C SER C 660 13.95 -22.58 19.26
N TYR C 661 13.58 -22.08 20.47
CA TYR C 661 14.54 -21.73 21.47
C TYR C 661 14.36 -22.73 22.56
N GLN C 662 15.42 -23.50 22.85
CA GLN C 662 15.24 -24.53 23.83
C GLN C 662 16.46 -24.58 24.66
N THR C 663 16.30 -25.12 25.88
CA THR C 663 17.44 -25.23 26.76
C THR C 663 17.65 -26.68 26.98
N GLN C 664 18.93 -27.08 27.02
CA GLN C 664 19.24 -28.46 27.28
C GLN C 664 19.08 -28.62 28.75
N THR C 665 19.30 -29.85 29.25
CA THR C 665 19.13 -30.06 30.66
C THR C 665 20.06 -29.12 31.35
N ASN C 666 19.63 -28.61 32.52
CA ASN C 666 20.41 -27.63 33.22
C ASN C 666 20.70 -28.18 34.58
N SER C 667 21.64 -27.53 35.28
CA SER C 667 21.96 -27.93 36.62
C SER C 667 20.89 -27.34 37.48
N PRO C 668 21.04 -27.46 38.77
CA PRO C 668 20.05 -26.90 39.64
C PRO C 668 20.09 -25.42 39.57
N GLY C 669 18.99 -24.74 39.93
CA GLY C 669 18.97 -23.31 39.80
C GLY C 669 19.72 -22.72 40.94
N SER C 670 20.96 -22.26 40.65
CA SER C 670 21.75 -21.57 41.62
C SER C 670 22.89 -20.98 40.87
N ALA C 671 23.54 -19.95 41.43
CA ALA C 671 24.62 -19.37 40.69
C ALA C 671 25.69 -20.40 40.58
N GLY C 672 26.09 -20.71 39.33
CA GLY C 672 27.14 -21.61 39.01
C GLY C 672 27.41 -21.40 37.56
N SER C 673 28.61 -21.81 37.08
CA SER C 673 28.88 -21.56 35.70
C SER C 673 28.42 -22.75 34.91
N VAL C 674 27.46 -22.52 34.01
CA VAL C 674 26.95 -23.56 33.15
C VAL C 674 26.50 -22.88 31.90
N ALA C 675 26.46 -23.63 30.78
CA ALA C 675 26.02 -23.03 29.55
C ALA C 675 24.75 -23.70 29.17
N SER C 676 23.76 -22.92 28.69
CA SER C 676 22.52 -23.51 28.29
C SER C 676 21.77 -22.50 27.47
N GLN C 677 20.61 -22.93 26.92
CA GLN C 677 19.75 -22.09 26.16
C GLN C 677 20.41 -21.70 24.88
N SER C 678 19.73 -21.98 23.75
CA SER C 678 20.27 -21.64 22.47
C SER C 678 19.17 -21.75 21.45
N ILE C 679 19.48 -21.40 20.18
CA ILE C 679 18.51 -21.45 19.12
C ILE C 679 18.81 -22.68 18.31
N ILE C 680 17.77 -23.50 18.06
CA ILE C 680 17.92 -24.73 17.36
C ILE C 680 17.03 -24.74 16.15
N ALA C 681 17.50 -25.38 15.05
CA ALA C 681 16.72 -25.58 13.87
C ALA C 681 16.66 -27.07 13.65
N TYR C 682 15.47 -27.61 13.35
CA TYR C 682 15.35 -29.04 13.23
C TYR C 682 14.36 -29.40 12.16
N THR C 683 14.22 -30.72 11.90
CA THR C 683 13.28 -31.18 10.93
C THR C 683 11.98 -31.27 11.64
N MET C 684 10.98 -30.50 11.19
CA MET C 684 9.76 -30.41 11.92
C MET C 684 9.04 -31.71 11.88
N SER C 685 8.36 -32.01 12.99
CA SER C 685 7.62 -33.23 13.08
C SER C 685 6.20 -32.92 12.77
N LEU C 686 5.63 -33.77 11.91
CA LEU C 686 4.24 -33.73 11.56
C LEU C 686 3.52 -34.05 12.83
N GLY C 687 4.19 -34.78 13.74
CA GLY C 687 3.59 -35.10 15.00
C GLY C 687 4.02 -36.49 15.35
N ALA C 688 3.31 -37.14 16.28
CA ALA C 688 3.72 -38.46 16.68
C ALA C 688 3.07 -39.45 15.78
N GLU C 689 3.88 -40.36 15.21
CA GLU C 689 3.38 -41.36 14.31
C GLU C 689 2.60 -42.37 15.11
N ASN C 690 1.44 -42.80 14.58
CA ASN C 690 0.66 -43.77 15.29
C ASN C 690 0.24 -44.85 14.32
N SER C 691 0.94 -46.00 14.33
CA SER C 691 0.55 -47.06 13.47
C SER C 691 -0.72 -47.63 14.03
N VAL C 692 -1.56 -48.22 13.17
CA VAL C 692 -2.83 -48.72 13.65
C VAL C 692 -2.89 -50.20 13.49
N ALA C 693 -3.42 -50.91 14.50
CA ALA C 693 -3.46 -52.34 14.39
C ALA C 693 -4.68 -52.70 13.61
N TYR C 694 -4.54 -52.69 12.27
CA TYR C 694 -5.57 -53.06 11.35
C TYR C 694 -5.62 -54.55 11.40
N SER C 695 -6.83 -55.14 11.28
CA SER C 695 -6.85 -56.56 11.39
C SER C 695 -8.01 -57.12 10.63
N ASN C 696 -8.08 -58.47 10.63
CA ASN C 696 -9.14 -59.18 10.00
C ASN C 696 -10.43 -58.91 10.72
N ASN C 697 -10.45 -59.09 12.06
CA ASN C 697 -11.72 -58.98 12.72
C ASN C 697 -11.63 -58.35 14.08
N SER C 698 -11.08 -57.12 14.17
CA SER C 698 -11.03 -56.52 15.47
C SER C 698 -11.65 -55.17 15.34
N ILE C 699 -12.30 -54.70 16.42
CA ILE C 699 -12.85 -53.39 16.37
C ILE C 699 -12.50 -52.68 17.63
N ALA C 700 -12.31 -51.36 17.53
CA ALA C 700 -12.10 -50.56 18.70
C ALA C 700 -13.41 -49.87 18.91
N ILE C 701 -14.04 -50.09 20.08
CA ILE C 701 -15.30 -49.49 20.40
C ILE C 701 -15.09 -48.72 21.68
N PRO C 702 -15.31 -47.43 21.69
CA PRO C 702 -15.06 -46.61 22.85
C PRO C 702 -15.89 -46.96 24.04
N THR C 703 -15.27 -47.12 25.23
CA THR C 703 -15.94 -47.36 26.48
C THR C 703 -16.45 -46.07 27.09
N ASN C 704 -15.66 -44.98 26.95
CA ASN C 704 -16.00 -43.74 27.61
C ASN C 704 -15.79 -42.61 26.64
N PHE C 705 -16.43 -41.44 26.91
CA PHE C 705 -16.31 -40.35 25.98
C PHE C 705 -16.05 -39.09 26.73
N THR C 706 -15.97 -37.97 25.99
CA THR C 706 -15.74 -36.70 26.61
C THR C 706 -16.58 -35.68 25.93
N ILE C 707 -17.18 -34.76 26.71
CA ILE C 707 -17.89 -33.67 26.11
C ILE C 707 -17.03 -32.48 26.33
N SER C 708 -16.23 -32.15 25.30
CA SER C 708 -15.32 -31.04 25.37
C SER C 708 -15.96 -29.87 24.73
N VAL C 709 -15.25 -28.71 24.72
CA VAL C 709 -15.74 -27.53 24.09
C VAL C 709 -14.56 -26.80 23.53
N THR C 710 -14.72 -26.22 22.31
CA THR C 710 -13.65 -25.52 21.67
C THR C 710 -14.20 -24.15 21.34
N THR C 711 -13.33 -23.23 20.89
CA THR C 711 -13.83 -21.93 20.52
C THR C 711 -13.45 -21.67 19.09
N GLU C 712 -14.42 -21.17 18.29
CA GLU C 712 -14.14 -20.82 16.93
C GLU C 712 -14.45 -19.37 16.80
N ILE C 713 -13.50 -18.57 16.26
CA ILE C 713 -13.74 -17.16 16.17
C ILE C 713 -13.70 -16.75 14.73
N LEU C 714 -14.74 -15.99 14.29
CA LEU C 714 -14.83 -15.54 12.92
C LEU C 714 -15.14 -14.06 12.94
N PRO C 715 -14.64 -13.31 11.98
CA PRO C 715 -15.02 -11.92 11.91
C PRO C 715 -16.40 -11.82 11.31
N VAL C 716 -17.29 -10.92 11.81
CA VAL C 716 -18.54 -10.65 11.14
C VAL C 716 -18.55 -9.40 10.30
N SER C 717 -18.09 -8.26 10.87
CA SER C 717 -18.24 -6.99 10.22
C SER C 717 -16.99 -6.21 10.39
N MET C 718 -16.88 -5.11 9.62
CA MET C 718 -15.72 -4.26 9.73
C MET C 718 -16.18 -2.92 10.21
N THR C 719 -15.23 -1.99 10.41
CA THR C 719 -15.59 -0.68 10.87
C THR C 719 -16.06 0.07 9.68
N LYS C 720 -17.30 0.61 9.78
CA LYS C 720 -17.98 1.28 8.71
C LYS C 720 -17.26 2.56 8.42
N THR C 721 -16.13 2.50 7.70
CA THR C 721 -15.38 3.68 7.43
C THR C 721 -15.97 4.39 6.25
N SER C 722 -15.95 5.73 6.28
CA SER C 722 -16.43 6.55 5.20
C SER C 722 -15.39 7.61 4.99
N VAL C 723 -15.13 7.98 3.72
CA VAL C 723 -14.14 8.98 3.46
C VAL C 723 -14.66 9.93 2.44
N ASP C 724 -14.40 11.24 2.66
CA ASP C 724 -14.79 12.26 1.73
C ASP C 724 -13.59 12.53 0.89
N CYS C 725 -13.77 12.40 -0.44
CA CYS C 725 -12.74 12.59 -1.41
C CYS C 725 -12.28 14.01 -1.36
N THR C 726 -13.24 14.95 -1.36
CA THR C 726 -12.93 16.34 -1.51
C THR C 726 -12.07 16.81 -0.38
N MET C 727 -12.44 16.49 0.86
CA MET C 727 -11.65 16.94 1.98
C MET C 727 -10.33 16.24 1.96
N TYR C 728 -10.34 14.92 1.67
CA TYR C 728 -9.12 14.17 1.72
C TYR C 728 -8.17 14.70 0.70
N ILE C 729 -8.63 14.85 -0.56
CA ILE C 729 -7.75 15.32 -1.60
C ILE C 729 -7.52 16.81 -1.56
N CYS C 730 -8.62 17.55 -1.55
CA CYS C 730 -8.70 18.99 -1.59
C CYS C 730 -8.81 19.74 -0.30
N GLY C 731 -9.08 19.10 0.86
CA GLY C 731 -9.36 19.69 2.17
C GLY C 731 -9.27 21.20 2.22
N ASP C 732 -10.44 21.87 2.12
CA ASP C 732 -10.59 23.31 2.20
C ASP C 732 -9.68 24.03 1.24
N SER C 733 -9.75 23.71 -0.06
CA SER C 733 -8.96 24.47 -1.00
C SER C 733 -9.78 24.63 -2.25
N THR C 734 -10.19 25.88 -2.56
CA THR C 734 -10.99 26.11 -3.72
C THR C 734 -10.17 25.87 -4.95
N GLU C 735 -8.89 26.27 -4.91
CA GLU C 735 -8.03 26.12 -6.04
C GLU C 735 -7.84 24.66 -6.31
N CYS C 736 -7.83 23.83 -5.25
CA CYS C 736 -7.67 22.40 -5.39
C CYS C 736 -8.87 21.74 -6.02
N SER C 737 -10.08 22.00 -5.50
CA SER C 737 -11.27 21.30 -5.89
C SER C 737 -11.50 21.48 -7.35
N ASN C 738 -11.12 22.64 -7.89
CA ASN C 738 -11.35 22.89 -9.28
C ASN C 738 -10.58 21.87 -10.06
N LEU C 739 -9.34 21.58 -9.62
CA LEU C 739 -8.47 20.64 -10.29
C LEU C 739 -9.03 19.26 -10.19
N LEU C 740 -9.73 18.95 -9.07
CA LEU C 740 -10.27 17.64 -8.86
C LEU C 740 -11.39 17.35 -9.81
N LEU C 741 -12.17 18.39 -10.19
CA LEU C 741 -13.32 18.23 -11.04
C LEU C 741 -12.91 17.68 -12.37
N GLN C 742 -11.70 18.05 -12.84
CA GLN C 742 -11.17 17.66 -14.13
C GLN C 742 -11.11 16.16 -14.18
N TYR C 743 -10.92 15.53 -13.02
CA TYR C 743 -10.86 14.11 -12.79
C TYR C 743 -12.17 13.45 -13.07
N GLY C 744 -13.27 14.22 -13.08
CA GLY C 744 -14.50 13.58 -13.42
C GLY C 744 -15.05 12.90 -12.21
N SER C 745 -15.57 11.67 -12.42
CA SER C 745 -16.32 10.86 -11.51
C SER C 745 -15.50 10.01 -10.54
N PHE C 746 -14.19 10.22 -10.38
CA PHE C 746 -13.46 9.31 -9.51
C PHE C 746 -14.03 9.31 -8.11
N CYS C 747 -14.27 10.50 -7.52
CA CYS C 747 -14.71 10.55 -6.16
C CYS C 747 -16.05 9.90 -5.97
N THR C 748 -17.02 10.20 -6.85
CA THR C 748 -18.37 9.75 -6.63
C THR C 748 -18.38 8.26 -6.54
N GLN C 749 -17.60 7.58 -7.39
CA GLN C 749 -17.59 6.16 -7.35
C GLN C 749 -16.93 5.69 -6.08
N LEU C 750 -15.82 6.33 -5.66
CA LEU C 750 -15.10 5.88 -4.50
C LEU C 750 -15.99 6.00 -3.30
N ASN C 751 -16.66 7.16 -3.15
CA ASN C 751 -17.50 7.38 -2.01
C ASN C 751 -18.60 6.37 -2.07
N ARG C 752 -19.09 6.09 -3.29
CA ARG C 752 -20.15 5.13 -3.51
C ARG C 752 -19.66 3.77 -3.10
N ALA C 753 -18.40 3.44 -3.43
CA ALA C 753 -17.89 2.13 -3.18
C ALA C 753 -17.85 1.84 -1.71
N LEU C 754 -17.33 2.78 -0.91
CA LEU C 754 -17.19 2.58 0.51
C LEU C 754 -18.56 2.48 1.12
N THR C 755 -19.50 3.32 0.63
CA THR C 755 -20.82 3.31 1.18
C THR C 755 -21.43 1.96 0.95
N GLY C 756 -21.16 1.38 -0.23
CA GLY C 756 -21.70 0.08 -0.53
C GLY C 756 -21.17 -0.89 0.46
N ILE C 757 -19.88 -0.72 0.85
CA ILE C 757 -19.28 -1.59 1.80
C ILE C 757 -19.98 -1.42 3.11
N ALA C 758 -20.30 -0.17 3.49
CA ALA C 758 -20.85 0.09 4.80
C ALA C 758 -22.14 -0.63 4.98
N VAL C 759 -23.03 -0.56 3.97
CA VAL C 759 -24.32 -1.19 4.07
C VAL C 759 -24.13 -2.67 4.19
N GLU C 760 -23.13 -3.21 3.48
CA GLU C 760 -22.92 -4.63 3.47
C GLU C 760 -22.63 -5.09 4.86
N GLN C 761 -21.84 -4.32 5.65
CA GLN C 761 -21.54 -4.75 6.98
C GLN C 761 -22.80 -4.86 7.78
N ASP C 762 -23.70 -3.87 7.63
CA ASP C 762 -24.93 -3.90 8.37
C ASP C 762 -25.69 -5.11 7.94
N LYS C 763 -25.62 -5.42 6.63
CA LYS C 763 -26.29 -6.57 6.10
C LYS C 763 -25.68 -7.80 6.73
N ASN C 764 -24.34 -7.78 6.92
CA ASN C 764 -23.71 -8.93 7.47
C ASN C 764 -24.23 -9.19 8.86
N THR C 765 -24.28 -8.15 9.71
CA THR C 765 -24.69 -8.33 11.07
C THR C 765 -26.12 -8.78 11.14
N GLN C 766 -26.98 -8.26 10.27
CA GLN C 766 -28.37 -8.65 10.33
C GLN C 766 -28.47 -10.11 10.03
N GLU C 767 -27.81 -10.56 8.95
CA GLU C 767 -27.90 -11.92 8.48
C GLU C 767 -27.33 -12.84 9.51
N VAL C 768 -26.22 -12.44 10.15
CA VAL C 768 -25.63 -13.35 11.08
C VAL C 768 -26.49 -13.52 12.32
N PHE C 769 -26.79 -12.42 13.04
CA PHE C 769 -27.52 -12.44 14.29
C PHE C 769 -29.02 -12.60 14.19
N ALA C 770 -29.64 -11.82 13.28
CA ALA C 770 -31.05 -11.57 13.07
C ALA C 770 -31.84 -12.75 12.63
N GLN C 771 -31.26 -13.95 12.66
CA GLN C 771 -31.88 -15.18 12.21
C GLN C 771 -33.22 -15.40 12.87
N VAL C 772 -33.48 -14.84 14.07
CA VAL C 772 -34.74 -15.11 14.74
C VAL C 772 -35.64 -13.90 14.75
N LYS C 773 -36.96 -14.12 14.49
CA LYS C 773 -37.91 -13.03 14.46
C LYS C 773 -38.19 -12.48 15.83
N GLN C 774 -38.64 -13.34 16.76
CA GLN C 774 -39.05 -12.91 18.06
C GLN C 774 -37.88 -12.98 18.98
N ILE C 775 -37.85 -12.08 19.99
CA ILE C 775 -36.73 -12.04 20.89
C ILE C 775 -37.14 -12.72 22.15
N TYR C 776 -36.46 -13.84 22.46
CA TYR C 776 -36.78 -14.68 23.58
C TYR C 776 -35.98 -14.24 24.78
N LYS C 777 -36.56 -14.44 25.98
CA LYS C 777 -35.92 -14.13 27.23
C LYS C 777 -36.03 -15.35 28.09
N THR C 778 -35.01 -15.62 28.93
CA THR C 778 -35.02 -16.81 29.73
C THR C 778 -35.90 -16.59 30.93
N PRO C 779 -36.47 -17.66 31.40
CA PRO C 779 -37.34 -17.63 32.56
C PRO C 779 -36.50 -17.51 33.80
N PRO C 780 -37.10 -17.11 34.88
CA PRO C 780 -36.37 -16.94 36.11
C PRO C 780 -35.82 -18.22 36.66
N ILE C 781 -36.32 -19.39 36.23
CA ILE C 781 -35.82 -20.62 36.76
C ILE C 781 -34.81 -21.19 35.81
N LYS C 782 -33.61 -21.44 36.35
CA LYS C 782 -32.42 -21.97 35.74
C LYS C 782 -32.34 -23.46 35.61
N ASP C 783 -33.25 -24.25 36.21
CA ASP C 783 -33.15 -25.71 36.27
C ASP C 783 -32.94 -26.35 34.93
N PHE C 784 -31.69 -26.36 34.44
CA PHE C 784 -31.45 -26.92 33.15
C PHE C 784 -30.82 -28.25 33.31
N GLY C 785 -31.53 -29.18 33.95
CA GLY C 785 -31.09 -30.55 34.03
C GLY C 785 -29.73 -30.65 34.64
N GLY C 786 -29.26 -29.59 35.33
CA GLY C 786 -27.96 -29.67 35.95
C GLY C 786 -26.96 -28.92 35.12
N PHE C 787 -27.29 -28.64 33.84
CA PHE C 787 -26.38 -27.91 32.99
C PHE C 787 -26.30 -26.52 33.53
N ASN C 788 -25.07 -25.97 33.62
CA ASN C 788 -24.83 -24.69 34.22
C ASN C 788 -24.47 -23.69 33.15
N PHE C 789 -25.47 -22.91 32.71
CA PHE C 789 -25.49 -21.87 31.72
C PHE C 789 -25.08 -20.51 32.23
N SER C 790 -25.03 -20.30 33.55
CA SER C 790 -24.93 -19.00 34.15
C SER C 790 -23.87 -18.15 33.51
N GLN C 791 -22.75 -18.72 33.05
CA GLN C 791 -21.74 -17.90 32.45
C GLN C 791 -22.20 -17.33 31.12
N ILE C 792 -22.86 -18.15 30.29
CA ILE C 792 -23.31 -17.79 28.97
C ILE C 792 -24.47 -16.83 28.92
N LEU C 793 -25.44 -16.93 29.85
CA LEU C 793 -26.59 -16.05 29.80
C LEU C 793 -26.17 -14.66 30.16
N PRO C 794 -26.90 -13.69 29.64
CA PRO C 794 -26.66 -12.31 29.94
C PRO C 794 -26.84 -12.12 31.41
N ASP C 795 -26.09 -11.19 32.03
CA ASP C 795 -26.20 -11.02 33.44
C ASP C 795 -26.99 -9.77 33.70
N PRO C 796 -28.26 -9.92 33.99
CA PRO C 796 -29.06 -8.78 34.36
C PRO C 796 -28.35 -8.20 35.53
N SER C 797 -27.85 -6.95 35.41
CA SER C 797 -27.10 -6.34 36.47
C SER C 797 -26.23 -5.33 35.81
N LYS C 798 -25.06 -5.83 35.34
CA LYS C 798 -24.05 -5.04 34.71
C LYS C 798 -24.69 -4.24 33.64
N PRO C 799 -24.10 -3.11 33.39
CA PRO C 799 -24.58 -2.21 32.38
C PRO C 799 -24.59 -3.05 31.15
N SER C 800 -25.65 -2.92 30.31
CA SER C 800 -25.77 -3.76 29.17
C SER C 800 -26.06 -5.13 29.70
N LYS C 801 -27.15 -5.75 29.21
CA LYS C 801 -27.44 -7.05 29.71
C LYS C 801 -26.65 -7.99 28.86
N ARG C 802 -25.38 -8.17 29.25
CA ARG C 802 -24.43 -8.95 28.51
C ARG C 802 -24.00 -10.07 29.41
N SER C 803 -23.40 -11.11 28.79
CA SER C 803 -22.97 -12.29 29.50
C SER C 803 -21.62 -12.11 30.06
N PHE C 804 -21.22 -13.03 30.96
CA PHE C 804 -19.92 -12.97 31.58
C PHE C 804 -18.84 -13.31 30.61
N ILE C 805 -18.97 -14.45 29.89
CA ILE C 805 -17.89 -14.89 29.05
C ILE C 805 -17.63 -13.88 27.98
N GLU C 806 -18.70 -13.33 27.39
CA GLU C 806 -18.53 -12.35 26.36
C GLU C 806 -17.93 -11.10 26.92
N ASP C 807 -18.19 -10.80 28.20
CA ASP C 807 -17.71 -9.58 28.78
C ASP C 807 -16.21 -9.56 28.66
N LEU C 808 -15.55 -10.71 28.90
CA LEU C 808 -14.12 -10.72 28.78
C LEU C 808 -13.78 -10.44 27.35
N LEU C 809 -14.60 -10.94 26.41
CA LEU C 809 -14.29 -10.80 25.01
C LEU C 809 -14.19 -9.36 24.62
N PHE C 810 -15.09 -8.50 25.14
CA PHE C 810 -15.02 -7.10 24.81
C PHE C 810 -13.74 -6.55 25.37
N ASN C 811 -13.33 -7.04 26.55
CA ASN C 811 -12.18 -6.52 27.24
C ASN C 811 -10.89 -6.77 26.49
N LYS C 812 -10.76 -7.94 25.85
CA LYS C 812 -9.56 -8.34 25.15
C LYS C 812 -9.29 -7.52 23.92
N VAL C 813 -10.32 -6.89 23.32
CA VAL C 813 -10.15 -6.21 22.07
C VAL C 813 -9.94 -4.73 22.25
N THR C 814 -9.40 -4.08 21.21
CA THR C 814 -9.17 -2.66 21.26
C THR C 814 -10.27 -1.97 20.51
N LEU C 815 -11.18 -1.30 21.25
CA LEU C 815 -12.28 -0.59 20.64
C LEU C 815 -11.70 0.66 20.06
N ALA C 816 -12.12 1.02 18.83
CA ALA C 816 -11.54 2.18 18.22
C ALA C 816 -11.87 3.39 19.03
N ASP C 817 -13.16 3.54 19.41
CA ASP C 817 -13.58 4.69 20.15
C ASP C 817 -14.97 4.37 20.61
N ALA C 818 -15.51 5.16 21.56
CA ALA C 818 -16.86 4.93 21.97
C ALA C 818 -17.44 6.23 22.46
N GLY C 819 -18.78 6.37 22.36
CA GLY C 819 -19.46 7.54 22.85
C GLY C 819 -19.88 8.41 21.71
N PHE C 820 -19.06 8.46 20.65
CA PHE C 820 -19.37 9.23 19.46
C PHE C 820 -19.48 10.68 19.77
N ILE C 821 -18.93 11.18 20.89
CA ILE C 821 -19.01 12.59 21.09
C ILE C 821 -17.64 13.06 21.50
N LYS C 822 -17.07 14.03 20.78
CA LYS C 822 -15.76 14.53 21.12
C LYS C 822 -15.86 16.01 21.24
N GLN C 823 -15.30 16.58 22.33
CA GLN C 823 -15.40 17.99 22.56
C GLN C 823 -14.59 18.67 21.53
N TYR C 824 -15.24 19.59 20.80
CA TYR C 824 -14.57 20.25 19.74
C TYR C 824 -13.43 20.97 20.35
N GLY C 825 -13.67 21.92 21.27
CA GLY C 825 -12.62 22.81 21.69
C GLY C 825 -11.45 22.08 22.21
N ASP C 826 -11.74 21.00 22.99
CA ASP C 826 -10.79 20.20 23.71
C ASP C 826 -9.77 19.85 22.73
N CYS C 827 -10.28 19.63 21.53
CA CYS C 827 -9.39 19.34 20.56
C CYS C 827 -8.40 20.31 20.08
N LEU C 828 -8.39 21.71 19.54
CA LEU C 828 -7.51 22.74 18.60
C LEU C 828 -5.98 23.40 18.72
N GLY C 829 -4.86 22.80 18.01
CA GLY C 829 -3.35 22.82 17.93
C GLY C 829 -2.52 21.52 17.36
N ASP C 830 -1.23 21.19 17.82
CA ASP C 830 -0.23 19.98 17.91
C ASP C 830 -0.24 18.56 18.90
N ILE C 831 -0.89 18.31 20.19
CA ILE C 831 -1.48 17.24 21.15
C ILE C 831 -2.80 16.36 20.95
N ALA C 832 -3.93 16.85 20.39
CA ALA C 832 -5.22 16.20 20.14
C ALA C 832 -5.14 14.98 19.28
N ALA C 833 -4.22 14.98 18.34
CA ALA C 833 -3.86 13.89 17.51
C ALA C 833 -3.12 12.89 18.32
N ARG C 834 -2.79 13.27 19.56
CA ARG C 834 -2.41 12.20 20.42
C ARG C 834 -3.67 11.38 20.38
N ASP C 835 -4.84 12.06 20.38
CA ASP C 835 -6.10 11.40 20.20
C ASP C 835 -6.26 11.19 18.71
N LEU C 836 -6.03 9.94 18.27
CA LEU C 836 -5.97 9.55 16.88
C LEU C 836 -7.29 9.74 16.20
N ILE C 837 -8.41 9.46 16.89
CA ILE C 837 -9.69 9.56 16.25
C ILE C 837 -9.95 10.99 15.89
N CYS C 838 -9.58 11.93 16.78
CA CYS C 838 -9.83 13.34 16.59
C CYS C 838 -9.09 13.75 15.35
N ALA C 839 -7.84 13.28 15.22
CA ALA C 839 -7.06 13.63 14.07
C ALA C 839 -7.75 13.13 12.85
N GLN C 840 -8.33 11.92 12.93
CA GLN C 840 -9.02 11.34 11.82
C GLN C 840 -10.18 12.22 11.50
N LYS C 841 -10.80 12.78 12.55
CA LYS C 841 -11.95 13.63 12.38
C LYS C 841 -11.50 14.76 11.53
N PHE C 842 -10.24 15.19 11.70
CA PHE C 842 -9.75 16.29 10.93
C PHE C 842 -9.77 16.05 9.43
N ASN C 843 -9.25 14.90 8.91
CA ASN C 843 -9.03 14.76 7.48
C ASN C 843 -10.11 14.02 6.76
N GLY C 844 -11.37 14.30 7.10
CA GLY C 844 -12.46 13.76 6.34
C GLY C 844 -12.70 12.32 6.67
N LEU C 845 -11.91 11.74 7.57
CA LEU C 845 -12.13 10.34 7.84
C LEU C 845 -13.14 10.26 8.93
N THR C 846 -14.29 9.63 8.62
CA THR C 846 -15.36 9.53 9.58
C THR C 846 -15.65 8.09 9.80
N VAL C 847 -16.16 7.75 11.00
CA VAL C 847 -16.53 6.39 11.27
C VAL C 847 -17.99 6.39 11.51
N LEU C 848 -18.75 5.70 10.62
CA LEU C 848 -20.16 5.63 10.81
C LEU C 848 -20.40 4.63 11.89
N PRO C 849 -21.42 4.83 12.69
CA PRO C 849 -21.72 3.89 13.72
C PRO C 849 -22.44 2.70 13.17
N PRO C 850 -22.40 1.59 13.85
CA PRO C 850 -23.11 0.41 13.41
C PRO C 850 -24.57 0.57 13.66
N LEU C 851 -25.42 0.05 12.76
CA LEU C 851 -26.85 0.19 12.91
C LEU C 851 -27.29 -0.57 14.12
N LEU C 852 -26.76 -1.80 14.32
CA LEU C 852 -27.20 -2.58 15.45
C LEU C 852 -26.24 -2.30 16.57
N THR C 853 -26.74 -1.69 17.65
CA THR C 853 -25.91 -1.30 18.75
C THR C 853 -25.49 -2.51 19.52
N ASP C 854 -24.45 -2.34 20.35
CA ASP C 854 -23.88 -3.43 21.11
C ASP C 854 -24.94 -3.98 22.02
N GLU C 855 -25.72 -3.09 22.64
CA GLU C 855 -26.74 -3.57 23.54
C GLU C 855 -27.69 -4.37 22.72
N MET C 856 -28.00 -3.89 21.51
CA MET C 856 -28.93 -4.58 20.66
C MET C 856 -28.36 -5.91 20.29
N ILE C 857 -27.05 -5.96 19.99
CA ILE C 857 -26.45 -7.19 19.56
C ILE C 857 -26.55 -8.21 20.64
N ALA C 858 -26.40 -7.82 21.91
CA ALA C 858 -26.44 -8.76 23.00
C ALA C 858 -27.78 -9.43 23.05
N GLN C 859 -28.86 -8.68 22.79
CA GLN C 859 -30.19 -9.22 22.91
C GLN C 859 -30.34 -10.37 21.96
N TYR C 860 -29.82 -10.23 20.73
CA TYR C 860 -29.94 -11.30 19.78
C TYR C 860 -29.24 -12.49 20.36
N THR C 861 -28.03 -12.27 20.86
CA THR C 861 -27.18 -13.31 21.36
C THR C 861 -27.86 -13.94 22.51
N SER C 862 -28.64 -13.14 23.26
CA SER C 862 -29.42 -13.67 24.34
C SER C 862 -30.51 -14.54 23.78
N ALA C 863 -31.21 -14.03 22.74
CA ALA C 863 -32.34 -14.74 22.17
C ALA C 863 -31.92 -16.01 21.51
N LEU C 864 -30.90 -15.94 20.64
CA LEU C 864 -30.45 -17.07 19.87
C LEU C 864 -30.08 -18.12 20.85
N LEU C 865 -29.52 -17.68 21.99
CA LEU C 865 -29.17 -18.55 23.06
C LEU C 865 -30.41 -19.06 23.75
N ALA C 866 -31.41 -18.19 23.94
CA ALA C 866 -32.58 -18.54 24.71
C ALA C 866 -33.39 -19.62 24.07
N GLY C 867 -33.68 -19.49 22.77
CA GLY C 867 -34.47 -20.47 22.07
C GLY C 867 -33.70 -21.74 22.00
N THR C 868 -32.37 -21.64 21.82
CA THR C 868 -31.61 -22.85 21.71
C THR C 868 -31.73 -23.62 22.98
N ILE C 869 -31.71 -22.95 24.15
CA ILE C 869 -31.77 -23.71 25.36
C ILE C 869 -33.12 -24.32 25.60
N THR C 870 -34.18 -23.50 25.66
CA THR C 870 -35.46 -24.01 26.04
C THR C 870 -36.24 -24.71 24.96
N SER C 871 -36.13 -24.27 23.69
CA SER C 871 -36.93 -24.82 22.62
C SER C 871 -36.28 -25.86 21.75
N GLY C 872 -34.95 -26.08 21.84
CA GLY C 872 -34.37 -26.99 20.90
C GLY C 872 -34.17 -26.26 19.60
N TRP C 873 -34.11 -27.01 18.49
CA TRP C 873 -33.92 -26.55 17.13
C TRP C 873 -35.15 -25.90 16.56
N THR C 874 -36.33 -26.16 17.14
CA THR C 874 -37.59 -25.78 16.56
C THR C 874 -37.69 -24.29 16.32
N PHE C 875 -36.95 -23.46 17.07
CA PHE C 875 -37.11 -22.04 16.95
C PHE C 875 -36.67 -21.55 15.59
N GLY C 876 -35.78 -22.30 14.90
CA GLY C 876 -35.38 -21.93 13.57
C GLY C 876 -36.50 -22.09 12.57
N ALA C 877 -37.25 -23.21 12.69
CA ALA C 877 -38.31 -23.56 11.78
C ALA C 877 -39.50 -22.64 11.87
N GLY C 878 -39.89 -22.24 13.09
CA GLY C 878 -41.10 -21.46 13.22
C GLY C 878 -41.29 -21.13 14.67
N ALA C 879 -42.50 -21.42 15.20
CA ALA C 879 -42.77 -21.12 16.58
C ALA C 879 -41.89 -21.98 17.44
N ALA C 880 -41.22 -21.36 18.42
CA ALA C 880 -40.35 -22.06 19.32
C ALA C 880 -41.22 -22.84 20.26
N LEU C 881 -40.82 -24.11 20.52
CA LEU C 881 -41.61 -24.97 21.36
C LEU C 881 -40.79 -25.30 22.56
N GLN C 882 -41.33 -25.00 23.76
CA GLN C 882 -40.57 -25.26 24.95
C GLN C 882 -40.39 -26.73 25.15
N ILE C 883 -39.13 -27.14 25.39
CA ILE C 883 -38.82 -28.51 25.69
C ILE C 883 -37.76 -28.50 26.77
N PRO C 884 -37.91 -29.32 27.78
CA PRO C 884 -36.96 -29.39 28.86
C PRO C 884 -35.61 -29.73 28.29
N PHE C 885 -34.55 -29.16 28.86
CA PHE C 885 -33.22 -29.22 28.32
C PHE C 885 -32.71 -30.63 28.27
N ALA C 886 -32.96 -31.42 29.33
CA ALA C 886 -32.45 -32.77 29.40
C ALA C 886 -32.99 -33.53 28.23
N MET C 887 -34.22 -33.21 27.79
CA MET C 887 -34.80 -33.88 26.67
C MET C 887 -34.02 -33.55 25.42
N GLN C 888 -33.54 -32.30 25.30
CA GLN C 888 -32.88 -31.85 24.08
C GLN C 888 -31.66 -32.65 23.82
N MET C 889 -30.87 -32.95 24.85
CA MET C 889 -29.67 -33.71 24.66
C MET C 889 -30.06 -35.06 24.17
N ALA C 890 -31.19 -35.61 24.62
CA ALA C 890 -31.58 -36.91 24.17
C ALA C 890 -31.72 -36.83 22.68
N TYR C 891 -32.29 -35.73 22.16
CA TYR C 891 -32.37 -35.55 20.74
C TYR C 891 -30.99 -35.38 20.19
N ARG C 892 -30.17 -34.51 20.83
CA ARG C 892 -28.88 -34.16 20.28
C ARG C 892 -27.97 -35.35 20.22
N PHE C 893 -28.02 -36.23 21.22
CA PHE C 893 -27.26 -37.44 21.19
C PHE C 893 -27.82 -38.28 20.09
N ASN C 894 -29.14 -38.18 19.86
CA ASN C 894 -29.77 -38.94 18.83
C ASN C 894 -29.18 -38.51 17.52
N GLY C 895 -28.74 -37.24 17.42
CA GLY C 895 -28.18 -36.66 16.23
C GLY C 895 -26.88 -37.29 15.79
N ILE C 896 -26.03 -37.68 16.76
CA ILE C 896 -24.75 -38.32 16.55
C ILE C 896 -24.83 -39.81 16.32
N GLY C 897 -25.89 -40.50 16.78
CA GLY C 897 -25.89 -41.93 16.62
C GLY C 897 -25.64 -42.56 17.95
N VAL C 898 -25.92 -41.82 19.03
CA VAL C 898 -25.85 -42.38 20.35
C VAL C 898 -27.24 -42.26 20.90
N THR C 899 -27.83 -43.37 21.35
CA THR C 899 -29.20 -43.32 21.77
C THR C 899 -29.27 -42.54 23.05
N GLN C 900 -30.48 -42.08 23.37
CA GLN C 900 -30.87 -41.24 24.47
C GLN C 900 -30.41 -41.85 25.75
N ASN C 901 -30.35 -43.19 25.82
CA ASN C 901 -30.05 -43.85 27.05
C ASN C 901 -28.73 -43.42 27.58
N VAL C 902 -27.78 -43.01 26.70
CA VAL C 902 -26.51 -42.58 27.19
C VAL C 902 -26.64 -41.38 28.09
N LEU C 903 -27.40 -40.35 27.66
CA LEU C 903 -27.44 -39.12 28.41
C LEU C 903 -27.99 -39.29 29.79
N TYR C 904 -29.19 -39.86 29.90
CA TYR C 904 -29.83 -39.93 31.19
C TYR C 904 -29.04 -40.83 32.09
N GLU C 905 -28.53 -41.95 31.55
CA GLU C 905 -27.82 -42.87 32.38
C GLU C 905 -26.65 -42.12 32.96
N ASN C 906 -26.02 -41.18 32.22
CA ASN C 906 -24.99 -40.43 32.88
C ASN C 906 -25.29 -38.96 32.79
N GLN C 907 -26.46 -38.55 33.32
CA GLN C 907 -26.91 -37.19 33.21
C GLN C 907 -26.07 -36.25 34.03
N LYS C 908 -25.79 -36.58 35.29
CA LYS C 908 -25.11 -35.66 36.18
C LYS C 908 -23.73 -35.39 35.69
N LEU C 909 -23.00 -36.46 35.29
CA LEU C 909 -21.64 -36.36 34.86
C LEU C 909 -21.56 -35.47 33.66
N ILE C 910 -22.45 -35.69 32.68
CA ILE C 910 -22.39 -34.97 31.45
C ILE C 910 -22.55 -33.53 31.75
N ALA C 911 -23.52 -33.20 32.63
CA ALA C 911 -23.75 -31.82 32.94
C ALA C 911 -22.50 -31.28 33.56
N ASN C 912 -21.89 -32.04 34.48
CA ASN C 912 -20.72 -31.57 35.16
C ASN C 912 -19.62 -31.37 34.17
N GLN C 913 -19.47 -32.31 33.22
CA GLN C 913 -18.40 -32.22 32.28
C GLN C 913 -18.57 -30.95 31.51
N PHE C 914 -19.81 -30.69 31.07
CA PHE C 914 -20.12 -29.52 30.30
C PHE C 914 -19.88 -28.31 31.13
N ASN C 915 -20.33 -28.32 32.40
CA ASN C 915 -20.16 -27.11 33.16
C ASN C 915 -18.71 -26.84 33.42
N SER C 916 -17.92 -27.88 33.73
CA SER C 916 -16.51 -27.65 33.97
C SER C 916 -15.90 -27.18 32.69
N ALA C 917 -16.42 -27.68 31.55
CA ALA C 917 -15.90 -27.34 30.27
C ALA C 917 -16.06 -25.86 30.06
N ILE C 918 -17.24 -25.32 30.46
CA ILE C 918 -17.50 -23.93 30.20
C ILE C 918 -16.50 -23.07 30.91
N GLY C 919 -16.11 -23.45 32.14
CA GLY C 919 -15.20 -22.67 32.93
C GLY C 919 -13.88 -22.55 32.22
N LYS C 920 -13.47 -23.61 31.49
CA LYS C 920 -12.17 -23.63 30.87
C LYS C 920 -12.02 -22.49 29.91
N ILE C 921 -13.08 -22.16 29.16
CA ILE C 921 -12.98 -21.12 28.17
C ILE C 921 -12.63 -19.86 28.90
N GLN C 922 -13.26 -19.65 30.07
CA GLN C 922 -13.09 -18.42 30.78
C GLN C 922 -11.64 -18.25 31.10
N ASP C 923 -10.95 -19.30 31.59
CA ASP C 923 -9.56 -19.13 31.88
C ASP C 923 -8.76 -18.95 30.64
N SER C 924 -9.06 -19.71 29.56
CA SER C 924 -8.28 -19.63 28.37
C SER C 924 -8.39 -18.25 27.79
N LEU C 925 -9.62 -17.73 27.76
CA LEU C 925 -9.88 -16.44 27.20
C LEU C 925 -9.16 -15.42 28.04
N SER C 926 -9.25 -15.56 29.37
CA SER C 926 -8.66 -14.60 30.25
C SER C 926 -7.16 -14.67 30.20
N SER C 927 -6.60 -15.87 30.02
CA SER C 927 -5.18 -16.07 30.06
C SER C 927 -4.47 -15.37 28.94
N THR C 928 -4.76 -15.73 27.67
CA THR C 928 -4.00 -15.18 26.59
C THR C 928 -4.88 -14.36 25.72
N ALA C 929 -4.34 -13.19 25.30
CA ALA C 929 -4.96 -12.26 24.42
C ALA C 929 -5.06 -12.88 23.06
N SER C 930 -4.12 -13.79 22.75
CA SER C 930 -3.99 -14.42 21.46
C SER C 930 -5.19 -15.26 21.13
N ALA C 931 -6.07 -15.54 22.12
CA ALA C 931 -7.22 -16.36 21.82
C ALA C 931 -8.04 -15.66 20.76
N LEU C 932 -8.15 -14.33 20.90
CA LEU C 932 -8.82 -13.34 20.10
C LEU C 932 -8.10 -12.91 18.86
N GLY C 933 -6.99 -13.56 18.48
CA GLY C 933 -6.15 -13.03 17.42
C GLY C 933 -6.89 -12.69 16.15
N LYS C 934 -7.85 -13.49 15.68
CA LYS C 934 -8.48 -13.19 14.41
C LYS C 934 -9.16 -11.86 14.46
N LEU C 935 -9.96 -11.59 15.51
CA LEU C 935 -10.70 -10.36 15.62
C LEU C 935 -9.71 -9.24 15.69
N GLN C 936 -8.62 -9.46 16.44
CA GLN C 936 -7.63 -8.44 16.62
C GLN C 936 -7.09 -8.10 15.27
N ASP C 937 -6.91 -9.11 14.42
CA ASP C 937 -6.39 -8.87 13.10
C ASP C 937 -7.36 -7.99 12.39
N VAL C 938 -8.66 -8.27 12.53
CA VAL C 938 -9.67 -7.52 11.82
C VAL C 938 -9.50 -6.08 12.16
N VAL C 939 -9.28 -5.80 13.46
CA VAL C 939 -9.08 -4.43 13.88
C VAL C 939 -7.77 -3.91 13.34
N ASN C 940 -6.70 -4.71 13.45
CA ASN C 940 -5.39 -4.21 13.12
C ASN C 940 -5.18 -3.86 11.67
N GLN C 941 -5.59 -4.72 10.71
CA GLN C 941 -5.35 -4.37 9.34
C GLN C 941 -6.11 -3.11 9.08
N ASN C 942 -7.33 -3.03 9.64
CA ASN C 942 -8.13 -1.86 9.44
C ASN C 942 -7.42 -0.69 10.04
N ALA C 943 -6.81 -0.86 11.23
CA ALA C 943 -6.11 0.24 11.83
C ALA C 943 -4.98 0.61 10.91
N GLN C 944 -4.29 -0.40 10.38
CA GLN C 944 -3.14 -0.21 9.53
C GLN C 944 -3.56 0.52 8.29
N ALA C 945 -4.69 0.12 7.69
CA ALA C 945 -5.10 0.70 6.46
C ALA C 945 -5.31 2.18 6.64
N LEU C 946 -6.00 2.57 7.72
CA LEU C 946 -6.25 3.96 7.93
C LEU C 946 -4.95 4.68 8.14
N ASN C 947 -4.05 4.15 8.98
CA ASN C 947 -2.85 4.89 9.25
C ASN C 947 -2.06 5.03 7.98
N THR C 948 -1.97 3.97 7.17
CA THR C 948 -1.23 4.07 5.95
C THR C 948 -1.88 5.11 5.11
N LEU C 949 -3.24 5.13 5.12
CA LEU C 949 -3.96 6.08 4.34
C LEU C 949 -3.62 7.45 4.83
N VAL C 950 -3.55 7.63 6.16
CA VAL C 950 -3.27 8.92 6.73
C VAL C 950 -1.89 9.39 6.38
N LYS C 951 -0.90 8.50 6.49
CA LYS C 951 0.49 8.87 6.32
C LYS C 951 0.76 9.37 4.94
N GLN C 952 0.02 8.88 3.94
CA GLN C 952 0.28 9.20 2.56
C GLN C 952 0.25 10.69 2.38
N LEU C 953 -0.52 11.39 3.23
CA LEU C 953 -0.69 12.81 3.11
C LEU C 953 0.65 13.49 3.17
N SER C 954 1.62 12.93 3.93
CA SER C 954 2.93 13.51 4.05
C SER C 954 3.78 13.32 2.82
N SER C 955 3.42 12.39 1.91
CA SER C 955 4.29 12.11 0.80
C SER C 955 4.24 13.20 -0.22
N ASN C 956 5.43 13.55 -0.73
CA ASN C 956 5.55 14.56 -1.74
C ASN C 956 5.06 14.03 -3.04
N PHE C 957 5.31 12.72 -3.31
CA PHE C 957 5.14 12.27 -4.65
C PHE C 957 6.19 13.14 -5.31
N GLY C 958 6.19 13.45 -6.55
CA GLY C 958 7.27 14.35 -6.93
C GLY C 958 7.15 15.75 -6.35
N ALA C 959 5.98 16.14 -5.81
CA ALA C 959 5.69 17.51 -5.44
C ALA C 959 6.75 18.22 -4.66
N ILE C 960 6.79 19.56 -4.85
CA ILE C 960 7.72 20.47 -4.22
C ILE C 960 7.52 20.37 -2.74
N SER C 961 6.26 20.28 -2.27
CA SER C 961 6.05 20.16 -0.85
C SER C 961 4.82 19.33 -0.63
N SER C 962 4.61 18.93 0.65
CA SER C 962 3.50 18.13 1.06
C SER C 962 2.29 18.93 1.48
N VAL C 963 2.40 20.26 1.61
CA VAL C 963 1.27 21.01 2.09
C VAL C 963 0.69 21.79 0.97
N LEU C 964 -0.65 21.76 0.87
CA LEU C 964 -1.38 22.42 -0.19
C LEU C 964 -1.21 23.91 -0.08
N ASN C 965 -1.25 24.46 1.15
CA ASN C 965 -1.21 25.87 1.34
C ASN C 965 0.10 26.44 0.88
N ASP C 966 1.21 25.75 1.14
CA ASP C 966 2.48 26.31 0.77
C ASP C 966 2.57 26.47 -0.71
N ILE C 967 2.04 25.49 -1.48
CA ILE C 967 2.11 25.58 -2.91
C ILE C 967 1.35 26.79 -3.34
N LEU C 968 0.16 27.00 -2.75
CA LEU C 968 -0.63 28.13 -3.12
C LEU C 968 0.09 29.38 -2.73
N SER C 969 0.68 29.39 -1.51
CA SER C 969 1.33 30.56 -0.97
C SER C 969 2.49 30.96 -1.82
N ARG C 970 3.47 30.04 -1.96
CA ARG C 970 4.72 30.28 -2.63
C ARG C 970 4.57 30.44 -4.12
N LEU C 971 3.79 29.56 -4.77
CA LEU C 971 3.82 29.52 -6.21
C LEU C 971 2.60 30.17 -6.80
N ASP C 972 2.78 30.78 -7.99
CA ASP C 972 1.68 31.36 -8.70
C ASP C 972 0.87 30.22 -9.19
N PRO C 973 -0.44 30.44 -9.41
CA PRO C 973 -1.34 29.39 -9.77
C PRO C 973 -0.87 28.68 -11.01
N PRO C 974 -0.35 29.41 -12.01
CA PRO C 974 0.02 28.76 -13.23
C PRO C 974 1.02 27.69 -12.94
N GLU C 975 2.00 27.98 -12.06
CA GLU C 975 2.98 27.00 -11.63
C GLU C 975 2.37 26.04 -10.63
N ALA C 976 1.48 26.54 -9.76
CA ALA C 976 0.91 25.77 -8.69
C ALA C 976 0.05 24.66 -9.23
N GLU C 977 -0.70 24.95 -10.30
CA GLU C 977 -1.62 24.00 -10.84
C GLU C 977 -0.89 22.75 -11.20
N VAL C 978 0.31 22.90 -11.79
CA VAL C 978 1.02 21.70 -12.15
C VAL C 978 1.38 20.94 -10.90
N GLN C 979 1.87 21.65 -9.86
CA GLN C 979 2.34 21.02 -8.65
C GLN C 979 1.27 20.30 -7.90
N ILE C 980 0.10 20.92 -7.73
CA ILE C 980 -0.97 20.34 -6.98
C ILE C 980 -1.42 19.09 -7.68
N ASP C 981 -1.41 19.14 -9.01
CA ASP C 981 -1.89 18.06 -9.82
C ASP C 981 -1.12 16.82 -9.45
N ARG C 982 0.20 16.95 -9.21
CA ARG C 982 0.98 15.79 -8.87
C ARG C 982 0.48 15.23 -7.58
N LEU C 983 0.22 16.12 -6.61
CA LEU C 983 -0.21 15.73 -5.29
C LEU C 983 -1.56 15.07 -5.40
N ILE C 984 -2.41 15.57 -6.31
CA ILE C 984 -3.75 15.04 -6.42
C ILE C 984 -3.71 13.61 -6.87
N THR C 985 -2.90 13.32 -7.91
CA THR C 985 -2.88 12.01 -8.49
C THR C 985 -2.41 11.03 -7.46
N GLY C 986 -1.45 11.45 -6.60
CA GLY C 986 -0.93 10.52 -5.65
C GLY C 986 -1.96 10.09 -4.63
N ARG C 987 -2.64 11.05 -3.98
CA ARG C 987 -3.59 10.71 -2.95
C ARG C 987 -4.73 9.96 -3.57
N LEU C 988 -5.20 10.43 -4.74
CA LEU C 988 -6.32 9.80 -5.37
C LEU C 988 -5.93 8.38 -5.64
N GLN C 989 -4.66 8.17 -6.04
CA GLN C 989 -4.17 6.84 -6.30
C GLN C 989 -4.19 6.09 -4.99
N SER C 990 -3.79 6.75 -3.90
CA SER C 990 -3.70 6.11 -2.61
C SER C 990 -5.06 5.69 -2.14
N LEU C 991 -6.08 6.56 -2.29
CA LEU C 991 -7.39 6.21 -1.87
C LEU C 991 -7.84 5.08 -2.72
N GLN C 992 -7.48 5.11 -4.02
CA GLN C 992 -7.86 4.06 -4.92
C GLN C 992 -7.26 2.79 -4.42
N THR C 993 -5.99 2.83 -3.96
CA THR C 993 -5.42 1.60 -3.46
C THR C 993 -6.14 1.18 -2.23
N TYR C 994 -6.55 2.13 -1.38
CA TYR C 994 -7.20 1.82 -0.13
C TYR C 994 -8.53 1.17 -0.38
N VAL C 995 -9.36 1.74 -1.27
CA VAL C 995 -10.68 1.19 -1.49
C VAL C 995 -10.57 -0.17 -2.10
N THR C 996 -9.66 -0.33 -3.09
CA THR C 996 -9.52 -1.60 -3.75
C THR C 996 -9.12 -2.60 -2.72
N GLN C 997 -8.16 -2.22 -1.86
CA GLN C 997 -7.71 -3.09 -0.81
C GLN C 997 -8.86 -3.35 0.10
N GLN C 998 -9.69 -2.33 0.32
CA GLN C 998 -10.80 -2.40 1.21
C GLN C 998 -11.82 -3.37 0.71
N LEU C 999 -12.10 -3.35 -0.60
CA LEU C 999 -13.15 -4.20 -1.14
C LEU C 999 -12.79 -5.63 -0.91
N ILE C 1000 -11.52 -6.00 -1.17
CA ILE C 1000 -11.13 -7.39 -1.10
C ILE C 1000 -11.30 -7.90 0.30
N ARG C 1001 -10.84 -7.14 1.31
CA ARG C 1001 -10.91 -7.60 2.67
C ARG C 1001 -12.35 -7.79 3.04
N ALA C 1002 -13.22 -6.87 2.59
CA ALA C 1002 -14.61 -6.94 2.94
C ALA C 1002 -15.16 -8.22 2.42
N ALA C 1003 -14.74 -8.62 1.20
CA ALA C 1003 -15.21 -9.84 0.61
C ALA C 1003 -14.80 -10.98 1.48
N GLU C 1004 -13.57 -10.91 2.02
CA GLU C 1004 -13.05 -11.95 2.85
C GLU C 1004 -13.96 -12.04 4.04
N ILE C 1005 -14.36 -10.89 4.58
CA ILE C 1005 -15.20 -10.86 5.74
C ILE C 1005 -16.54 -11.45 5.40
N ARG C 1006 -17.08 -11.11 4.21
CA ARG C 1006 -18.40 -11.55 3.86
C ARG C 1006 -18.47 -13.05 3.81
N ALA C 1007 -17.45 -13.69 3.19
CA ALA C 1007 -17.49 -15.12 3.07
C ALA C 1007 -17.52 -15.69 4.45
N SER C 1008 -16.73 -15.08 5.35
CA SER C 1008 -16.67 -15.50 6.72
C SER C 1008 -18.02 -15.28 7.33
N ALA C 1009 -18.66 -14.14 7.03
CA ALA C 1009 -19.94 -13.83 7.60
C ALA C 1009 -20.95 -14.84 7.16
N ASN C 1010 -20.93 -15.19 5.86
CA ASN C 1010 -21.86 -16.16 5.35
C ASN C 1010 -21.55 -17.45 6.02
N LEU C 1011 -20.26 -17.71 6.27
CA LEU C 1011 -19.85 -18.90 6.95
C LEU C 1011 -20.40 -18.84 8.34
N ALA C 1012 -20.34 -17.65 8.96
CA ALA C 1012 -20.80 -17.45 10.30
C ALA C 1012 -22.27 -17.69 10.36
N ALA C 1013 -23.00 -17.13 9.37
CA ALA C 1013 -24.43 -17.24 9.36
C ALA C 1013 -24.78 -18.68 9.24
N THR C 1014 -24.08 -19.44 8.39
CA THR C 1014 -24.41 -20.83 8.22
C THR C 1014 -24.18 -21.53 9.51
N LYS C 1015 -23.13 -21.13 10.26
CA LYS C 1015 -22.84 -21.81 11.48
C LYS C 1015 -23.95 -21.59 12.46
N MET C 1016 -24.47 -20.35 12.56
CA MET C 1016 -25.58 -20.14 13.44
C MET C 1016 -26.78 -20.85 12.87
N SER C 1017 -26.97 -20.74 11.55
CA SER C 1017 -28.14 -21.28 10.92
C SER C 1017 -28.20 -22.76 11.15
N GLU C 1018 -27.14 -23.49 10.73
CA GLU C 1018 -27.08 -24.92 10.86
C GLU C 1018 -26.69 -25.44 12.22
N CYS C 1019 -25.59 -24.90 12.78
CA CYS C 1019 -25.01 -25.42 13.98
C CYS C 1019 -25.77 -25.04 15.23
N VAL C 1020 -26.16 -23.75 15.36
CA VAL C 1020 -26.91 -23.29 16.51
C VAL C 1020 -28.35 -23.67 16.44
N LEU C 1021 -29.02 -23.29 15.33
CA LEU C 1021 -30.43 -23.47 15.09
C LEU C 1021 -30.77 -24.92 15.00
N GLY C 1022 -29.80 -25.79 14.66
CA GLY C 1022 -30.06 -27.20 14.60
C GLY C 1022 -28.81 -27.92 14.99
N GLN C 1023 -28.70 -29.22 14.65
CA GLN C 1023 -27.43 -29.86 14.92
C GLN C 1023 -26.86 -30.33 13.62
N SER C 1024 -25.62 -29.90 13.34
CA SER C 1024 -24.97 -30.16 12.09
C SER C 1024 -24.42 -31.56 12.02
N LYS C 1025 -24.55 -32.16 10.82
CA LYS C 1025 -24.05 -33.44 10.41
C LYS C 1025 -22.67 -33.37 9.81
N ARG C 1026 -22.21 -32.17 9.43
CA ARG C 1026 -20.98 -32.01 8.69
C ARG C 1026 -19.81 -32.21 9.59
N VAL C 1027 -19.00 -33.25 9.31
CA VAL C 1027 -17.87 -33.52 10.15
C VAL C 1027 -16.89 -32.41 9.96
N ASP C 1028 -16.33 -31.93 11.09
CA ASP C 1028 -15.38 -30.87 11.14
C ASP C 1028 -15.98 -29.56 10.69
N PHE C 1029 -17.31 -29.39 10.80
CA PHE C 1029 -17.92 -28.09 10.60
C PHE C 1029 -18.08 -27.32 11.90
N CYS C 1030 -18.59 -28.04 12.92
CA CYS C 1030 -18.90 -27.62 14.26
C CYS C 1030 -17.78 -27.83 15.25
N GLY C 1031 -16.53 -28.04 14.78
CA GLY C 1031 -15.47 -28.28 15.73
C GLY C 1031 -15.19 -29.75 15.65
N LYS C 1032 -14.01 -30.17 16.12
CA LYS C 1032 -13.65 -31.55 15.96
C LYS C 1032 -14.56 -32.41 16.78
N GLY C 1033 -15.32 -33.31 16.11
CA GLY C 1033 -16.10 -34.27 16.83
C GLY C 1033 -17.51 -34.34 16.31
N TYR C 1034 -18.26 -35.34 16.79
CA TYR C 1034 -19.64 -35.46 16.43
C TYR C 1034 -20.28 -34.31 17.14
N HIS C 1035 -20.86 -33.37 16.37
CA HIS C 1035 -21.33 -32.13 16.91
C HIS C 1035 -22.58 -32.25 17.73
N LEU C 1036 -22.57 -31.69 18.96
CA LEU C 1036 -23.77 -31.56 19.76
C LEU C 1036 -24.55 -30.29 19.53
N MET C 1037 -23.90 -29.11 19.73
CA MET C 1037 -24.64 -27.86 19.73
C MET C 1037 -23.67 -26.73 19.93
N SER C 1038 -24.17 -25.47 19.82
CA SER C 1038 -23.26 -24.36 19.92
C SER C 1038 -23.99 -23.19 20.50
N PHE C 1039 -23.26 -22.31 21.22
CA PHE C 1039 -23.86 -21.11 21.78
C PHE C 1039 -23.08 -19.95 21.27
N PRO C 1040 -23.70 -19.06 20.54
CA PRO C 1040 -22.99 -17.91 20.04
C PRO C 1040 -22.78 -16.90 21.11
N GLN C 1041 -21.72 -16.09 21.00
CA GLN C 1041 -21.46 -15.03 21.94
C GLN C 1041 -21.04 -13.84 21.14
N SER C 1042 -21.58 -12.66 21.47
CA SER C 1042 -21.27 -11.49 20.69
C SER C 1042 -19.83 -11.13 20.89
N ALA C 1043 -19.27 -10.35 19.95
CA ALA C 1043 -17.91 -9.91 20.04
C ALA C 1043 -17.78 -8.73 19.12
N PRO C 1044 -16.73 -7.96 19.30
CA PRO C 1044 -16.57 -6.81 18.46
C PRO C 1044 -16.28 -7.18 17.04
N HIS C 1045 -17.14 -6.73 16.11
CA HIS C 1045 -16.96 -6.90 14.70
C HIS C 1045 -16.87 -8.35 14.34
N GLY C 1046 -17.23 -9.25 15.27
CA GLY C 1046 -17.10 -10.64 14.96
C GLY C 1046 -17.95 -11.40 15.92
N VAL C 1047 -17.88 -12.74 15.86
CA VAL C 1047 -18.67 -13.54 16.76
C VAL C 1047 -17.85 -14.71 17.23
N VAL C 1048 -18.14 -15.19 18.44
CA VAL C 1048 -17.45 -16.32 18.99
C VAL C 1048 -18.46 -17.40 19.24
N PHE C 1049 -18.11 -18.64 18.87
CA PHE C 1049 -18.99 -19.75 19.05
C PHE C 1049 -18.38 -20.65 20.08
N LEU C 1050 -19.22 -21.37 20.85
CA LEU C 1050 -18.70 -22.32 21.78
C LEU C 1050 -19.21 -23.65 21.32
N HIS C 1051 -18.48 -24.30 20.39
CA HIS C 1051 -18.94 -25.55 19.85
C HIS C 1051 -18.76 -26.62 20.87
N VAL C 1052 -19.87 -27.26 21.27
CA VAL C 1052 -19.78 -28.34 22.23
C VAL C 1052 -19.82 -29.59 21.43
N THR C 1053 -18.70 -30.34 21.42
CA THR C 1053 -18.62 -31.49 20.56
C THR C 1053 -18.39 -32.73 21.37
N TYR C 1054 -18.75 -33.88 20.79
CA TYR C 1054 -18.62 -35.18 21.38
C TYR C 1054 -17.37 -35.81 20.84
N VAL C 1055 -16.51 -36.35 21.73
CA VAL C 1055 -15.27 -36.99 21.33
C VAL C 1055 -15.10 -38.23 22.18
N PRO C 1056 -14.75 -39.36 21.60
CA PRO C 1056 -14.56 -40.56 22.39
C PRO C 1056 -13.30 -40.55 23.22
N ALA C 1057 -13.40 -40.86 24.53
CA ALA C 1057 -12.28 -40.93 25.43
C ALA C 1057 -11.48 -42.22 25.52
N GLN C 1058 -12.17 -43.35 25.81
CA GLN C 1058 -11.45 -44.55 26.17
C GLN C 1058 -11.91 -45.66 25.30
N GLU C 1059 -11.00 -46.61 24.96
CA GLU C 1059 -11.39 -47.62 24.02
C GLU C 1059 -10.86 -48.97 24.41
N LYS C 1060 -11.53 -50.03 23.92
CA LYS C 1060 -11.11 -51.39 24.15
C LYS C 1060 -11.22 -52.13 22.87
N ASN C 1061 -10.34 -53.14 22.66
CA ASN C 1061 -10.37 -53.90 21.45
C ASN C 1061 -11.40 -54.99 21.60
N PHE C 1062 -11.98 -55.45 20.47
CA PHE C 1062 -12.95 -56.52 20.51
C PHE C 1062 -12.83 -57.29 19.23
N THR C 1063 -13.51 -58.46 19.16
CA THR C 1063 -13.47 -59.26 17.96
C THR C 1063 -14.82 -59.18 17.32
N THR C 1064 -14.87 -59.05 15.97
CA THR C 1064 -16.13 -58.83 15.33
C THR C 1064 -16.35 -59.79 14.20
N ALA C 1065 -17.61 -59.90 13.75
CA ALA C 1065 -17.99 -60.71 12.61
C ALA C 1065 -19.21 -60.05 11.99
N PRO C 1066 -19.18 -59.85 10.71
CA PRO C 1066 -20.21 -59.13 10.01
C PRO C 1066 -21.58 -59.70 10.20
N ALA C 1067 -21.69 -61.00 10.53
CA ALA C 1067 -22.99 -61.59 10.67
C ALA C 1067 -22.86 -62.78 11.57
N ILE C 1068 -24.00 -63.43 11.88
CA ILE C 1068 -23.98 -64.61 12.71
C ILE C 1068 -25.00 -65.58 12.17
N CYS C 1069 -24.79 -66.89 12.41
CA CYS C 1069 -25.72 -67.90 11.94
C CYS C 1069 -26.39 -68.56 13.10
N HIS C 1070 -27.73 -68.40 13.23
CA HIS C 1070 -28.41 -69.20 14.22
C HIS C 1070 -28.77 -70.58 13.70
N ASP C 1071 -29.70 -70.58 12.72
CA ASP C 1071 -30.27 -71.68 11.99
C ASP C 1071 -29.48 -72.05 10.78
N GLY C 1072 -28.50 -71.22 10.41
CA GLY C 1072 -27.82 -71.41 9.17
C GLY C 1072 -28.14 -70.20 8.37
N LYS C 1073 -29.09 -69.38 8.85
CA LYS C 1073 -29.37 -68.18 8.15
C LYS C 1073 -28.44 -67.11 8.62
N ALA C 1074 -28.36 -65.99 7.87
CA ALA C 1074 -27.45 -64.94 8.20
C ALA C 1074 -28.20 -63.84 8.90
N HIS C 1075 -27.60 -63.29 9.98
CA HIS C 1075 -28.21 -62.22 10.72
C HIS C 1075 -27.32 -61.01 10.62
N PHE C 1076 -27.95 -59.81 10.55
CA PHE C 1076 -27.22 -58.57 10.49
C PHE C 1076 -27.75 -57.66 11.55
N PRO C 1077 -26.92 -56.78 12.07
CA PRO C 1077 -27.38 -55.88 13.10
C PRO C 1077 -28.28 -54.82 12.56
N ARG C 1078 -29.42 -54.54 13.23
CA ARG C 1078 -30.28 -53.49 12.77
C ARG C 1078 -29.51 -52.23 12.89
N GLU C 1079 -28.90 -52.01 14.07
CA GLU C 1079 -28.07 -50.86 14.28
C GLU C 1079 -27.04 -51.25 15.28
N GLY C 1080 -25.79 -51.47 14.82
CA GLY C 1080 -24.76 -51.86 15.74
C GLY C 1080 -23.82 -52.78 15.03
N VAL C 1081 -22.93 -53.45 15.80
CA VAL C 1081 -22.02 -54.42 15.26
C VAL C 1081 -21.94 -55.56 16.24
N PHE C 1082 -21.52 -56.75 15.77
CA PHE C 1082 -21.38 -57.84 16.67
C PHE C 1082 -19.96 -57.83 17.18
N VAL C 1083 -19.78 -58.15 18.47
CA VAL C 1083 -18.49 -58.15 19.11
C VAL C 1083 -18.46 -59.26 20.11
N SER C 1084 -17.27 -59.55 20.69
CA SER C 1084 -17.20 -60.61 21.65
C SER C 1084 -16.23 -60.21 22.74
N ASN C 1085 -16.60 -60.53 23.99
CA ASN C 1085 -15.77 -60.37 25.16
C ASN C 1085 -14.78 -61.49 25.16
N GLY C 1086 -15.01 -62.48 24.28
CA GLY C 1086 -14.15 -63.63 24.14
C GLY C 1086 -14.99 -64.83 24.42
N THR C 1087 -15.77 -64.79 25.52
CA THR C 1087 -16.66 -65.87 25.81
C THR C 1087 -17.93 -65.79 25.03
N HIS C 1088 -18.56 -64.60 25.01
CA HIS C 1088 -19.87 -64.49 24.42
C HIS C 1088 -19.90 -63.37 23.45
N TRP C 1089 -20.74 -63.51 22.40
CA TRP C 1089 -20.88 -62.50 21.42
C TRP C 1089 -21.93 -61.54 21.89
N PHE C 1090 -21.68 -60.22 21.68
CA PHE C 1090 -22.60 -59.19 22.03
C PHE C 1090 -22.73 -58.30 20.84
N VAL C 1091 -23.83 -57.53 20.76
CA VAL C 1091 -24.01 -56.58 19.69
C VAL C 1091 -24.07 -55.25 20.35
N THR C 1092 -23.39 -54.22 19.80
CA THR C 1092 -23.34 -52.96 20.50
C THR C 1092 -23.58 -51.82 19.57
N GLN C 1093 -23.86 -50.63 20.16
CA GLN C 1093 -24.06 -49.43 19.41
C GLN C 1093 -22.70 -48.99 18.97
N ARG C 1094 -22.67 -48.08 17.97
CA ARG C 1094 -21.45 -47.71 17.31
C ARG C 1094 -20.42 -46.90 18.07
N ASN C 1095 -20.81 -45.78 18.73
CA ASN C 1095 -19.73 -44.96 19.24
C ASN C 1095 -19.72 -44.92 20.74
N PHE C 1096 -20.26 -45.96 21.40
CA PHE C 1096 -20.18 -46.05 22.83
C PHE C 1096 -20.39 -47.49 23.10
N TYR C 1097 -19.50 -48.12 23.90
CA TYR C 1097 -19.58 -49.55 24.05
C TYR C 1097 -20.73 -49.89 24.94
N GLU C 1098 -21.71 -50.62 24.37
CA GLU C 1098 -22.83 -51.09 25.13
C GLU C 1098 -23.28 -52.37 24.49
N PRO C 1099 -22.91 -53.47 25.11
CA PRO C 1099 -23.25 -54.76 24.60
C PRO C 1099 -24.65 -55.15 24.92
N GLN C 1100 -25.25 -56.03 24.09
CA GLN C 1100 -26.54 -56.56 24.39
C GLN C 1100 -26.65 -57.94 23.84
N ILE C 1101 -27.48 -58.78 24.51
CA ILE C 1101 -27.64 -60.15 24.10
C ILE C 1101 -28.34 -60.12 22.77
N ILE C 1102 -27.82 -60.90 21.80
CA ILE C 1102 -28.36 -60.83 20.49
C ILE C 1102 -29.61 -61.65 20.45
N THR C 1103 -30.75 -60.98 20.19
CA THR C 1103 -32.01 -61.64 20.09
C THR C 1103 -32.57 -61.25 18.77
N THR C 1104 -33.68 -61.91 18.37
CA THR C 1104 -34.27 -61.68 17.09
C THR C 1104 -34.75 -60.27 17.01
N ASP C 1105 -35.16 -59.70 18.16
CA ASP C 1105 -35.72 -58.39 18.19
C ASP C 1105 -34.73 -57.39 17.65
N ASN C 1106 -33.43 -57.56 17.95
CA ASN C 1106 -32.37 -56.68 17.52
C ASN C 1106 -31.96 -56.90 16.09
N THR C 1107 -32.07 -58.14 15.59
CA THR C 1107 -31.44 -58.43 14.31
C THR C 1107 -32.44 -58.85 13.28
N PHE C 1108 -32.02 -58.80 11.99
CA PHE C 1108 -32.86 -59.23 10.90
C PHE C 1108 -32.08 -60.19 10.08
N VAL C 1109 -32.78 -61.04 9.28
CA VAL C 1109 -32.09 -62.07 8.56
C VAL C 1109 -32.03 -61.73 7.11
N SER C 1110 -30.86 -61.99 6.49
CA SER C 1110 -30.71 -61.80 5.07
C SER C 1110 -29.64 -62.74 4.60
N GLY C 1111 -30.02 -63.77 3.83
CA GLY C 1111 -29.04 -64.66 3.28
C GLY C 1111 -28.74 -65.77 4.24
N ASN C 1112 -27.74 -66.59 3.85
CA ASN C 1112 -27.33 -67.80 4.52
C ASN C 1112 -25.87 -67.68 4.84
N CYS C 1113 -25.33 -68.72 5.51
CA CYS C 1113 -23.99 -68.81 6.03
C CYS C 1113 -22.95 -68.90 4.95
N ASP C 1114 -23.28 -69.48 3.78
CA ASP C 1114 -22.28 -69.73 2.78
C ASP C 1114 -21.68 -68.47 2.22
N VAL C 1115 -22.51 -67.43 1.99
CA VAL C 1115 -22.14 -66.18 1.35
C VAL C 1115 -21.28 -65.24 2.17
N VAL C 1116 -21.63 -65.01 3.45
CA VAL C 1116 -21.02 -63.96 4.21
C VAL C 1116 -19.61 -64.30 4.60
N ILE C 1117 -18.69 -63.32 4.45
CA ILE C 1117 -17.33 -63.55 4.82
C ILE C 1117 -17.17 -63.01 6.21
N GLY C 1118 -16.71 -63.87 7.14
CA GLY C 1118 -16.48 -63.46 8.49
C GLY C 1118 -17.62 -63.85 9.40
N ILE C 1119 -18.72 -64.38 8.85
CA ILE C 1119 -19.85 -64.78 9.67
C ILE C 1119 -19.42 -65.91 10.55
N VAL C 1120 -19.90 -65.92 11.81
CA VAL C 1120 -19.53 -66.95 12.74
C VAL C 1120 -20.77 -67.53 13.35
N ASN C 1121 -20.67 -68.78 13.86
CA ASN C 1121 -21.79 -69.44 14.46
C ASN C 1121 -22.12 -68.77 15.75
N ASN C 1122 -23.42 -68.69 16.08
CA ASN C 1122 -23.85 -68.05 17.29
C ASN C 1122 -25.24 -68.51 17.58
N THR C 1123 -25.80 -68.11 18.73
CA THR C 1123 -27.15 -68.44 19.06
C THR C 1123 -27.90 -67.17 19.27
N VAL C 1124 -29.12 -67.10 18.68
CA VAL C 1124 -29.97 -65.96 18.83
C VAL C 1124 -31.11 -66.39 19.71
N TYR C 1125 -31.48 -65.53 20.67
CA TYR C 1125 -32.49 -65.84 21.64
C TYR C 1125 -33.82 -65.32 21.17
N ASP C 1126 -34.88 -66.15 21.32
CA ASP C 1126 -36.22 -65.78 20.97
C ASP C 1126 -36.98 -65.61 22.25
N PRO C 1127 -37.45 -64.42 22.51
CA PRO C 1127 -38.20 -64.20 23.72
C PRO C 1127 -39.53 -64.88 23.74
N LEU C 1128 -40.08 -65.20 22.56
CA LEU C 1128 -41.39 -65.80 22.48
C LEU C 1128 -41.41 -67.20 22.99
N GLN C 1129 -40.33 -67.97 22.77
CA GLN C 1129 -40.36 -69.37 23.08
C GLN C 1129 -40.63 -69.60 24.53
N PRO C 1130 -40.00 -68.88 25.42
CA PRO C 1130 -40.28 -69.14 26.81
C PRO C 1130 -41.69 -68.79 27.16
N GLU C 1131 -42.29 -67.84 26.43
CA GLU C 1131 -43.64 -67.44 26.71
C GLU C 1131 -44.53 -68.61 26.39
N LEU C 1132 -44.26 -69.27 25.27
CA LEU C 1132 -45.07 -70.37 24.82
C LEU C 1132 -44.95 -71.48 25.82
N ASP C 1133 -43.72 -71.75 26.29
CA ASP C 1133 -43.49 -72.85 27.18
C ASP C 1133 -44.29 -72.64 28.42
N SER C 1134 -44.22 -71.41 28.98
CA SER C 1134 -44.95 -71.18 30.19
C SER C 1134 -46.42 -71.43 29.89
N GLU D 1 63.85 -7.55 53.22
CA GLU D 1 64.41 -6.33 52.59
C GLU D 1 63.33 -5.33 52.37
N VAL D 2 62.38 -5.67 51.50
CA VAL D 2 61.33 -4.75 51.20
C VAL D 2 60.51 -4.60 52.43
N GLN D 3 60.40 -3.38 52.96
CA GLN D 3 59.65 -3.22 54.18
C GLN D 3 58.93 -1.91 54.16
N LEU D 4 57.71 -1.89 54.72
CA LEU D 4 57.02 -0.65 54.89
C LEU D 4 56.53 -0.64 56.29
N VAL D 5 56.77 0.48 57.01
CA VAL D 5 56.34 0.51 58.37
C VAL D 5 55.46 1.68 58.61
N GLU D 6 54.34 1.43 59.30
CA GLU D 6 53.43 2.46 59.70
C GLU D 6 53.98 3.05 60.97
N SER D 7 53.45 4.21 61.38
CA SER D 7 53.90 4.84 62.59
C SER D 7 52.79 5.70 63.11
N GLY D 8 53.04 6.43 64.20
CA GLY D 8 52.00 7.25 64.76
C GLY D 8 51.11 6.36 65.57
N GLY D 9 49.78 6.40 65.29
CA GLY D 9 48.87 5.56 66.01
C GLY D 9 48.67 6.18 67.36
N GLY D 10 48.33 5.36 68.37
CA GLY D 10 48.19 5.87 69.70
C GLY D 10 46.79 6.36 69.89
N LEU D 11 46.38 6.54 71.15
CA LEU D 11 45.06 6.99 71.42
C LEU D 11 45.03 8.48 71.57
N VAL D 12 43.91 9.08 71.13
CA VAL D 12 43.65 10.48 71.31
C VAL D 12 42.16 10.57 71.37
N GLN D 13 41.61 11.63 72.02
CA GLN D 13 40.19 11.71 72.20
C GLN D 13 39.55 12.07 70.90
N PRO D 14 38.24 12.05 70.89
CA PRO D 14 37.52 12.38 69.70
C PRO D 14 37.78 13.80 69.36
N GLY D 15 37.69 14.15 68.07
CA GLY D 15 37.96 15.46 67.60
C GLY D 15 39.42 15.63 67.80
N GLY D 16 40.15 14.49 67.81
CA GLY D 16 41.55 14.54 68.05
C GLY D 16 42.26 14.64 66.75
N SER D 17 43.60 14.47 66.80
CA SER D 17 44.39 14.58 65.60
C SER D 17 45.50 13.59 65.70
N LEU D 18 45.92 13.04 64.55
CA LEU D 18 47.05 12.15 64.52
C LEU D 18 47.65 12.22 63.17
N ARG D 19 48.98 12.07 63.08
CA ARG D 19 49.59 12.04 61.78
C ARG D 19 50.27 10.73 61.63
N LEU D 20 49.67 9.80 60.86
CA LEU D 20 50.26 8.51 60.69
C LEU D 20 51.28 8.63 59.61
N SER D 21 52.52 8.26 59.93
CA SER D 21 53.52 8.26 58.92
C SER D 21 53.56 6.87 58.40
N CYS D 22 54.27 6.65 57.28
CA CYS D 22 54.51 5.34 56.78
C CYS D 22 55.78 5.42 56.02
N ALA D 23 56.81 4.69 56.48
CA ALA D 23 58.08 4.77 55.83
C ALA D 23 58.19 3.58 54.95
N ALA D 24 58.75 3.77 53.75
CA ALA D 24 58.83 2.67 52.84
C ALA D 24 60.25 2.49 52.41
N SER D 25 60.63 1.23 52.11
CA SER D 25 61.96 0.96 51.64
C SER D 25 61.91 -0.33 50.87
N GLY D 26 62.90 -0.53 49.97
CA GLY D 26 62.98 -1.75 49.23
C GLY D 26 62.41 -1.59 47.84
N PHE D 27 61.85 -0.43 47.49
CA PHE D 27 61.32 -0.31 46.17
C PHE D 27 61.37 1.13 45.73
N THR D 28 61.08 1.37 44.44
CA THR D 28 61.09 2.71 43.93
C THR D 28 59.77 3.29 44.34
N PHE D 29 59.80 4.06 45.44
CA PHE D 29 58.66 4.60 46.10
C PHE D 29 57.90 5.52 45.19
N SER D 30 58.61 6.36 44.43
CA SER D 30 57.97 7.39 43.66
C SER D 30 57.10 6.85 42.56
N SER D 31 57.32 5.58 42.12
CA SER D 31 56.58 5.00 41.02
C SER D 31 55.32 4.25 41.41
N TYR D 32 54.96 4.16 42.71
CA TYR D 32 53.80 3.35 43.03
C TYR D 32 52.80 4.11 43.83
N TRP D 33 51.52 3.89 43.54
CA TRP D 33 50.49 4.46 44.34
C TRP D 33 50.60 3.83 45.71
N MET D 34 50.16 4.56 46.74
CA MET D 34 50.19 4.03 48.07
C MET D 34 48.78 4.07 48.56
N SER D 35 48.48 3.27 49.59
CA SER D 35 47.12 3.20 50.02
C SER D 35 47.06 2.95 51.49
N TRP D 36 46.17 3.69 52.17
CA TRP D 36 45.88 3.41 53.54
C TRP D 36 44.71 2.50 53.55
N VAL D 37 44.65 1.62 54.57
CA VAL D 37 43.56 0.70 54.71
C VAL D 37 43.34 0.52 56.19
N ARG D 38 42.06 0.38 56.61
CA ARG D 38 41.83 0.28 58.02
C ARG D 38 41.01 -0.93 58.32
N GLN D 39 41.23 -1.49 59.53
CA GLN D 39 40.43 -2.58 59.98
C GLN D 39 40.05 -2.28 61.39
N ALA D 40 38.76 -1.94 61.60
CA ALA D 40 38.31 -1.69 62.93
C ALA D 40 38.34 -3.02 63.58
N PRO D 41 38.51 -3.06 64.87
CA PRO D 41 38.51 -4.34 65.48
C PRO D 41 37.15 -4.96 65.31
N GLY D 42 37.13 -6.23 64.88
CA GLY D 42 35.91 -6.97 64.70
C GLY D 42 35.39 -6.76 63.31
N LYS D 43 35.85 -5.70 62.62
CA LYS D 43 35.30 -5.39 61.33
C LYS D 43 36.20 -5.90 60.25
N GLY D 44 35.70 -5.77 58.99
CA GLY D 44 36.42 -6.18 57.82
C GLY D 44 37.22 -5.03 57.26
N LEU D 45 37.97 -5.30 56.17
CA LEU D 45 38.87 -4.34 55.59
C LEU D 45 38.12 -3.25 54.89
N GLU D 46 38.57 -2.00 55.12
CA GLU D 46 38.01 -0.87 54.46
C GLU D 46 39.14 -0.03 53.94
N TRP D 47 39.15 0.24 52.62
CA TRP D 47 40.15 1.06 51.98
C TRP D 47 39.98 2.49 52.42
N VAL D 48 41.08 3.17 52.83
CA VAL D 48 40.99 4.57 53.15
C VAL D 48 41.23 5.52 52.02
N ALA D 49 42.51 5.63 51.59
CA ALA D 49 42.87 6.65 50.64
C ALA D 49 43.88 6.09 49.72
N ASN D 50 44.11 6.79 48.60
CA ASN D 50 45.14 6.43 47.67
C ASN D 50 45.75 7.71 47.17
N ILE D 51 47.02 7.70 46.68
CA ILE D 51 47.62 8.87 46.07
C ILE D 51 48.36 8.44 44.85
N ASN D 52 48.31 9.24 43.77
CA ASN D 52 48.97 8.87 42.56
C ASN D 52 50.45 9.12 42.69
N GLN D 53 51.22 8.71 41.66
CA GLN D 53 52.66 8.82 41.65
C GLN D 53 53.14 10.22 41.77
N ASP D 54 52.52 11.15 41.03
CA ASP D 54 52.93 12.51 41.06
C ASP D 54 52.57 13.17 42.36
N GLY D 55 51.61 12.58 43.11
CA GLY D 55 51.28 13.12 44.41
C GLY D 55 50.15 14.09 44.28
N SER D 56 49.74 14.40 43.04
CA SER D 56 48.65 15.31 42.84
C SER D 56 47.34 14.70 43.18
N GLU D 57 46.91 13.72 42.36
CA GLU D 57 45.59 13.16 42.51
C GLU D 57 45.52 12.36 43.76
N LYS D 58 44.49 12.62 44.58
CA LYS D 58 44.34 11.89 45.80
C LYS D 58 42.89 11.53 45.94
N TYR D 59 42.61 10.32 46.47
CA TYR D 59 41.25 9.90 46.63
C TYR D 59 41.04 9.42 48.04
N TYR D 60 39.80 9.60 48.53
CA TYR D 60 39.49 9.19 49.88
C TYR D 60 38.14 8.56 49.89
N VAL D 61 37.85 7.80 50.97
CA VAL D 61 36.55 7.24 51.19
C VAL D 61 35.73 8.36 51.75
N ASP D 62 34.40 8.30 51.59
CA ASP D 62 33.52 9.38 51.95
C ASP D 62 33.60 9.72 53.41
N SER D 63 33.68 8.71 54.29
CA SER D 63 33.61 8.94 55.72
C SER D 63 34.72 9.85 56.17
N VAL D 64 35.90 9.68 55.57
CA VAL D 64 37.15 10.37 55.81
C VAL D 64 37.26 11.75 55.22
N LYS D 65 36.54 12.03 54.11
CA LYS D 65 36.75 13.26 53.37
C LYS D 65 36.69 14.46 54.27
N GLY D 66 37.74 15.30 54.19
CA GLY D 66 37.86 16.54 54.90
C GLY D 66 38.68 16.29 56.13
N ARG D 67 38.47 15.12 56.74
CA ARG D 67 39.14 14.67 57.92
C ARG D 67 40.56 14.23 57.66
N PHE D 68 40.81 13.41 56.61
CA PHE D 68 42.15 12.88 56.51
C PHE D 68 42.82 13.40 55.27
N THR D 69 44.15 13.60 55.34
CA THR D 69 44.86 14.12 54.21
C THR D 69 46.03 13.24 53.90
N ILE D 70 46.07 12.70 52.67
CA ILE D 70 47.14 11.81 52.32
C ILE D 70 48.21 12.59 51.61
N SER D 71 49.43 12.59 52.19
CA SER D 71 50.56 13.36 51.70
C SER D 71 51.60 12.40 51.20
N ARG D 72 52.72 12.93 50.67
CA ARG D 72 53.69 12.03 50.09
C ARG D 72 55.02 12.74 49.93
N ASP D 73 56.14 12.02 50.13
CA ASP D 73 57.47 12.56 49.90
C ASP D 73 58.27 11.48 49.24
N ASN D 74 58.29 11.45 47.90
CA ASN D 74 58.95 10.40 47.17
C ASN D 74 60.40 10.41 47.55
N ALA D 75 60.95 11.60 47.79
CA ALA D 75 62.33 11.75 48.18
C ALA D 75 62.53 11.16 49.55
N LYS D 76 61.54 11.39 50.44
CA LYS D 76 61.49 10.97 51.82
C LYS D 76 61.13 9.51 51.98
N ASN D 77 60.47 8.91 50.97
CA ASN D 77 59.98 7.55 51.00
C ASN D 77 58.93 7.36 52.06
N SER D 78 58.12 8.40 52.39
CA SER D 78 57.12 8.32 53.44
C SER D 78 55.72 8.68 52.94
N LEU D 79 54.67 8.13 53.61
CA LEU D 79 53.25 8.23 53.31
C LEU D 79 52.36 9.29 53.95
N TYR D 80 52.54 9.68 55.24
CA TYR D 80 51.76 10.72 55.89
C TYR D 80 50.25 10.68 55.67
N LEU D 81 49.46 10.13 56.62
CA LEU D 81 48.02 10.26 56.50
C LEU D 81 47.57 11.16 57.62
N GLN D 82 47.26 12.45 57.34
CA GLN D 82 46.93 13.35 58.42
C GLN D 82 45.50 13.14 58.80
N VAL D 83 45.28 12.89 60.11
CA VAL D 83 43.98 12.60 60.59
C VAL D 83 43.51 13.67 61.52
N ASN D 84 42.29 14.17 61.23
CA ASN D 84 41.56 15.12 62.02
C ASN D 84 40.18 14.88 61.49
N SER D 85 39.06 15.09 62.22
CA SER D 85 38.97 15.31 63.61
C SER D 85 38.41 13.97 63.96
N LEU D 86 39.12 13.21 64.80
CA LEU D 86 38.81 11.82 64.97
C LEU D 86 37.49 11.52 65.62
N ARG D 87 36.86 10.42 65.15
CA ARG D 87 35.61 9.94 65.64
C ARG D 87 35.87 8.58 66.22
N ALA D 88 34.89 8.04 66.96
CA ALA D 88 35.02 6.74 67.57
C ALA D 88 35.16 5.68 66.52
N GLU D 89 34.38 5.80 65.43
CA GLU D 89 34.29 4.86 64.36
C GLU D 89 35.66 4.73 63.76
N ASP D 90 36.47 5.80 63.88
CA ASP D 90 37.79 5.92 63.34
C ASP D 90 38.75 4.97 63.98
N THR D 91 38.38 4.36 65.13
CA THR D 91 39.30 3.45 65.76
C THR D 91 39.53 2.28 64.86
N ALA D 92 40.81 1.89 64.67
CA ALA D 92 41.11 0.78 63.81
C ALA D 92 42.60 0.67 63.67
N VAL D 93 43.04 -0.21 62.75
CA VAL D 93 44.44 -0.36 62.45
C VAL D 93 44.65 0.21 61.08
N TYR D 94 45.84 0.78 60.83
CA TYR D 94 46.08 1.36 59.53
C TYR D 94 47.29 0.75 58.90
N TYR D 95 47.12 0.25 57.65
CA TYR D 95 48.22 -0.36 56.95
C TYR D 95 48.47 0.49 55.74
N CYS D 96 49.76 0.77 55.45
CA CYS D 96 50.06 1.45 54.21
C CYS D 96 50.43 0.35 53.26
N ALA D 97 50.04 0.47 51.98
CA ALA D 97 50.28 -0.67 51.12
C ALA D 97 50.71 -0.27 49.74
N ARG D 98 51.61 -1.11 49.18
CA ARG D 98 52.09 -0.89 47.85
C ARG D 98 51.08 -1.31 46.86
N ASP D 99 51.11 -0.62 45.71
CA ASP D 99 50.39 -1.04 44.56
C ASP D 99 51.36 -1.95 43.90
N TRP D 100 50.88 -2.76 42.95
CA TRP D 100 51.81 -3.55 42.22
C TRP D 100 52.04 -2.84 40.93
N ASP D 101 53.21 -3.11 40.30
CA ASP D 101 53.53 -2.60 39.00
C ASP D 101 53.83 -1.13 39.10
N TYR D 102 54.11 -0.52 37.94
CA TYR D 102 54.49 0.85 37.80
C TYR D 102 53.27 1.68 37.56
N ASP D 103 53.24 2.89 38.17
CA ASP D 103 52.09 3.75 38.04
C ASP D 103 51.96 4.17 36.60
N ILE D 104 53.08 4.14 35.87
CA ILE D 104 53.19 4.55 34.49
C ILE D 104 52.39 3.66 33.60
N LEU D 105 52.42 2.34 33.85
CA LEU D 105 51.91 1.38 32.90
C LEU D 105 50.43 1.52 32.63
N THR D 106 50.04 1.26 31.35
CA THR D 106 48.65 1.29 30.97
C THR D 106 47.99 0.12 31.65
N GLY D 107 48.62 -1.07 31.62
CA GLY D 107 48.01 -2.16 32.33
C GLY D 107 48.29 -1.82 33.76
N SER D 108 47.24 -1.48 34.53
CA SER D 108 47.51 -0.96 35.85
C SER D 108 47.05 -1.87 36.95
N TRP D 109 48.05 -2.43 37.65
CA TRP D 109 48.04 -3.25 38.83
C TRP D 109 48.06 -2.44 40.09
N PHE D 110 48.10 -1.11 39.97
CA PHE D 110 48.34 -0.27 41.11
C PHE D 110 47.34 -0.51 42.22
N GLY D 111 46.08 -0.86 41.90
CA GLY D 111 45.07 -1.16 42.88
C GLY D 111 45.36 -2.45 43.60
N ALA D 112 46.15 -3.36 43.01
CA ALA D 112 46.47 -4.60 43.70
C ALA D 112 47.48 -4.30 44.77
N PHE D 113 47.26 -4.75 46.02
CA PHE D 113 48.23 -4.41 47.05
C PHE D 113 49.11 -5.58 47.32
N ASP D 114 50.32 -5.57 46.73
CA ASP D 114 51.28 -6.61 46.88
C ASP D 114 52.07 -6.53 48.18
N ILE D 115 52.34 -5.33 48.74
CA ILE D 115 53.06 -5.23 50.01
C ILE D 115 52.33 -4.38 51.04
N TRP D 116 52.40 -4.79 52.33
CA TRP D 116 51.70 -4.11 53.39
C TRP D 116 52.61 -3.98 54.58
N GLY D 117 52.42 -2.90 55.38
CA GLY D 117 53.19 -2.76 56.58
C GLY D 117 52.50 -3.62 57.60
N GLN D 118 53.03 -3.61 58.84
CA GLN D 118 52.45 -4.37 59.91
C GLN D 118 51.17 -3.75 60.34
N GLY D 119 51.05 -2.41 60.22
CA GLY D 119 49.89 -1.69 60.66
C GLY D 119 50.25 -0.87 61.85
N THR D 120 49.37 0.09 62.19
CA THR D 120 49.50 0.93 63.36
C THR D 120 48.11 1.01 63.93
N THR D 121 47.97 1.10 65.26
CA THR D 121 46.66 1.11 65.81
C THR D 121 46.33 2.48 66.32
N VAL D 122 45.11 2.94 65.99
CA VAL D 122 44.64 4.21 66.47
C VAL D 122 43.42 3.96 67.28
N THR D 123 43.43 4.44 68.53
CA THR D 123 42.30 4.21 69.37
C THR D 123 41.72 5.56 69.69
N VAL D 124 40.40 5.72 69.45
CA VAL D 124 39.77 6.97 69.75
C VAL D 124 38.79 6.75 70.84
N SER D 125 39.07 7.30 72.05
CA SER D 125 38.19 7.11 73.17
C SER D 125 38.52 8.07 74.28
N SER D 126 37.51 8.32 75.16
CA SER D 126 37.60 9.22 76.29
C SER D 126 38.34 8.60 77.43
N ALA D 127 38.57 7.28 77.39
CA ALA D 127 39.21 6.66 78.52
C ALA D 127 40.65 7.06 78.54
N SER D 128 41.20 7.17 79.77
CA SER D 128 42.57 7.52 79.95
C SER D 128 43.38 6.26 79.94
N THR D 129 44.70 6.39 79.77
CA THR D 129 45.56 5.23 79.77
C THR D 129 45.62 4.74 81.19
N LYS D 130 45.46 3.42 81.39
CA LYS D 130 45.50 2.85 82.71
C LYS D 130 46.14 1.50 82.65
N GLY D 131 46.96 1.18 83.67
CA GLY D 131 47.59 -0.10 83.78
C GLY D 131 46.58 -1.08 84.30
N PRO D 132 46.79 -2.32 83.95
CA PRO D 132 45.90 -3.40 84.31
C PRO D 132 46.05 -3.92 85.70
N SER D 133 44.95 -4.46 86.28
CA SER D 133 45.05 -5.14 87.54
C SER D 133 45.23 -6.58 87.17
N VAL D 134 46.06 -7.32 87.93
CA VAL D 134 46.28 -8.71 87.59
C VAL D 134 45.83 -9.54 88.74
N PHE D 135 44.85 -10.44 88.51
CA PHE D 135 44.35 -11.24 89.59
C PHE D 135 44.57 -12.68 89.26
N PRO D 136 44.93 -13.49 90.22
CA PRO D 136 45.16 -14.88 89.92
C PRO D 136 43.92 -15.69 89.77
N LEU D 137 43.92 -16.67 88.84
CA LEU D 137 42.82 -17.59 88.76
C LEU D 137 43.35 -18.89 89.29
N ALA D 138 43.06 -19.18 90.57
CA ALA D 138 43.61 -20.33 91.24
C ALA D 138 42.96 -21.60 90.78
N PRO D 139 43.75 -22.63 90.75
CA PRO D 139 43.28 -23.92 90.28
C PRO D 139 42.40 -24.67 91.22
N SER D 140 41.54 -25.55 90.67
CA SER D 140 40.64 -26.32 91.49
C SER D 140 41.44 -27.50 91.96
N SER D 141 40.94 -28.18 93.02
CA SER D 141 41.68 -29.31 93.49
C SER D 141 40.77 -30.50 93.50
N LYS D 142 41.32 -31.67 93.12
CA LYS D 142 40.59 -32.90 93.09
C LYS D 142 39.34 -32.68 92.31
N SER D 143 39.42 -31.88 91.25
CA SER D 143 38.25 -31.66 90.46
C SER D 143 37.88 -32.99 89.88
N THR D 144 38.90 -33.72 89.39
CA THR D 144 38.67 -35.01 88.81
C THR D 144 39.61 -35.97 89.48
N SER D 145 39.36 -37.27 89.29
CA SER D 145 40.20 -38.28 89.86
C SER D 145 41.55 -38.13 89.26
N GLY D 146 41.59 -37.83 87.95
CA GLY D 146 42.85 -37.66 87.29
C GLY D 146 43.34 -36.32 87.70
N GLY D 147 44.55 -35.93 87.26
CA GLY D 147 45.00 -34.66 87.72
C GLY D 147 45.36 -33.79 86.56
N THR D 148 44.38 -32.99 86.11
CA THR D 148 44.66 -31.99 85.11
C THR D 148 44.14 -30.73 85.72
N ALA D 149 44.98 -29.69 85.81
CA ALA D 149 44.50 -28.50 86.44
C ALA D 149 44.71 -27.35 85.51
N ALA D 150 43.84 -26.33 85.62
CA ALA D 150 43.95 -25.17 84.79
C ALA D 150 44.13 -24.00 85.70
N LEU D 151 45.03 -23.07 85.33
CA LEU D 151 45.25 -21.90 86.14
C LEU D 151 45.45 -20.73 85.23
N GLY D 152 45.57 -19.51 85.78
CA GLY D 152 45.78 -18.39 84.88
C GLY D 152 45.73 -17.09 85.61
N CYS D 153 45.79 -15.98 84.83
CA CYS D 153 45.75 -14.66 85.38
C CYS D 153 44.65 -13.88 84.74
N LEU D 154 44.01 -13.01 85.53
CA LEU D 154 42.98 -12.15 85.04
C LEU D 154 43.58 -10.80 84.91
N VAL D 155 43.73 -10.31 83.67
CA VAL D 155 44.28 -8.99 83.47
C VAL D 155 43.11 -8.09 83.21
N LYS D 156 42.85 -7.15 84.13
CA LYS D 156 41.62 -6.42 83.97
C LYS D 156 41.84 -4.94 84.02
N ASP D 157 40.87 -4.21 83.42
CA ASP D 157 40.76 -2.77 83.38
C ASP D 157 42.02 -2.09 82.91
N TYR D 158 42.48 -2.36 81.68
CA TYR D 158 43.62 -1.64 81.19
C TYR D 158 43.21 -0.96 79.91
N PHE D 159 43.91 0.15 79.57
CA PHE D 159 43.59 0.88 78.38
C PHE D 159 44.85 1.59 77.96
N PRO D 160 45.17 1.67 76.69
CA PRO D 160 44.47 1.00 75.62
C PRO D 160 45.16 -0.29 75.31
N GLU D 161 44.72 -0.99 74.25
CA GLU D 161 45.42 -2.17 73.81
C GLU D 161 46.73 -1.68 73.30
N PRO D 162 47.74 -2.51 73.13
CA PRO D 162 47.70 -3.92 73.47
C PRO D 162 48.31 -4.24 74.80
N VAL D 163 48.30 -5.55 75.18
CA VAL D 163 48.95 -6.02 76.39
C VAL D 163 49.70 -7.27 76.02
N THR D 164 50.80 -7.58 76.74
CA THR D 164 51.57 -8.76 76.42
C THR D 164 51.52 -9.71 77.57
N VAL D 165 51.26 -11.00 77.29
CA VAL D 165 51.19 -11.96 78.36
C VAL D 165 52.11 -13.09 78.06
N SER D 166 52.92 -13.49 79.07
CA SER D 166 53.84 -14.59 78.92
C SER D 166 53.83 -15.35 80.21
N TRP D 167 54.22 -16.65 80.16
CA TRP D 167 54.28 -17.43 81.37
C TRP D 167 55.67 -17.93 81.60
N ASN D 168 56.15 -17.75 82.85
CA ASN D 168 57.46 -18.18 83.24
C ASN D 168 58.42 -17.63 82.26
N SER D 169 58.18 -16.37 81.83
CA SER D 169 58.99 -15.80 80.81
C SER D 169 58.54 -16.48 79.57
N GLY D 170 59.41 -16.81 78.66
CA GLY D 170 59.02 -17.55 77.51
C GLY D 170 58.84 -19.01 77.81
N ALA D 171 59.32 -19.45 78.99
CA ALA D 171 59.52 -20.83 79.35
C ALA D 171 58.31 -21.71 79.19
N LEU D 172 57.07 -21.26 79.49
CA LEU D 172 55.97 -22.17 79.35
C LEU D 172 55.04 -21.72 78.27
N THR D 173 55.10 -22.39 77.09
CA THR D 173 54.26 -22.16 75.94
C THR D 173 53.07 -23.08 75.77
N SER D 174 53.22 -24.38 76.12
CA SER D 174 52.33 -25.42 75.66
C SER D 174 50.87 -25.12 75.79
N GLY D 175 50.23 -25.53 76.88
CA GLY D 175 48.79 -25.46 77.06
C GLY D 175 48.27 -24.05 77.10
N VAL D 176 49.12 -23.02 77.01
CA VAL D 176 48.70 -21.64 77.18
C VAL D 176 47.72 -21.12 76.16
N HIS D 177 46.67 -20.41 76.67
CA HIS D 177 45.70 -19.75 75.86
C HIS D 177 45.50 -18.37 76.40
N THR D 178 45.91 -17.33 75.64
CA THR D 178 45.69 -15.97 76.05
C THR D 178 44.58 -15.49 75.18
N PHE D 179 43.39 -15.27 75.78
CA PHE D 179 42.22 -14.90 75.03
C PHE D 179 42.30 -13.47 74.61
N PRO D 180 41.68 -13.18 73.49
CA PRO D 180 41.60 -11.85 72.96
C PRO D 180 40.87 -11.01 73.96
N ALA D 181 41.23 -9.72 74.09
CA ALA D 181 40.60 -8.86 75.06
C ALA D 181 39.24 -8.47 74.58
N VAL D 182 38.34 -8.17 75.53
CA VAL D 182 37.01 -7.74 75.20
C VAL D 182 36.83 -6.35 75.78
N LEU D 183 36.13 -5.46 75.04
CA LEU D 183 35.86 -4.16 75.58
C LEU D 183 34.75 -4.30 76.54
N GLN D 184 34.99 -3.84 77.79
CA GLN D 184 33.99 -3.95 78.80
C GLN D 184 33.04 -2.81 78.66
N SER D 185 31.96 -2.85 79.45
CA SER D 185 30.93 -1.85 79.44
C SER D 185 31.55 -0.55 79.83
N SER D 186 32.55 -0.62 80.73
CA SER D 186 33.21 0.54 81.25
C SER D 186 33.99 1.20 80.16
N GLY D 187 34.39 0.45 79.12
CA GLY D 187 35.17 1.05 78.08
C GLY D 187 36.61 0.66 78.28
N LEU D 188 36.89 -0.11 79.35
CA LEU D 188 38.22 -0.58 79.61
C LEU D 188 38.33 -1.98 79.10
N TYR D 189 39.57 -2.47 78.86
CA TYR D 189 39.82 -3.76 78.28
C TYR D 189 40.09 -4.78 79.36
N SER D 190 39.61 -6.03 79.16
CA SER D 190 39.89 -7.08 80.09
C SER D 190 40.17 -8.36 79.34
N LEU D 191 41.04 -9.23 79.91
CA LEU D 191 41.35 -10.48 79.28
C LEU D 191 41.86 -11.45 80.31
N SER D 192 41.96 -12.74 79.93
CA SER D 192 42.50 -13.72 80.83
C SER D 192 43.44 -14.60 80.06
N SER D 193 44.48 -15.11 80.74
CA SER D 193 45.40 -16.04 80.17
C SER D 193 45.29 -17.29 80.98
N VAL D 194 45.28 -18.46 80.31
CA VAL D 194 45.11 -19.68 81.02
C VAL D 194 46.09 -20.68 80.50
N VAL D 195 46.40 -21.70 81.32
CA VAL D 195 47.26 -22.77 80.91
C VAL D 195 46.84 -24.00 81.66
N THR D 196 46.97 -25.18 81.01
CA THR D 196 46.57 -26.40 81.66
C THR D 196 47.82 -27.14 82.02
N VAL D 197 47.88 -27.65 83.26
CA VAL D 197 49.05 -28.34 83.73
C VAL D 197 48.62 -29.52 84.57
N PRO D 198 49.54 -30.40 84.84
CA PRO D 198 49.25 -31.55 85.67
C PRO D 198 49.02 -31.13 87.09
N SER D 199 48.10 -31.80 87.80
CA SER D 199 47.74 -31.45 89.15
C SER D 199 48.92 -31.66 90.04
N SER D 200 49.78 -32.63 89.69
CA SER D 200 50.92 -32.98 90.48
C SER D 200 51.87 -31.83 90.50
N SER D 201 51.88 -31.02 89.42
CA SER D 201 52.80 -29.92 89.27
C SER D 201 52.49 -28.83 90.25
N LEU D 202 51.28 -28.83 90.82
CA LEU D 202 50.98 -27.76 91.73
C LEU D 202 51.85 -27.91 92.93
N GLY D 203 52.55 -26.82 93.30
CA GLY D 203 53.39 -26.79 94.46
C GLY D 203 54.81 -27.00 94.05
N THR D 204 55.05 -28.02 93.21
CA THR D 204 56.38 -28.33 92.75
C THR D 204 56.83 -27.31 91.75
N GLN D 205 55.94 -26.94 90.81
CA GLN D 205 56.31 -26.08 89.72
C GLN D 205 55.86 -24.69 89.99
N THR D 206 56.71 -23.70 89.62
CA THR D 206 56.39 -22.31 89.81
C THR D 206 55.70 -21.82 88.57
N TYR D 207 54.59 -21.08 88.73
CA TYR D 207 53.91 -20.53 87.59
C TYR D 207 53.76 -19.06 87.81
N ILE D 208 54.44 -18.25 86.98
CA ILE D 208 54.32 -16.83 87.07
C ILE D 208 53.80 -16.25 85.80
N CYS D 209 52.75 -15.40 85.91
CA CYS D 209 52.23 -14.78 84.73
C CYS D 209 52.88 -13.45 84.60
N ASN D 210 53.35 -13.16 83.37
CA ASN D 210 54.09 -11.96 83.11
C ASN D 210 53.24 -11.07 82.26
N VAL D 211 52.85 -9.89 82.81
CA VAL D 211 52.04 -9.00 82.03
C VAL D 211 52.79 -7.73 81.79
N ASN D 212 52.82 -7.30 80.52
CA ASN D 212 53.48 -6.08 80.14
C ASN D 212 52.51 -5.25 79.37
N HIS D 213 52.24 -4.02 79.85
CA HIS D 213 51.35 -3.12 79.18
C HIS D 213 52.14 -1.89 78.84
N LYS D 214 52.57 -1.79 77.57
CA LYS D 214 53.47 -0.76 77.13
C LYS D 214 52.88 0.61 77.24
N PRO D 215 51.64 0.83 76.88
CA PRO D 215 51.12 2.16 76.95
C PRO D 215 51.20 2.75 78.32
N SER D 216 50.83 2.00 79.36
CA SER D 216 50.91 2.47 80.72
C SER D 216 52.31 2.30 81.22
N ASN D 217 53.18 1.62 80.45
CA ASN D 217 54.54 1.43 80.86
C ASN D 217 54.58 0.69 82.17
N THR D 218 53.77 -0.37 82.31
CA THR D 218 53.71 -1.11 83.53
C THR D 218 54.06 -2.54 83.24
N LYS D 219 54.73 -3.23 84.20
CA LYS D 219 55.05 -4.62 84.03
C LYS D 219 54.67 -5.31 85.31
N VAL D 220 54.07 -6.51 85.22
CA VAL D 220 53.71 -7.16 86.45
C VAL D 220 54.00 -8.63 86.36
N ASP D 221 54.43 -9.24 87.49
CA ASP D 221 54.64 -10.65 87.54
C ASP D 221 53.86 -11.18 88.70
N LYS D 222 52.81 -11.98 88.44
CA LYS D 222 52.08 -12.49 89.56
C LYS D 222 52.24 -13.97 89.58
N ARG D 223 52.49 -14.55 90.77
CA ARG D 223 52.63 -15.98 90.78
C ARG D 223 51.32 -16.54 91.23
N VAL D 224 50.88 -17.60 90.53
CA VAL D 224 49.61 -18.18 90.83
C VAL D 224 49.88 -19.42 91.62
N GLU D 225 49.17 -19.56 92.77
CA GLU D 225 49.36 -20.69 93.63
C GLU D 225 47.99 -21.23 93.94
N PRO D 226 47.93 -22.47 94.34
CA PRO D 226 46.66 -23.11 94.61
C PRO D 226 45.80 -22.29 95.51
N LYS D 227 46.34 -21.68 96.57
CA LYS D 227 45.54 -20.86 97.42
C LYS D 227 46.44 -20.44 98.58
N ASP E 1 29.16 2.90 42.05
CA ASP E 1 30.13 2.06 42.80
C ASP E 1 29.80 0.62 42.62
N ILE E 2 30.66 -0.30 43.09
CA ILE E 2 30.33 -1.67 42.96
C ILE E 2 30.51 -2.38 44.26
N GLN E 3 29.64 -3.37 44.51
CA GLN E 3 29.68 -4.10 45.74
C GLN E 3 30.16 -5.48 45.42
N MET E 4 31.07 -6.01 46.25
CA MET E 4 31.56 -7.34 46.05
C MET E 4 30.95 -8.19 47.13
N THR E 5 30.38 -9.35 46.74
CA THR E 5 29.74 -10.19 47.71
C THR E 5 30.34 -11.56 47.61
N GLN E 6 31.01 -12.01 48.68
CA GLN E 6 31.64 -13.30 48.68
C GLN E 6 30.70 -14.31 49.26
N SER E 7 30.91 -15.59 48.91
CA SER E 7 30.12 -16.65 49.47
C SER E 7 30.92 -17.91 49.35
N PRO E 8 30.87 -18.77 50.34
CA PRO E 8 30.13 -18.57 51.55
C PRO E 8 30.89 -17.69 52.48
N SER E 9 30.22 -17.17 53.54
CA SER E 9 30.82 -16.32 54.51
C SER E 9 31.77 -17.12 55.36
N SER E 10 31.52 -18.44 55.50
CA SER E 10 32.40 -19.23 56.32
C SER E 10 32.36 -20.65 55.83
N LEU E 11 33.47 -21.41 56.02
CA LEU E 11 33.48 -22.77 55.57
C LEU E 11 34.42 -23.56 56.43
N SER E 12 34.23 -24.90 56.47
CA SER E 12 35.11 -25.76 57.20
C SER E 12 35.44 -26.92 56.31
N ALA E 13 36.75 -27.23 56.15
CA ALA E 13 37.14 -28.30 55.27
C ALA E 13 38.30 -29.05 55.86
N SER E 14 38.49 -30.30 55.41
CA SER E 14 39.55 -31.16 55.85
C SER E 14 40.79 -30.81 55.10
N VAL E 15 41.94 -31.36 55.55
CA VAL E 15 43.22 -30.93 55.06
C VAL E 15 43.27 -30.93 53.56
N GLY E 16 43.43 -32.08 52.89
CA GLY E 16 43.70 -32.18 51.47
C GLY E 16 42.60 -31.66 50.60
N ASP E 17 41.37 -31.52 51.12
CA ASP E 17 40.21 -31.19 50.35
C ASP E 17 40.39 -29.92 49.56
N ARG E 18 39.53 -29.75 48.53
CA ARG E 18 39.56 -28.61 47.63
C ARG E 18 38.52 -27.63 48.10
N VAL E 19 38.87 -26.33 48.19
CA VAL E 19 37.94 -25.36 48.68
C VAL E 19 37.73 -24.33 47.61
N THR E 20 36.46 -23.87 47.43
CA THR E 20 36.20 -22.88 46.41
C THR E 20 35.36 -21.77 46.97
N ILE E 21 35.94 -20.55 47.06
CA ILE E 21 35.21 -19.41 47.54
C ILE E 21 34.93 -18.56 46.34
N THR E 22 33.68 -18.05 46.22
CA THR E 22 33.33 -17.27 45.08
C THR E 22 33.08 -15.85 45.51
N CYS E 23 33.18 -14.90 44.55
CA CYS E 23 32.97 -13.50 44.81
C CYS E 23 32.11 -13.00 43.67
N ARG E 24 31.07 -12.19 43.97
CA ARG E 24 30.19 -11.79 42.90
C ARG E 24 30.14 -10.29 42.80
N ALA E 25 30.34 -9.78 41.56
CA ALA E 25 30.35 -8.37 41.38
C ALA E 25 28.99 -7.92 40.90
N SER E 26 28.48 -6.84 41.51
CA SER E 26 27.21 -6.31 41.14
C SER E 26 27.30 -5.79 39.75
N GLN E 27 28.50 -5.35 39.32
CA GLN E 27 28.69 -4.79 38.00
C GLN E 27 29.82 -5.54 37.37
N GLY E 28 29.90 -5.51 36.01
CA GLY E 28 30.94 -6.18 35.29
C GLY E 28 32.25 -5.52 35.58
N ILE E 29 33.10 -6.25 36.32
CA ILE E 29 34.42 -5.88 36.76
C ILE E 29 35.46 -6.02 35.70
N ARG E 30 35.26 -6.95 34.74
CA ARG E 30 36.30 -7.28 33.81
C ARG E 30 37.17 -8.18 34.64
N ASN E 31 38.50 -8.11 34.50
CA ASN E 31 39.26 -8.98 35.36
C ASN E 31 40.01 -8.18 36.39
N ASP E 32 39.45 -7.03 36.83
CA ASP E 32 40.18 -6.26 37.80
C ASP E 32 39.82 -6.78 39.15
N LEU E 33 40.34 -7.98 39.49
CA LEU E 33 40.02 -8.48 40.79
C LEU E 33 41.25 -9.08 41.41
N GLY E 34 41.41 -8.89 42.74
CA GLY E 34 42.54 -9.46 43.43
C GLY E 34 42.04 -10.18 44.65
N TRP E 35 42.86 -11.09 45.20
CA TRP E 35 42.48 -11.84 46.37
C TRP E 35 43.53 -11.65 47.42
N TYR E 36 43.12 -11.61 48.70
CA TYR E 36 44.06 -11.41 49.77
C TYR E 36 43.80 -12.43 50.84
N GLN E 37 44.87 -12.83 51.56
CA GLN E 37 44.73 -13.75 52.65
C GLN E 37 45.10 -13.00 53.90
N GLN E 38 44.30 -13.17 54.97
CA GLN E 38 44.58 -12.47 56.20
C GLN E 38 44.47 -13.43 57.35
N LYS E 39 45.41 -13.31 58.31
CA LYS E 39 45.42 -14.09 59.52
C LYS E 39 44.96 -13.15 60.59
N PRO E 40 44.51 -13.66 61.71
CA PRO E 40 43.81 -12.88 62.71
C PRO E 40 44.25 -11.46 62.93
N GLY E 41 45.37 -11.20 63.62
CA GLY E 41 45.86 -9.86 63.84
C GLY E 41 46.59 -9.31 62.65
N LYS E 42 47.28 -10.21 61.92
CA LYS E 42 48.23 -9.85 60.90
C LYS E 42 47.61 -9.13 59.75
N ALA E 43 48.46 -8.40 59.00
CA ALA E 43 48.05 -7.64 57.85
C ALA E 43 47.89 -8.57 56.68
N PRO E 44 47.05 -8.18 55.75
CA PRO E 44 46.75 -9.03 54.62
C PRO E 44 47.89 -9.22 53.67
N LYS E 45 47.93 -10.41 53.03
CA LYS E 45 48.93 -10.73 52.04
C LYS E 45 48.20 -10.91 50.75
N ARG E 46 48.78 -10.41 49.65
CA ARG E 46 48.12 -10.53 48.38
C ARG E 46 48.39 -11.88 47.79
N LEU E 47 47.30 -12.65 47.51
CA LEU E 47 47.37 -13.93 46.85
C LEU E 47 47.39 -13.88 45.34
N ILE E 48 46.41 -13.14 44.73
CA ILE E 48 46.28 -13.17 43.30
C ILE E 48 45.91 -11.80 42.81
N TYR E 49 46.37 -11.47 41.59
CA TYR E 49 46.04 -10.20 40.98
C TYR E 49 45.69 -10.46 39.55
N ALA E 50 44.92 -9.56 38.92
CA ALA E 50 44.56 -9.75 37.54
C ALA E 50 43.81 -11.05 37.39
N ALA E 51 43.10 -11.43 38.47
CA ALA E 51 42.21 -12.56 38.54
C ALA E 51 42.93 -13.88 38.55
N SER E 52 43.89 -14.10 37.62
CA SER E 52 44.60 -15.36 37.55
C SER E 52 45.98 -15.37 38.13
N SER E 53 46.72 -14.24 38.01
CA SER E 53 48.13 -14.25 38.30
C SER E 53 48.41 -14.53 39.74
N LEU E 54 49.36 -15.45 40.01
CA LEU E 54 49.75 -15.70 41.38
C LEU E 54 50.79 -14.70 41.75
N GLN E 55 50.85 -14.28 43.02
CA GLN E 55 51.93 -13.39 43.28
C GLN E 55 53.10 -14.17 43.78
N SER E 56 54.27 -13.53 43.76
CA SER E 56 55.47 -14.23 44.07
C SER E 56 55.44 -14.72 45.48
N GLY E 57 55.87 -15.99 45.66
CA GLY E 57 55.98 -16.56 46.97
C GLY E 57 54.73 -17.30 47.36
N VAL E 58 53.74 -17.44 46.45
CA VAL E 58 52.56 -18.16 46.85
C VAL E 58 52.55 -19.54 46.23
N PRO E 59 52.10 -20.48 47.02
CA PRO E 59 52.03 -21.84 46.56
C PRO E 59 50.98 -22.02 45.50
N SER E 60 51.18 -23.02 44.62
CA SER E 60 50.33 -23.29 43.50
C SER E 60 49.00 -23.82 43.94
N ARG E 61 48.87 -24.20 45.23
CA ARG E 61 47.62 -24.75 45.69
C ARG E 61 46.59 -23.69 45.55
N PHE E 62 47.02 -22.41 45.60
CA PHE E 62 46.12 -21.31 45.45
C PHE E 62 46.00 -20.96 44.00
N SER E 63 44.76 -20.83 43.49
CA SER E 63 44.56 -20.46 42.12
C SER E 63 43.33 -19.61 42.06
N GLY E 64 43.20 -18.77 41.01
CA GLY E 64 42.05 -17.93 40.90
C GLY E 64 41.62 -17.88 39.47
N SER E 65 40.28 -17.98 39.24
CA SER E 65 39.73 -17.95 37.92
C SER E 65 38.60 -16.97 37.91
N GLY E 66 38.14 -16.59 36.71
CA GLY E 66 37.03 -15.68 36.67
C GLY E 66 36.68 -15.38 35.25
N SER E 67 35.39 -15.05 35.02
CA SER E 67 34.90 -14.66 33.74
C SER E 67 33.64 -13.90 34.00
N GLY E 68 33.39 -12.84 33.23
CA GLY E 68 32.20 -12.08 33.48
C GLY E 68 32.40 -11.38 34.78
N THR E 69 31.33 -11.31 35.58
CA THR E 69 31.28 -10.72 36.89
C THR E 69 31.62 -11.66 38.02
N GLU E 70 31.63 -13.00 37.78
CA GLU E 70 31.82 -13.93 38.86
C GLU E 70 33.23 -14.46 38.86
N PHE E 71 33.86 -14.55 40.06
CA PHE E 71 35.24 -14.97 40.14
C PHE E 71 35.37 -16.01 41.22
N THR E 72 36.36 -16.93 41.09
CA THR E 72 36.55 -17.94 42.09
C THR E 72 38.00 -18.09 42.45
N LEU E 73 38.24 -18.26 43.77
CA LEU E 73 39.52 -18.55 44.32
C LEU E 73 39.43 -19.98 44.79
N THR E 74 40.23 -20.89 44.20
CA THR E 74 40.17 -22.24 44.65
C THR E 74 41.46 -22.58 45.33
N ILE E 75 41.40 -23.46 46.35
CA ILE E 75 42.59 -23.94 47.00
C ILE E 75 42.57 -25.43 46.80
N SER E 76 43.45 -25.93 45.91
CA SER E 76 43.45 -27.31 45.50
C SER E 76 43.70 -28.26 46.63
N SER E 77 44.67 -27.99 47.52
CA SER E 77 44.85 -28.94 48.59
C SER E 77 45.06 -28.17 49.86
N LEU E 78 43.99 -28.02 50.65
CA LEU E 78 43.99 -27.21 51.83
C LEU E 78 45.05 -27.68 52.80
N GLN E 79 45.73 -26.71 53.45
CA GLN E 79 46.76 -27.04 54.40
C GLN E 79 46.39 -26.36 55.68
N PRO E 80 47.01 -26.75 56.77
CA PRO E 80 46.69 -26.17 58.04
C PRO E 80 47.07 -24.72 58.12
N GLU E 81 48.07 -24.28 57.33
CA GLU E 81 48.53 -22.93 57.32
C GLU E 81 47.44 -22.05 56.79
N ASP E 82 46.58 -22.63 55.92
CA ASP E 82 45.56 -21.97 55.16
C ASP E 82 44.50 -21.33 56.00
N PHE E 83 44.39 -21.67 57.31
CA PHE E 83 43.38 -21.05 58.14
C PHE E 83 43.47 -19.55 58.01
N ALA E 84 42.33 -18.89 57.68
CA ALA E 84 42.36 -17.47 57.54
C ALA E 84 41.05 -17.00 56.99
N THR E 85 40.97 -15.68 56.76
CA THR E 85 39.84 -15.07 56.12
C THR E 85 40.38 -14.64 54.77
N TYR E 86 39.60 -14.89 53.70
CA TYR E 86 40.06 -14.57 52.38
C TYR E 86 39.14 -13.52 51.84
N TYR E 87 39.73 -12.48 51.20
CA TYR E 87 38.92 -11.41 50.69
C TYR E 87 39.21 -11.22 49.24
N CYS E 88 38.16 -10.86 48.47
CA CYS E 88 38.29 -10.51 47.08
C CYS E 88 38.24 -9.01 47.05
N LEU E 89 38.86 -8.39 46.02
CA LEU E 89 38.82 -6.97 45.88
C LEU E 89 38.71 -6.67 44.42
N GLN E 90 38.03 -5.56 44.06
CA GLN E 90 37.96 -5.13 42.69
C GLN E 90 38.63 -3.79 42.61
N HIS E 91 39.72 -3.74 41.81
CA HIS E 91 40.51 -2.59 41.44
C HIS E 91 39.99 -1.94 40.18
N ASN E 92 38.94 -2.52 39.56
CA ASN E 92 38.42 -2.06 38.30
C ASN E 92 38.02 -0.60 38.36
N SER E 93 37.26 -0.18 39.39
CA SER E 93 36.86 1.20 39.41
C SER E 93 36.84 1.68 40.83
N TYR E 94 36.87 3.02 41.00
CA TYR E 94 36.85 3.62 42.31
C TYR E 94 35.43 3.78 42.73
N PRO E 95 35.16 3.60 43.99
CA PRO E 95 36.17 3.27 44.98
C PRO E 95 36.52 1.82 44.99
N LEU E 96 37.73 1.49 45.48
CA LEU E 96 38.18 0.14 45.59
C LEU E 96 37.29 -0.51 46.61
N THR E 97 36.89 -1.77 46.38
CA THR E 97 36.00 -2.39 47.33
C THR E 97 36.43 -3.79 47.62
N PHE E 98 36.27 -4.22 48.88
CA PHE E 98 36.61 -5.55 49.32
C PHE E 98 35.33 -6.27 49.62
N GLY E 99 35.35 -7.61 49.51
CA GLY E 99 34.20 -8.41 49.83
C GLY E 99 34.14 -8.53 51.33
N GLY E 100 33.08 -9.17 51.84
CA GLY E 100 32.82 -9.33 53.25
C GLY E 100 33.90 -10.14 53.89
N GLY E 101 34.44 -11.16 53.18
CA GLY E 101 35.48 -11.99 53.72
C GLY E 101 34.90 -13.35 54.02
N THR E 102 35.68 -14.41 53.72
CA THR E 102 35.23 -15.75 53.98
C THR E 102 36.19 -16.39 54.94
N LYS E 103 35.67 -16.89 56.08
CA LYS E 103 36.52 -17.48 57.06
C LYS E 103 36.67 -18.94 56.78
N VAL E 104 37.93 -19.41 56.66
CA VAL E 104 38.18 -20.79 56.38
C VAL E 104 38.60 -21.42 57.67
N GLU E 105 38.17 -22.68 57.90
CA GLU E 105 38.50 -23.34 59.14
C GLU E 105 38.86 -24.77 58.84
N ILE E 106 39.83 -25.33 59.59
CA ILE E 106 40.27 -26.68 59.33
C ILE E 106 39.39 -27.62 60.07
N LYS E 107 38.70 -28.50 59.31
CA LYS E 107 37.82 -29.48 59.87
C LYS E 107 38.65 -30.55 60.49
N ARG E 108 38.27 -30.93 61.71
CA ARG E 108 39.00 -31.87 62.51
C ARG E 108 38.00 -32.76 63.21
N THR E 109 38.48 -33.82 63.89
CA THR E 109 37.59 -34.71 64.58
C THR E 109 36.98 -33.94 65.72
N VAL E 110 35.76 -34.34 66.13
CA VAL E 110 35.06 -33.65 67.18
C VAL E 110 35.80 -33.86 68.45
N ALA E 111 35.91 -32.80 69.28
CA ALA E 111 36.58 -32.94 70.54
C ALA E 111 35.79 -32.20 71.58
N ALA E 112 35.58 -32.83 72.76
CA ALA E 112 34.85 -32.22 73.83
C ALA E 112 35.76 -31.33 74.61
N PRO E 113 35.21 -30.29 75.17
CA PRO E 113 35.99 -29.37 75.95
C PRO E 113 36.18 -29.80 77.38
N SER E 114 37.36 -29.47 77.97
CA SER E 114 37.55 -29.67 79.38
C SER E 114 36.97 -28.44 79.98
N VAL E 115 36.28 -28.56 81.14
CA VAL E 115 35.67 -27.37 81.66
C VAL E 115 36.19 -27.09 83.04
N PHE E 116 36.52 -25.80 83.32
CA PHE E 116 37.01 -25.45 84.62
C PHE E 116 36.31 -24.18 85.02
N ILE E 117 36.08 -23.94 86.34
CA ILE E 117 35.51 -22.68 86.71
C ILE E 117 36.36 -22.07 87.77
N PHE E 118 36.50 -20.72 87.76
CA PHE E 118 37.35 -20.10 88.74
C PHE E 118 36.57 -19.04 89.47
N PRO E 119 36.70 -19.06 90.78
CA PRO E 119 36.07 -18.08 91.62
C PRO E 119 36.86 -16.80 91.65
N PRO E 120 36.27 -15.72 92.08
CA PRO E 120 36.98 -14.47 92.15
C PRO E 120 38.04 -14.48 93.20
N SER E 121 39.16 -13.78 92.94
CA SER E 121 40.25 -13.70 93.88
C SER E 121 39.81 -12.77 94.96
N ASP E 122 40.39 -12.94 96.17
CA ASP E 122 40.07 -12.12 97.30
C ASP E 122 40.52 -10.73 97.00
N GLU E 123 41.64 -10.61 96.27
CA GLU E 123 42.18 -9.31 95.98
C GLU E 123 41.21 -8.56 95.13
N GLN E 124 40.54 -9.23 94.19
CA GLN E 124 39.65 -8.56 93.29
C GLN E 124 38.46 -8.00 94.01
N LEU E 125 37.95 -8.70 95.04
CA LEU E 125 36.73 -8.32 95.67
C LEU E 125 36.82 -6.92 96.22
N LYS E 126 38.00 -6.52 96.67
CA LYS E 126 38.16 -5.20 97.25
C LYS E 126 37.81 -4.16 96.23
N SER E 127 37.98 -4.46 94.92
CA SER E 127 37.68 -3.51 93.88
C SER E 127 36.20 -3.26 93.83
N GLY E 128 35.38 -4.19 94.35
CA GLY E 128 33.96 -3.94 94.35
C GLY E 128 33.30 -4.79 93.30
N THR E 129 34.07 -5.38 92.38
CA THR E 129 33.47 -6.22 91.36
C THR E 129 33.93 -7.61 91.63
N ALA E 130 33.13 -8.60 91.17
CA ALA E 130 33.55 -9.96 91.28
C ALA E 130 33.51 -10.52 89.91
N SER E 131 34.58 -11.24 89.52
CA SER E 131 34.61 -11.77 88.18
C SER E 131 34.68 -13.26 88.30
N VAL E 132 33.70 -13.97 87.69
CA VAL E 132 33.70 -15.41 87.71
C VAL E 132 34.09 -15.84 86.32
N VAL E 133 35.05 -16.77 86.21
CA VAL E 133 35.51 -17.17 84.90
C VAL E 133 35.28 -18.64 84.70
N CYS E 134 34.87 -19.03 83.46
CA CYS E 134 34.65 -20.41 83.11
C CYS E 134 35.40 -20.69 81.84
N LEU E 135 36.38 -21.61 81.90
CA LEU E 135 37.22 -21.89 80.76
C LEU E 135 36.79 -23.14 80.07
N LEU E 136 36.61 -23.05 78.73
CA LEU E 136 36.34 -24.21 77.92
C LEU E 136 37.59 -24.44 77.14
N ASN E 137 38.20 -25.63 77.29
CA ASN E 137 39.51 -25.80 76.72
C ASN E 137 39.53 -26.87 75.67
N ASN E 138 40.21 -26.56 74.54
CA ASN E 138 40.49 -27.43 73.44
C ASN E 138 39.32 -28.21 72.94
N PHE E 139 38.33 -27.53 72.29
CA PHE E 139 37.19 -28.22 71.77
C PHE E 139 37.03 -27.94 70.30
N TYR E 140 36.34 -28.86 69.59
CA TYR E 140 36.02 -28.68 68.20
C TYR E 140 34.67 -29.33 67.99
N PRO E 141 33.74 -28.80 67.25
CA PRO E 141 33.83 -27.55 66.54
C PRO E 141 33.68 -26.36 67.44
N ARG E 142 33.80 -25.17 66.84
CA ARG E 142 33.81 -23.89 67.51
C ARG E 142 32.52 -23.65 68.25
N GLU E 143 31.37 -24.08 67.70
CA GLU E 143 30.11 -23.77 68.35
C GLU E 143 30.09 -24.38 69.72
N ALA E 144 29.94 -23.55 70.76
CA ALA E 144 29.85 -24.04 72.11
C ALA E 144 28.90 -23.14 72.85
N LYS E 145 28.09 -23.71 73.77
CA LYS E 145 27.11 -22.92 74.47
C LYS E 145 27.47 -22.86 75.92
N VAL E 146 27.38 -21.65 76.54
CA VAL E 146 27.66 -21.54 77.94
C VAL E 146 26.52 -20.82 78.61
N GLN E 147 25.95 -21.43 79.66
CA GLN E 147 24.91 -20.78 80.41
C GLN E 147 25.42 -20.58 81.80
N TRP E 148 25.05 -19.44 82.43
CA TRP E 148 25.49 -19.18 83.77
C TRP E 148 24.32 -19.25 84.70
N LYS E 149 24.52 -19.87 85.88
CA LYS E 149 23.46 -19.99 86.84
C LYS E 149 23.97 -19.61 88.19
N VAL E 150 23.30 -18.65 88.85
CA VAL E 150 23.65 -18.32 90.20
C VAL E 150 22.50 -18.80 91.02
N ASP E 151 22.76 -19.73 91.95
CA ASP E 151 21.71 -20.30 92.73
C ASP E 151 20.63 -20.80 91.82
N ASN E 152 21.04 -21.50 90.75
CA ASN E 152 20.15 -22.11 89.79
C ASN E 152 19.26 -21.10 89.13
N ALA E 153 19.72 -19.85 88.98
CA ALA E 153 18.92 -18.89 88.27
C ALA E 153 19.69 -18.53 87.04
N LEU E 154 19.02 -18.41 85.88
CA LEU E 154 19.69 -18.15 84.64
C LEU E 154 20.10 -16.70 84.62
N GLN E 155 21.23 -16.38 83.94
CA GLN E 155 21.73 -15.03 83.94
C GLN E 155 21.68 -14.47 82.55
N SER E 156 21.49 -13.13 82.45
CA SER E 156 21.47 -12.51 81.15
C SER E 156 22.04 -11.12 81.26
N GLY E 157 22.92 -10.76 80.28
CA GLY E 157 23.45 -9.43 80.13
C GLY E 157 24.69 -9.23 80.94
N ASN E 158 24.96 -10.15 81.89
CA ASN E 158 26.07 -10.14 82.81
C ASN E 158 27.32 -10.72 82.20
N SER E 159 27.20 -11.51 81.11
CA SER E 159 28.38 -12.23 80.70
C SER E 159 28.95 -11.74 79.40
N GLN E 160 30.25 -12.08 79.20
CA GLN E 160 30.99 -11.78 78.01
C GLN E 160 31.80 -12.99 77.67
N GLU E 161 31.97 -13.30 76.36
CA GLU E 161 32.73 -14.46 75.99
C GLU E 161 33.79 -14.08 75.02
N SER E 162 34.86 -14.90 74.94
CA SER E 162 35.94 -14.65 74.04
C SER E 162 36.41 -15.97 73.51
N VAL E 163 36.80 -16.02 72.21
CA VAL E 163 37.21 -17.29 71.69
C VAL E 163 38.55 -17.12 71.04
N THR E 164 39.41 -18.14 71.19
CA THR E 164 40.73 -18.10 70.64
C THR E 164 40.67 -18.49 69.20
N GLU E 165 41.75 -18.19 68.45
CA GLU E 165 41.85 -18.56 67.07
C GLU E 165 42.12 -20.03 67.08
N GLN E 166 41.86 -20.73 65.95
CA GLN E 166 42.09 -22.15 66.06
C GLN E 166 43.55 -22.39 66.25
N ASP E 167 43.84 -23.44 67.04
CA ASP E 167 45.17 -23.76 67.48
C ASP E 167 46.02 -24.19 66.34
N SER E 168 47.33 -23.88 66.44
CA SER E 168 48.25 -24.23 65.41
C SER E 168 48.32 -25.72 65.30
N LYS E 169 48.72 -26.38 66.41
CA LYS E 169 48.87 -27.81 66.43
C LYS E 169 47.56 -28.56 66.46
N ASP E 170 46.71 -28.24 67.46
CA ASP E 170 45.48 -28.95 67.74
C ASP E 170 44.41 -28.73 66.71
N SER E 171 44.33 -27.50 66.16
CA SER E 171 43.27 -27.06 65.29
C SER E 171 41.99 -27.10 66.07
N THR E 172 42.11 -26.84 67.40
CA THR E 172 41.01 -26.83 68.31
C THR E 172 40.78 -25.39 68.73
N TYR E 173 39.66 -25.12 69.45
CA TYR E 173 39.35 -23.78 69.89
C TYR E 173 39.16 -23.81 71.39
N SER E 174 39.32 -22.62 72.02
CA SER E 174 39.15 -22.51 73.45
C SER E 174 38.28 -21.31 73.71
N LEU E 175 37.55 -21.29 74.85
CA LEU E 175 36.64 -20.21 75.12
C LEU E 175 36.71 -19.83 76.56
N SER E 176 36.50 -18.52 76.84
CA SER E 176 36.48 -18.02 78.19
C SER E 176 35.17 -17.27 78.33
N SER E 177 34.48 -17.45 79.48
CA SER E 177 33.25 -16.73 79.70
C SER E 177 33.40 -16.04 81.02
N THR E 178 33.08 -14.72 81.06
CA THR E 178 33.27 -14.00 82.29
C THR E 178 31.95 -13.46 82.75
N LEU E 179 31.57 -13.81 83.99
CA LEU E 179 30.36 -13.35 84.60
C LEU E 179 30.77 -12.28 85.57
N THR E 180 30.22 -11.06 85.43
CA THR E 180 30.70 -10.01 86.30
C THR E 180 29.57 -9.56 87.17
N LEU E 181 29.85 -9.39 88.49
CA LEU E 181 28.82 -8.97 89.42
C LEU E 181 29.41 -8.00 90.39
N SER E 182 28.51 -7.32 91.14
CA SER E 182 28.96 -6.43 92.18
C SER E 182 29.40 -7.31 93.30
N LYS E 183 30.22 -6.77 94.22
CA LYS E 183 30.63 -7.54 95.35
C LYS E 183 29.43 -7.82 96.17
N ALA E 184 28.53 -6.82 96.29
CA ALA E 184 27.38 -6.95 97.11
C ALA E 184 26.51 -8.05 96.59
N ASP E 185 26.31 -8.09 95.25
CA ASP E 185 25.46 -9.07 94.65
C ASP E 185 26.05 -10.44 94.83
N TYR E 186 27.38 -10.54 94.72
CA TYR E 186 28.11 -11.78 94.77
C TYR E 186 27.96 -12.43 96.11
N GLU E 187 28.06 -11.63 97.19
CA GLU E 187 27.98 -12.11 98.55
C GLU E 187 26.60 -12.62 98.83
N LYS E 188 25.61 -12.11 98.08
CA LYS E 188 24.23 -12.44 98.25
C LYS E 188 24.00 -13.91 97.99
N HIS E 189 24.70 -14.52 97.00
CA HIS E 189 24.33 -15.86 96.61
C HIS E 189 25.44 -16.86 96.84
N LYS E 190 25.03 -18.12 97.16
CA LYS E 190 25.87 -19.25 97.43
C LYS E 190 26.46 -19.98 96.25
N VAL E 191 25.65 -20.39 95.25
CA VAL E 191 26.18 -21.30 94.26
C VAL E 191 26.37 -20.65 92.93
N TYR E 192 27.56 -20.85 92.36
CA TYR E 192 27.87 -20.33 91.07
C TYR E 192 28.16 -21.49 90.17
N ALA E 193 27.40 -21.62 89.06
CA ALA E 193 27.61 -22.75 88.20
C ALA E 193 27.71 -22.31 86.77
N CYS E 194 28.54 -22.99 85.96
CA CYS E 194 28.60 -22.72 84.55
C CYS E 194 28.26 -24.00 83.84
N GLU E 195 27.26 -23.96 82.93
CA GLU E 195 26.85 -25.19 82.30
C GLU E 195 27.18 -25.12 80.84
N VAL E 196 27.75 -26.23 80.29
CA VAL E 196 28.18 -26.18 78.93
C VAL E 196 27.58 -27.27 78.11
N THR E 197 27.19 -26.93 76.86
CA THR E 197 26.65 -27.89 75.94
C THR E 197 27.50 -27.81 74.70
N HIS E 198 27.83 -28.97 74.11
CA HIS E 198 28.65 -29.02 72.93
C HIS E 198 28.34 -30.31 72.24
N GLN E 199 28.64 -30.40 70.93
CA GLN E 199 28.34 -31.58 70.17
C GLN E 199 29.13 -32.74 70.70
N GLY E 200 30.33 -32.46 71.23
CA GLY E 200 31.22 -33.43 71.78
C GLY E 200 30.66 -34.08 73.01
N LEU E 201 29.76 -33.41 73.75
CA LEU E 201 29.31 -33.99 74.99
C LEU E 201 27.99 -34.67 74.85
N SER E 202 27.90 -35.90 75.43
CA SER E 202 26.71 -36.69 75.44
C SER E 202 25.76 -36.14 76.47
N SER E 203 26.30 -35.59 77.58
CA SER E 203 25.50 -35.03 78.64
C SER E 203 26.09 -33.71 78.98
N PRO E 204 25.33 -32.86 79.61
CA PRO E 204 25.86 -31.56 79.93
C PRO E 204 26.88 -31.59 81.02
N VAL E 205 27.93 -30.76 80.89
CA VAL E 205 28.94 -30.71 81.91
C VAL E 205 28.74 -29.45 82.67
N THR E 206 28.66 -29.55 84.00
CA THR E 206 28.49 -28.34 84.74
C THR E 206 29.49 -28.34 85.84
N LYS E 207 30.23 -27.22 86.01
CA LYS E 207 31.10 -27.16 87.13
C LYS E 207 30.65 -26.04 88.00
N SER E 208 30.71 -26.23 89.33
CA SER E 208 30.23 -25.21 90.20
C SER E 208 31.08 -25.17 91.42
N PHE E 209 30.85 -24.12 92.26
CA PHE E 209 31.53 -24.01 93.51
C PHE E 209 30.62 -23.27 94.44
N ASN E 210 30.89 -23.38 95.76
CA ASN E 210 30.09 -22.73 96.76
C ASN E 210 30.90 -21.59 97.27
N ARG E 211 30.27 -20.42 97.46
CA ARG E 211 31.01 -19.29 97.93
C ARG E 211 31.32 -19.50 99.38
N GLY E 212 32.59 -19.29 99.76
CA GLY E 212 32.98 -19.40 101.14
C GLY E 212 33.32 -20.82 101.44
N GLU E 213 33.23 -21.71 100.43
CA GLU E 213 33.57 -23.07 100.70
C GLU E 213 35.05 -23.08 101.05
#